data_6V6W
#
_entry.id   6V6W
#
_cell.length_a   148.534
_cell.length_b   148.534
_cell.length_c   843.554
_cell.angle_alpha   90.000
_cell.angle_beta   90.000
_cell.angle_gamma   120.000
#
_symmetry.space_group_name_H-M   'H 3'
#
loop_
_entity.id
_entity.type
_entity.pdbx_description
1 polymer '35O22 Fab Heavy chain'
2 polymer '35O22 Fab Light chain'
3 polymer 'Envelope glycoprotein gp120'
4 polymer 'B11 DSS Fab heavy chain'
5 polymer 'B11 Fab light chain'
6 polymer 'Envelope glycoprotein gp41'
7 branched alpha-D-mannopyranose-(1-6)-beta-D-mannopyranose-(1-4)-2-acetamido-2-deoxy-beta-D-glucopyranose-(1-4)-2-acetamido-2-deoxy-beta-D-glucopyranose
8 branched 2-acetamido-2-deoxy-beta-D-glucopyranose-(1-4)-2-acetamido-2-deoxy-beta-D-glucopyranose
9 branched alpha-D-mannopyranose-(1-3)-[alpha-D-mannopyranose-(1-6)]beta-D-mannopyranose-(1-4)-2-acetamido-2-deoxy-beta-D-glucopyranose-(1-4)-2-acetamido-2-deoxy-beta-D-glucopyranose
10 non-polymer 2-acetamido-2-deoxy-beta-D-glucopyranose
#
loop_
_entity_poly.entity_id
_entity_poly.type
_entity_poly.pdbx_seq_one_letter_code
_entity_poly.pdbx_strand_id
1 'polypeptide(L)'
;EGQLVQSGAELKKPGASVKISCKTSGYRFNFYHINWIRQTAGRGPEWMGWISPYSGDKNLAPAFQDRVIMTTDTEVPVTS
FTSTGAAYMEIRNLKFDDTGTYFCAKGLLRDGSSTWLPYLWGQGTLLTVSSASTKGPSVFPLAPSSKSTSGGTAALGCLV
KDYFPEPVTVSWNSGALTSGVHTFPAVLQSSGLYSLSSVVTVPSSSLGTQTYICNVNHKPSNTKVDKRVEPKSCDKGLEV
LFQ
;
D,A
2 'polypeptide(L)'
;QSVLTQSASVSGSLGQSVTISCTGPNSVCCSHKSISWYQWPPGRAPTLIIYEDNERAPGISPRFSGYKSYWSAYLTISDL
RPEDETTYYCCSYTHNSGCVFGTGTKVSVLGQSKANPSVTLFPPSSEELQANKATLVCLISDFYPGAVTVAWKADSSPVK
AGVETTTPSKQSNNKYAASSYLSLTPEQWKSHRSYSCQVTHEGSTVEKTVAPTECS
;
E,B
3 'polypeptide(L)'
;AENLWVTVYYGVPVWKDAETTLFCASDAKAYDTEKHNVWATHACVPTDPNPQEIHLENVTEEFNMWKNNMVEQMHTDIIS
LWDQSLKPCVKLTPLCVTLQCTNVTNNITDDMRGELKNCSFNMTTELRDKKQKVYSLFYRLDVVQINENQGNRSNNSNKE
YRLINCNTSAITQACPKVSFEPIPIHYCAPAGFAILKCKDKKFNGTGPCPSVSTVQCTHGIKPVVSTQLLLNGSLAEEEV
MIRSENITNNAKNILVQFNTPVQINCTRPNNNTRKSIRIGPGQAFYATGDIIGDIRQAHCNVSKATWNETLGKVVKQLRK
HFGNNTIIRFANSSGGDLEVTTHSFNCGGEFFYCNTSGLFNSTWISNTSVQGSNSTGSNDSITLPCRIKQIINMWQRIGQ
AMYAPPIQGVIRCVSNITGLILTRDGGSTNSTTETFRPGGGDMRDNWRSELYKYKVVKIEPLGVAPTRCKRRVVGGGGGS
GGGGS
;
G,C
4 'polypeptide(L)'
;QVQLVQSGAEVRKPGSSVTISCKPVGGTFTNFAIHWVRQAPGQGLEWVGGRVPVVGIYKYGKKFHDRLRLYEDDPMKTVF
LELRSLTSDDTGVYYCTRWRGAGMAPYDTSSYYNDASDVWGPGTKVIVSAASTKGPSVFPLAPSSKSTSGGTAALGCLVK
DYFPEPVTVSWNSGALTSGVHTFPAVLQSSGLYSLSSVVTVPSSSLGTQTYICNVNHKPSNTKVDKKVEPKSCDK
;
I,F
5 'polypeptide(L)'
;EIVLTQSPVTLSLSSGETGTLSCRASQNISSSWIAWYQQRRGQVPRLLISAASARAAGIPDRFTGRGSGTDFTLTITRLE
PEDFGVYSCQYYGGSFFTFGPGTQVDVKRTVAAPSVFIFPPSDEQLKSGTASVVCLLNNFYPREAKVQWKVDNALQSGNS
QESVTEQDSKDSTYSLSSTLTLSKADYEKHKVYACEVTHQGLSSPVTKSFNRGEC
;
J,H
6 'polypeptide(L)'
;AVGIGAVFLGFLGAAGSTMGAASMTLTVQARNLLSGNPDWLPDMTVWGIKQLQARVLAVERYLRDQQLLGIWGCSGKLIC
CTNVPWNSSWSNRNLSEIWDNMTWLQWDKEISNYTQIIYGLLEESQNQQEKNEQDLLALD
;
T,K
#
# COMPACT_ATOMS: atom_id res chain seq x y z
N GLU A 1 -6.11 74.14 74.40
CA GLU A 1 -6.16 72.71 74.70
C GLU A 1 -4.77 72.10 74.67
N GLY A 2 -3.76 72.96 74.74
CA GLY A 2 -2.38 72.53 74.72
C GLY A 2 -2.01 71.70 75.93
N GLN A 3 -1.77 70.40 75.73
CA GLN A 3 -1.43 69.47 76.80
C GLN A 3 0.01 69.00 76.58
N LEU A 4 0.95 69.72 77.20
CA LEU A 4 2.37 69.48 77.03
C LEU A 4 2.88 68.42 78.01
N VAL A 5 3.88 67.68 77.56
CA VAL A 5 4.50 66.62 78.34
C VAL A 5 6.01 66.78 78.29
N GLN A 6 6.66 66.73 79.45
CA GLN A 6 8.10 66.86 79.55
C GLN A 6 8.73 65.46 79.54
N SER A 7 9.99 65.36 79.96
CA SER A 7 10.71 64.10 79.95
C SER A 7 10.49 63.33 81.25
N GLY A 8 11.20 62.22 81.37
CA GLY A 8 11.17 61.43 82.59
C GLY A 8 12.29 61.80 83.54
N ALA A 9 12.25 61.18 84.71
CA ALA A 9 13.21 61.45 85.76
C ALA A 9 14.50 60.68 85.49
N GLU A 10 15.63 61.37 85.63
CA GLU A 10 16.95 60.78 85.43
C GLU A 10 17.89 61.22 86.53
N LEU A 11 18.94 60.42 86.73
CA LEU A 11 19.95 60.67 87.75
C LEU A 11 21.31 60.83 87.08
N LYS A 12 22.09 61.81 87.53
CA LYS A 12 23.40 62.10 86.95
C LYS A 12 24.40 62.39 88.05
N LYS A 13 25.66 62.54 87.64
CA LYS A 13 26.78 62.87 88.51
C LYS A 13 27.18 64.33 88.33
N PRO A 14 27.86 64.92 89.32
CA PRO A 14 28.36 66.28 89.14
C PRO A 14 29.45 66.33 88.08
N GLY A 15 29.45 67.42 87.31
CA GLY A 15 30.36 67.58 86.20
C GLY A 15 29.93 66.90 84.91
N ALA A 16 28.86 66.11 84.94
CA ALA A 16 28.37 65.43 83.76
C ALA A 16 27.34 66.32 83.06
N SER A 17 26.48 65.74 82.23
CA SER A 17 25.46 66.49 81.51
C SER A 17 24.18 65.67 81.46
N VAL A 18 23.06 66.36 81.26
CA VAL A 18 21.76 65.70 81.14
C VAL A 18 20.89 66.49 80.18
N LYS A 19 20.02 65.76 79.47
CA LYS A 19 19.18 66.34 78.43
C LYS A 19 17.72 66.06 78.75
N ILE A 20 16.91 67.12 78.76
CA ILE A 20 15.50 67.04 79.15
C ILE A 20 14.65 67.43 77.94
N SER A 21 13.65 66.61 77.63
CA SER A 21 12.77 66.87 76.50
C SER A 21 11.55 67.67 76.95
N CYS A 22 10.81 68.18 75.97
CA CYS A 22 9.60 68.99 76.21
C CYS A 22 8.70 68.85 74.99
N LYS A 23 7.94 67.76 74.97
CA LYS A 23 7.06 67.44 73.85
C LYS A 23 5.72 68.16 74.03
N THR A 24 5.21 68.72 72.94
CA THR A 24 4.00 69.53 72.95
C THR A 24 2.91 68.85 72.15
N SER A 25 1.70 69.40 72.27
CA SER A 25 0.53 68.90 71.54
C SER A 25 -0.62 69.89 71.73
N GLY A 26 -1.59 69.79 70.82
CA GLY A 26 -2.83 70.54 70.94
C GLY A 26 -2.77 72.00 70.53
N TYR A 27 -1.59 72.52 70.19
CA TYR A 27 -1.46 73.92 69.79
C TYR A 27 -0.32 74.05 68.80
N ARG A 28 -0.25 75.21 68.15
CA ARG A 28 0.77 75.49 67.16
C ARG A 28 2.12 75.69 67.85
N PHE A 29 3.06 74.77 67.60
CA PHE A 29 4.34 74.81 68.29
C PHE A 29 5.18 76.01 67.88
N ASN A 30 5.05 76.46 66.62
CA ASN A 30 5.85 77.57 66.12
C ASN A 30 5.23 78.92 66.41
N PHE A 31 4.03 78.97 66.99
CA PHE A 31 3.37 80.24 67.25
C PHE A 31 3.76 80.86 68.57
N TYR A 32 4.45 80.14 69.45
CA TYR A 32 4.72 80.62 70.79
C TYR A 32 6.16 80.37 71.15
N HIS A 33 6.72 81.27 71.97
CA HIS A 33 8.01 81.01 72.58
C HIS A 33 7.90 79.87 73.58
N ILE A 34 9.03 79.24 73.85
CA ILE A 34 9.13 78.15 74.80
C ILE A 34 10.07 78.58 75.91
N ASN A 35 9.53 78.79 77.11
CA ASN A 35 10.31 79.18 78.26
C ASN A 35 10.83 77.95 78.99
N TRP A 36 11.89 78.16 79.76
CA TRP A 36 12.52 77.13 80.59
C TRP A 36 12.92 77.80 81.90
N ILE A 37 12.37 77.32 83.01
CA ILE A 37 12.63 77.87 84.34
C ILE A 37 12.82 76.73 85.33
N ARG A 38 13.81 76.87 86.21
CA ARG A 38 14.08 75.83 87.21
C ARG A 38 13.50 76.23 88.56
N GLN A 39 13.54 75.28 89.50
CA GLN A 39 13.17 75.50 90.89
C GLN A 39 14.12 74.70 91.77
N THR A 40 15.11 75.37 92.35
CA THR A 40 16.07 74.76 93.26
C THR A 40 15.87 75.34 94.66
N ALA A 41 15.96 74.48 95.67
CA ALA A 41 15.77 74.91 97.05
C ALA A 41 16.93 75.75 97.56
N GLY A 42 18.04 75.81 96.83
CA GLY A 42 19.18 76.59 97.27
C GLY A 42 19.09 78.06 96.94
N ARG A 43 18.41 78.41 95.85
CA ARG A 43 18.28 79.80 95.45
C ARG A 43 16.86 80.14 94.98
N GLY A 44 15.88 79.28 95.29
CA GLY A 44 14.52 79.48 94.82
C GLY A 44 14.42 79.26 93.33
N PRO A 45 13.34 79.74 92.73
CA PRO A 45 13.20 79.62 91.28
C PRO A 45 14.07 80.65 90.55
N GLU A 46 14.53 80.26 89.36
CA GLU A 46 15.35 81.13 88.54
C GLU A 46 15.00 80.89 87.08
N TRP A 47 14.67 81.97 86.37
CA TRP A 47 14.36 81.88 84.95
C TRP A 47 15.63 81.52 84.17
N MET A 48 15.58 80.43 83.41
CA MET A 48 16.75 79.95 82.70
C MET A 48 16.83 80.54 81.30
N GLY A 49 15.74 80.54 80.56
CA GLY A 49 15.77 81.15 79.24
C GLY A 49 14.61 80.73 78.38
N TRP A 50 14.33 81.55 77.37
CA TRP A 50 13.29 81.23 76.40
C TRP A 50 13.89 81.07 75.00
N ILE A 51 13.07 80.53 74.10
CA ILE A 51 13.51 80.26 72.73
C ILE A 51 12.31 80.43 71.81
N SER A 52 12.59 80.75 70.55
CA SER A 52 11.55 80.94 69.54
C SER A 52 11.62 79.84 68.48
N PRO A 53 10.70 78.88 68.47
CA PRO A 53 10.73 77.84 67.44
C PRO A 53 10.51 78.38 66.03
N TYR A 54 9.87 79.55 65.90
CA TYR A 54 9.64 80.12 64.58
C TYR A 54 10.88 80.82 64.05
N SER A 55 11.31 81.89 64.71
CA SER A 55 12.42 82.70 64.22
C SER A 55 13.78 82.16 64.65
N GLY A 56 13.83 81.13 65.49
CA GLY A 56 15.11 80.58 65.90
C GLY A 56 15.90 81.49 66.83
N ASP A 57 15.21 82.37 67.55
CA ASP A 57 15.85 83.32 68.46
C ASP A 57 15.71 82.85 69.90
N LYS A 58 16.84 82.62 70.56
CA LYS A 58 16.86 82.23 71.95
C LYS A 58 17.38 83.39 72.80
N ASN A 59 17.15 83.28 74.11
CA ASN A 59 17.61 84.29 75.05
C ASN A 59 17.72 83.62 76.42
N LEU A 60 18.95 83.52 76.93
CA LEU A 60 19.24 82.87 78.20
C LEU A 60 19.57 83.91 79.26
N ALA A 61 19.68 83.43 80.49
CA ALA A 61 20.20 84.26 81.57
C ALA A 61 21.73 84.30 81.49
N PRO A 62 22.34 85.45 81.80
CA PRO A 62 23.81 85.53 81.73
C PRO A 62 24.52 84.51 82.59
N ALA A 63 23.86 83.97 83.62
CA ALA A 63 24.46 82.91 84.41
C ALA A 63 24.39 81.55 83.71
N PHE A 64 23.43 81.37 82.81
CA PHE A 64 23.30 80.15 82.03
C PHE A 64 23.79 80.30 80.59
N GLN A 65 24.65 81.29 80.32
CA GLN A 65 25.09 81.53 78.94
C GLN A 65 26.04 80.47 78.43
N ASP A 66 26.75 79.78 79.32
CA ASP A 66 27.77 78.82 78.91
C ASP A 66 27.33 77.36 79.02
N ARG A 67 26.44 77.02 79.95
CA ARG A 67 26.17 75.63 80.29
C ARG A 67 24.84 75.11 79.75
N VAL A 68 23.94 75.99 79.32
CA VAL A 68 22.61 75.60 78.87
C VAL A 68 22.55 75.73 77.35
N ILE A 69 22.06 74.68 76.68
CA ILE A 69 21.87 74.69 75.24
C ILE A 69 20.46 74.19 74.94
N MET A 70 19.63 75.05 74.35
CA MET A 70 18.24 74.72 74.05
C MET A 70 18.05 74.57 72.55
N THR A 71 17.45 73.45 72.16
CA THR A 71 17.17 73.18 70.75
C THR A 71 15.68 72.91 70.57
N THR A 72 15.21 73.08 69.34
CA THR A 72 13.83 72.78 68.98
C THR A 72 13.79 72.11 67.63
N ASP A 73 12.90 71.13 67.48
CA ASP A 73 12.61 70.53 66.18
C ASP A 73 11.62 71.39 65.42
N THR A 74 11.26 70.94 64.22
CA THR A 74 10.20 71.56 63.44
C THR A 74 8.87 70.92 63.78
N GLU A 75 7.83 71.76 63.79
CA GLU A 75 6.51 71.29 64.21
C GLU A 75 5.93 70.29 63.21
N VAL A 76 5.18 69.33 63.73
CA VAL A 76 4.51 68.34 62.90
C VAL A 76 3.02 68.67 62.87
N PRO A 77 2.52 69.37 61.86
CA PRO A 77 1.11 69.79 61.87
C PRO A 77 0.20 68.57 61.80
N VAL A 78 -0.71 68.48 62.77
CA VAL A 78 -1.71 67.43 62.78
C VAL A 78 -2.99 67.87 62.06
N THR A 79 -3.53 69.01 62.45
CA THR A 79 -4.62 69.66 61.74
C THR A 79 -4.17 71.04 61.27
N SER A 80 -5.10 71.84 60.78
CA SER A 80 -4.76 73.20 60.36
C SER A 80 -4.43 74.09 61.54
N PHE A 81 -4.79 73.72 62.76
CA PHE A 81 -4.53 74.52 63.94
C PHE A 81 -3.73 73.79 65.00
N THR A 82 -3.42 72.50 64.81
CA THR A 82 -2.70 71.70 65.79
C THR A 82 -1.38 71.20 65.21
N SER A 83 -0.34 71.23 66.03
CA SER A 83 0.98 70.72 65.66
C SER A 83 1.63 70.08 66.88
N THR A 84 2.53 69.14 66.62
CA THR A 84 3.24 68.40 67.68
C THR A 84 4.75 68.61 67.52
N GLY A 85 5.27 69.67 68.13
CA GLY A 85 6.69 69.96 68.12
C GLY A 85 7.43 69.33 69.29
N ALA A 86 8.66 69.78 69.48
CA ALA A 86 9.49 69.29 70.58
C ALA A 86 10.60 70.30 70.88
N ALA A 87 10.89 70.49 72.17
CA ALA A 87 11.93 71.42 72.61
C ALA A 87 12.81 70.69 73.61
N TYR A 88 14.07 70.48 73.25
CA TYR A 88 15.02 69.82 74.12
C TYR A 88 15.93 70.84 74.79
N MET A 89 16.52 70.45 75.92
CA MET A 89 17.46 71.30 76.65
C MET A 89 18.55 70.43 77.26
N GLU A 90 19.80 70.70 76.90
CA GLU A 90 20.95 70.03 77.48
C GLU A 90 21.65 70.96 78.46
N ILE A 91 21.96 70.44 79.65
CA ILE A 91 22.67 71.19 80.68
C ILE A 91 23.92 70.41 81.06
N ARG A 92 25.05 71.11 81.10
CA ARG A 92 26.35 70.54 81.40
C ARG A 92 26.93 71.19 82.65
N ASN A 93 28.08 70.70 83.08
CA ASN A 93 28.78 71.18 84.27
C ASN A 93 27.84 71.14 85.48
N LEU A 94 27.34 69.94 85.76
CA LEU A 94 26.40 69.77 86.84
C LEU A 94 27.08 69.98 88.19
N LYS A 95 26.47 70.81 89.03
CA LYS A 95 26.96 71.09 90.37
C LYS A 95 25.88 70.76 91.38
N PHE A 96 26.21 70.92 92.67
CA PHE A 96 25.25 70.62 93.72
C PHE A 96 24.11 71.63 93.77
N ASP A 97 24.32 72.83 93.24
CA ASP A 97 23.29 73.87 93.27
C ASP A 97 22.25 73.71 92.17
N ASP A 98 22.42 72.74 91.27
CA ASP A 98 21.51 72.53 90.15
C ASP A 98 20.63 71.30 90.37
N THR A 99 20.13 71.15 91.58
CA THR A 99 19.25 70.04 91.94
C THR A 99 17.88 70.59 92.25
N GLY A 100 16.88 70.15 91.50
CA GLY A 100 15.52 70.62 91.73
C GLY A 100 14.61 70.23 90.59
N THR A 101 13.45 70.86 90.54
CA THR A 101 12.45 70.57 89.52
C THR A 101 12.51 71.61 88.41
N TYR A 102 12.58 71.15 87.17
CA TYR A 102 12.72 72.02 86.01
C TYR A 102 11.40 72.03 85.23
N PHE A 103 11.18 73.13 84.50
CA PHE A 103 9.91 73.35 83.82
C PHE A 103 10.17 73.95 82.45
N CYS A 104 9.31 73.60 81.50
CA CYS A 104 9.19 74.29 80.22
C CYS A 104 7.74 74.70 80.02
N ALA A 105 7.53 75.86 79.40
CA ALA A 105 6.19 76.40 79.28
C ALA A 105 6.01 77.12 77.94
N LYS A 106 4.75 77.38 77.61
CA LYS A 106 4.36 78.01 76.35
C LYS A 106 4.34 79.53 76.50
N GLY A 107 4.75 80.22 75.45
CA GLY A 107 4.68 81.67 75.44
C GLY A 107 3.25 82.19 75.51
N LEU A 108 3.12 83.43 75.99
CA LEU A 108 1.83 84.05 76.24
C LEU A 108 1.13 84.46 74.96
N LEU A 109 1.62 85.52 74.32
CA LEU A 109 0.98 86.10 73.15
C LEU A 109 1.93 86.04 71.95
N ARG A 110 1.36 86.26 70.76
CA ARG A 110 2.15 86.33 69.54
C ARG A 110 2.59 87.74 69.17
N ASP A 111 2.09 88.76 69.88
CA ASP A 111 2.51 90.13 69.65
C ASP A 111 2.12 90.96 70.86
N GLY A 112 2.85 92.05 71.08
CA GLY A 112 2.58 92.91 72.21
C GLY A 112 3.81 93.08 73.06
N SER A 113 3.60 93.57 74.28
CA SER A 113 4.70 93.83 75.21
C SER A 113 5.06 92.61 76.04
N SER A 114 4.13 91.66 76.22
CA SER A 114 4.38 90.43 76.97
C SER A 114 3.97 89.25 76.09
N THR A 115 4.87 88.84 75.21
CA THR A 115 4.61 87.79 74.24
C THR A 115 5.10 86.42 74.70
N TRP A 116 6.27 86.36 75.33
CA TRP A 116 6.92 85.12 75.72
C TRP A 116 6.49 84.63 77.10
N LEU A 117 5.58 85.34 77.76
CA LEU A 117 5.29 85.06 79.17
C LEU A 117 4.74 83.65 79.33
N PRO A 118 5.24 82.88 80.29
CA PRO A 118 4.80 81.48 80.43
C PRO A 118 3.36 81.39 80.90
N TYR A 119 2.53 80.72 80.10
CA TYR A 119 1.13 80.51 80.42
C TYR A 119 0.84 79.04 80.73
N LEU A 120 1.01 78.14 79.76
CA LEU A 120 0.78 76.72 79.95
C LEU A 120 2.09 76.03 80.36
N TRP A 121 2.15 75.58 81.60
CA TRP A 121 3.34 74.92 82.13
C TRP A 121 3.26 73.40 81.98
N GLY A 122 4.44 72.77 81.86
CA GLY A 122 4.53 71.32 81.90
C GLY A 122 4.42 70.77 83.31
N GLN A 123 4.36 69.43 83.40
CA GLN A 123 4.22 68.79 84.70
C GLN A 123 5.49 68.88 85.54
N GLY A 124 6.64 69.10 84.94
CA GLY A 124 7.89 69.25 85.67
C GLY A 124 8.78 68.03 85.53
N THR A 125 10.06 68.22 85.89
CA THR A 125 11.01 67.12 85.84
C THR A 125 12.06 67.32 86.92
N LEU A 126 12.13 66.39 87.87
CA LEU A 126 13.02 66.55 89.01
C LEU A 126 14.38 65.91 88.72
N LEU A 127 15.45 66.65 89.05
CA LEU A 127 16.82 66.21 88.86
C LEU A 127 17.57 66.33 90.19
N THR A 128 18.36 65.31 90.51
CA THR A 128 19.17 65.29 91.72
C THR A 128 20.62 65.07 91.33
N VAL A 129 21.46 66.10 91.54
CA VAL A 129 22.88 65.99 91.25
C VAL A 129 23.55 65.34 92.45
N SER A 130 24.03 64.11 92.27
CA SER A 130 24.60 63.33 93.36
C SER A 130 25.67 62.40 92.80
N SER A 131 26.74 62.21 93.57
CA SER A 131 27.75 61.22 93.26
C SER A 131 27.41 59.84 93.79
N ALA A 132 26.28 59.69 94.47
CA ALA A 132 25.89 58.40 95.02
C ALA A 132 25.42 57.46 93.91
N SER A 133 24.99 56.27 94.32
CA SER A 133 24.61 55.21 93.40
C SER A 133 23.09 55.07 93.34
N THR A 134 22.63 54.50 92.24
CA THR A 134 21.22 54.15 92.08
C THR A 134 20.94 52.86 92.86
N LYS A 135 20.02 52.94 93.82
CA LYS A 135 19.65 51.80 94.64
C LYS A 135 18.14 51.62 94.59
N GLY A 136 17.72 50.39 94.28
CA GLY A 136 16.31 50.07 94.20
C GLY A 136 15.64 50.16 95.55
N PRO A 137 14.31 50.22 95.56
CA PRO A 137 13.58 50.35 96.81
C PRO A 137 13.32 48.99 97.47
N SER A 138 12.76 49.06 98.68
CA SER A 138 12.30 47.89 99.41
C SER A 138 10.83 48.11 99.76
N VAL A 139 9.95 47.33 99.13
CA VAL A 139 8.51 47.55 99.22
C VAL A 139 7.93 46.52 100.19
N PHE A 140 7.22 47.01 101.20
CA PHE A 140 6.55 46.20 102.21
C PHE A 140 5.05 46.47 102.19
N PRO A 141 4.24 45.51 102.61
CA PRO A 141 2.81 45.82 102.82
C PRO A 141 2.57 46.45 104.18
N LEU A 142 1.39 47.05 104.32
CA LEU A 142 0.98 47.69 105.56
C LEU A 142 -0.24 46.97 106.12
N ALA A 143 -0.26 46.77 107.43
CA ALA A 143 -1.39 46.11 108.05
C ALA A 143 -2.58 47.07 108.08
N PRO A 144 -3.81 46.57 107.89
CA PRO A 144 -4.96 47.47 107.90
C PRO A 144 -5.19 48.08 109.27
N SER A 145 -5.61 49.35 109.28
CA SER A 145 -5.89 50.08 110.52
C SER A 145 -7.28 50.68 110.53
N SER A 146 -7.86 50.72 111.73
CA SER A 146 -9.16 51.32 111.91
C SER A 146 -9.02 52.83 111.87
N LYS A 147 -9.94 53.48 111.16
CA LYS A 147 -9.98 54.94 111.05
C LYS A 147 -11.18 55.53 111.75
N SER A 148 -12.30 54.81 111.72
CA SER A 148 -13.51 55.21 112.42
C SER A 148 -14.18 53.92 112.84
N THR A 149 -14.19 53.65 114.15
CA THR A 149 -14.75 52.40 114.65
C THR A 149 -16.25 52.36 114.41
N SER A 150 -16.92 53.48 114.65
CA SER A 150 -18.36 53.53 114.41
C SER A 150 -18.67 53.53 112.91
N GLY A 151 -17.76 54.08 112.10
CA GLY A 151 -17.95 54.12 110.66
C GLY A 151 -17.52 52.87 109.92
N GLY A 152 -16.44 52.24 110.35
CA GLY A 152 -15.99 51.04 109.69
C GLY A 152 -15.16 51.31 108.46
N THR A 153 -13.99 51.92 108.64
CA THR A 153 -13.10 52.25 107.55
C THR A 153 -11.73 51.70 107.87
N ALA A 154 -11.12 51.00 106.92
CA ALA A 154 -9.79 50.46 107.10
C ALA A 154 -8.81 51.28 106.28
N ALA A 155 -7.55 51.17 106.65
CA ALA A 155 -6.48 51.90 105.99
C ALA A 155 -5.34 50.92 105.73
N LEU A 156 -5.09 50.63 104.47
CA LEU A 156 -4.02 49.71 104.13
C LEU A 156 -3.19 50.37 103.04
N GLY A 157 -1.91 50.05 103.02
CA GLY A 157 -1.04 50.65 102.04
C GLY A 157 0.22 49.88 101.80
N CYS A 158 1.17 50.56 101.21
CA CYS A 158 2.47 49.98 100.88
C CYS A 158 3.56 50.95 101.29
N LEU A 159 4.74 50.40 101.54
CA LEU A 159 5.86 51.11 102.16
C LEU A 159 7.06 50.99 101.24
N VAL A 160 7.45 52.09 100.59
CA VAL A 160 8.65 52.11 99.77
C VAL A 160 9.77 52.66 100.64
N LYS A 161 10.87 51.92 100.76
CA LYS A 161 11.88 52.27 101.74
C LYS A 161 13.27 52.20 101.11
N ASP A 162 14.09 53.19 101.45
CA ASP A 162 15.51 53.24 101.15
C ASP A 162 15.80 53.14 99.66
N TYR A 163 15.57 54.23 98.93
CA TYR A 163 15.99 54.37 97.55
C TYR A 163 16.71 55.70 97.40
N PHE A 164 17.88 55.68 96.78
CA PHE A 164 18.68 56.89 96.58
C PHE A 164 18.20 57.76 95.43
N PRO A 165 17.94 57.21 94.22
CA PRO A 165 17.60 58.10 93.10
C PRO A 165 16.19 58.70 93.19
N GLU A 166 15.68 59.16 92.05
CA GLU A 166 14.44 59.91 91.90
C GLU A 166 13.27 59.16 92.53
N PRO A 167 12.20 59.87 92.96
CA PRO A 167 11.10 59.18 93.65
C PRO A 167 10.31 58.24 92.75
N VAL A 168 9.26 57.63 93.30
CA VAL A 168 8.58 56.53 92.63
C VAL A 168 7.07 56.82 92.62
N THR A 169 6.42 56.46 91.52
CA THR A 169 4.97 56.47 91.44
C THR A 169 4.38 55.07 91.66
N VAL A 170 3.19 55.06 92.27
CA VAL A 170 2.52 53.84 92.67
C VAL A 170 1.06 53.91 92.22
N SER A 171 0.61 52.87 91.54
CA SER A 171 -0.79 52.68 91.18
C SER A 171 -1.44 51.63 92.06
N TRP A 172 -2.77 51.52 91.97
CA TRP A 172 -3.53 50.58 92.78
C TRP A 172 -4.43 49.75 91.88
N ASN A 173 -4.22 48.43 91.91
CA ASN A 173 -4.95 47.49 91.06
C ASN A 173 -4.82 47.87 89.59
N SER A 174 -3.59 48.11 89.16
CA SER A 174 -3.30 48.55 87.79
C SER A 174 -4.06 49.85 87.47
N GLY A 175 -4.08 50.77 88.43
CA GLY A 175 -4.72 52.05 88.25
C GLY A 175 -6.23 52.04 88.33
N ALA A 176 -6.84 50.90 88.70
CA ALA A 176 -8.29 50.79 88.79
C ALA A 176 -8.87 51.36 90.08
N LEU A 177 -8.04 51.83 91.01
CA LEU A 177 -8.50 52.37 92.27
C LEU A 177 -7.89 53.75 92.48
N THR A 178 -8.74 54.78 92.50
CA THR A 178 -8.31 56.15 92.79
C THR A 178 -8.99 56.78 94.00
N SER A 179 -10.12 56.23 94.45
CA SER A 179 -10.80 56.76 95.62
C SER A 179 -10.09 56.32 96.90
N GLY A 180 -9.79 57.28 97.77
CA GLY A 180 -9.07 57.01 98.99
C GLY A 180 -7.57 56.93 98.88
N VAL A 181 -7.03 56.95 97.66
CA VAL A 181 -5.57 56.88 97.47
C VAL A 181 -4.92 58.15 97.99
N HIS A 182 -4.09 58.00 99.02
CA HIS A 182 -3.39 59.12 99.65
C HIS A 182 -1.92 58.75 99.77
N THR A 183 -1.05 59.51 99.11
CA THR A 183 0.37 59.21 99.05
C THR A 183 1.15 60.24 99.85
N PHE A 184 2.08 59.75 100.67
CA PHE A 184 2.95 60.48 101.59
C PHE A 184 4.29 60.81 100.92
N PRO A 185 4.90 61.92 101.30
CA PRO A 185 6.17 62.32 100.72
C PRO A 185 7.33 61.49 101.28
N ALA A 186 8.50 61.69 100.68
CA ALA A 186 9.68 60.89 101.00
C ALA A 186 10.38 61.44 102.23
N VAL A 187 11.36 60.67 102.71
CA VAL A 187 12.15 61.05 103.87
C VAL A 187 13.56 61.41 103.39
N LEU A 188 14.35 61.98 104.30
CA LEU A 188 15.75 62.28 104.04
C LEU A 188 16.57 61.74 105.21
N GLN A 189 17.23 60.61 105.00
CA GLN A 189 18.06 60.00 106.03
C GLN A 189 19.41 60.71 106.11
N SER A 190 20.18 60.37 107.16
CA SER A 190 21.51 60.95 107.32
C SER A 190 22.46 60.48 106.23
N SER A 191 22.25 59.28 105.70
CA SER A 191 23.06 58.75 104.61
C SER A 191 22.60 59.26 103.25
N GLY A 192 21.47 59.94 103.17
CA GLY A 192 20.93 60.39 101.91
C GLY A 192 19.86 59.50 101.33
N LEU A 193 19.11 58.78 102.16
CA LEU A 193 18.09 57.86 101.69
C LEU A 193 16.72 58.54 101.65
N TYR A 194 15.89 58.08 100.72
CA TYR A 194 14.52 58.56 100.57
C TYR A 194 13.57 57.38 100.74
N SER A 195 12.48 57.60 101.45
CA SER A 195 11.51 56.53 101.70
C SER A 195 10.17 57.13 102.04
N LEU A 196 9.11 56.56 101.46
CA LEU A 196 7.77 57.09 101.69
C LEU A 196 6.81 55.92 101.89
N SER A 197 5.52 56.26 101.89
CA SER A 197 4.46 55.28 102.03
C SER A 197 3.25 55.76 101.25
N SER A 198 2.29 54.86 101.09
CA SER A 198 1.01 55.18 100.48
C SER A 198 -0.05 54.33 101.18
N VAL A 199 -1.29 54.81 101.12
CA VAL A 199 -2.39 54.18 101.85
C VAL A 199 -3.69 54.45 101.12
N VAL A 200 -4.69 53.63 101.43
CA VAL A 200 -6.05 53.80 100.91
C VAL A 200 -7.03 53.38 101.98
N THR A 201 -8.11 54.14 102.09
CA THR A 201 -9.19 53.90 103.05
C THR A 201 -10.26 53.05 102.36
N VAL A 202 -10.30 51.78 102.73
CA VAL A 202 -11.20 50.80 102.11
C VAL A 202 -12.37 50.50 103.04
N PRO A 203 -13.53 50.11 102.51
CA PRO A 203 -14.63 49.66 103.37
C PRO A 203 -14.26 48.36 104.07
N SER A 204 -14.64 48.27 105.36
CA SER A 204 -14.37 47.05 106.12
C SER A 204 -15.17 45.85 105.60
N SER A 205 -16.30 46.10 104.95
CA SER A 205 -17.05 45.04 104.29
C SER A 205 -16.43 44.59 102.97
N SER A 206 -15.50 45.36 102.41
CA SER A 206 -14.84 45.03 101.15
C SER A 206 -13.60 44.16 101.42
N LEU A 207 -13.87 42.92 101.83
CA LEU A 207 -12.81 41.95 102.08
C LEU A 207 -12.99 40.64 101.33
N GLY A 208 -14.16 40.36 100.78
CA GLY A 208 -14.37 39.15 100.01
C GLY A 208 -14.92 39.45 98.62
N THR A 209 -15.06 40.73 98.30
CA THR A 209 -15.58 41.15 97.01
C THR A 209 -14.57 41.88 96.14
N GLN A 210 -13.47 42.39 96.72
CA GLN A 210 -12.49 43.16 95.97
C GLN A 210 -11.10 42.77 96.43
N THR A 211 -10.12 42.96 95.54
CA THR A 211 -8.72 42.67 95.84
C THR A 211 -7.88 43.91 95.55
N TYR A 212 -6.97 44.25 96.46
CA TYR A 212 -6.19 45.48 96.42
C TYR A 212 -4.71 45.13 96.26
N ILE A 213 -4.15 45.48 95.10
CA ILE A 213 -2.75 45.21 94.78
C ILE A 213 -2.10 46.55 94.47
N CYS A 214 -1.02 46.88 95.20
CA CYS A 214 -0.27 48.10 94.92
C CYS A 214 0.86 47.81 93.95
N ASN A 215 1.10 48.75 93.04
CA ASN A 215 2.08 48.60 91.96
C ASN A 215 3.07 49.75 92.07
N VAL A 216 4.31 49.43 92.41
CA VAL A 216 5.39 50.39 92.56
C VAL A 216 6.21 50.36 91.29
N ASN A 217 6.54 51.54 90.74
CA ASN A 217 7.23 51.63 89.45
C ASN A 217 8.39 52.63 89.58
N HIS A 218 9.56 52.12 89.95
CA HIS A 218 10.76 52.92 90.07
C HIS A 218 11.45 52.96 88.70
N LYS A 219 11.48 54.14 88.08
CA LYS A 219 11.88 54.24 86.69
C LYS A 219 13.38 54.43 86.52
N PRO A 220 14.05 55.31 87.29
CA PRO A 220 15.51 55.40 87.15
C PRO A 220 16.24 54.10 87.42
N SER A 221 15.76 53.30 88.35
CA SER A 221 16.30 51.95 88.58
C SER A 221 15.65 50.91 87.67
N ASN A 222 14.55 51.24 87.00
CA ASN A 222 13.85 50.34 86.09
C ASN A 222 13.43 49.05 86.79
N THR A 223 12.66 49.22 87.86
CA THR A 223 12.14 48.12 88.65
C THR A 223 10.65 48.34 88.90
N LYS A 224 9.96 47.24 89.19
CA LYS A 224 8.54 47.25 89.51
C LYS A 224 8.30 46.22 90.61
N VAL A 225 7.45 46.59 91.57
CA VAL A 225 7.08 45.69 92.66
C VAL A 225 5.56 45.69 92.78
N ASP A 226 4.95 44.52 92.62
CA ASP A 226 3.50 44.37 92.78
C ASP A 226 3.24 43.61 94.07
N LYS A 227 2.66 44.29 95.05
CA LYS A 227 2.42 43.71 96.36
C LYS A 227 0.92 43.54 96.60
N ARG A 228 0.57 42.48 97.31
CA ARG A 228 -0.79 42.20 97.71
C ARG A 228 -0.93 42.41 99.21
N VAL A 229 -1.73 43.39 99.60
CA VAL A 229 -1.95 43.66 101.01
C VAL A 229 -2.90 42.62 101.58
N GLU A 230 -2.51 41.99 102.67
CA GLU A 230 -3.33 40.94 103.26
C GLU A 230 -4.58 41.55 103.89
N PRO A 231 -5.77 41.00 103.64
CA PRO A 231 -6.97 41.55 104.29
C PRO A 231 -7.11 41.19 105.76
N LYS A 232 -6.19 40.41 106.31
CA LYS A 232 -6.26 40.02 107.72
C LYS A 232 -5.75 41.19 108.55
N SER A 233 -6.62 41.79 109.35
CA SER A 233 -6.24 42.98 110.09
C SER A 233 -5.55 42.60 111.40
N CYS A 234 -4.99 43.61 112.07
CA CYS A 234 -4.31 43.40 113.34
C CYS A 234 -4.60 44.52 114.32
N ASP A 235 -5.36 45.54 113.93
CA ASP A 235 -5.72 46.66 114.79
C ASP A 235 -7.00 46.27 115.50
N LYS A 236 -7.04 46.46 116.83
CA LYS A 236 -8.21 46.03 117.58
C LYS A 236 -9.47 46.83 117.27
N GLY A 237 -9.33 48.07 116.80
CA GLY A 237 -10.46 48.87 116.35
C GLY A 237 -11.03 48.54 114.99
N LEU A 238 -10.34 47.70 114.21
CA LEU A 238 -10.77 47.35 112.86
C LEU A 238 -11.38 45.96 112.69
N GLU A 239 -11.14 45.01 113.58
CA GLU A 239 -11.74 43.69 113.36
C GLU A 239 -13.26 43.73 113.46
N VAL A 240 -13.81 44.67 114.22
CA VAL A 240 -15.26 44.76 114.34
C VAL A 240 -15.87 45.25 113.03
N SER B 2 17.57 87.06 95.68
CA SER B 2 16.49 87.89 95.16
C SER B 2 16.47 89.26 95.84
N VAL B 3 16.84 90.29 95.07
CA VAL B 3 16.74 91.67 95.58
C VAL B 3 15.31 92.19 95.56
N LEU B 4 14.40 91.48 94.90
CA LEU B 4 12.98 91.84 94.90
C LEU B 4 12.38 91.36 96.22
N THR B 5 12.14 92.29 97.15
CA THR B 5 11.70 91.97 98.49
C THR B 5 10.19 92.15 98.61
N GLN B 6 9.54 91.17 99.24
CA GLN B 6 8.12 91.15 99.49
C GLN B 6 7.87 91.19 101.00
N SER B 7 6.62 90.94 101.38
CA SER B 7 6.28 90.82 102.78
C SER B 7 6.83 89.50 103.33
N ALA B 8 7.12 89.50 104.63
CA ALA B 8 7.69 88.31 105.27
C ALA B 8 6.66 87.17 105.26
N SER B 9 5.71 87.23 106.19
CA SER B 9 4.64 86.25 106.30
C SER B 9 3.37 87.01 106.63
N VAL B 10 2.29 86.69 105.91
CA VAL B 10 1.05 87.45 105.96
C VAL B 10 -0.09 86.50 106.32
N SER B 11 -0.91 86.90 107.28
CA SER B 11 -2.12 86.18 107.62
C SER B 11 -3.34 86.99 107.19
N GLY B 12 -4.52 86.52 107.57
CA GLY B 12 -5.75 87.20 107.20
C GLY B 12 -6.95 86.59 107.89
N SER B 13 -8.10 87.19 107.65
CA SER B 13 -9.38 86.77 108.22
C SER B 13 -10.31 86.27 107.13
N LEU B 14 -11.42 85.67 107.57
CA LEU B 14 -12.39 85.10 106.64
C LEU B 14 -13.27 86.19 106.05
N GLY B 15 -13.34 86.23 104.72
CA GLY B 15 -14.23 87.16 104.05
C GLY B 15 -13.79 88.60 104.11
N GLN B 16 -12.49 88.84 104.26
CA GLN B 16 -11.93 90.18 104.31
C GLN B 16 -10.89 90.36 103.21
N SER B 17 -10.18 91.47 103.26
CA SER B 17 -9.12 91.82 102.31
C SER B 17 -7.74 91.50 102.90
N VAL B 18 -6.74 91.44 102.02
CA VAL B 18 -5.37 91.18 102.45
C VAL B 18 -4.45 91.79 101.39
N THR B 19 -3.30 92.27 101.83
CA THR B 19 -2.37 92.98 100.95
C THR B 19 -0.97 92.40 101.02
N ILE B 20 -0.34 92.20 99.86
CA ILE B 20 1.00 91.65 99.75
C ILE B 20 1.86 92.64 98.98
N SER B 21 3.06 92.89 99.48
CA SER B 21 3.98 93.86 98.92
C SER B 21 4.98 93.19 97.98
N CYS B 22 5.68 94.02 97.19
CA CYS B 22 6.67 93.51 96.26
C CYS B 22 7.53 94.64 95.71
N THR B 23 8.78 94.74 96.15
CA THR B 23 9.65 95.83 95.76
C THR B 23 11.10 95.38 95.74
N GLY B 24 12.04 96.27 95.40
CA GLY B 24 13.44 95.81 95.43
C GLY B 24 14.50 96.88 95.30
N PRO B 25 15.74 96.57 94.61
CA PRO B 25 17.17 97.34 94.11
C PRO B 25 16.87 98.52 93.17
N ASN B 26 17.81 99.46 93.05
CA ASN B 26 17.62 100.67 92.21
C ASN B 26 17.43 100.25 90.75
N SER B 27 18.25 99.31 90.27
CA SER B 27 18.08 98.77 88.90
C SER B 27 16.65 98.24 88.88
N VAL B 28 16.34 97.41 89.89
CA VAL B 28 15.00 96.81 90.12
C VAL B 28 14.24 97.78 91.00
N CYS B 29 13.81 98.91 90.42
CA CYS B 29 13.06 99.98 91.13
C CYS B 29 11.56 99.70 91.07
N CYS B 30 11.17 98.60 90.39
CA CYS B 30 9.75 98.20 90.24
C CYS B 30 8.95 99.39 89.70
N SER B 31 9.43 99.99 88.61
CA SER B 31 8.71 101.15 88.01
C SER B 31 8.55 100.97 86.51
N HIS B 32 9.53 101.41 85.71
CA HIS B 32 9.41 101.26 84.27
C HIS B 32 9.36 99.78 83.87
N LYS B 33 9.14 98.87 84.81
CA LYS B 33 9.07 97.45 84.55
C LYS B 33 7.66 96.93 84.83
N SER B 34 7.33 95.81 84.19
CA SER B 34 6.04 95.17 84.35
C SER B 34 6.10 94.21 85.52
N ILE B 35 4.98 94.10 86.24
CA ILE B 35 4.89 93.27 87.44
C ILE B 35 3.79 92.23 87.25
N SER B 36 4.07 91.01 87.69
CA SER B 36 3.12 89.92 87.62
C SER B 36 3.09 89.18 88.96
N TRP B 37 1.99 88.46 89.20
CA TRP B 37 1.79 87.74 90.45
C TRP B 37 1.47 86.28 90.15
N TYR B 38 1.99 85.39 90.98
CA TYR B 38 1.84 83.94 90.82
C TYR B 38 1.34 83.32 92.12
N GLN B 39 0.17 82.67 92.05
CA GLN B 39 -0.29 81.79 93.12
C GLN B 39 0.44 80.45 93.04
N TRP B 40 1.25 80.11 94.04
CA TRP B 40 2.16 78.96 93.97
C TRP B 40 1.78 77.97 95.07
N PRO B 41 0.94 76.99 94.77
CA PRO B 41 0.79 75.84 95.66
C PRO B 41 2.06 75.01 95.66
N PRO B 42 2.75 74.93 96.80
CA PRO B 42 4.06 74.25 96.83
C PRO B 42 3.96 72.76 96.52
N GLY B 43 4.54 72.36 95.39
CA GLY B 43 4.51 71.00 94.93
C GLY B 43 3.41 70.67 93.95
N ARG B 44 2.62 71.67 93.53
CA ARG B 44 1.57 71.44 92.54
C ARG B 44 1.61 72.50 91.45
N ALA B 45 0.58 72.55 90.63
CA ALA B 45 0.54 73.46 89.49
C ALA B 45 0.25 74.89 89.94
N PRO B 46 1.15 75.84 89.71
CA PRO B 46 0.85 77.24 90.06
C PRO B 46 -0.13 77.88 89.10
N THR B 47 -0.37 79.18 89.24
CA THR B 47 -1.35 79.87 88.41
C THR B 47 -0.98 81.33 88.29
N LEU B 48 -1.01 81.85 87.06
CA LEU B 48 -0.89 83.28 86.82
C LEU B 48 -2.22 83.96 87.08
N ILE B 49 -2.19 85.05 87.85
CA ILE B 49 -3.42 85.72 88.27
C ILE B 49 -3.39 87.18 87.86
N ILE B 50 -2.20 87.75 87.74
CA ILE B 50 -2.00 89.18 87.46
C ILE B 50 -0.78 89.31 86.58
N TYR B 51 -0.94 89.99 85.44
CA TYR B 51 0.13 90.06 84.45
C TYR B 51 0.39 91.50 84.01
N GLU B 52 1.68 91.85 83.94
CA GLU B 52 2.21 93.08 83.34
C GLU B 52 1.75 94.36 84.02
N ASP B 53 0.61 94.32 84.71
CA ASP B 53 0.15 95.40 85.57
C ASP B 53 -1.10 94.95 86.33
N ASN B 54 -1.94 95.89 86.74
CA ASN B 54 -3.16 95.54 87.46
C ASN B 54 -4.10 94.65 86.65
N GLU B 55 -3.89 94.55 85.33
CA GLU B 55 -4.72 93.67 84.51
C GLU B 55 -4.52 92.21 84.91
N ARG B 56 -5.62 91.52 85.17
CA ARG B 56 -5.60 90.16 85.67
C ARG B 56 -5.74 89.15 84.52
N ALA B 57 -5.39 87.90 84.82
CA ALA B 57 -5.50 86.83 83.85
C ALA B 57 -6.96 86.48 83.58
N PRO B 58 -7.26 85.92 82.40
CA PRO B 58 -8.65 85.50 82.12
C PRO B 58 -9.09 84.38 83.05
N GLY B 59 -10.38 84.42 83.42
CA GLY B 59 -10.94 83.48 84.36
C GLY B 59 -10.73 83.82 85.81
N ILE B 60 -9.84 84.76 86.13
CA ILE B 60 -9.60 85.15 87.51
C ILE B 60 -10.79 85.95 88.02
N SER B 61 -11.30 85.58 89.20
CA SER B 61 -12.36 86.37 89.81
C SER B 61 -11.86 87.75 90.17
N PRO B 62 -12.73 88.77 90.10
CA PRO B 62 -12.29 90.15 90.36
C PRO B 62 -11.97 90.42 91.82
N ARG B 63 -11.94 89.37 92.65
CA ARG B 63 -11.53 89.54 94.05
C ARG B 63 -10.08 90.00 94.15
N PHE B 64 -9.26 89.66 93.16
CA PHE B 64 -7.87 90.08 93.13
C PHE B 64 -7.72 91.41 92.39
N SER B 65 -6.69 92.16 92.77
CA SER B 65 -6.38 93.44 92.13
C SER B 65 -4.91 93.78 92.40
N GLY B 66 -4.38 94.68 91.59
CA GLY B 66 -2.99 95.06 91.69
C GLY B 66 -2.83 96.57 91.64
N TYR B 67 -1.66 97.02 92.08
CA TYR B 67 -1.34 98.44 92.04
C TYR B 67 0.16 98.61 91.91
N LYS B 68 0.57 99.69 91.24
CA LYS B 68 1.98 99.94 91.01
C LYS B 68 2.27 101.40 91.35
N SER B 69 3.05 101.61 92.41
CA SER B 69 3.48 102.93 92.85
C SER B 69 4.73 103.30 92.06
N TYR B 70 5.49 104.29 92.54
CA TYR B 70 6.75 104.59 91.86
C TYR B 70 7.94 103.78 92.36
N TRP B 71 7.81 102.94 93.41
CA TRP B 71 9.00 102.22 93.82
C TRP B 71 8.65 100.78 94.18
N SER B 72 7.37 100.40 94.13
CA SER B 72 6.93 99.05 94.54
C SER B 72 5.59 98.72 93.89
N ALA B 73 5.26 97.43 93.90
CA ALA B 73 4.01 96.88 93.41
C ALA B 73 3.26 96.19 94.54
N TYR B 74 1.93 96.16 94.40
CA TYR B 74 1.07 95.73 95.48
C TYR B 74 0.02 94.76 94.95
N LEU B 75 -0.34 93.77 95.78
CA LEU B 75 -1.41 92.81 95.50
C LEU B 75 -2.50 92.89 96.55
N THR B 76 -3.73 93.14 96.12
CA THR B 76 -4.87 93.28 97.01
C THR B 76 -5.85 92.14 96.76
N ILE B 77 -6.34 91.51 97.82
CA ILE B 77 -7.24 90.36 97.72
C ILE B 77 -8.49 90.63 98.54
N SER B 78 -9.63 90.80 97.88
CA SER B 78 -10.91 90.94 98.54
C SER B 78 -11.59 89.59 98.73
N ASP B 79 -12.39 89.48 99.78
CA ASP B 79 -13.20 88.29 100.08
C ASP B 79 -12.34 87.04 100.13
N LEU B 80 -11.59 86.92 101.22
CA LEU B 80 -10.66 85.81 101.39
C LEU B 80 -11.42 84.50 101.52
N ARG B 81 -10.98 83.48 100.78
CA ARG B 81 -11.57 82.15 100.74
C ARG B 81 -10.60 81.12 101.31
N PRO B 82 -11.11 79.96 101.77
CA PRO B 82 -10.21 78.94 102.31
C PRO B 82 -9.17 78.43 101.31
N GLU B 83 -9.51 78.38 100.02
CA GLU B 83 -8.55 77.90 99.02
C GLU B 83 -7.46 78.92 98.70
N ASP B 84 -7.56 80.14 99.21
CA ASP B 84 -6.54 81.15 99.02
C ASP B 84 -5.38 81.03 100.00
N GLU B 85 -5.38 79.99 100.85
CA GLU B 85 -4.37 79.85 101.90
C GLU B 85 -3.16 79.12 101.31
N THR B 86 -2.33 79.90 100.61
CA THR B 86 -1.09 79.38 100.03
C THR B 86 -0.16 80.54 99.73
N THR B 87 1.07 80.19 99.35
CA THR B 87 2.14 81.16 99.15
C THR B 87 2.07 81.76 97.76
N TYR B 88 2.29 83.07 97.69
CA TYR B 88 2.28 83.81 96.43
C TYR B 88 3.67 84.37 96.17
N TYR B 89 3.93 84.69 94.90
CA TYR B 89 5.20 85.26 94.49
C TYR B 89 4.96 86.36 93.48
N CYS B 90 5.87 87.31 93.41
CA CYS B 90 5.81 88.36 92.40
C CYS B 90 7.03 88.30 91.49
N CYS B 91 6.83 88.68 90.25
CA CYS B 91 7.90 88.72 89.27
C CYS B 91 7.93 90.09 88.59
N SER B 92 9.13 90.63 88.39
CA SER B 92 9.34 91.84 87.63
C SER B 92 10.08 91.51 86.35
N TYR B 93 9.68 92.16 85.25
CA TYR B 93 10.27 91.85 83.95
C TYR B 93 10.03 92.99 82.98
N THR B 94 10.64 92.89 81.81
CA THR B 94 10.38 93.79 80.70
C THR B 94 9.81 92.98 79.52
N HIS B 95 9.78 93.59 78.35
CA HIS B 95 9.32 92.86 77.17
C HIS B 95 10.33 91.83 76.72
N ASN B 96 11.62 92.09 76.93
CA ASN B 96 12.69 91.21 76.46
C ASN B 96 13.36 90.43 77.58
N SER B 97 13.50 91.01 78.77
CA SER B 97 14.18 90.30 79.85
C SER B 97 13.29 89.19 80.38
N GLY B 98 13.90 88.26 81.12
CA GLY B 98 13.16 87.16 81.71
C GLY B 98 12.49 87.54 83.02
N CYS B 99 12.07 86.52 83.76
CA CYS B 99 11.37 86.72 85.02
C CYS B 99 12.35 86.83 86.18
N VAL B 100 12.00 87.66 87.15
CA VAL B 100 12.76 87.86 88.37
C VAL B 100 11.83 87.63 89.55
N PHE B 101 11.93 86.47 90.20
CA PHE B 101 11.05 86.15 91.31
C PHE B 101 11.44 86.94 92.55
N GLY B 102 10.51 87.03 93.49
CA GLY B 102 10.74 87.74 94.74
C GLY B 102 11.08 86.81 95.88
N THR B 103 11.01 87.38 97.10
CA THR B 103 11.36 86.60 98.29
C THR B 103 10.26 85.61 98.66
N GLY B 104 9.00 86.00 98.51
CA GLY B 104 7.90 85.13 98.86
C GLY B 104 7.05 85.68 99.98
N THR B 105 5.78 85.29 100.04
CA THR B 105 4.86 85.76 101.08
C THR B 105 3.86 84.64 101.34
N LYS B 106 4.03 83.95 102.47
CA LYS B 106 3.05 82.94 102.87
C LYS B 106 1.77 83.61 103.36
N VAL B 107 0.63 83.03 102.98
CA VAL B 107 -0.68 83.56 103.30
C VAL B 107 -1.46 82.53 104.11
N SER B 108 -2.05 82.97 105.22
CA SER B 108 -2.82 82.10 106.11
C SER B 108 -4.13 82.80 106.43
N VAL B 109 -5.24 82.27 105.91
CA VAL B 109 -6.56 82.83 106.13
C VAL B 109 -7.19 82.10 107.32
N LEU B 110 -7.37 82.80 108.42
CA LEU B 110 -7.97 82.22 109.62
C LEU B 110 -9.44 82.64 109.69
N GLY B 111 -10.06 82.48 110.86
CA GLY B 111 -11.48 82.69 111.01
C GLY B 111 -12.35 81.57 110.48
N GLN B 112 -11.76 80.44 110.14
CA GLN B 112 -12.48 79.30 109.58
C GLN B 112 -12.79 78.28 110.66
N SER B 113 -13.56 77.26 110.28
CA SER B 113 -13.90 76.20 111.21
C SER B 113 -12.69 75.29 111.41
N LYS B 114 -12.23 75.18 112.64
CA LYS B 114 -11.09 74.34 112.95
C LYS B 114 -11.45 72.86 112.79
N ALA B 115 -10.42 72.03 112.66
CA ALA B 115 -10.58 70.62 112.36
C ALA B 115 -10.01 69.78 113.48
N ASN B 116 -10.81 68.84 113.99
CA ASN B 116 -10.32 67.89 114.97
C ASN B 116 -9.45 66.85 114.26
N PRO B 117 -8.24 66.58 114.76
CA PRO B 117 -7.30 65.76 114.00
C PRO B 117 -7.71 64.29 113.96
N SER B 118 -7.05 63.57 113.06
CA SER B 118 -7.19 62.13 112.87
C SER B 118 -5.79 61.53 112.94
N VAL B 119 -5.45 60.95 114.08
CA VAL B 119 -4.14 60.37 114.36
C VAL B 119 -4.30 58.86 114.47
N THR B 120 -3.53 58.12 113.68
CA THR B 120 -3.61 56.67 113.62
C THR B 120 -2.23 56.05 113.80
N LEU B 121 -2.15 55.02 114.63
CA LEU B 121 -0.91 54.30 114.97
C LEU B 121 -0.90 52.90 114.37
N PHE B 122 0.23 52.53 113.75
CA PHE B 122 0.51 51.25 113.10
C PHE B 122 1.76 50.60 113.66
N PRO B 123 1.72 49.28 113.85
CA PRO B 123 2.91 48.54 114.25
C PRO B 123 3.57 47.94 113.01
N PRO B 124 4.78 47.42 113.11
CA PRO B 124 5.32 46.65 111.99
C PRO B 124 4.55 45.34 111.83
N SER B 125 4.49 44.86 110.58
CA SER B 125 3.72 43.66 110.29
C SER B 125 4.62 42.43 110.45
N SER B 126 4.13 41.26 110.01
CA SER B 126 4.93 40.05 110.14
C SER B 126 6.06 40.01 109.12
N GLU B 127 5.86 40.61 107.95
CA GLU B 127 6.92 40.63 106.95
C GLU B 127 8.08 41.50 107.40
N GLU B 128 7.81 42.54 108.18
CA GLU B 128 8.89 43.33 108.76
C GLU B 128 9.54 42.60 109.93
N LEU B 129 8.78 41.77 110.65
CA LEU B 129 9.37 40.90 111.65
C LEU B 129 10.31 39.89 111.00
N GLN B 130 10.04 39.53 109.74
CA GLN B 130 11.01 38.74 108.99
C GLN B 130 12.23 39.56 108.59
N ALA B 131 12.06 40.88 108.45
CA ALA B 131 13.14 41.78 108.08
C ALA B 131 14.00 42.22 109.27
N ASN B 132 13.67 41.77 110.48
CA ASN B 132 14.45 42.08 111.68
C ASN B 132 14.51 43.57 111.98
N LYS B 133 13.43 44.30 111.66
CA LYS B 133 13.30 45.70 111.99
C LYS B 133 11.91 45.95 112.56
N ALA B 134 11.68 47.19 113.02
CA ALA B 134 10.38 47.56 113.57
C ALA B 134 10.16 49.05 113.34
N THR B 135 9.00 49.41 112.82
CA THR B 135 8.72 50.81 112.52
C THR B 135 7.31 51.16 112.95
N LEU B 136 7.18 52.05 113.91
CA LEU B 136 5.87 52.56 114.29
C LEU B 136 5.47 53.71 113.36
N VAL B 137 4.22 53.68 112.91
CA VAL B 137 3.69 54.62 111.93
C VAL B 137 2.59 55.45 112.59
N CYS B 138 2.80 56.77 112.68
CA CYS B 138 1.81 57.65 113.31
C CYS B 138 1.37 58.68 112.26
N LEU B 139 0.17 58.49 111.71
CA LEU B 139 -0.34 59.32 110.63
C LEU B 139 -1.29 60.36 111.20
N ILE B 140 -1.17 61.60 110.72
CA ILE B 140 -1.93 62.74 111.20
C ILE B 140 -2.62 63.39 110.01
N SER B 141 -3.90 63.69 110.14
CA SER B 141 -4.63 64.32 109.04
C SER B 141 -5.79 65.13 109.58
N ASP B 142 -6.27 66.06 108.76
CA ASP B 142 -7.51 66.80 109.04
C ASP B 142 -7.40 67.60 110.34
N PHE B 143 -6.38 68.44 110.40
CA PHE B 143 -6.19 69.38 111.50
C PHE B 143 -5.91 70.76 110.91
N TYR B 144 -6.51 71.79 111.50
CA TYR B 144 -6.52 73.11 110.88
C TYR B 144 -5.23 73.90 111.12
N PRO B 145 -4.77 74.09 112.36
CA PRO B 145 -3.56 74.90 112.54
C PRO B 145 -2.31 74.15 112.14
N GLY B 146 -1.39 74.86 111.50
CA GLY B 146 -0.17 74.24 111.00
C GLY B 146 0.92 74.10 112.04
N ALA B 147 0.66 73.32 113.08
CA ALA B 147 1.64 73.10 114.14
C ALA B 147 1.27 71.85 114.91
N VAL B 148 2.15 70.86 114.92
CA VAL B 148 1.96 69.63 115.68
C VAL B 148 3.30 69.25 116.32
N THR B 149 3.21 68.64 117.49
CA THR B 149 4.38 68.14 118.21
C THR B 149 4.13 66.68 118.55
N VAL B 150 5.01 65.80 118.07
CA VAL B 150 4.86 64.36 118.21
C VAL B 150 5.94 63.84 119.14
N ALA B 151 5.55 62.99 120.08
CA ALA B 151 6.45 62.36 121.03
C ALA B 151 6.23 60.86 121.03
N TRP B 152 7.33 60.12 121.01
CA TRP B 152 7.31 58.66 121.05
C TRP B 152 7.69 58.18 122.43
N LYS B 153 6.88 57.28 122.99
CA LYS B 153 7.10 56.77 124.34
C LYS B 153 7.08 55.25 124.32
N ALA B 154 8.21 54.64 124.65
CA ALA B 154 8.31 53.20 124.77
C ALA B 154 8.06 52.83 126.23
N ASP B 155 6.95 52.12 126.48
CA ASP B 155 6.47 51.83 127.84
C ASP B 155 6.29 53.12 128.63
N SER B 156 5.73 54.14 127.98
CA SER B 156 5.53 55.45 128.59
C SER B 156 6.85 56.07 129.06
N SER B 157 7.91 55.82 128.30
CA SER B 157 9.22 56.39 128.56
C SER B 157 9.72 57.02 127.27
N PRO B 158 10.25 58.25 127.33
CA PRO B 158 10.53 58.98 126.08
C PRO B 158 11.60 58.28 125.24
N VAL B 159 11.50 58.47 123.93
CA VAL B 159 12.45 57.95 122.96
C VAL B 159 13.01 59.12 122.17
N LYS B 160 14.32 59.08 121.92
CA LYS B 160 15.00 60.13 121.18
C LYS B 160 15.67 59.64 119.91
N ALA B 161 16.13 58.38 119.88
CA ALA B 161 16.77 57.81 118.70
C ALA B 161 15.72 57.11 117.84
N GLY B 162 15.88 57.21 116.53
CA GLY B 162 14.91 56.66 115.61
C GLY B 162 13.62 57.42 115.51
N VAL B 163 13.54 58.60 116.11
CA VAL B 163 12.34 59.43 116.08
C VAL B 163 12.43 60.34 114.86
N GLU B 164 11.46 60.24 113.96
CA GLU B 164 11.45 61.09 112.77
C GLU B 164 10.04 61.66 112.60
N THR B 165 9.95 62.96 112.37
CA THR B 165 8.66 63.60 112.20
C THR B 165 8.70 64.49 110.96
N THR B 166 7.64 64.42 110.17
CA THR B 166 7.58 65.12 108.89
C THR B 166 7.21 66.59 109.13
N THR B 167 6.88 67.27 108.06
CA THR B 167 6.44 68.66 108.09
C THR B 167 4.95 68.72 107.75
N PRO B 168 4.24 69.76 108.20
CA PRO B 168 2.83 69.88 107.85
C PRO B 168 2.65 70.05 106.35
N SER B 169 1.70 69.30 105.80
CA SER B 169 1.39 69.31 104.37
C SER B 169 -0.10 69.53 104.19
N LYS B 170 -0.46 70.39 103.24
CA LYS B 170 -1.85 70.78 103.05
C LYS B 170 -2.61 69.68 102.34
N GLN B 171 -3.70 69.22 102.98
CA GLN B 171 -4.62 68.29 102.36
C GLN B 171 -5.41 69.01 101.27
N SER B 172 -5.71 68.30 100.19
CA SER B 172 -6.47 68.89 99.09
C SER B 172 -7.85 69.36 99.51
N ASN B 173 -8.32 68.95 100.68
CA ASN B 173 -9.60 69.39 101.23
C ASN B 173 -9.44 70.60 102.15
N ASN B 174 -8.40 71.41 101.92
CA ASN B 174 -8.09 72.65 102.64
C ASN B 174 -7.72 72.38 104.10
N LYS B 175 -7.46 71.13 104.44
CA LYS B 175 -6.95 70.75 105.75
C LYS B 175 -5.45 70.51 105.66
N TYR B 176 -4.86 70.00 106.72
CA TYR B 176 -3.44 69.69 106.79
C TYR B 176 -3.23 68.20 107.02
N ALA B 177 -2.00 67.74 106.80
CA ALA B 177 -1.66 66.34 106.95
C ALA B 177 -0.17 66.23 107.23
N ALA B 178 0.20 65.21 108.02
CA ALA B 178 1.59 64.93 108.34
C ALA B 178 1.71 63.49 108.83
N SER B 179 2.91 63.12 109.25
CA SER B 179 3.16 61.77 109.77
C SER B 179 4.45 61.79 110.57
N SER B 180 4.69 60.69 111.27
CA SER B 180 5.88 60.53 112.09
C SER B 180 6.17 59.05 112.26
N TYR B 181 7.43 58.67 112.15
CA TYR B 181 7.82 57.27 112.27
C TYR B 181 8.79 57.09 113.42
N LEU B 182 8.86 55.85 113.91
CA LEU B 182 9.79 55.50 114.98
C LEU B 182 10.44 54.18 114.62
N SER B 183 11.75 54.19 114.39
CA SER B 183 12.47 52.96 114.06
C SER B 183 13.04 52.33 115.33
N LEU B 184 12.78 51.03 115.49
CA LEU B 184 13.22 50.27 116.64
C LEU B 184 13.74 48.92 116.17
N THR B 185 14.51 48.28 117.04
CA THR B 185 15.10 46.97 116.83
C THR B 185 14.19 45.89 117.41
N PRO B 186 14.32 44.64 116.94
CA PRO B 186 13.50 43.57 117.52
C PRO B 186 13.78 43.32 119.00
N GLU B 187 14.99 43.62 119.48
CA GLU B 187 15.25 43.53 120.91
C GLU B 187 14.48 44.60 121.68
N GLN B 188 14.47 45.83 121.18
CA GLN B 188 13.70 46.88 121.82
C GLN B 188 12.20 46.72 121.55
N TRP B 189 11.83 45.96 120.51
CA TRP B 189 10.43 45.66 120.26
C TRP B 189 9.91 44.59 121.21
N LYS B 190 10.73 43.62 121.58
CA LYS B 190 10.28 42.54 122.45
C LYS B 190 10.33 42.93 123.92
N SER B 191 11.21 43.87 124.29
CA SER B 191 11.47 44.21 125.68
C SER B 191 10.59 45.36 126.17
N HIS B 192 9.37 45.48 125.68
CA HIS B 192 8.47 46.54 126.14
C HIS B 192 7.05 46.03 126.13
N ARG B 193 6.19 46.74 126.86
CA ARG B 193 4.78 46.37 127.00
C ARG B 193 3.87 47.13 126.04
N SER B 194 3.95 48.46 126.03
CA SER B 194 3.09 49.28 125.20
C SER B 194 3.89 50.43 124.59
N TYR B 195 3.50 50.84 123.39
CA TYR B 195 4.12 51.95 122.69
C TYR B 195 3.09 53.06 122.50
N SER B 196 3.53 54.31 122.62
CA SER B 196 2.62 55.44 122.58
C SER B 196 3.13 56.51 121.63
N CYS B 197 2.25 56.98 120.76
CA CYS B 197 2.47 58.15 119.92
C CYS B 197 1.56 59.27 120.39
N GLN B 198 2.16 60.35 120.90
CA GLN B 198 1.42 61.50 121.40
C GLN B 198 1.56 62.65 120.40
N VAL B 199 0.45 63.26 120.04
CA VAL B 199 0.42 64.41 119.15
C VAL B 199 -0.29 65.53 119.91
N THR B 200 0.48 66.50 120.38
CA THR B 200 -0.05 67.59 121.19
C THR B 200 -0.58 68.69 120.28
N HIS B 201 -1.90 68.79 120.16
CA HIS B 201 -2.53 69.85 119.40
C HIS B 201 -2.51 71.15 120.22
N GLU B 202 -2.77 72.27 119.54
CA GLU B 202 -2.81 73.55 120.23
C GLU B 202 -4.05 73.72 121.10
N GLY B 203 -4.99 72.78 121.07
CA GLY B 203 -6.16 72.84 121.92
C GLY B 203 -6.60 71.47 122.40
N SER B 204 -5.80 70.45 122.14
CA SER B 204 -6.10 69.08 122.53
C SER B 204 -4.81 68.28 122.48
N THR B 205 -4.93 66.96 122.61
CA THR B 205 -3.78 66.06 122.52
C THR B 205 -4.30 64.67 122.23
N VAL B 206 -3.87 64.09 121.11
CA VAL B 206 -4.30 62.77 120.69
C VAL B 206 -3.16 61.78 120.90
N GLU B 207 -3.41 60.76 121.72
CA GLU B 207 -2.41 59.73 122.00
C GLU B 207 -2.95 58.38 121.58
N LYS B 208 -2.10 57.59 120.93
CA LYS B 208 -2.46 56.25 120.51
C LYS B 208 -1.46 55.26 121.08
N THR B 209 -1.95 54.17 121.66
CA THR B 209 -1.12 53.19 122.35
C THR B 209 -1.35 51.80 121.77
N VAL B 210 -0.26 51.15 121.36
CA VAL B 210 -0.29 49.78 120.86
C VAL B 210 0.55 48.90 121.78
N ALA B 211 0.78 47.65 121.38
CA ALA B 211 1.55 46.71 122.18
C ALA B 211 2.06 45.60 121.27
N PRO B 212 3.30 45.15 121.42
CA PRO B 212 3.77 44.01 120.62
C PRO B 212 3.08 42.70 120.96
N THR B 213 2.59 42.54 122.19
CA THR B 213 1.91 41.31 122.58
C THR B 213 0.48 41.23 122.04
N GLU B 214 -0.06 42.33 121.53
CA GLU B 214 -1.41 42.37 121.01
C GLU B 214 -1.46 42.86 119.57
N ASN C 3 -17.78 99.96 77.99
CA ASN C 3 -16.32 99.92 77.98
C ASN C 3 -15.80 99.62 76.59
N LEU C 4 -16.51 98.75 75.86
CA LEU C 4 -16.08 98.33 74.53
C LEU C 4 -17.31 98.10 73.68
N TRP C 5 -17.20 98.46 72.39
CA TRP C 5 -18.32 98.38 71.46
C TRP C 5 -17.92 97.58 70.23
N VAL C 6 -18.94 97.05 69.56
CA VAL C 6 -18.72 96.33 68.30
C VAL C 6 -18.25 97.31 67.23
N THR C 7 -17.38 96.83 66.35
CA THR C 7 -16.85 97.59 65.23
C THR C 7 -16.66 96.68 64.04
N VAL C 8 -17.00 97.18 62.86
CA VAL C 8 -16.88 96.41 61.62
C VAL C 8 -15.54 96.73 60.95
N TYR C 9 -15.02 95.73 60.24
CA TYR C 9 -13.78 95.85 59.50
C TYR C 9 -13.96 95.20 58.14
N TYR C 10 -13.68 95.94 57.09
CA TYR C 10 -13.90 95.51 55.72
C TYR C 10 -12.56 95.25 55.04
N GLY C 11 -12.34 94.02 54.63
CA GLY C 11 -11.10 93.65 53.98
C GLY C 11 -10.20 92.81 54.86
N VAL C 12 -10.82 91.94 55.66
CA VAL C 12 -10.08 91.10 56.60
C VAL C 12 -9.69 89.80 55.90
N PRO C 13 -8.56 89.20 56.24
CA PRO C 13 -8.19 87.92 55.62
C PRO C 13 -9.03 86.76 56.12
N VAL C 14 -10.24 86.64 55.60
CA VAL C 14 -11.14 85.54 55.94
C VAL C 14 -11.64 84.91 54.64
N TRP C 15 -11.38 83.62 54.46
CA TRP C 15 -11.86 82.89 53.32
C TRP C 15 -12.67 81.68 53.79
N LYS C 16 -13.61 81.27 52.95
CA LYS C 16 -14.36 80.04 53.15
C LYS C 16 -14.28 79.20 51.89
N ASP C 17 -14.14 77.89 52.05
CA ASP C 17 -14.01 77.01 50.91
C ASP C 17 -15.33 76.90 50.18
N ALA C 18 -15.31 77.15 48.87
CA ALA C 18 -16.50 77.07 48.04
C ALA C 18 -16.08 76.71 46.62
N GLU C 19 -17.08 76.52 45.75
CA GLU C 19 -16.85 76.09 44.38
C GLU C 19 -17.61 77.02 43.43
N THR C 20 -16.88 77.60 42.48
CA THR C 20 -17.44 78.53 41.51
C THR C 20 -16.74 78.33 40.17
N THR C 21 -17.22 79.04 39.16
CA THR C 21 -16.64 78.94 37.83
C THR C 21 -15.29 79.62 37.78
N LEU C 22 -14.33 78.98 37.13
CA LEU C 22 -12.98 79.50 36.99
C LEU C 22 -12.76 80.01 35.57
N PHE C 23 -11.56 80.56 35.34
CA PHE C 23 -11.16 81.10 34.05
C PHE C 23 -10.22 80.12 33.35
N CYS C 24 -9.44 80.60 32.39
CA CYS C 24 -8.45 79.79 31.71
C CYS C 24 -7.49 80.72 30.98
N ALA C 25 -6.24 80.26 30.85
CA ALA C 25 -5.18 81.13 30.35
C ALA C 25 -4.85 80.82 28.90
N SER C 26 -4.45 81.84 28.16
CA SER C 26 -4.07 81.71 26.77
C SER C 26 -2.57 81.51 26.54
N ASP C 27 -1.77 81.58 27.61
CA ASP C 27 -0.32 81.31 27.68
C ASP C 27 0.50 82.37 26.97
N ALA C 28 -0.16 83.26 26.22
CA ALA C 28 0.39 84.42 25.53
C ALA C 28 1.12 84.07 24.23
N LYS C 29 1.42 82.80 23.99
CA LYS C 29 2.02 82.38 22.72
C LYS C 29 0.97 81.93 21.72
N ALA C 30 -0.31 82.22 21.98
CA ALA C 30 -1.37 81.74 21.11
C ALA C 30 -1.38 82.46 19.76
N TYR C 31 -1.00 83.74 19.74
CA TYR C 31 -1.00 84.48 18.49
C TYR C 31 0.11 84.01 17.55
N ASP C 32 1.22 83.52 18.10
CA ASP C 32 2.34 83.05 17.29
C ASP C 32 2.23 81.59 16.88
N THR C 33 1.30 80.82 17.47
CA THR C 33 1.07 79.46 17.02
C THR C 33 0.40 79.45 15.65
N GLU C 34 -0.71 80.19 15.52
CA GLU C 34 -1.41 80.35 14.25
C GLU C 34 -1.86 79.00 13.69
N LYS C 35 -2.30 78.12 14.58
CA LYS C 35 -2.92 76.86 14.20
C LYS C 35 -4.43 76.96 14.09
N HIS C 36 -4.96 78.16 13.89
CA HIS C 36 -6.39 78.43 13.78
C HIS C 36 -7.15 78.10 15.06
N ASN C 37 -6.99 76.88 15.58
CA ASN C 37 -7.66 76.49 16.81
C ASN C 37 -6.89 75.34 17.44
N VAL C 38 -6.30 75.58 18.61
CA VAL C 38 -5.70 74.51 19.39
C VAL C 38 -6.76 74.03 20.38
N TRP C 39 -6.34 73.65 21.59
CA TRP C 39 -7.29 73.15 22.57
C TRP C 39 -8.18 74.26 23.10
N ALA C 40 -7.61 75.17 23.89
CA ALA C 40 -8.38 76.27 24.45
C ALA C 40 -7.90 77.63 23.93
N THR C 41 -7.13 77.63 22.84
CA THR C 41 -6.77 78.87 22.16
C THR C 41 -7.99 79.62 21.69
N HIS C 42 -9.15 78.95 21.64
CA HIS C 42 -10.38 79.58 21.20
C HIS C 42 -10.72 80.80 22.06
N ALA C 43 -10.83 80.61 23.37
CA ALA C 43 -11.48 81.61 24.22
C ALA C 43 -10.60 82.20 25.31
N CYS C 44 -9.57 81.50 25.77
CA CYS C 44 -8.86 81.93 26.97
C CYS C 44 -8.10 83.24 26.74
N VAL C 45 -7.82 83.92 27.83
CA VAL C 45 -7.22 85.26 27.80
C VAL C 45 -5.72 85.13 28.03
N PRO C 46 -4.91 86.08 27.55
CA PRO C 46 -3.46 85.98 27.73
C PRO C 46 -3.05 86.06 29.20
N THR C 47 -1.89 85.48 29.49
CA THR C 47 -1.39 85.37 30.85
C THR C 47 -0.84 86.71 31.35
N ASP C 48 -1.01 86.95 32.65
CA ASP C 48 -0.47 88.14 33.27
C ASP C 48 1.05 88.13 33.19
N PRO C 49 1.68 89.32 33.13
CA PRO C 49 3.14 89.36 33.02
C PRO C 49 3.86 88.75 34.22
N ASN C 50 3.28 88.83 35.41
CA ASN C 50 3.92 88.32 36.63
C ASN C 50 2.91 87.51 37.43
N PRO C 51 3.10 86.20 37.56
CA PRO C 51 2.18 85.40 38.39
C PRO C 51 2.24 85.80 39.85
N GLN C 52 1.16 86.39 40.37
CA GLN C 52 1.13 86.83 41.76
C GLN C 52 1.08 85.63 42.70
N GLU C 53 2.24 85.09 43.04
CA GLU C 53 2.36 83.96 43.96
C GLU C 53 2.81 84.50 45.32
N ILE C 54 1.89 84.52 46.28
CA ILE C 54 2.16 85.16 47.57
C ILE C 54 2.07 84.09 48.65
N HIS C 55 3.19 83.76 49.26
CA HIS C 55 3.18 82.80 50.36
C HIS C 55 2.57 83.42 51.61
N LEU C 56 1.70 82.66 52.28
CA LEU C 56 0.99 83.14 53.48
C LEU C 56 1.62 82.49 54.70
N GLU C 57 2.43 83.25 55.42
CA GLU C 57 3.12 82.72 56.58
C GLU C 57 2.12 82.43 57.70
N ASN C 58 2.44 81.43 58.52
CA ASN C 58 1.64 81.02 59.67
C ASN C 58 0.25 80.52 59.26
N VAL C 59 0.09 80.10 58.01
CA VAL C 59 -1.19 79.65 57.49
C VAL C 59 -1.09 78.18 57.15
N THR C 60 -1.90 77.37 57.82
CA THR C 60 -2.01 75.95 57.55
C THR C 60 -3.45 75.68 57.11
N GLU C 61 -3.62 75.10 55.93
CA GLU C 61 -4.96 74.94 55.37
C GLU C 61 -5.23 73.50 55.00
N GLU C 62 -6.41 73.01 55.37
CA GLU C 62 -6.76 71.61 55.13
C GLU C 62 -7.21 71.43 53.69
N PHE C 63 -6.44 70.69 52.91
CA PHE C 63 -6.77 70.37 51.53
C PHE C 63 -7.29 68.94 51.44
N ASN C 64 -8.12 68.70 50.42
CA ASN C 64 -8.67 67.37 50.14
C ASN C 64 -8.86 67.27 48.64
N MET C 65 -7.92 66.61 47.97
CA MET C 65 -7.91 66.56 46.51
C MET C 65 -9.00 65.68 45.93
N TRP C 66 -9.54 64.74 46.70
CA TRP C 66 -10.53 63.80 46.20
C TRP C 66 -11.95 64.32 46.29
N LYS C 67 -12.18 65.41 47.03
CA LYS C 67 -13.46 66.09 47.05
C LYS C 67 -13.40 67.44 46.34
N ASN C 68 -12.35 67.67 45.56
CA ASN C 68 -12.17 68.95 44.88
C ASN C 68 -13.17 69.10 43.75
N ASN C 69 -13.53 70.36 43.47
CA ASN C 69 -14.46 70.66 42.39
C ASN C 69 -13.78 71.22 41.15
N MET C 70 -12.50 71.60 41.25
CA MET C 70 -11.78 72.04 40.06
C MET C 70 -11.62 70.93 39.04
N VAL C 71 -11.50 69.69 39.51
CA VAL C 71 -11.37 68.56 38.60
C VAL C 71 -12.65 68.38 37.78
N GLU C 72 -13.81 68.52 38.43
CA GLU C 72 -15.08 68.44 37.71
C GLU C 72 -15.19 69.56 36.69
N GLN C 73 -14.77 70.77 37.07
CA GLN C 73 -14.80 71.90 36.14
C GLN C 73 -13.94 71.62 34.91
N MET C 74 -12.71 71.13 35.13
CA MET C 74 -11.82 70.85 34.01
C MET C 74 -12.34 69.70 33.16
N HIS C 75 -12.98 68.70 33.77
CA HIS C 75 -13.55 67.60 33.01
C HIS C 75 -14.68 68.07 32.11
N THR C 76 -15.63 68.84 32.66
CA THR C 76 -16.72 69.36 31.84
C THR C 76 -16.19 70.29 30.76
N ASP C 77 -15.14 71.06 31.07
CA ASP C 77 -14.56 71.96 30.08
C ASP C 77 -13.92 71.19 28.94
N ILE C 78 -13.20 70.11 29.25
CA ILE C 78 -12.59 69.29 28.20
C ILE C 78 -13.66 68.62 27.35
N ILE C 79 -14.74 68.16 27.99
CA ILE C 79 -15.83 67.52 27.23
C ILE C 79 -16.46 68.52 26.26
N SER C 80 -16.81 69.70 26.77
CA SER C 80 -17.38 70.74 25.91
C SER C 80 -16.38 71.19 24.86
N LEU C 81 -15.08 71.11 25.15
CA LEU C 81 -14.06 71.45 24.16
C LEU C 81 -14.11 70.48 23.00
N TRP C 82 -14.10 69.18 23.31
CA TRP C 82 -14.27 68.17 22.26
C TRP C 82 -15.54 68.43 21.46
N ASP C 83 -16.66 68.67 22.15
CA ASP C 83 -17.94 68.79 21.44
C ASP C 83 -17.98 70.03 20.55
N GLN C 84 -17.52 71.18 21.05
CA GLN C 84 -17.55 72.40 20.25
C GLN C 84 -16.45 72.45 19.21
N SER C 85 -15.43 71.60 19.33
CA SER C 85 -14.41 71.53 18.30
C SER C 85 -14.84 70.66 17.13
N LEU C 86 -15.64 69.63 17.38
CA LEU C 86 -16.12 68.71 16.35
C LEU C 86 -17.46 69.10 15.75
N LYS C 87 -18.08 70.18 16.23
CA LYS C 87 -19.41 70.52 15.73
C LYS C 87 -19.38 70.99 14.28
N PRO C 88 -18.58 71.97 13.88
CA PRO C 88 -18.65 72.48 12.51
C PRO C 88 -17.82 71.73 11.48
N CYS C 89 -17.23 70.60 11.82
CA CYS C 89 -16.33 69.90 10.91
C CYS C 89 -17.15 69.04 9.94
N VAL C 90 -16.46 68.19 9.18
CA VAL C 90 -17.10 67.40 8.14
C VAL C 90 -17.70 66.15 8.77
N LYS C 91 -19.00 65.95 8.55
CA LYS C 91 -19.65 64.72 8.97
C LYS C 91 -19.47 63.65 7.91
N LEU C 92 -19.39 62.40 8.35
CA LEU C 92 -19.12 61.28 7.46
C LEU C 92 -20.19 60.20 7.58
N THR C 93 -21.43 60.60 7.83
CA THR C 93 -22.52 59.63 7.89
C THR C 93 -22.73 58.83 6.60
N PRO C 94 -22.50 59.35 5.39
CA PRO C 94 -22.61 58.50 4.20
C PRO C 94 -21.51 57.45 4.07
N LEU C 95 -20.51 57.46 4.94
CA LEU C 95 -19.44 56.46 4.85
C LEU C 95 -19.86 55.10 5.35
N CYS C 96 -20.92 55.02 6.17
CA CYS C 96 -21.43 53.76 6.69
C CYS C 96 -22.04 52.96 5.53
N VAL C 97 -21.17 52.34 4.74
CA VAL C 97 -21.60 51.51 3.62
C VAL C 97 -21.02 50.11 3.78
N THR C 98 -21.12 49.32 2.72
CA THR C 98 -20.51 47.99 2.67
C THR C 98 -19.17 48.09 1.96
N LEU C 99 -18.12 47.55 2.57
CA LEU C 99 -16.76 47.69 2.07
C LEU C 99 -16.20 46.30 1.80
N GLN C 100 -15.97 45.98 0.54
CA GLN C 100 -15.34 44.72 0.16
C GLN C 100 -13.83 44.89 0.31
N CYS C 101 -13.27 44.32 1.38
CA CYS C 101 -11.88 44.54 1.76
C CYS C 101 -11.03 43.31 1.46
N THR C 102 -9.73 43.50 1.60
CA THR C 102 -8.74 42.46 1.37
C THR C 102 -7.58 42.71 2.31
N ASN C 103 -6.98 41.61 2.80
CA ASN C 103 -5.76 41.73 3.59
C ASN C 103 -4.67 42.44 2.80
N VAL C 104 -3.72 43.01 3.53
CA VAL C 104 -2.60 43.70 2.89
C VAL C 104 -1.81 42.69 2.05
N THR C 105 -1.11 43.21 1.04
CA THR C 105 -0.35 42.36 0.14
C THR C 105 0.94 41.83 0.76
N ASN C 106 1.25 42.18 2.01
CA ASN C 106 2.50 41.75 2.68
C ASN C 106 2.15 41.14 4.04
N ASN C 107 1.81 39.87 4.04
CA ASN C 107 1.69 39.06 5.26
C ASN C 107 2.92 38.18 5.44
N ILE C 108 4.10 38.72 5.15
CA ILE C 108 5.34 37.92 5.17
C ILE C 108 5.52 37.30 6.55
N THR C 109 5.73 35.98 6.57
CA THR C 109 5.81 35.21 7.80
C THR C 109 4.54 35.41 8.63
N ASP C 110 3.50 34.63 8.35
CA ASP C 110 2.21 34.84 9.01
C ASP C 110 2.27 34.64 10.52
N ASP C 111 3.39 34.15 11.06
CA ASP C 111 3.55 34.12 12.51
C ASP C 111 3.51 35.53 13.11
N MET C 112 4.11 36.49 12.43
CA MET C 112 3.94 37.88 12.81
C MET C 112 2.65 38.43 12.19
N ARG C 113 2.14 39.49 12.80
CA ARG C 113 0.81 40.00 12.48
C ARG C 113 0.90 41.11 11.43
N GLY C 114 -0.11 41.13 10.55
CA GLY C 114 -0.28 42.20 9.59
C GLY C 114 -1.74 42.42 9.27
N GLU C 115 -2.34 43.49 9.81
CA GLU C 115 -3.79 43.71 9.75
C GLU C 115 -4.08 45.13 9.28
N LEU C 116 -4.07 45.32 7.96
CA LEU C 116 -4.59 46.53 7.33
C LEU C 116 -5.37 46.09 6.10
N LYS C 117 -6.64 46.49 6.03
CA LYS C 117 -7.57 45.97 5.03
C LYS C 117 -7.69 46.96 3.87
N ASN C 118 -7.26 46.52 2.68
CA ASN C 118 -7.41 47.33 1.47
C ASN C 118 -8.87 47.31 1.04
N CYS C 119 -9.67 48.15 1.69
CA CYS C 119 -11.10 48.23 1.44
C CYS C 119 -11.39 49.14 0.26
N SER C 120 -12.43 48.79 -0.50
CA SER C 120 -12.97 49.63 -1.54
C SER C 120 -14.49 49.65 -1.42
N PHE C 121 -15.10 50.78 -1.79
CA PHE C 121 -16.52 50.95 -1.56
C PHE C 121 -17.06 52.07 -2.45
N ASN C 122 -18.37 51.99 -2.71
CA ASN C 122 -19.07 52.97 -3.54
C ASN C 122 -19.53 54.12 -2.64
N MET C 123 -18.82 55.23 -2.68
CA MET C 123 -19.15 56.42 -1.92
C MET C 123 -19.89 57.42 -2.79
N THR C 124 -20.60 58.33 -2.13
CA THR C 124 -21.20 59.47 -2.83
C THR C 124 -20.12 60.47 -3.20
N THR C 125 -20.34 61.14 -4.34
CA THR C 125 -19.32 62.01 -4.92
C THR C 125 -19.70 63.47 -4.70
N GLU C 126 -19.11 64.34 -5.51
CA GLU C 126 -19.52 65.74 -5.51
C GLU C 126 -21.01 65.86 -5.79
N LEU C 127 -21.48 65.26 -6.87
CA LEU C 127 -22.89 65.34 -7.21
C LEU C 127 -23.70 64.28 -6.47
N ARG C 128 -25.03 64.40 -6.57
CA ARG C 128 -25.94 63.43 -5.98
C ARG C 128 -26.43 62.40 -6.97
N ASP C 129 -26.44 62.73 -8.28
CA ASP C 129 -26.86 61.77 -9.28
C ASP C 129 -25.92 60.57 -9.33
N LYS C 130 -24.65 60.82 -9.63
CA LYS C 130 -23.68 59.75 -9.76
C LYS C 130 -23.05 59.42 -8.40
N LYS C 131 -22.34 58.30 -8.36
CA LYS C 131 -21.56 57.88 -7.21
C LYS C 131 -20.28 57.25 -7.72
N GLN C 132 -19.21 57.38 -6.92
CA GLN C 132 -17.90 56.92 -7.38
C GLN C 132 -17.35 55.89 -6.40
N LYS C 133 -16.57 54.95 -6.93
CA LYS C 133 -15.97 53.92 -6.10
C LYS C 133 -14.57 54.36 -5.69
N VAL C 134 -14.32 54.38 -4.38
CA VAL C 134 -13.02 54.74 -3.85
C VAL C 134 -12.52 53.57 -3.02
N TYR C 135 -11.42 53.77 -2.29
CA TYR C 135 -10.79 52.67 -1.58
C TYR C 135 -9.93 53.23 -0.45
N SER C 136 -9.26 52.31 0.26
CA SER C 136 -8.22 52.63 1.24
C SER C 136 -8.76 53.22 2.54
N LEU C 137 -9.52 52.45 3.32
CA LEU C 137 -9.86 52.84 4.68
C LEU C 137 -8.88 52.23 5.69
N PHE C 138 -8.52 50.96 5.50
CA PHE C 138 -7.42 50.32 6.21
C PHE C 138 -7.69 50.09 7.69
N TYR C 139 -6.68 49.55 8.38
CA TYR C 139 -6.60 49.47 9.84
C TYR C 139 -7.50 48.39 10.43
N ARG C 140 -7.26 48.08 11.70
CA ARG C 140 -7.81 46.89 12.35
C ARG C 140 -9.27 47.04 12.72
N LEU C 141 -9.68 48.24 13.16
CA LEU C 141 -11.04 48.44 13.68
C LEU C 141 -12.06 48.28 12.57
N ASP C 142 -12.82 47.18 12.62
CA ASP C 142 -13.89 46.88 11.66
C ASP C 142 -14.63 45.65 12.16
N VAL C 143 -15.75 45.37 11.49
CA VAL C 143 -16.57 44.19 11.80
C VAL C 143 -15.91 42.98 11.17
N VAL C 144 -16.51 41.79 11.39
CA VAL C 144 -16.10 40.58 10.69
C VAL C 144 -17.10 40.18 9.61
N GLN C 145 -18.10 41.03 9.34
CA GLN C 145 -19.15 40.86 8.34
C GLN C 145 -20.23 39.90 8.85
N ILE C 146 -21.40 39.92 8.21
CA ILE C 146 -22.48 39.00 8.55
C ILE C 146 -22.35 37.76 7.69
N ASN C 147 -22.50 36.59 8.30
CA ASN C 147 -22.33 35.32 7.61
C ASN C 147 -22.98 34.18 8.38
N ASN C 158 -11.34 38.80 -1.36
CA ASN C 158 -12.25 39.91 -1.05
C ASN C 158 -13.39 39.46 -0.14
N LYS C 159 -13.41 39.98 1.08
CA LYS C 159 -14.45 39.69 2.06
C LYS C 159 -15.17 40.99 2.44
N GLU C 160 -16.48 40.91 2.61
CA GLU C 160 -17.27 42.08 2.98
C GLU C 160 -16.93 42.52 4.40
N TYR C 161 -17.17 43.81 4.67
CA TYR C 161 -16.91 44.41 5.97
C TYR C 161 -17.77 45.66 6.10
N ARG C 162 -17.85 46.16 7.33
CA ARG C 162 -18.50 47.43 7.63
C ARG C 162 -17.88 47.99 8.91
N LEU C 163 -18.35 49.16 9.33
CA LEU C 163 -17.80 49.86 10.47
C LEU C 163 -18.66 49.62 11.71
N ILE C 164 -18.02 49.15 12.79
CA ILE C 164 -18.71 49.00 14.06
C ILE C 164 -18.96 50.35 14.70
N ASN C 165 -18.14 51.35 14.38
CA ASN C 165 -18.49 52.73 14.70
C ASN C 165 -19.90 53.04 14.25
N CYS C 166 -20.27 52.58 13.06
CA CYS C 166 -21.65 52.71 12.62
C CYS C 166 -22.58 51.83 13.43
N ASN C 167 -22.10 50.69 13.91
CA ASN C 167 -22.88 49.86 14.82
C ASN C 167 -23.15 50.57 16.14
N THR C 168 -22.44 51.65 16.44
CA THR C 168 -22.72 52.35 17.68
C THR C 168 -23.36 53.70 17.44
N SER C 169 -22.59 54.69 17.01
CA SER C 169 -23.05 56.07 16.96
C SER C 169 -22.74 56.67 15.59
N ALA C 170 -23.13 57.93 15.43
CA ALA C 170 -22.80 58.68 14.22
C ALA C 170 -21.31 59.04 14.20
N ILE C 171 -20.82 59.41 13.02
CA ILE C 171 -19.41 59.68 12.82
C ILE C 171 -19.24 61.08 12.23
N THR C 172 -18.22 61.79 12.71
CA THR C 172 -17.84 63.07 12.14
C THR C 172 -16.32 63.13 12.05
N GLN C 173 -15.81 63.74 10.99
CA GLN C 173 -14.37 63.84 10.80
C GLN C 173 -13.82 65.02 11.58
N ALA C 174 -12.65 64.82 12.18
CA ALA C 174 -11.95 65.94 12.82
C ALA C 174 -11.46 66.92 11.76
N CYS C 175 -11.63 68.20 12.05
CA CYS C 175 -11.16 69.24 11.14
C CYS C 175 -9.66 69.08 10.92
N PRO C 176 -9.17 69.11 9.68
CA PRO C 176 -7.73 68.97 9.45
C PRO C 176 -6.92 70.19 9.85
N LYS C 177 -7.56 71.36 10.00
CA LYS C 177 -6.82 72.58 10.29
C LYS C 177 -6.43 72.68 11.75
N VAL C 178 -7.27 72.19 12.66
CA VAL C 178 -6.99 72.29 14.10
C VAL C 178 -5.91 71.29 14.47
N SER C 179 -5.34 71.45 15.66
CA SER C 179 -4.27 70.58 16.14
C SER C 179 -4.67 70.01 17.50
N PHE C 180 -3.99 68.92 17.86
CA PHE C 180 -4.19 68.27 19.15
C PHE C 180 -2.99 68.43 20.07
N GLU C 181 -2.02 69.25 19.70
CA GLU C 181 -0.86 69.50 20.56
C GLU C 181 -1.31 70.23 21.81
N PRO C 182 -1.05 69.69 23.01
CA PRO C 182 -1.56 70.32 24.23
C PRO C 182 -0.83 71.61 24.54
N ILE C 183 -1.56 72.72 24.53
CA ILE C 183 -1.02 74.03 24.87
C ILE C 183 -1.10 74.18 26.39
N PRO C 184 -0.09 74.79 27.04
CA PRO C 184 -0.16 74.97 28.50
C PRO C 184 -1.32 75.84 28.94
N ILE C 185 -2.33 75.23 29.55
CA ILE C 185 -3.54 75.92 30.01
C ILE C 185 -3.57 75.85 31.53
N HIS C 186 -3.49 77.01 32.17
CA HIS C 186 -3.59 77.10 33.62
C HIS C 186 -4.85 77.89 33.99
N TYR C 187 -5.68 77.31 34.83
CA TYR C 187 -6.90 77.97 35.28
C TYR C 187 -6.56 79.17 36.15
N CYS C 188 -7.44 80.18 36.10
CA CYS C 188 -7.27 81.39 36.88
C CYS C 188 -8.51 81.63 37.74
N ALA C 189 -8.31 82.31 38.87
CA ALA C 189 -9.35 82.65 39.82
C ALA C 189 -10.01 83.97 39.45
N PRO C 190 -11.35 84.04 39.48
CA PRO C 190 -12.04 85.30 39.16
C PRO C 190 -11.93 86.34 40.26
N ALA C 191 -12.72 87.40 40.14
CA ALA C 191 -12.77 88.41 41.17
C ALA C 191 -13.48 87.86 42.40
N GLY C 192 -12.97 88.21 43.59
CA GLY C 192 -13.56 87.80 44.83
C GLY C 192 -13.08 86.47 45.37
N PHE C 193 -12.45 85.65 44.54
CA PHE C 193 -12.01 84.32 44.93
C PHE C 193 -10.51 84.20 44.74
N ALA C 194 -9.93 83.15 45.31
CA ALA C 194 -8.50 82.93 45.26
C ALA C 194 -8.21 81.44 45.22
N ILE C 195 -6.99 81.10 44.84
CA ILE C 195 -6.55 79.72 44.74
C ILE C 195 -5.39 79.51 45.69
N LEU C 196 -5.59 78.66 46.69
CA LEU C 196 -4.56 78.28 47.63
C LEU C 196 -3.76 77.13 47.06
N LYS C 197 -2.43 77.30 47.04
CA LYS C 197 -1.49 76.34 46.47
C LYS C 197 -0.58 75.84 47.58
N CYS C 198 -0.55 74.53 47.78
CA CYS C 198 0.35 73.97 48.77
C CYS C 198 1.78 74.00 48.24
N LYS C 199 2.75 74.08 49.17
CA LYS C 199 4.13 74.31 48.80
C LYS C 199 5.14 73.32 49.39
N ASP C 200 4.77 72.54 50.40
CA ASP C 200 5.74 71.59 50.96
C ASP C 200 6.00 70.45 49.98
N LYS C 201 7.17 69.84 50.11
CA LYS C 201 7.60 68.83 49.13
C LYS C 201 6.74 67.58 49.21
N LYS C 202 6.62 66.99 50.39
CA LYS C 202 5.80 65.80 50.59
C LYS C 202 4.40 66.21 51.02
N PHE C 203 3.39 65.80 50.26
CA PHE C 203 2.01 66.12 50.56
C PHE C 203 1.17 64.85 50.49
N ASN C 204 0.42 64.60 51.57
CA ASN C 204 -0.43 63.43 51.64
C ASN C 204 -1.63 63.50 50.70
N GLY C 205 -1.92 64.67 50.15
CA GLY C 205 -3.10 64.87 49.33
C GLY C 205 -4.34 65.22 50.13
N THR C 206 -4.56 64.50 51.22
CA THR C 206 -5.65 64.79 52.16
C THR C 206 -5.03 65.14 53.50
N GLY C 207 -5.21 66.39 53.92
CA GLY C 207 -4.67 66.83 55.19
C GLY C 207 -4.28 68.29 55.22
N PRO C 208 -3.65 68.72 56.31
CA PRO C 208 -3.30 70.14 56.46
C PRO C 208 -1.98 70.46 55.79
N CYS C 209 -2.02 71.35 54.82
CA CYS C 209 -0.82 71.91 54.22
C CYS C 209 -0.22 72.95 55.16
N PRO C 210 1.04 72.77 55.60
CA PRO C 210 1.66 73.78 56.47
C PRO C 210 2.23 74.97 55.72
N SER C 211 2.59 74.83 54.45
CA SER C 211 3.21 75.89 53.66
C SER C 211 2.28 76.23 52.51
N VAL C 212 1.44 77.24 52.70
CA VAL C 212 0.39 77.61 51.76
C VAL C 212 0.76 78.93 51.10
N SER C 213 0.49 79.05 49.80
CA SER C 213 0.57 80.29 49.07
C SER C 213 -0.77 80.55 48.41
N THR C 214 -0.93 81.76 47.87
CA THR C 214 -2.15 82.14 47.19
C THR C 214 -1.81 82.72 45.83
N VAL C 215 -2.72 82.47 44.88
CA VAL C 215 -2.60 82.93 43.51
C VAL C 215 -4.00 83.20 42.97
N GLN C 216 -4.05 83.79 41.78
CA GLN C 216 -5.25 83.79 40.95
C GLN C 216 -5.11 82.78 39.81
N CYS C 217 -4.06 82.92 39.00
CA CYS C 217 -3.78 81.98 37.92
C CYS C 217 -2.85 80.86 38.41
N THR C 218 -3.17 79.63 38.03
CA THR C 218 -2.39 78.48 38.45
C THR C 218 -1.14 78.36 37.58
N HIS C 219 -0.39 77.27 37.76
CA HIS C 219 0.77 76.98 36.92
C HIS C 219 0.33 76.18 35.71
N GLY C 220 1.09 76.33 34.62
CA GLY C 220 0.73 75.74 33.34
C GLY C 220 0.49 74.24 33.35
N ILE C 221 -0.72 73.84 32.95
CA ILE C 221 -1.12 72.44 32.89
C ILE C 221 -1.41 72.09 31.43
N LYS C 222 -0.83 71.01 30.95
CA LYS C 222 -1.08 70.55 29.59
C LYS C 222 -2.21 69.52 29.60
N PRO C 223 -3.33 69.79 28.93
CA PRO C 223 -4.41 68.78 28.89
C PRO C 223 -4.04 67.57 28.04
N VAL C 224 -3.60 66.50 28.69
CA VAL C 224 -3.17 65.28 28.01
C VAL C 224 -4.16 64.17 28.36
N VAL C 225 -4.74 63.56 27.33
CA VAL C 225 -5.62 62.42 27.52
C VAL C 225 -4.78 61.16 27.40
N SER C 226 -4.54 60.50 28.54
CA SER C 226 -3.69 59.32 28.57
C SER C 226 -4.17 58.36 29.66
N THR C 227 -3.91 57.08 29.44
CA THR C 227 -4.29 56.03 30.38
C THR C 227 -3.06 55.21 30.74
N GLN C 228 -3.10 54.59 31.92
CA GLN C 228 -2.04 53.74 32.44
C GLN C 228 -0.74 54.51 32.68
N LEU C 229 -0.46 55.52 31.86
CA LEU C 229 0.77 56.30 31.95
C LEU C 229 0.43 57.77 31.79
N LEU C 230 0.88 58.59 32.74
CA LEU C 230 0.71 60.03 32.66
C LEU C 230 1.87 60.63 31.88
N LEU C 231 1.56 61.46 30.89
CA LEU C 231 2.55 62.02 29.99
C LEU C 231 2.59 63.53 30.13
N ASN C 232 3.80 64.09 30.05
CA ASN C 232 4.01 65.54 30.11
C ASN C 232 3.38 66.14 31.36
N GLY C 233 3.47 65.42 32.47
CA GLY C 233 2.90 65.86 33.72
C GLY C 233 3.91 66.61 34.59
N SER C 234 3.43 67.09 35.73
CA SER C 234 4.27 67.83 36.67
C SER C 234 5.04 66.86 37.55
N LEU C 235 6.36 67.09 37.66
CA LEU C 235 7.19 66.22 38.48
C LEU C 235 6.86 66.41 39.95
N ALA C 236 7.09 65.36 40.73
CA ALA C 236 6.95 65.44 42.18
C ALA C 236 8.16 66.17 42.77
N GLU C 237 8.18 66.30 44.09
CA GLU C 237 9.24 67.02 44.80
C GLU C 237 10.04 66.02 45.63
N GLU C 238 11.21 65.63 45.09
CA GLU C 238 12.23 64.85 45.80
C GLU C 238 11.81 63.42 46.09
N GLU C 239 10.51 63.14 46.17
CA GLU C 239 10.04 61.81 46.52
C GLU C 239 8.89 61.41 45.61
N VAL C 240 8.78 60.11 45.35
CA VAL C 240 7.67 59.57 44.58
C VAL C 240 6.43 59.54 45.47
N MET C 241 5.30 59.99 44.92
CA MET C 241 4.07 60.16 45.69
C MET C 241 3.08 59.06 45.34
N ILE C 242 2.46 58.50 46.37
CA ILE C 242 1.47 57.43 46.25
C ILE C 242 0.18 57.94 46.90
N ARG C 243 -0.71 58.49 46.08
CA ARG C 243 -1.95 59.07 46.57
C ARG C 243 -3.13 58.14 46.32
N SER C 244 -4.12 58.23 47.21
CA SER C 244 -5.31 57.40 47.13
C SER C 244 -6.38 57.98 48.04
N GLU C 245 -7.64 57.90 47.59
CA GLU C 245 -8.75 58.36 48.43
C GLU C 245 -8.96 57.45 49.63
N ASN C 246 -8.74 56.15 49.47
CA ASN C 246 -8.80 55.20 50.58
C ASN C 246 -7.92 54.02 50.21
N ILE C 247 -6.75 53.93 50.86
CA ILE C 247 -5.78 52.92 50.48
C ILE C 247 -6.27 51.52 50.84
N THR C 248 -7.11 51.40 51.87
CA THR C 248 -7.62 50.09 52.25
C THR C 248 -8.56 49.53 51.19
N ASN C 249 -9.41 50.38 50.62
CA ASN C 249 -10.37 49.93 49.62
C ASN C 249 -9.65 49.58 48.32
N ASN C 250 -9.92 48.38 47.80
CA ASN C 250 -9.27 47.93 46.57
C ASN C 250 -9.83 48.64 45.34
N ALA C 251 -11.14 48.93 45.34
CA ALA C 251 -11.78 49.48 44.15
C ALA C 251 -11.26 50.88 43.83
N LYS C 252 -10.84 51.63 44.83
CA LYS C 252 -10.35 52.99 44.60
C LYS C 252 -8.97 52.94 43.96
N ASN C 253 -8.78 53.76 42.92
CA ASN C 253 -7.53 53.77 42.18
C ASN C 253 -6.38 54.24 43.05
N ILE C 254 -5.17 53.98 42.56
CA ILE C 254 -3.93 54.37 43.23
C ILE C 254 -3.15 55.22 42.25
N LEU C 255 -3.00 56.52 42.56
CA LEU C 255 -2.25 57.42 41.71
C LEU C 255 -0.79 57.47 42.16
N VAL C 256 0.12 57.48 41.20
CA VAL C 256 1.55 57.51 41.46
C VAL C 256 2.16 58.67 40.68
N GLN C 257 2.93 59.51 41.37
CA GLN C 257 3.63 60.63 40.75
C GLN C 257 5.12 60.43 40.90
N PHE C 258 5.85 60.57 39.81
CA PHE C 258 7.28 60.28 39.74
C PHE C 258 8.12 61.47 40.19
N ASN C 259 9.32 61.16 40.67
CA ASN C 259 10.34 62.16 40.96
C ASN C 259 11.16 62.50 39.72
N THR C 260 11.63 61.47 39.02
CA THR C 260 12.40 61.59 37.78
C THR C 260 11.55 61.15 36.59
N PRO C 261 11.56 61.92 35.51
CA PRO C 261 10.74 61.57 34.34
C PRO C 261 11.32 60.37 33.60
N VAL C 262 10.43 59.49 33.16
CA VAL C 262 10.82 58.31 32.40
C VAL C 262 10.74 58.66 30.91
N GLN C 263 11.85 58.56 30.21
CA GLN C 263 11.87 58.88 28.79
C GLN C 263 11.08 57.85 28.00
N ILE C 264 10.21 58.31 27.09
CA ILE C 264 9.51 57.42 26.19
C ILE C 264 9.55 58.01 24.78
N ASN C 265 9.81 57.15 23.79
CA ASN C 265 9.86 57.58 22.39
C ASN C 265 8.92 56.68 21.60
N CYS C 266 7.82 57.24 21.09
CA CYS C 266 6.85 56.48 20.33
C CYS C 266 6.99 56.82 18.85
N THR C 267 6.80 55.82 18.00
CA THR C 267 6.99 55.97 16.56
C THR C 267 5.92 55.22 15.78
N ARG C 268 5.28 55.94 14.85
CA ARG C 268 4.53 55.37 13.74
C ARG C 268 5.46 55.46 12.53
N PRO C 269 6.08 54.35 12.10
CA PRO C 269 7.11 54.43 11.06
C PRO C 269 6.57 54.46 9.64
N ASN C 270 5.27 54.28 9.46
CA ASN C 270 4.67 54.21 8.13
C ASN C 270 4.71 55.59 7.49
N ASN C 271 5.71 55.82 6.64
CA ASN C 271 5.77 57.01 5.81
C ASN C 271 4.49 57.09 4.99
N ASN C 272 3.44 57.67 5.56
CA ASN C 272 2.08 57.56 5.04
C ASN C 272 1.77 58.71 4.08
N THR C 273 0.66 58.57 3.35
CA THR C 273 0.15 59.60 2.46
C THR C 273 -1.37 59.66 2.61
N ARG C 274 -1.96 60.69 2.00
CA ARG C 274 -3.39 60.94 2.14
C ARG C 274 -4.02 61.15 0.76
N LYS C 275 -5.35 60.99 0.72
CA LYS C 275 -6.14 61.23 -0.47
C LYS C 275 -7.35 62.07 -0.12
N SER C 276 -7.55 63.16 -0.85
CA SER C 276 -8.66 64.07 -0.60
C SER C 276 -9.73 63.79 -1.64
N ILE C 277 -10.71 62.97 -1.27
CA ILE C 277 -11.81 62.63 -2.16
C ILE C 277 -12.99 63.52 -1.83
N ARG C 278 -13.57 64.14 -2.85
CA ARG C 278 -14.64 65.11 -2.62
C ARG C 278 -15.98 64.41 -2.44
N ILE C 279 -16.70 64.81 -1.40
CA ILE C 279 -17.99 64.23 -1.04
C ILE C 279 -18.91 65.37 -0.63
N GLY C 280 -20.06 65.47 -1.29
CA GLY C 280 -20.98 66.54 -1.03
C GLY C 280 -20.53 67.84 -1.67
N PRO C 281 -21.38 68.88 -1.60
CA PRO C 281 -21.05 70.13 -2.30
C PRO C 281 -19.89 70.88 -1.68
N GLY C 282 -19.65 70.72 -0.38
CA GLY C 282 -18.57 71.46 0.26
C GLY C 282 -17.58 70.57 0.98
N GLN C 283 -18.05 69.45 1.51
CA GLN C 283 -17.20 68.59 2.32
C GLN C 283 -16.12 67.93 1.46
N ALA C 284 -15.12 67.36 2.15
CA ALA C 284 -14.02 66.68 1.49
C ALA C 284 -13.42 65.70 2.49
N PHE C 285 -13.37 64.42 2.13
CA PHE C 285 -12.95 63.36 3.04
C PHE C 285 -11.50 63.00 2.80
N TYR C 286 -10.73 62.92 3.89
CA TYR C 286 -9.32 62.58 3.85
C TYR C 286 -9.18 61.09 4.19
N ALA C 287 -8.74 60.31 3.21
CA ALA C 287 -8.60 58.87 3.33
C ALA C 287 -7.11 58.50 3.40
N THR C 288 -6.83 57.44 4.15
CA THR C 288 -5.46 56.95 4.32
C THR C 288 -4.97 56.35 3.00
N GLY C 289 -4.03 57.01 2.36
CA GLY C 289 -3.51 56.55 1.09
C GLY C 289 -2.66 55.29 1.23
N ASP C 290 -2.13 54.86 0.09
CA ASP C 290 -1.30 53.66 0.06
C ASP C 290 0.02 53.88 0.78
N ILE C 291 0.49 52.84 1.48
CA ILE C 291 1.73 52.93 2.24
C ILE C 291 2.90 52.84 1.26
N ILE C 292 3.65 53.93 1.13
CA ILE C 292 4.84 53.97 0.29
C ILE C 292 6.01 53.43 1.08
N GLY C 293 6.62 52.35 0.59
CA GLY C 293 7.73 51.73 1.28
C GLY C 293 7.31 50.54 2.12
N ASP C 294 8.25 50.11 2.96
CA ASP C 294 8.02 48.96 3.82
C ASP C 294 7.02 49.30 4.93
N ILE C 295 6.51 48.27 5.59
CA ILE C 295 5.51 48.42 6.64
C ILE C 295 5.98 47.68 7.89
N ARG C 296 5.70 48.26 9.05
CA ARG C 296 5.91 47.59 10.33
C ARG C 296 5.07 48.30 11.38
N GLN C 297 4.80 47.59 12.47
CA GLN C 297 3.89 48.08 13.49
C GLN C 297 4.47 49.27 14.23
N ALA C 298 3.59 50.16 14.66
CA ALA C 298 4.00 51.27 15.51
C ALA C 298 4.44 50.75 16.87
N HIS C 299 5.33 51.49 17.53
CA HIS C 299 5.88 51.00 18.78
C HIS C 299 6.27 52.16 19.69
N CYS C 300 6.68 51.81 20.90
CA CYS C 300 7.16 52.79 21.87
C CYS C 300 8.35 52.20 22.63
N ASN C 301 9.46 52.93 22.66
CA ASN C 301 10.66 52.52 23.37
C ASN C 301 10.76 53.24 24.70
N VAL C 302 11.19 52.49 25.72
CA VAL C 302 11.51 53.03 27.04
C VAL C 302 12.84 52.44 27.48
N SER C 303 13.75 53.30 27.94
CA SER C 303 15.06 52.82 28.39
C SER C 303 14.90 51.90 29.59
N LYS C 304 15.50 50.71 29.50
CA LYS C 304 15.28 49.69 30.51
C LYS C 304 15.92 50.06 31.85
N ALA C 305 17.05 50.76 31.83
CA ALA C 305 17.70 51.15 33.08
C ALA C 305 16.85 52.17 33.84
N THR C 306 16.31 53.17 33.12
CA THR C 306 15.49 54.17 33.78
C THR C 306 14.21 53.57 34.35
N TRP C 307 13.59 52.64 33.61
CA TRP C 307 12.39 51.99 34.10
C TRP C 307 12.70 51.10 35.30
N ASN C 308 13.84 50.40 35.26
CA ASN C 308 14.27 49.59 36.40
C ASN C 308 14.44 50.46 37.64
N GLU C 309 15.12 51.60 37.49
CA GLU C 309 15.33 52.49 38.62
C GLU C 309 14.00 53.06 39.12
N THR C 310 13.09 53.41 38.20
CA THR C 310 11.81 53.96 38.60
C THR C 310 11.00 52.95 39.40
N LEU C 311 10.98 51.70 38.95
CA LEU C 311 10.26 50.66 39.69
C LEU C 311 10.90 50.40 41.05
N GLY C 312 12.24 50.33 41.10
CA GLY C 312 12.92 50.14 42.36
C GLY C 312 12.76 51.29 43.33
N LYS C 313 12.46 52.48 42.82
CA LYS C 313 12.18 53.62 43.69
C LYS C 313 10.72 53.66 44.14
N VAL C 314 9.80 53.20 43.29
CA VAL C 314 8.38 53.21 43.66
C VAL C 314 8.06 52.09 44.65
N VAL C 315 8.75 50.95 44.54
CA VAL C 315 8.45 49.83 45.43
C VAL C 315 8.74 50.17 46.88
N LYS C 316 9.76 51.00 47.14
CA LYS C 316 10.09 51.37 48.51
C LYS C 316 9.05 52.31 49.09
N GLN C 317 8.44 53.17 48.27
CA GLN C 317 7.35 54.01 48.76
C GLN C 317 6.08 53.20 48.98
N LEU C 318 5.89 52.13 48.20
CA LEU C 318 4.73 51.26 48.42
C LEU C 318 4.90 50.43 49.69
N ARG C 319 6.13 50.02 49.99
CA ARG C 319 6.37 49.24 51.20
C ARG C 319 6.01 50.02 52.46
N LYS C 320 6.05 51.36 52.39
CA LYS C 320 5.65 52.17 53.53
C LYS C 320 4.18 51.97 53.87
N HIS C 321 3.36 51.63 52.88
CA HIS C 321 1.94 51.38 53.10
C HIS C 321 1.61 49.92 53.29
N PHE C 322 2.37 49.01 52.67
CA PHE C 322 2.01 47.59 52.71
C PHE C 322 3.11 46.73 53.32
N GLY C 323 3.93 47.29 54.19
CA GLY C 323 4.80 46.45 54.98
C GLY C 323 6.26 46.52 54.54
N ASN C 324 7.16 46.53 55.52
CA ASN C 324 8.59 46.47 55.28
C ASN C 324 9.03 45.01 55.15
N ASN C 325 10.00 44.78 54.26
CA ASN C 325 10.52 43.43 53.97
C ASN C 325 9.38 42.50 53.55
N THR C 326 8.63 42.93 52.54
CA THR C 326 7.59 42.12 51.93
C THR C 326 7.71 42.22 50.42
N ILE C 327 6.97 41.35 49.73
CA ILE C 327 7.04 41.23 48.28
C ILE C 327 5.75 41.76 47.67
N ILE C 328 5.89 42.50 46.57
CA ILE C 328 4.75 42.93 45.76
C ILE C 328 5.00 42.57 44.31
N ARG C 329 3.92 42.37 43.57
CA ARG C 329 3.97 41.97 42.18
C ARG C 329 3.04 42.88 41.37
N PHE C 330 3.23 42.89 40.06
CA PHE C 330 2.28 43.54 39.15
C PHE C 330 2.40 42.91 37.78
N ALA C 331 1.32 42.28 37.32
CA ALA C 331 1.24 41.72 35.99
C ALA C 331 0.60 42.73 35.04
N ASN C 332 0.20 42.28 33.87
CA ASN C 332 -0.42 43.16 32.89
C ASN C 332 -1.90 43.34 33.25
N SER C 333 -2.64 44.00 32.37
CA SER C 333 -4.04 44.33 32.64
C SER C 333 -4.88 43.07 32.80
N SER C 334 -6.06 43.24 33.38
CA SER C 334 -6.97 42.11 33.58
C SER C 334 -7.79 41.83 32.34
N GLY C 335 -8.57 42.81 31.90
CA GLY C 335 -9.41 42.64 30.73
C GLY C 335 -10.59 43.59 30.76
N GLY C 336 -11.15 43.82 29.59
CA GLY C 336 -12.28 44.71 29.45
C GLY C 336 -12.18 45.63 28.24
N ASP C 337 -12.34 46.94 28.46
CA ASP C 337 -12.32 47.89 27.37
C ASP C 337 -10.92 48.04 26.79
N LEU C 338 -10.86 48.34 25.49
CA LEU C 338 -9.58 48.58 24.84
C LEU C 338 -8.90 49.83 25.38
N GLU C 339 -9.67 50.85 25.73
CA GLU C 339 -9.09 52.07 26.27
C GLU C 339 -8.63 51.91 27.71
N VAL C 340 -9.11 50.89 28.42
CA VAL C 340 -8.71 50.66 29.81
C VAL C 340 -7.55 49.70 29.90
N THR C 341 -7.53 48.65 29.08
CA THR C 341 -6.48 47.64 29.14
C THR C 341 -5.20 48.06 28.44
N THR C 342 -5.22 49.15 27.66
CA THR C 342 -4.06 49.57 26.89
C THR C 342 -3.75 51.03 27.16
N HIS C 343 -2.46 51.33 27.24
CA HIS C 343 -1.96 52.71 27.26
C HIS C 343 -2.40 53.43 25.99
N SER C 344 -3.45 54.25 26.10
CA SER C 344 -4.01 54.96 24.96
C SER C 344 -3.66 56.44 25.06
N PHE C 345 -3.21 57.01 23.96
CA PHE C 345 -2.89 58.43 23.92
C PHE C 345 -2.89 58.90 22.47
N ASN C 346 -2.59 60.18 22.28
CA ASN C 346 -2.55 60.79 20.97
C ASN C 346 -1.16 61.36 20.71
N CYS C 347 -0.80 61.46 19.44
CA CYS C 347 0.49 62.03 19.05
C CYS C 347 0.43 62.39 17.57
N GLY C 348 0.74 63.65 17.26
CA GLY C 348 0.74 64.17 15.90
C GLY C 348 -0.63 64.21 15.26
N GLY C 349 -1.61 63.60 15.90
CA GLY C 349 -2.91 63.44 15.30
C GLY C 349 -3.35 61.99 15.31
N GLU C 350 -2.40 61.06 15.35
CA GLU C 350 -2.71 59.64 15.35
C GLU C 350 -2.84 59.15 16.78
N PHE C 351 -3.79 58.24 17.00
CA PHE C 351 -4.13 57.78 18.34
C PHE C 351 -3.53 56.39 18.55
N PHE C 352 -2.53 56.34 19.43
CA PHE C 352 -1.78 55.12 19.71
C PHE C 352 -2.39 54.38 20.89
N TYR C 353 -2.68 53.09 20.70
CA TYR C 353 -3.08 52.18 21.77
C TYR C 353 -1.98 51.14 21.90
N CYS C 354 -1.08 51.33 22.87
CA CYS C 354 0.01 50.39 23.10
C CYS C 354 -0.31 49.48 24.28
N ASN C 355 0.18 48.25 24.20
CA ASN C 355 -0.01 47.23 25.27
C ASN C 355 1.22 47.21 26.18
N THR C 356 1.03 47.54 27.46
CA THR C 356 2.12 47.55 28.42
C THR C 356 2.35 46.19 29.07
N SER C 357 2.10 45.13 28.31
CA SER C 357 2.28 43.74 28.81
C SER C 357 3.78 43.42 28.97
N GLY C 358 4.63 44.21 28.32
CA GLY C 358 6.07 44.04 28.39
C GLY C 358 6.78 44.82 29.46
N LEU C 359 6.05 45.54 30.33
CA LEU C 359 6.66 46.32 31.39
C LEU C 359 6.34 45.82 32.80
N PHE C 360 5.26 45.07 32.96
CA PHE C 360 4.78 44.64 34.28
C PHE C 360 4.88 43.12 34.37
N ASN C 361 6.10 42.62 34.59
CA ASN C 361 6.35 41.20 34.87
C ASN C 361 7.48 41.19 35.91
N SER C 362 7.12 41.44 37.17
CA SER C 362 8.13 41.68 38.18
C SER C 362 7.67 41.20 39.54
N THR C 363 8.57 40.56 40.27
CA THR C 363 8.42 40.27 41.68
C THR C 363 9.62 40.83 42.42
N TRP C 364 9.41 41.28 43.65
CA TRP C 364 10.39 42.10 44.36
C TRP C 364 10.78 41.47 45.69
N ILE C 365 12.07 41.16 45.83
CA ILE C 365 12.66 40.77 47.11
C ILE C 365 12.91 42.04 47.91
N SER C 366 13.36 41.90 49.15
CA SER C 366 13.61 43.05 50.02
C SER C 366 14.79 43.90 49.57
N ASN C 367 15.62 43.41 48.64
CA ASN C 367 16.80 44.16 48.18
C ASN C 367 16.97 44.20 46.67
N THR C 368 16.42 43.25 45.92
CA THR C 368 16.59 43.20 44.47
C THR C 368 15.29 42.71 43.84
N SER C 369 15.34 42.39 42.56
CA SER C 369 14.18 41.90 41.82
C SER C 369 14.50 40.54 41.19
N VAL C 370 13.47 39.91 40.64
CA VAL C 370 13.61 38.61 39.98
C VAL C 370 13.33 38.73 38.49
N SER C 378 21.29 42.77 30.41
CA SER C 378 21.52 43.99 29.63
C SER C 378 20.21 44.53 29.06
N ASN C 379 20.01 44.32 27.76
CA ASN C 379 18.85 44.81 27.03
C ASN C 379 18.76 46.32 27.13
N ASP C 380 19.28 47.02 26.11
CA ASP C 380 19.44 48.47 26.20
C ASP C 380 18.09 49.18 26.36
N SER C 381 17.05 48.68 25.69
CA SER C 381 15.74 49.32 25.72
C SER C 381 14.65 48.26 25.68
N ILE C 382 13.48 48.62 26.20
CA ILE C 382 12.29 47.79 26.15
C ILE C 382 11.34 48.42 25.15
N THR C 383 10.98 47.65 24.12
CA THR C 383 10.02 48.09 23.13
C THR C 383 8.63 47.56 23.47
N LEU C 384 7.62 48.33 23.09
CA LEU C 384 6.22 47.98 23.34
C LEU C 384 5.48 48.09 22.02
N PRO C 385 4.84 47.03 21.55
CA PRO C 385 4.01 47.13 20.35
C PRO C 385 2.87 48.10 20.57
N CYS C 386 2.32 48.61 19.48
CA CYS C 386 1.27 49.62 19.58
C CYS C 386 0.42 49.58 18.32
N ARG C 387 -0.88 49.41 18.49
CA ARG C 387 -1.80 49.52 17.37
C ARG C 387 -2.28 50.96 17.26
N ILE C 388 -2.90 51.29 16.13
CA ILE C 388 -3.32 52.66 15.83
C ILE C 388 -4.82 52.66 15.57
N LYS C 389 -5.51 53.69 16.06
CA LYS C 389 -6.94 53.80 15.87
C LYS C 389 -7.29 55.21 15.44
N GLN C 390 -8.20 55.33 14.48
CA GLN C 390 -8.63 56.62 13.97
C GLN C 390 -10.04 57.01 14.36
N ILE C 391 -10.93 56.05 14.57
CA ILE C 391 -12.30 56.32 14.98
C ILE C 391 -12.42 55.98 16.46
N ILE C 392 -12.83 56.97 17.26
CA ILE C 392 -12.86 56.85 18.71
C ILE C 392 -14.27 57.10 19.21
N ASN C 393 -14.73 56.26 20.14
CA ASN C 393 -15.97 56.48 20.86
C ASN C 393 -15.70 56.83 22.32
N MET C 394 -14.59 57.52 22.59
CA MET C 394 -14.24 57.92 23.94
C MET C 394 -15.21 58.95 24.51
N TRP C 395 -16.00 59.59 23.67
CA TRP C 395 -16.94 60.60 24.13
C TRP C 395 -18.02 59.96 24.99
N GLN C 396 -18.23 60.54 26.17
CA GLN C 396 -19.27 60.04 27.06
C GLN C 396 -20.65 60.18 26.44
N ARG C 397 -20.82 61.09 25.49
CA ARG C 397 -22.01 61.12 24.65
C ARG C 397 -21.87 60.04 23.58
N ILE C 398 -22.62 58.94 23.75
CA ILE C 398 -22.49 57.77 22.87
C ILE C 398 -23.30 58.00 21.60
N GLY C 399 -23.57 59.26 21.29
CA GLY C 399 -24.22 59.64 20.05
C GLY C 399 -23.30 60.20 19.00
N GLN C 400 -21.99 60.31 19.29
CA GLN C 400 -21.03 60.88 18.35
C GLN C 400 -19.71 60.14 18.47
N ALA C 401 -18.99 60.08 17.36
CA ALA C 401 -17.63 59.54 17.32
C ALA C 401 -16.83 60.35 16.31
N MET C 402 -15.51 60.40 16.53
CA MET C 402 -14.62 61.22 15.73
C MET C 402 -13.73 60.34 14.87
N TYR C 403 -13.53 60.76 13.62
CA TYR C 403 -12.60 60.14 12.70
C TYR C 403 -11.32 60.97 12.69
N ALA C 404 -10.20 60.33 13.00
CA ALA C 404 -8.92 61.03 13.00
C ALA C 404 -8.39 61.14 11.56
N PRO C 405 -8.08 62.34 11.09
CA PRO C 405 -7.56 62.46 9.73
C PRO C 405 -6.16 61.87 9.64
N PRO C 406 -5.81 61.26 8.51
CA PRO C 406 -4.49 60.64 8.38
C PRO C 406 -3.38 61.68 8.36
N ILE C 407 -2.24 61.31 8.92
CA ILE C 407 -1.07 62.16 8.99
C ILE C 407 -0.12 61.78 7.87
N GLN C 408 0.21 62.75 7.02
CA GLN C 408 1.07 62.52 5.86
C GLN C 408 2.53 62.58 6.31
N GLY C 409 3.15 61.43 6.48
CA GLY C 409 4.56 61.32 6.82
C GLY C 409 4.79 60.38 7.98
N VAL C 410 6.06 60.27 8.36
CA VAL C 410 6.46 59.43 9.49
C VAL C 410 6.22 60.21 10.78
N ILE C 411 5.92 59.48 11.85
CA ILE C 411 5.56 60.09 13.14
C ILE C 411 6.53 59.59 14.20
N ARG C 412 7.15 60.53 14.91
CA ARG C 412 8.02 60.23 16.04
C ARG C 412 7.82 61.29 17.11
N CYS C 413 7.43 60.87 18.31
CA CYS C 413 7.10 61.77 19.40
C CYS C 413 7.74 61.30 20.70
N VAL C 414 8.45 62.21 21.36
CA VAL C 414 9.10 61.92 22.63
C VAL C 414 8.25 62.50 23.75
N SER C 415 8.39 61.93 24.95
CA SER C 415 7.57 62.38 26.08
C SER C 415 8.19 61.96 27.40
N ASN C 416 7.79 62.67 28.45
CA ASN C 416 8.13 62.34 29.83
C ASN C 416 6.97 61.59 30.46
N ILE C 417 7.24 60.39 30.97
CA ILE C 417 6.29 59.65 31.77
C ILE C 417 6.47 60.09 33.22
N THR C 418 5.39 60.53 33.83
CA THR C 418 5.42 61.14 35.16
C THR C 418 4.50 60.48 36.16
N GLY C 419 3.55 59.65 35.74
CA GLY C 419 2.59 59.11 36.68
C GLY C 419 2.09 57.72 36.29
N LEU C 420 1.32 57.14 37.20
CA LEU C 420 0.80 55.79 37.07
C LEU C 420 -0.57 55.70 37.74
N ILE C 421 -1.39 54.79 37.22
CA ILE C 421 -2.72 54.49 37.77
C ILE C 421 -2.78 52.99 38.00
N LEU C 422 -2.89 52.56 39.26
CA LEU C 422 -2.84 51.14 39.60
C LEU C 422 -4.08 50.73 40.38
N THR C 423 -4.39 49.44 40.29
CA THR C 423 -5.51 48.82 41.01
C THR C 423 -5.01 47.57 41.73
N ARG C 424 -5.38 47.42 42.99
CA ARG C 424 -4.95 46.30 43.80
C ARG C 424 -5.95 45.15 43.72
N ASP C 425 -5.43 43.93 43.56
CA ASP C 425 -6.28 42.74 43.53
C ASP C 425 -6.85 42.47 44.91
N GLY C 426 -8.18 42.45 45.01
CA GLY C 426 -8.84 42.22 46.27
C GLY C 426 -8.79 40.76 46.71
N GLY C 427 -9.35 40.52 47.88
CA GLY C 427 -9.42 39.20 48.48
C GLY C 427 -8.63 39.13 49.77
N SER C 428 -8.44 37.91 50.25
CA SER C 428 -7.68 37.67 51.48
C SER C 428 -6.22 37.41 51.13
N THR C 429 -5.55 38.48 50.69
CA THR C 429 -4.16 38.43 50.28
C THR C 429 -3.24 39.12 51.29
N ASN C 430 -3.57 39.04 52.57
CA ASN C 430 -2.76 39.69 53.60
C ASN C 430 -1.46 38.93 53.82
N SER C 431 -1.55 37.65 54.18
CA SER C 431 -0.35 36.85 54.43
C SER C 431 0.50 36.70 53.18
N THR C 432 -0.13 36.72 52.00
CA THR C 432 0.60 36.61 50.75
C THR C 432 1.04 38.00 50.28
N THR C 433 1.21 38.16 48.97
CA THR C 433 1.67 39.41 48.38
C THR C 433 0.50 40.17 47.76
N GLU C 434 0.78 41.42 47.38
CA GLU C 434 -0.21 42.28 46.73
C GLU C 434 0.17 42.52 45.27
N THR C 435 -0.86 42.71 44.44
CA THR C 435 -0.70 42.90 43.02
C THR C 435 -1.28 44.26 42.62
N PHE C 436 -0.57 44.97 41.73
CA PHE C 436 -0.97 46.30 41.29
C PHE C 436 -1.07 46.30 39.77
N ARG C 437 -2.23 45.87 39.27
CA ARG C 437 -2.40 45.83 37.83
C ARG C 437 -2.75 47.22 37.29
N PRO C 438 -2.30 47.54 36.08
CA PRO C 438 -2.61 48.85 35.51
C PRO C 438 -4.09 48.99 35.19
N GLY C 439 -4.56 50.23 35.21
CA GLY C 439 -5.95 50.51 34.95
C GLY C 439 -6.17 51.96 34.60
N GLY C 440 -7.43 52.38 34.68
CA GLY C 440 -7.80 53.74 34.36
C GLY C 440 -9.28 53.90 34.07
N GLY C 441 -9.61 54.62 33.00
CA GLY C 441 -10.99 54.83 32.62
C GLY C 441 -11.49 56.22 32.90
N ASP C 442 -11.55 56.61 34.18
CA ASP C 442 -12.06 57.92 34.54
C ASP C 442 -11.04 59.00 34.19
N MET C 443 -11.49 59.99 33.40
CA MET C 443 -10.59 61.07 33.00
C MET C 443 -10.17 61.93 34.19
N ARG C 444 -11.01 62.00 35.22
CA ARG C 444 -10.72 62.86 36.36
C ARG C 444 -9.43 62.46 37.07
N ASP C 445 -9.10 61.17 37.09
CA ASP C 445 -7.85 60.73 37.69
C ASP C 445 -6.65 61.33 36.98
N ASN C 446 -6.78 61.64 35.69
CA ASN C 446 -5.70 62.28 34.96
C ASN C 446 -5.48 63.72 35.41
N TRP C 447 -6.51 64.35 36.00
CA TRP C 447 -6.40 65.74 36.42
C TRP C 447 -6.01 65.89 37.88
N ARG C 448 -6.27 64.89 38.72
CA ARG C 448 -5.90 64.99 40.12
C ARG C 448 -4.39 64.96 40.34
N SER C 449 -3.63 64.50 39.36
CA SER C 449 -2.17 64.58 39.42
C SER C 449 -1.65 65.98 39.16
N GLU C 450 -2.53 66.93 38.83
CA GLU C 450 -2.14 68.31 38.57
C GLU C 450 -2.86 69.33 39.44
N LEU C 451 -4.04 69.01 39.96
CA LEU C 451 -4.83 69.92 40.78
C LEU C 451 -4.90 69.49 42.24
N TYR C 452 -3.97 68.64 42.68
CA TYR C 452 -3.99 68.17 44.06
C TYR C 452 -3.57 69.27 45.03
N LYS C 453 -2.72 70.19 44.57
CA LYS C 453 -2.18 71.24 45.42
C LYS C 453 -3.02 72.51 45.40
N TYR C 454 -4.17 72.51 44.72
CA TYR C 454 -4.95 73.71 44.50
C TYR C 454 -6.31 73.58 45.16
N LYS C 455 -6.74 74.66 45.83
CA LYS C 455 -8.09 74.72 46.37
C LYS C 455 -8.67 76.11 46.14
N VAL C 456 -9.95 76.17 45.78
CA VAL C 456 -10.62 77.43 45.49
C VAL C 456 -11.31 77.92 46.76
N VAL C 457 -11.11 79.18 47.10
CA VAL C 457 -11.73 79.77 48.27
C VAL C 457 -12.38 81.10 47.89
N LYS C 458 -13.46 81.43 48.58
CA LYS C 458 -14.16 82.70 48.42
C LYS C 458 -13.85 83.61 49.60
N ILE C 459 -13.74 84.90 49.32
CA ILE C 459 -13.33 85.87 50.33
C ILE C 459 -14.57 86.46 50.98
N GLU C 460 -14.57 86.49 52.31
CA GLU C 460 -15.63 87.11 53.11
C GLU C 460 -14.96 88.19 53.96
N PRO C 461 -14.84 89.41 53.44
CA PRO C 461 -14.03 90.43 54.10
C PRO C 461 -14.73 91.22 55.19
N LEU C 462 -15.93 90.83 55.60
CA LEU C 462 -16.70 91.56 56.60
C LEU C 462 -16.49 90.91 57.97
N GLY C 463 -15.74 91.58 58.85
CA GLY C 463 -15.51 91.05 60.17
C GLY C 463 -15.97 92.01 61.26
N VAL C 464 -16.17 91.51 62.47
CA VAL C 464 -16.57 92.34 63.60
C VAL C 464 -15.64 92.06 64.76
N ALA C 465 -15.41 93.07 65.59
CA ALA C 465 -14.53 92.93 66.73
C ALA C 465 -14.82 94.05 67.72
N PRO C 466 -14.56 93.85 69.01
CA PRO C 466 -14.82 94.91 69.99
C PRO C 466 -13.62 95.83 70.26
N THR C 467 -13.83 97.14 70.17
CA THR C 467 -12.84 98.13 70.58
C THR C 467 -13.54 99.28 71.27
N ARG C 468 -12.75 100.12 71.93
CA ARG C 468 -13.26 101.24 72.70
C ARG C 468 -13.35 102.47 71.79
N CYS C 469 -14.58 102.90 71.49
CA CYS C 469 -14.84 104.09 70.69
C CYS C 469 -16.32 104.42 70.80
N LYS C 470 -16.66 105.65 70.45
CA LYS C 470 -18.04 106.10 70.52
C LYS C 470 -18.30 107.09 69.39
N ARG C 471 -19.51 107.05 68.85
CA ARG C 471 -19.96 107.95 67.81
C ARG C 471 -20.71 109.12 68.42
N ARG C 472 -20.90 110.17 67.61
CA ARG C 472 -21.64 111.38 67.97
C ARG C 472 -21.30 111.91 69.36
N GLN D 1 15.16 34.02 3.41
CA GLN D 1 15.74 33.85 2.07
C GLN D 1 15.14 34.86 1.08
N VAL D 2 16.00 35.63 0.43
CA VAL D 2 15.58 36.64 -0.52
C VAL D 2 15.91 36.16 -1.93
N GLN D 3 15.46 36.91 -2.94
CA GLN D 3 15.72 36.54 -4.32
C GLN D 3 15.66 37.77 -5.20
N LEU D 4 16.26 37.66 -6.38
CA LEU D 4 16.25 38.73 -7.37
C LEU D 4 15.83 38.17 -8.72
N VAL D 5 14.92 38.86 -9.41
CA VAL D 5 14.45 38.47 -10.73
C VAL D 5 14.69 39.64 -11.69
N GLN D 6 15.37 39.36 -12.80
CA GLN D 6 15.71 40.39 -13.77
C GLN D 6 14.83 40.25 -15.02
N SER D 7 15.13 41.06 -16.04
CA SER D 7 14.38 41.06 -17.28
C SER D 7 15.00 40.09 -18.29
N GLY D 8 14.47 40.07 -19.51
CA GLY D 8 15.02 39.25 -20.57
C GLY D 8 16.15 39.94 -21.32
N ALA D 9 16.76 39.20 -22.23
CA ALA D 9 17.82 39.75 -23.05
C ALA D 9 17.27 40.78 -24.04
N GLU D 10 18.12 41.74 -24.42
CA GLU D 10 17.71 42.79 -25.34
C GLU D 10 18.85 43.16 -26.26
N VAL D 11 18.49 43.65 -27.44
CA VAL D 11 19.43 44.12 -28.45
C VAL D 11 19.10 45.58 -28.74
N ARG D 12 20.10 46.44 -28.58
CA ARG D 12 19.93 47.87 -28.79
C ARG D 12 20.94 48.37 -29.80
N LYS D 13 20.55 49.40 -30.55
CA LYS D 13 21.43 50.01 -31.52
C LYS D 13 22.50 50.84 -30.81
N PRO D 14 23.67 51.00 -31.43
CA PRO D 14 24.72 51.82 -30.81
C PRO D 14 24.31 53.27 -30.71
N GLY D 15 24.59 53.87 -29.55
CA GLY D 15 24.23 55.25 -29.31
C GLY D 15 22.91 55.46 -28.60
N SER D 16 22.05 54.43 -28.54
CA SER D 16 20.75 54.55 -27.89
C SER D 16 20.83 54.28 -26.39
N SER D 17 19.69 53.98 -25.77
CA SER D 17 19.65 53.70 -24.36
C SER D 17 18.95 52.38 -24.09
N VAL D 18 19.28 51.79 -22.95
CA VAL D 18 18.74 50.50 -22.56
C VAL D 18 18.29 50.58 -21.11
N THR D 19 17.20 49.89 -20.81
CA THR D 19 16.59 49.90 -19.49
C THR D 19 16.41 48.47 -19.01
N ILE D 20 17.00 48.16 -17.85
CA ILE D 20 16.96 46.82 -17.26
C ILE D 20 16.30 46.91 -15.89
N SER D 21 15.39 45.99 -15.63
CA SER D 21 14.66 45.93 -14.35
C SER D 21 15.25 44.86 -13.45
N CYS D 22 15.02 45.02 -12.14
CA CYS D 22 15.43 44.04 -11.13
C CYS D 22 14.46 44.13 -9.97
N LYS D 23 13.72 43.05 -9.73
CA LYS D 23 12.74 43.01 -8.65
C LYS D 23 13.16 42.01 -7.59
N PRO D 24 13.22 42.42 -6.32
CA PRO D 24 13.44 41.46 -5.24
C PRO D 24 12.18 40.70 -4.89
N VAL D 25 12.38 39.53 -4.28
CA VAL D 25 11.32 38.63 -3.89
C VAL D 25 11.63 38.11 -2.50
N GLY D 26 10.78 38.46 -1.52
CA GLY D 26 10.88 37.96 -0.17
C GLY D 26 12.00 38.55 0.67
N GLY D 27 12.00 39.87 0.85
CA GLY D 27 13.04 40.49 1.65
C GLY D 27 12.80 41.97 1.83
N THR D 28 13.67 42.59 2.63
CA THR D 28 13.60 44.03 2.83
C THR D 28 14.01 44.76 1.56
N PHE D 29 13.46 45.97 1.40
CA PHE D 29 13.63 46.75 0.18
C PHE D 29 14.60 47.92 0.35
N THR D 30 14.38 48.79 1.33
CA THR D 30 15.12 50.03 1.42
C THR D 30 16.39 49.93 2.26
N ASN D 31 16.64 48.79 2.91
CA ASN D 31 17.80 48.66 3.77
C ASN D 31 19.08 48.54 2.95
N PHE D 32 19.38 47.33 2.49
CA PHE D 32 20.63 47.10 1.78
C PHE D 32 20.57 47.68 0.37
N ALA D 33 21.74 48.00 -0.18
CA ALA D 33 21.85 48.66 -1.47
C ALA D 33 21.88 47.65 -2.59
N ILE D 34 21.37 48.07 -3.75
CA ILE D 34 21.38 47.28 -4.97
C ILE D 34 22.57 47.74 -5.81
N HIS D 35 23.47 46.81 -6.13
CA HIS D 35 24.59 47.10 -6.99
C HIS D 35 24.40 46.42 -8.34
N TRP D 36 25.16 46.88 -9.33
CA TRP D 36 25.11 46.31 -10.67
C TRP D 36 26.53 45.95 -11.08
N VAL D 37 26.74 44.67 -11.41
CA VAL D 37 28.06 44.17 -11.80
C VAL D 37 27.94 43.61 -13.21
N ARG D 38 28.69 44.18 -14.14
CA ARG D 38 28.60 43.76 -15.53
C ARG D 38 29.81 42.93 -15.93
N GLN D 39 29.62 42.10 -16.95
CA GLN D 39 30.67 41.24 -17.48
C GLN D 39 30.62 41.33 -19.00
N ALA D 40 31.63 41.94 -19.60
CA ALA D 40 31.76 41.94 -21.04
C ALA D 40 32.14 40.54 -21.52
N PRO D 41 31.78 40.19 -22.76
CA PRO D 41 32.03 38.81 -23.22
C PRO D 41 33.51 38.45 -23.26
N GLY D 42 33.97 37.76 -22.21
CA GLY D 42 35.32 37.25 -22.15
C GLY D 42 36.27 37.99 -21.22
N GLN D 43 35.80 39.02 -20.52
CA GLN D 43 36.63 39.81 -19.61
C GLN D 43 36.18 39.61 -18.18
N GLY D 44 36.90 40.26 -17.26
CA GLY D 44 36.59 40.14 -15.85
C GLY D 44 35.37 40.93 -15.43
N LEU D 45 35.00 40.77 -14.17
CA LEU D 45 33.83 41.47 -13.63
C LEU D 45 34.12 42.95 -13.47
N GLU D 46 33.10 43.77 -13.73
CA GLU D 46 33.20 45.22 -13.62
C GLU D 46 32.00 45.75 -12.86
N TRP D 47 32.24 46.60 -11.88
CA TRP D 47 31.17 47.20 -11.10
C TRP D 47 30.62 48.41 -11.84
N VAL D 48 29.29 48.44 -12.03
CA VAL D 48 28.64 49.52 -12.77
C VAL D 48 28.31 50.65 -11.81
N GLY D 49 27.39 50.39 -10.88
CA GLY D 49 27.01 51.39 -9.90
C GLY D 49 26.37 50.73 -8.69
N GLY D 50 26.05 51.57 -7.71
CA GLY D 50 25.34 51.12 -6.53
C GLY D 50 24.33 52.16 -6.11
N ARG D 51 23.23 51.70 -5.52
CA ARG D 51 22.15 52.60 -5.14
C ARG D 51 21.24 51.94 -4.13
N VAL D 52 21.05 52.61 -2.99
CA VAL D 52 19.96 52.24 -2.08
C VAL D 52 18.64 52.65 -2.73
N PRO D 53 17.63 51.77 -2.76
CA PRO D 53 16.41 52.06 -3.54
C PRO D 53 15.74 53.38 -3.20
N VAL D 54 15.09 53.46 -2.04
CA VAL D 54 14.28 54.62 -1.72
C VAL D 54 15.08 55.73 -1.05
N VAL D 55 16.15 55.40 -0.33
CA VAL D 55 16.88 56.40 0.44
C VAL D 55 17.61 57.37 -0.48
N GLY D 56 18.21 56.86 -1.56
CA GLY D 56 18.90 57.69 -2.51
C GLY D 56 20.41 57.75 -2.37
N ILE D 57 20.99 57.02 -1.43
CA ILE D 57 22.45 56.93 -1.33
C ILE D 57 22.96 56.11 -2.52
N TYR D 58 23.44 56.80 -3.55
CA TYR D 58 23.86 56.15 -4.79
C TYR D 58 25.22 56.68 -5.22
N LYS D 59 25.86 55.91 -6.09
CA LYS D 59 27.13 56.31 -6.71
C LYS D 59 27.44 55.42 -7.90
N TYR D 60 27.81 56.04 -9.02
CA TYR D 60 28.12 55.33 -10.26
C TYR D 60 29.63 55.14 -10.41
N GLY D 61 30.00 54.38 -11.43
CA GLY D 61 31.40 54.21 -11.75
C GLY D 61 31.98 55.42 -12.45
N LYS D 62 33.29 55.59 -12.31
CA LYS D 62 33.97 56.71 -12.98
C LYS D 62 33.79 56.65 -14.49
N LYS D 63 33.65 55.44 -15.03
CA LYS D 63 33.49 55.25 -16.47
C LYS D 63 32.07 55.52 -16.95
N PHE D 64 31.09 55.64 -16.03
CA PHE D 64 29.68 55.67 -16.39
C PHE D 64 29.01 56.98 -16.02
N HIS D 65 29.77 58.08 -16.01
CA HIS D 65 29.18 59.40 -15.83
C HIS D 65 28.59 59.90 -17.15
N ASP D 66 27.51 60.67 -17.03
CA ASP D 66 26.76 61.23 -18.15
C ASP D 66 26.15 60.15 -19.04
N ARG D 67 26.18 58.89 -18.62
CA ARG D 67 25.56 57.81 -19.38
C ARG D 67 24.76 56.83 -18.53
N LEU D 68 24.96 56.78 -17.21
CA LEU D 68 24.28 55.85 -16.35
C LEU D 68 23.24 56.57 -15.51
N ARG D 69 22.11 55.91 -15.27
CA ARG D 69 21.06 56.47 -14.43
C ARG D 69 20.32 55.33 -13.73
N LEU D 70 20.39 55.31 -12.41
CA LEU D 70 19.75 54.29 -11.60
C LEU D 70 18.54 54.90 -10.89
N TYR D 71 17.38 54.28 -11.07
CA TYR D 71 16.16 54.74 -10.39
C TYR D 71 15.39 53.52 -9.91
N GLU D 72 14.18 53.74 -9.40
CA GLU D 72 13.39 52.64 -8.86
C GLU D 72 11.92 52.99 -8.92
N ASP D 73 11.09 52.01 -8.56
CA ASP D 73 9.64 52.17 -8.52
C ASP D 73 9.12 51.28 -7.40
N ASP D 74 8.69 51.91 -6.30
CA ASP D 74 8.22 51.21 -5.11
C ASP D 74 6.82 50.63 -5.25
N PRO D 75 5.88 51.26 -5.98
CA PRO D 75 4.61 50.57 -6.25
C PRO D 75 4.79 49.19 -6.85
N MET D 76 5.80 49.00 -7.69
CA MET D 76 6.16 47.70 -8.22
C MET D 76 7.29 47.02 -7.46
N LYS D 77 7.99 47.76 -6.59
CA LYS D 77 9.13 47.24 -5.83
C LYS D 77 10.21 46.71 -6.77
N THR D 78 10.64 47.55 -7.71
CA THR D 78 11.58 47.14 -8.74
C THR D 78 12.55 48.28 -9.04
N VAL D 79 13.84 47.98 -9.05
CA VAL D 79 14.86 48.96 -9.41
C VAL D 79 15.13 48.87 -10.90
N PHE D 80 15.73 49.92 -11.46
CA PHE D 80 15.94 50.04 -12.90
C PHE D 80 17.28 50.70 -13.16
N LEU D 81 18.03 50.11 -14.09
CA LEU D 81 19.27 50.66 -14.61
C LEU D 81 19.02 51.17 -16.02
N GLU D 82 19.56 52.35 -16.32
CA GLU D 82 19.43 52.97 -17.64
C GLU D 82 20.82 53.32 -18.13
N LEU D 83 21.19 52.83 -19.30
CA LEU D 83 22.49 53.08 -19.89
C LEU D 83 22.33 53.75 -21.24
N ARG D 84 22.88 54.94 -21.40
CA ARG D 84 22.78 55.72 -22.62
C ARG D 84 24.12 55.72 -23.35
N SER D 85 24.06 56.15 -24.61
CA SER D 85 25.23 56.20 -25.50
C SER D 85 25.95 54.85 -25.52
N LEU D 86 25.24 53.87 -26.06
CA LEU D 86 25.74 52.50 -26.10
C LEU D 86 26.74 52.32 -27.23
N THR D 87 27.85 51.66 -26.92
CA THR D 87 28.84 51.24 -27.89
C THR D 87 28.96 49.72 -27.85
N SER D 88 29.83 49.18 -28.70
CA SER D 88 30.07 47.75 -28.66
C SER D 88 30.77 47.31 -27.39
N ASP D 89 31.34 48.25 -26.63
CA ASP D 89 32.00 47.92 -25.37
C ASP D 89 30.99 47.56 -24.29
N ASP D 90 29.83 48.20 -24.29
CA ASP D 90 28.82 47.97 -23.27
C ASP D 90 28.04 46.67 -23.48
N THR D 91 28.33 45.93 -24.56
CA THR D 91 27.71 44.63 -24.76
C THR D 91 28.19 43.65 -23.72
N GLY D 92 27.28 42.86 -23.17
CA GLY D 92 27.69 41.85 -22.19
C GLY D 92 26.50 41.34 -21.41
N VAL D 93 26.79 40.90 -20.18
CA VAL D 93 25.79 40.36 -19.27
C VAL D 93 25.83 41.16 -17.98
N TYR D 94 24.70 41.73 -17.59
CA TYR D 94 24.60 42.56 -16.40
C TYR D 94 23.93 41.76 -15.28
N TYR D 95 24.45 41.91 -14.06
CA TYR D 95 23.97 41.19 -12.89
C TYR D 95 23.49 42.18 -11.84
N CYS D 96 22.29 41.94 -11.31
CA CYS D 96 21.75 42.69 -10.19
C CYS D 96 22.17 42.00 -8.90
N THR D 97 22.92 42.71 -8.06
CA THR D 97 23.53 42.13 -6.88
C THR D 97 23.05 42.83 -5.61
N ARG D 98 23.02 42.08 -4.51
CA ARG D 98 22.49 42.56 -3.25
C ARG D 98 22.98 41.65 -2.13
N TRP D 99 23.13 42.23 -0.94
CA TRP D 99 23.46 41.51 0.27
C TRP D 99 22.20 41.16 1.04
N ARG D 100 22.25 40.06 1.79
CA ARG D 100 21.15 39.65 2.65
C ARG D 100 21.68 39.29 4.03
N GLY D 101 20.89 39.60 5.05
CA GLY D 101 21.27 39.30 6.42
C GLY D 101 20.09 39.15 7.36
N TYR D 107 13.44 45.90 12.98
CA TYR D 107 13.40 47.26 13.52
C TYR D 107 14.54 48.11 12.97
N ASP D 108 15.43 47.48 12.23
CA ASP D 108 16.56 48.18 11.63
C ASP D 108 16.06 49.01 10.45
N THR D 109 16.04 50.34 10.64
CA THR D 109 15.58 51.25 9.59
C THR D 109 16.72 51.99 8.92
N SER D 110 17.98 51.69 9.29
CA SER D 110 19.12 52.36 8.68
C SER D 110 19.32 51.84 7.25
N SER D 111 20.37 52.35 6.59
CA SER D 111 20.66 52.00 5.21
C SER D 111 22.11 51.61 5.07
N TYR D 112 22.36 50.50 4.37
CA TYR D 112 23.71 50.00 4.13
C TYR D 112 24.04 50.11 2.65
N TYR D 113 25.28 50.52 2.37
CA TYR D 113 25.75 50.65 1.01
C TYR D 113 27.07 49.91 0.87
N ASN D 114 27.80 49.79 2.00
CA ASN D 114 29.10 49.14 2.02
C ASN D 114 28.94 47.70 2.51
N ASP D 115 28.49 46.84 1.61
CA ASP D 115 28.34 45.42 1.90
C ASP D 115 28.47 44.63 0.61
N ALA D 116 28.89 43.37 0.74
CA ALA D 116 29.15 42.52 -0.43
C ALA D 116 27.86 42.09 -1.12
N SER D 117 27.91 40.97 -1.85
CA SER D 117 26.75 40.54 -2.64
C SER D 117 26.78 39.02 -2.72
N ASP D 118 25.93 38.37 -1.91
CA ASP D 118 25.73 36.93 -2.00
C ASP D 118 24.52 36.56 -2.85
N VAL D 119 23.60 37.50 -3.08
CA VAL D 119 22.40 37.26 -3.87
C VAL D 119 22.62 37.87 -5.24
N TRP D 120 22.63 37.03 -6.26
CA TRP D 120 22.91 37.44 -7.63
C TRP D 120 21.73 37.10 -8.52
N GLY D 121 21.40 38.01 -9.43
CA GLY D 121 20.35 37.78 -10.40
C GLY D 121 20.81 36.84 -11.50
N PRO D 122 19.84 36.25 -12.22
CA PRO D 122 20.22 35.35 -13.32
C PRO D 122 21.03 36.04 -14.41
N GLY D 123 20.86 37.33 -14.58
CA GLY D 123 21.62 38.07 -15.57
C GLY D 123 20.74 38.55 -16.71
N THR D 124 21.16 39.64 -17.34
CA THR D 124 20.47 40.21 -18.49
C THR D 124 21.49 40.45 -19.59
N LYS D 125 21.22 39.89 -20.77
CA LYS D 125 22.15 39.95 -21.89
C LYS D 125 21.83 41.16 -22.76
N VAL D 126 22.72 42.15 -22.76
CA VAL D 126 22.56 43.36 -23.56
C VAL D 126 23.51 43.26 -24.75
N ILE D 127 22.95 43.30 -25.95
CA ILE D 127 23.73 43.19 -27.18
C ILE D 127 23.62 44.50 -27.93
N VAL D 128 24.76 45.15 -28.14
CA VAL D 128 24.82 46.40 -28.91
C VAL D 128 25.34 46.05 -30.29
N SER D 129 24.45 46.06 -31.28
CA SER D 129 24.80 45.68 -32.64
C SER D 129 23.76 46.25 -33.60
N ALA D 130 24.23 47.00 -34.60
CA ALA D 130 23.34 47.63 -35.58
C ALA D 130 23.15 46.69 -36.75
N ALA D 131 22.24 45.73 -36.57
CA ALA D 131 21.91 44.76 -37.61
C ALA D 131 20.55 44.17 -37.29
N SER D 132 20.11 43.24 -38.14
CA SER D 132 18.83 42.59 -37.99
C SER D 132 19.03 41.08 -38.07
N THR D 133 17.93 40.34 -37.91
CA THR D 133 17.97 38.88 -37.95
C THR D 133 18.46 38.40 -39.31
N LYS D 134 19.75 38.09 -39.41
CA LYS D 134 20.38 37.69 -40.67
C LYS D 134 20.83 36.23 -40.57
N GLY D 135 20.62 35.49 -41.65
CA GLY D 135 21.04 34.12 -41.71
C GLY D 135 22.55 33.99 -41.86
N PRO D 136 23.08 32.82 -41.55
CA PRO D 136 24.54 32.62 -41.62
C PRO D 136 25.00 32.47 -43.06
N SER D 137 26.33 32.44 -43.20
CA SER D 137 26.99 32.22 -44.50
C SER D 137 28.14 31.24 -44.24
N VAL D 138 27.85 29.95 -44.37
CA VAL D 138 28.82 28.92 -44.04
C VAL D 138 29.89 28.84 -45.14
N PHE D 139 31.15 28.83 -44.74
CA PHE D 139 32.27 28.70 -45.67
C PHE D 139 33.14 27.51 -45.27
N PRO D 140 33.61 26.73 -46.24
CA PRO D 140 34.40 25.54 -45.91
C PRO D 140 35.82 25.90 -45.46
N LEU D 141 36.40 25.01 -44.67
CA LEU D 141 37.80 25.07 -44.27
C LEU D 141 38.35 23.67 -44.59
N ALA D 142 38.92 23.52 -45.79
CA ALA D 142 39.27 22.23 -46.35
C ALA D 142 40.62 21.75 -45.83
N PRO D 143 40.81 20.43 -45.76
CA PRO D 143 42.13 19.90 -45.39
C PRO D 143 43.06 19.85 -46.59
N SER D 144 44.34 19.67 -46.30
CA SER D 144 45.36 19.63 -47.35
C SER D 144 46.62 19.02 -46.76
N SER D 145 47.75 19.20 -47.45
CA SER D 145 49.04 18.79 -46.89
C SER D 145 49.48 19.74 -45.78
N LYS D 146 49.00 20.98 -45.81
CA LYS D 146 49.31 21.97 -44.78
C LYS D 146 48.21 22.04 -43.74
N SER D 149 48.22 15.98 -41.15
CA SER D 149 49.67 16.02 -40.96
C SER D 149 50.16 14.84 -40.14
N GLY D 150 50.75 13.86 -40.81
CA GLY D 150 51.28 12.70 -40.13
C GLY D 150 50.26 11.67 -39.72
N GLY D 151 49.26 11.41 -40.57
CA GLY D 151 48.25 10.42 -40.25
C GLY D 151 46.88 11.00 -39.97
N THR D 152 46.83 12.16 -39.31
CA THR D 152 45.58 12.81 -38.96
C THR D 152 45.57 14.24 -39.47
N ALA D 153 44.53 14.58 -40.23
CA ALA D 153 44.29 15.93 -40.73
C ALA D 153 43.04 16.50 -40.07
N ALA D 154 42.71 17.73 -40.42
CA ALA D 154 41.55 18.41 -39.84
C ALA D 154 40.84 19.23 -40.91
N LEU D 155 39.53 19.41 -40.70
CA LEU D 155 38.70 20.16 -41.62
C LEU D 155 37.49 20.69 -40.86
N GLY D 156 36.90 21.76 -41.38
CA GLY D 156 35.79 22.35 -40.66
C GLY D 156 34.93 23.26 -41.50
N CYS D 157 34.01 23.95 -40.81
CA CYS D 157 33.16 24.96 -41.40
C CYS D 157 33.30 26.25 -40.59
N LEU D 158 32.99 27.37 -41.25
CA LEU D 158 33.08 28.70 -40.64
C LEU D 158 31.75 29.40 -40.84
N VAL D 159 31.05 29.67 -39.73
CA VAL D 159 29.80 30.41 -39.75
C VAL D 159 30.12 31.88 -39.55
N LYS D 160 29.52 32.74 -40.36
CA LYS D 160 29.87 34.15 -40.36
C LYS D 160 28.65 34.97 -40.70
N ASP D 161 28.54 36.15 -40.05
CA ASP D 161 27.49 37.12 -40.38
C ASP D 161 26.09 36.56 -40.13
N TYR D 162 25.70 36.48 -38.86
CA TYR D 162 24.35 36.07 -38.48
C TYR D 162 24.00 36.79 -37.17
N PHE D 163 22.96 36.30 -36.48
CA PHE D 163 22.46 37.02 -35.32
C PHE D 163 21.66 36.06 -34.42
N PRO D 164 20.77 36.54 -33.47
CA PRO D 164 20.52 35.78 -32.23
C PRO D 164 21.55 34.78 -31.70
N GLU D 165 22.27 34.07 -32.57
CA GLU D 165 23.31 33.07 -32.33
C GLU D 165 22.88 31.87 -31.49
N PRO D 166 21.70 31.26 -31.72
CA PRO D 166 21.45 29.95 -31.12
C PRO D 166 21.79 28.83 -32.11
N VAL D 167 22.68 29.15 -33.06
CA VAL D 167 22.96 28.23 -34.15
C VAL D 167 23.55 26.92 -33.61
N THR D 168 23.11 25.82 -34.18
CA THR D 168 23.64 24.50 -33.86
C THR D 168 24.36 23.93 -35.07
N VAL D 169 25.50 23.29 -34.83
CA VAL D 169 26.32 22.72 -35.89
C VAL D 169 26.54 21.25 -35.60
N SER D 170 26.10 20.39 -36.52
CA SER D 170 26.34 18.96 -36.42
C SER D 170 27.15 18.50 -37.63
N TRP D 171 27.74 17.32 -37.49
CA TRP D 171 28.58 16.73 -38.53
C TRP D 171 27.95 15.43 -39.00
N ASN D 172 27.62 15.37 -40.30
CA ASN D 172 26.97 14.21 -40.91
C ASN D 172 25.69 13.85 -40.16
N SER D 173 24.90 14.88 -39.84
CA SER D 173 23.61 14.73 -39.17
C SER D 173 23.74 13.86 -37.90
N GLY D 174 24.56 14.35 -36.98
CA GLY D 174 24.77 13.67 -35.71
C GLY D 174 25.56 12.38 -35.78
N ALA D 175 26.05 11.99 -36.97
CA ALA D 175 26.82 10.76 -37.07
C ALA D 175 28.23 10.94 -36.53
N LEU D 176 28.88 12.03 -36.89
CA LEU D 176 30.24 12.32 -36.46
C LEU D 176 30.17 13.18 -35.19
N THR D 177 30.64 12.63 -34.08
CA THR D 177 30.57 13.31 -32.78
C THR D 177 31.93 13.49 -32.13
N SER D 178 32.74 12.45 -32.09
CA SER D 178 34.06 12.55 -31.46
C SER D 178 35.01 13.36 -32.33
N GLY D 179 35.88 14.12 -31.69
CA GLY D 179 36.81 14.97 -32.39
C GLY D 179 36.25 16.30 -32.85
N VAL D 180 34.96 16.55 -32.66
CA VAL D 180 34.35 17.81 -33.05
C VAL D 180 34.54 18.84 -31.95
N HIS D 181 35.09 20.00 -32.32
CA HIS D 181 35.32 21.11 -31.39
C HIS D 181 34.63 22.35 -31.95
N THR D 182 33.44 22.65 -31.44
CA THR D 182 32.70 23.84 -31.86
C THR D 182 33.05 24.99 -30.91
N PHE D 183 33.66 26.04 -31.45
CA PHE D 183 34.14 27.12 -30.61
C PHE D 183 33.05 28.16 -30.35
N PRO D 184 33.12 28.86 -29.22
CA PRO D 184 32.09 29.84 -28.89
C PRO D 184 32.04 30.97 -29.91
N ALA D 185 30.84 31.55 -30.07
CA ALA D 185 30.64 32.61 -31.04
C ALA D 185 31.28 33.91 -30.56
N VAL D 186 31.87 34.65 -31.49
CA VAL D 186 32.48 35.93 -31.21
C VAL D 186 31.73 37.02 -31.97
N LEU D 187 31.68 38.21 -31.37
CA LEU D 187 30.97 39.34 -31.95
C LEU D 187 31.97 40.18 -32.75
N GLN D 188 31.79 40.20 -34.07
CA GLN D 188 32.67 40.98 -34.93
C GLN D 188 32.45 42.48 -34.70
N SER D 189 33.40 43.27 -35.18
CA SER D 189 33.30 44.72 -35.03
C SER D 189 32.16 45.31 -35.86
N SER D 190 31.70 44.60 -36.88
CA SER D 190 30.58 45.06 -37.68
C SER D 190 29.23 44.88 -37.00
N GLY D 191 29.17 44.02 -35.98
CA GLY D 191 27.93 43.76 -35.28
C GLY D 191 27.25 42.44 -35.63
N LEU D 192 27.98 41.48 -36.18
CA LEU D 192 27.43 40.19 -36.56
C LEU D 192 28.29 39.08 -35.97
N TYR D 193 27.63 38.00 -35.56
CA TYR D 193 28.29 36.88 -34.92
C TYR D 193 29.04 36.03 -35.95
N SER D 194 30.05 35.31 -35.46
CA SER D 194 30.83 34.40 -36.29
C SER D 194 31.53 33.39 -35.39
N LEU D 195 31.66 32.17 -35.89
CA LEU D 195 32.37 31.10 -35.20
C LEU D 195 32.90 30.12 -36.23
N SER D 196 33.56 29.08 -35.75
CA SER D 196 34.07 28.04 -36.63
C SER D 196 34.10 26.72 -35.87
N SER D 197 33.71 25.64 -36.54
CA SER D 197 33.67 24.31 -35.95
C SER D 197 34.50 23.37 -36.81
N VAL D 198 35.48 22.71 -36.20
CA VAL D 198 36.42 21.86 -36.91
C VAL D 198 36.36 20.44 -36.34
N VAL D 199 37.07 19.53 -37.01
CA VAL D 199 37.12 18.14 -36.59
C VAL D 199 38.35 17.49 -37.22
N THR D 200 38.92 16.51 -36.53
CA THR D 200 40.11 15.80 -36.98
C THR D 200 39.74 14.40 -37.43
N VAL D 201 40.27 14.00 -38.58
CA VAL D 201 40.01 12.68 -39.16
C VAL D 201 41.34 12.04 -39.54
N PRO D 202 41.36 10.73 -39.76
CA PRO D 202 42.56 10.11 -40.34
C PRO D 202 42.70 10.46 -41.81
N SER D 203 43.93 10.76 -42.21
CA SER D 203 44.20 11.20 -43.58
C SER D 203 43.88 10.14 -44.63
N SER D 204 43.68 8.89 -44.23
CA SER D 204 43.34 7.85 -45.18
C SER D 204 41.93 7.98 -45.71
N SER D 205 41.06 8.72 -45.03
CA SER D 205 39.67 8.88 -45.43
C SER D 205 39.36 10.33 -45.82
N LEU D 206 40.30 10.98 -46.50
CA LEU D 206 40.04 12.33 -47.00
C LEU D 206 39.17 12.29 -48.25
N GLY D 207 39.62 11.58 -49.28
CA GLY D 207 38.87 11.39 -50.50
C GLY D 207 37.92 10.22 -50.49
N THR D 208 37.83 9.49 -49.37
CA THR D 208 36.96 8.34 -49.25
C THR D 208 35.63 8.68 -48.58
N GLN D 209 35.68 9.14 -47.34
CA GLN D 209 34.47 9.43 -46.57
C GLN D 209 34.00 10.85 -46.85
N THR D 210 32.72 11.00 -47.19
CA THR D 210 32.15 12.31 -47.48
C THR D 210 31.87 13.05 -46.18
N TYR D 211 32.27 14.32 -46.13
CA TYR D 211 32.14 15.15 -44.93
C TYR D 211 31.37 16.41 -45.26
N ILE D 212 30.20 16.57 -44.64
CA ILE D 212 29.37 17.75 -44.83
C ILE D 212 28.97 18.28 -43.46
N CYS D 213 28.81 19.60 -43.39
CA CYS D 213 28.35 20.26 -42.17
C CYS D 213 26.83 20.34 -42.16
N ASN D 214 26.28 20.63 -40.99
CA ASN D 214 24.85 20.87 -40.84
C ASN D 214 24.68 22.04 -39.88
N VAL D 215 24.45 23.23 -40.42
CA VAL D 215 24.30 24.45 -39.63
C VAL D 215 22.82 24.82 -39.62
N ASN D 216 22.25 24.92 -38.42
CA ASN D 216 20.84 25.25 -38.23
C ASN D 216 20.75 26.53 -37.42
N HIS D 217 20.24 27.59 -38.05
CA HIS D 217 19.95 28.87 -37.41
C HIS D 217 18.44 28.98 -37.28
N LYS D 218 17.93 28.95 -36.05
CA LYS D 218 16.50 28.79 -35.81
C LYS D 218 15.69 30.06 -36.05
N PRO D 219 16.12 31.24 -35.56
CA PRO D 219 15.30 32.44 -35.81
C PRO D 219 15.12 32.76 -37.29
N SER D 220 16.20 32.74 -38.07
CA SER D 220 16.11 33.01 -39.50
C SER D 220 15.60 31.81 -40.30
N ASN D 221 15.42 30.67 -39.65
CA ASN D 221 14.95 29.43 -40.31
C ASN D 221 15.87 29.05 -41.47
N THR D 222 17.16 28.94 -41.17
CA THR D 222 18.17 28.61 -42.17
C THR D 222 18.80 27.27 -41.83
N LYS D 223 18.87 26.37 -42.81
CA LYS D 223 19.55 25.10 -42.66
C LYS D 223 20.49 24.91 -43.83
N VAL D 224 21.79 24.90 -43.55
CA VAL D 224 22.83 24.84 -44.56
C VAL D 224 23.59 23.53 -44.40
N ASP D 225 23.78 22.83 -45.52
CA ASP D 225 24.58 21.60 -45.58
C ASP D 225 25.66 21.80 -46.62
N LYS D 226 26.86 22.21 -46.17
CA LYS D 226 27.97 22.49 -47.06
C LYS D 226 28.98 21.35 -47.04
N LYS D 227 29.50 21.01 -48.21
CA LYS D 227 30.46 19.92 -48.34
C LYS D 227 31.89 20.45 -48.26
N VAL D 228 32.76 19.69 -47.60
CA VAL D 228 34.16 20.05 -47.42
C VAL D 228 34.98 19.24 -48.42
N GLU D 229 35.50 19.90 -49.45
CA GLU D 229 36.25 19.24 -50.51
C GLU D 229 37.68 19.78 -50.55
N PRO D 230 38.70 18.93 -50.42
CA PRO D 230 40.08 19.44 -50.43
C PRO D 230 40.52 19.90 -51.81
N LYS D 231 41.56 20.74 -51.82
CA LYS D 231 42.13 21.26 -53.06
C LYS D 231 43.64 21.07 -53.05
N SER D 232 44.23 21.14 -51.86
CA SER D 232 45.64 20.87 -51.58
C SER D 232 46.61 21.90 -52.17
N CYS D 233 46.09 23.02 -52.67
CA CYS D 233 46.92 24.11 -53.19
C CYS D 233 47.85 23.64 -54.31
N GLU E 1 41.53 55.18 -5.11
CA GLU E 1 40.83 53.94 -5.41
C GLU E 1 41.44 52.77 -4.64
N ILE E 2 40.70 51.66 -4.58
CA ILE E 2 41.19 50.42 -3.97
C ILE E 2 41.02 49.30 -4.98
N VAL E 3 42.14 48.72 -5.43
CA VAL E 3 42.13 47.68 -6.44
C VAL E 3 42.79 46.43 -5.86
N LEU E 4 42.30 45.27 -6.31
CA LEU E 4 42.78 43.98 -5.84
C LEU E 4 43.52 43.24 -6.95
N THR E 5 44.47 42.40 -6.55
CA THR E 5 45.24 41.59 -7.48
C THR E 5 45.26 40.15 -6.99
N GLN E 6 45.20 39.20 -7.92
CA GLN E 6 45.25 37.79 -7.59
C GLN E 6 46.47 37.16 -8.24
N SER E 7 47.25 36.43 -7.45
CA SER E 7 48.58 35.98 -7.88
C SER E 7 48.53 34.66 -8.65
N PRO E 8 48.04 33.55 -8.06
CA PRO E 8 48.25 32.25 -8.75
C PRO E 8 47.26 32.02 -9.89
N VAL E 9 47.43 32.82 -10.97
CA VAL E 9 46.54 32.91 -12.13
C VAL E 9 45.85 31.59 -12.44
N THR E 10 46.64 30.55 -12.71
CA THR E 10 46.12 29.21 -12.93
C THR E 10 46.81 28.25 -11.97
N LEU E 11 46.04 27.66 -11.06
CA LEU E 11 46.55 26.80 -10.01
C LEU E 11 46.03 25.40 -10.25
N SER E 12 46.93 24.47 -10.56
CA SER E 12 46.57 23.10 -10.87
C SER E 12 46.51 22.26 -9.59
N LEU E 13 45.43 21.48 -9.43
CA LEU E 13 45.26 20.64 -8.27
C LEU E 13 44.59 19.33 -8.65
N SER E 14 45.07 18.23 -8.09
CA SER E 14 44.45 16.93 -8.24
C SER E 14 43.50 16.67 -7.07
N SER E 15 42.99 15.45 -6.97
CA SER E 15 42.10 15.09 -5.87
C SER E 15 42.89 14.97 -4.58
N GLY E 16 42.38 15.60 -3.52
CA GLY E 16 43.07 15.61 -2.23
C GLY E 16 44.18 16.62 -2.10
N GLU E 17 44.65 17.21 -3.20
CA GLU E 17 45.73 18.18 -3.15
C GLU E 17 45.25 19.47 -2.50
N THR E 18 46.20 20.19 -1.90
CA THR E 18 45.92 21.40 -1.15
C THR E 18 46.48 22.60 -1.89
N GLY E 19 45.65 23.65 -2.03
CA GLY E 19 46.07 24.86 -2.71
C GLY E 19 45.81 26.08 -1.87
N THR E 20 46.41 27.19 -2.31
CA THR E 20 46.30 28.46 -1.59
C THR E 20 46.27 29.60 -2.60
N LEU E 21 45.11 30.23 -2.75
CA LEU E 21 44.98 31.39 -3.62
C LEU E 21 45.26 32.66 -2.83
N SER E 22 45.73 33.69 -3.52
CA SER E 22 46.12 34.93 -2.88
C SER E 22 45.36 36.11 -3.47
N CYS E 23 45.19 37.15 -2.64
CA CYS E 23 44.47 38.35 -3.03
C CYS E 23 45.13 39.54 -2.32
N ARG E 24 46.01 40.23 -3.04
CA ARG E 24 46.74 41.36 -2.49
C ARG E 24 45.94 42.64 -2.74
N ALA E 25 45.79 43.44 -1.70
CA ALA E 25 45.14 44.76 -1.80
C ALA E 25 46.20 45.84 -1.96
N SER E 26 45.82 46.95 -2.58
CA SER E 26 46.74 48.07 -2.76
C SER E 26 47.04 48.74 -1.43
N GLN E 27 46.04 49.40 -0.84
CA GLN E 27 46.20 50.05 0.46
C GLN E 27 45.99 49.04 1.58
N ASN E 28 46.08 49.52 2.82
CA ASN E 28 45.76 48.71 3.99
C ASN E 28 44.27 48.80 4.26
N ILE E 29 43.60 47.65 4.29
CA ILE E 29 42.16 47.58 4.48
C ILE E 29 41.87 46.74 5.72
N SER E 30 40.66 46.90 6.26
CA SER E 30 40.24 46.12 7.41
C SER E 30 40.00 44.67 7.01
N SER E 31 40.17 43.77 7.97
CA SER E 31 39.96 42.34 7.77
C SER E 31 38.49 41.94 7.86
N SER E 32 37.57 42.87 7.63
CA SER E 32 36.14 42.57 7.65
C SER E 32 35.46 43.04 6.38
N TRP E 33 36.23 43.29 5.32
CA TRP E 33 35.69 43.80 4.06
C TRP E 33 36.28 43.04 2.88
N ILE E 34 36.47 41.74 3.02
CA ILE E 34 37.00 40.90 1.95
C ILE E 34 36.17 39.62 1.86
N ALA E 35 35.67 39.32 0.66
CA ALA E 35 34.89 38.11 0.44
C ALA E 35 35.47 37.30 -0.71
N TRP E 36 35.24 35.99 -0.66
CA TRP E 36 35.68 35.07 -1.68
C TRP E 36 34.46 34.42 -2.31
N TYR E 37 34.45 34.38 -3.65
CA TYR E 37 33.38 33.86 -4.48
C TYR E 37 33.88 32.71 -5.36
N GLN E 38 32.98 31.77 -5.63
CA GLN E 38 33.20 30.66 -6.55
C GLN E 38 32.31 30.81 -7.77
N GLN E 39 32.88 30.63 -8.97
CA GLN E 39 32.16 30.76 -10.23
C GLN E 39 32.56 29.57 -11.09
N ARG E 40 31.64 28.62 -11.25
CA ARG E 40 31.90 27.36 -11.94
C ARG E 40 31.19 27.36 -13.29
N ARG E 41 31.98 27.41 -14.36
CA ARG E 41 31.48 27.20 -15.73
C ARG E 41 30.47 28.28 -16.11
N GLY E 42 30.88 29.53 -15.98
CA GLY E 42 30.09 30.67 -16.40
C GLY E 42 28.69 30.70 -15.82
N GLN E 43 28.51 30.13 -14.64
CA GLN E 43 27.20 30.09 -13.99
C GLN E 43 27.10 31.25 -13.00
N VAL E 44 26.18 31.14 -12.05
CA VAL E 44 25.97 32.19 -11.04
C VAL E 44 27.11 32.10 -10.02
N PRO E 45 27.70 33.21 -9.62
CA PRO E 45 28.71 33.16 -8.57
C PRO E 45 28.08 32.82 -7.22
N ARG E 46 28.81 32.02 -6.44
CA ARG E 46 28.38 31.58 -5.12
C ARG E 46 29.34 32.15 -4.08
N LEU E 47 28.80 32.78 -3.05
CA LEU E 47 29.63 33.32 -1.98
C LEU E 47 30.25 32.20 -1.16
N LEU E 48 31.57 32.11 -1.20
CA LEU E 48 32.28 31.09 -0.43
C LEU E 48 32.51 31.57 1.00
N ILE E 49 33.24 32.66 1.16
CA ILE E 49 33.62 33.10 2.51
C ILE E 49 33.46 34.61 2.61
N SER E 50 32.69 35.07 3.60
CA SER E 50 32.57 36.48 3.88
C SER E 50 33.51 36.91 4.99
N ALA E 51 33.83 38.20 5.01
CA ALA E 51 34.72 38.81 6.01
C ALA E 51 36.09 38.14 6.06
N ALA E 52 36.49 37.54 4.92
CA ALA E 52 37.79 36.90 4.76
C ALA E 52 38.01 35.72 5.71
N SER E 53 37.03 35.41 6.57
CA SER E 53 37.20 34.31 7.50
C SER E 53 35.87 33.62 7.82
N ALA E 54 34.78 34.37 7.76
CA ALA E 54 33.47 33.83 8.11
C ALA E 54 32.99 32.94 6.96
N ARG E 55 32.98 31.63 7.18
CA ARG E 55 32.49 30.71 6.19
C ARG E 55 30.98 30.88 6.03
N ALA E 56 30.51 30.98 4.79
CA ALA E 56 29.12 31.29 4.51
C ALA E 56 28.23 30.08 4.84
N ALA E 57 26.97 30.17 4.43
CA ALA E 57 25.99 29.12 4.70
C ALA E 57 26.22 27.92 3.79
N GLY E 58 26.40 26.74 4.37
CA GLY E 58 26.54 25.51 3.62
C GLY E 58 27.89 25.30 2.97
N ILE E 59 28.78 26.29 2.99
CA ILE E 59 30.10 26.12 2.38
C ILE E 59 30.89 25.08 3.16
N PRO E 60 31.49 24.10 2.49
CA PRO E 60 32.07 22.96 3.22
C PRO E 60 33.35 23.35 3.94
N ASP E 61 33.83 22.41 4.76
CA ASP E 61 35.02 22.62 5.57
C ASP E 61 36.28 22.80 4.74
N ARG E 62 36.25 22.39 3.47
CA ARG E 62 37.44 22.42 2.64
C ARG E 62 37.91 23.84 2.32
N PHE E 63 37.06 24.84 2.51
CA PHE E 63 37.38 26.23 2.18
C PHE E 63 37.67 26.98 3.47
N THR E 64 38.94 27.33 3.69
CA THR E 64 39.33 28.12 4.85
C THR E 64 39.90 29.45 4.39
N GLY E 65 39.52 30.53 5.06
CA GLY E 65 39.93 31.87 4.68
C GLY E 65 40.81 32.50 5.75
N ARG E 66 41.87 33.17 5.31
CA ARG E 66 42.77 33.90 6.19
C ARG E 66 43.15 35.20 5.50
N GLY E 67 43.91 36.04 6.20
CA GLY E 67 44.42 37.27 5.63
C GLY E 67 44.28 38.43 6.60
N SER E 68 45.09 39.46 6.36
CA SER E 68 45.11 40.62 7.25
C SER E 68 45.81 41.78 6.58
N GLY E 69 45.19 42.96 6.63
CA GLY E 69 45.84 44.17 6.19
C GLY E 69 45.98 44.33 4.69
N THR E 70 46.87 43.56 4.09
CA THR E 70 47.18 43.68 2.67
C THR E 70 46.93 42.40 1.90
N ASP E 71 47.39 41.26 2.41
CA ASP E 71 47.24 39.98 1.73
C ASP E 71 46.14 39.16 2.37
N PHE E 72 45.32 38.52 1.53
CA PHE E 72 44.27 37.62 1.99
C PHE E 72 44.37 36.31 1.23
N THR E 73 44.34 35.21 1.96
CA THR E 73 44.55 33.89 1.37
C THR E 73 43.31 33.01 1.51
N LEU E 74 43.12 32.14 0.53
CA LEU E 74 42.04 31.16 0.53
C LEU E 74 42.65 29.77 0.34
N THR E 75 42.58 28.95 1.39
CA THR E 75 43.20 27.64 1.41
C THR E 75 42.16 26.56 1.18
N ILE E 76 42.46 25.67 0.25
CA ILE E 76 41.60 24.54 -0.07
C ILE E 76 42.41 23.29 0.30
N THR E 77 42.09 22.70 1.45
CA THR E 77 42.77 21.49 1.89
C THR E 77 42.54 20.35 0.90
N ARG E 78 41.28 20.00 0.67
CA ARG E 78 40.91 18.95 -0.28
C ARG E 78 39.81 19.50 -1.18
N LEU E 79 39.64 18.87 -2.34
CA LEU E 79 38.61 19.32 -3.26
C LEU E 79 38.08 18.16 -4.08
N GLU E 80 36.78 18.17 -4.31
CA GLU E 80 36.14 17.27 -5.25
C GLU E 80 36.27 17.84 -6.66
N PRO E 81 35.87 17.08 -7.69
CA PRO E 81 35.63 17.70 -9.00
C PRO E 81 34.44 18.65 -9.02
N GLU E 82 33.76 18.84 -7.89
CA GLU E 82 32.67 19.79 -7.83
C GLU E 82 33.17 21.24 -7.83
N ASP E 83 34.16 21.54 -6.97
CA ASP E 83 34.64 22.90 -6.83
C ASP E 83 35.86 23.11 -7.73
N PHE E 84 35.57 23.34 -9.01
CA PHE E 84 36.55 23.79 -9.98
C PHE E 84 35.97 24.98 -10.75
N GLY E 85 36.83 25.91 -11.10
CA GLY E 85 36.38 27.07 -11.84
C GLY E 85 37.21 28.28 -11.45
N VAL E 86 36.56 29.45 -11.52
CA VAL E 86 37.21 30.73 -11.28
C VAL E 86 36.84 31.21 -9.89
N TYR E 87 37.85 31.59 -9.12
CA TYR E 87 37.65 32.14 -7.79
C TYR E 87 37.94 33.63 -7.83
N SER E 88 37.09 34.43 -7.18
CA SER E 88 37.25 35.87 -7.19
C SER E 88 37.22 36.42 -5.77
N CYS E 89 38.03 37.44 -5.50
CA CYS E 89 37.99 38.13 -4.23
C CYS E 89 37.44 39.53 -4.42
N GLN E 90 36.58 39.95 -3.50
CA GLN E 90 35.89 41.23 -3.57
C GLN E 90 36.20 42.04 -2.33
N TYR E 91 36.51 43.32 -2.54
CA TYR E 91 36.57 44.30 -1.46
C TYR E 91 35.26 45.05 -1.37
N TYR E 92 34.58 44.93 -0.23
CA TYR E 92 33.27 45.51 -0.04
C TYR E 92 33.27 46.48 1.14
N GLY E 93 34.38 47.20 1.29
CA GLY E 93 34.54 48.14 2.39
C GLY E 93 34.07 49.54 2.06
N GLY E 94 34.82 50.25 1.22
CA GLY E 94 34.51 51.63 0.93
C GLY E 94 33.26 51.83 0.10
N SER E 95 33.10 53.04 -0.47
CA SER E 95 31.95 53.36 -1.31
C SER E 95 32.08 52.81 -2.72
N PHE E 96 33.23 52.27 -3.10
CA PHE E 96 33.48 51.75 -4.44
C PHE E 96 33.94 50.30 -4.34
N PHE E 97 33.07 49.39 -4.80
CA PHE E 97 33.38 47.98 -4.79
C PHE E 97 34.27 47.62 -5.97
N THR E 98 35.18 46.68 -5.74
CA THR E 98 36.11 46.23 -6.77
C THR E 98 36.36 44.74 -6.57
N PHE E 99 36.37 44.02 -7.69
CA PHE E 99 36.56 42.57 -7.68
C PHE E 99 38.00 42.24 -8.05
N GLY E 100 38.39 40.99 -7.78
CA GLY E 100 39.64 40.48 -8.27
C GLY E 100 39.50 40.07 -9.71
N PRO E 101 40.62 39.91 -10.42
CA PRO E 101 40.55 39.58 -11.85
C PRO E 101 40.09 38.16 -12.11
N GLY E 102 40.04 37.32 -11.09
CA GLY E 102 39.62 35.94 -11.25
C GLY E 102 40.81 34.99 -11.34
N THR E 103 40.61 33.78 -10.83
CA THR E 103 41.67 32.78 -10.81
C THR E 103 41.05 31.41 -11.08
N GLN E 104 41.44 30.79 -12.19
CA GLN E 104 40.91 29.50 -12.57
C GLN E 104 41.78 28.39 -11.99
N VAL E 105 41.13 27.28 -11.64
CA VAL E 105 41.83 26.11 -11.14
C VAL E 105 41.62 24.97 -12.12
N ASP E 106 42.63 24.13 -12.26
CA ASP E 106 42.62 23.02 -13.21
C ASP E 106 42.80 21.70 -12.48
N VAL E 107 42.34 20.62 -13.12
CA VAL E 107 42.64 19.28 -12.65
C VAL E 107 44.09 18.97 -13.01
N LYS E 108 44.93 18.78 -11.98
CA LYS E 108 46.36 18.63 -12.22
C LYS E 108 46.64 17.38 -13.03
N ARG E 109 47.47 17.53 -14.06
CA ARG E 109 47.70 16.48 -15.03
C ARG E 109 49.14 16.54 -15.50
N THR E 110 49.62 15.43 -16.06
CA THR E 110 50.93 15.39 -16.67
C THR E 110 51.00 16.35 -17.85
N VAL E 111 52.22 16.80 -18.15
CA VAL E 111 52.43 17.78 -19.21
C VAL E 111 52.09 17.16 -20.56
N ALA E 112 51.59 18.01 -21.46
CA ALA E 112 51.20 17.57 -22.80
C ALA E 112 51.43 18.71 -23.78
N ALA E 113 52.19 18.43 -24.84
CA ALA E 113 52.45 19.44 -25.85
C ALA E 113 51.27 19.60 -26.79
N PRO E 114 51.07 20.79 -27.34
CA PRO E 114 49.92 21.02 -28.22
C PRO E 114 50.19 20.59 -29.64
N SER E 115 49.19 19.94 -30.25
CA SER E 115 49.23 19.65 -31.68
C SER E 115 48.80 20.90 -32.43
N VAL E 116 49.71 21.49 -33.19
CA VAL E 116 49.49 22.78 -33.83
C VAL E 116 49.11 22.55 -35.28
N PHE E 117 48.12 23.31 -35.75
CA PHE E 117 47.70 23.24 -37.14
C PHE E 117 47.41 24.65 -37.64
N ILE E 118 47.41 24.81 -38.97
CA ILE E 118 47.15 26.12 -39.56
C ILE E 118 46.25 25.94 -40.77
N PHE E 119 45.30 26.85 -40.93
CA PHE E 119 44.27 26.76 -41.96
C PHE E 119 44.21 28.05 -42.77
N PRO E 120 44.55 28.01 -44.05
CA PRO E 120 44.45 29.20 -44.92
C PRO E 120 43.00 29.54 -45.18
N PRO E 121 42.72 30.75 -45.65
CA PRO E 121 41.33 31.12 -45.96
C PRO E 121 40.85 30.44 -47.23
N SER E 122 39.53 30.35 -47.35
CA SER E 122 38.90 29.79 -48.54
C SER E 122 38.71 30.86 -49.61
N ASP E 123 38.78 30.43 -50.87
CA ASP E 123 38.57 31.35 -51.97
C ASP E 123 37.13 31.85 -52.01
N GLU E 124 36.19 31.07 -51.49
CA GLU E 124 34.80 31.51 -51.43
C GLU E 124 34.66 32.71 -50.48
N GLN E 125 35.42 32.73 -49.40
CA GLN E 125 35.45 33.89 -48.50
C GLN E 125 36.20 35.06 -49.11
N LEU E 126 37.21 34.80 -49.93
CA LEU E 126 37.92 35.87 -50.62
C LEU E 126 37.05 36.58 -51.64
N LYS E 127 35.97 35.94 -52.10
CA LYS E 127 35.00 36.62 -52.94
C LYS E 127 34.16 37.61 -52.17
N SER E 128 34.16 37.53 -50.84
CA SER E 128 33.39 38.45 -50.00
C SER E 128 34.20 39.65 -49.54
N GLY E 129 35.52 39.63 -49.73
CA GLY E 129 36.37 40.74 -49.34
C GLY E 129 37.03 40.61 -47.98
N THR E 130 36.85 39.48 -47.31
CA THR E 130 37.47 39.25 -46.00
C THR E 130 38.36 38.02 -46.05
N ALA E 131 39.33 37.99 -45.13
CA ALA E 131 40.28 36.88 -45.04
C ALA E 131 40.41 36.47 -43.58
N SER E 132 40.42 35.15 -43.34
CA SER E 132 40.44 34.60 -41.99
C SER E 132 41.41 33.41 -42.00
N VAL E 133 42.60 33.61 -41.42
CA VAL E 133 43.58 32.55 -41.24
C VAL E 133 43.44 32.01 -39.82
N VAL E 134 43.40 30.69 -39.68
CA VAL E 134 43.13 30.07 -38.39
C VAL E 134 44.36 29.30 -37.92
N CYS E 135 44.75 29.55 -36.66
CA CYS E 135 45.79 28.79 -36.00
C CYS E 135 45.13 27.96 -34.89
N LEU E 136 45.43 26.68 -34.84
CA LEU E 136 44.78 25.75 -33.91
C LEU E 136 45.82 25.10 -33.02
N LEU E 137 45.54 25.05 -31.72
CA LEU E 137 46.34 24.30 -30.75
C LEU E 137 45.43 23.30 -30.07
N ASN E 138 45.72 22.01 -30.21
CA ASN E 138 44.81 20.98 -29.75
C ASN E 138 45.47 20.06 -28.73
N ASN E 139 44.71 19.74 -27.67
CA ASN E 139 45.09 18.71 -26.69
C ASN E 139 46.44 19.01 -26.06
N PHE E 140 46.46 20.07 -25.25
CA PHE E 140 47.59 20.44 -24.43
C PHE E 140 47.10 20.69 -23.01
N TYR E 141 47.80 20.16 -22.01
CA TYR E 141 47.33 20.37 -20.65
C TYR E 141 47.79 21.69 -20.06
N PRO E 142 49.12 21.97 -19.97
CA PRO E 142 49.55 23.18 -19.25
C PRO E 142 49.04 24.45 -19.88
N ARG E 143 48.12 25.11 -19.17
CA ARG E 143 47.54 26.37 -19.61
C ARG E 143 48.64 27.42 -19.80
N GLU E 144 48.24 28.57 -20.37
CA GLU E 144 49.13 29.67 -20.73
C GLU E 144 50.01 29.28 -21.91
N ALA E 145 49.38 29.07 -23.07
CA ALA E 145 50.10 28.92 -24.32
C ALA E 145 50.15 30.26 -25.04
N LYS E 146 51.26 30.52 -25.72
CA LYS E 146 51.49 31.80 -26.38
C LYS E 146 51.44 31.61 -27.89
N VAL E 147 50.54 32.34 -28.54
CA VAL E 147 50.35 32.27 -29.98
C VAL E 147 50.70 33.64 -30.56
N GLN E 148 51.60 33.65 -31.55
CA GLN E 148 52.05 34.89 -32.17
C GLN E 148 51.95 34.75 -33.68
N TRP E 149 51.24 35.67 -34.31
CA TRP E 149 51.10 35.66 -35.76
C TRP E 149 52.24 36.41 -36.41
N LYS E 150 52.83 35.80 -37.45
CA LYS E 150 53.93 36.41 -38.19
C LYS E 150 53.53 36.52 -39.65
N VAL E 151 53.51 37.74 -40.16
CA VAL E 151 53.21 38.04 -41.55
C VAL E 151 54.51 38.51 -42.19
N ASP E 152 55.10 37.66 -43.04
CA ASP E 152 56.45 37.89 -43.55
C ASP E 152 57.43 38.09 -42.41
N ASN E 153 57.30 37.26 -41.37
CA ASN E 153 58.12 37.33 -40.16
C ASN E 153 57.96 38.66 -39.42
N ALA E 154 56.84 39.34 -39.62
CA ALA E 154 56.53 40.58 -38.92
C ALA E 154 55.35 40.32 -37.99
N LEU E 155 55.54 40.58 -36.70
CA LEU E 155 54.52 40.29 -35.71
C LEU E 155 53.31 41.22 -35.90
N GLN E 156 52.12 40.68 -35.72
CA GLN E 156 50.88 41.43 -35.81
C GLN E 156 50.24 41.55 -34.43
N SER E 157 49.24 42.43 -34.35
CA SER E 157 48.49 42.65 -33.12
C SER E 157 47.20 43.38 -33.47
N GLY E 158 46.18 43.19 -32.63
CA GLY E 158 44.93 43.88 -32.78
C GLY E 158 43.89 43.04 -33.50
N ASN E 159 44.23 42.60 -34.73
CA ASN E 159 43.31 41.85 -35.58
C ASN E 159 43.45 40.34 -35.42
N SER E 160 43.81 39.87 -34.22
CA SER E 160 43.99 38.45 -33.95
C SER E 160 43.21 38.11 -32.68
N GLN E 161 41.98 37.63 -32.85
CA GLN E 161 41.17 37.19 -31.72
C GLN E 161 41.38 35.70 -31.46
N GLU E 162 41.03 35.26 -30.26
CA GLU E 162 41.24 33.84 -29.95
C GLU E 162 40.18 33.36 -28.95
N SER E 163 39.88 32.06 -29.03
CA SER E 163 38.93 31.44 -28.10
C SER E 163 39.44 30.08 -27.65
N VAL E 164 39.19 29.73 -26.39
CA VAL E 164 39.70 28.50 -25.81
C VAL E 164 38.53 27.72 -25.21
N THR E 165 38.50 26.41 -25.47
CA THR E 165 37.50 25.56 -24.85
C THR E 165 37.82 25.35 -23.37
N GLU E 166 36.83 24.84 -22.64
CA GLU E 166 37.06 24.52 -21.24
C GLU E 166 37.87 23.22 -21.11
N GLN E 167 38.31 22.95 -19.89
CA GLN E 167 39.10 21.74 -19.64
C GLN E 167 38.26 20.50 -19.92
N ASP E 168 38.73 19.67 -20.85
CA ASP E 168 38.00 18.47 -21.24
C ASP E 168 37.82 17.53 -20.06
N SER E 169 36.69 16.82 -20.06
CA SER E 169 36.36 15.95 -18.93
C SER E 169 37.22 14.69 -18.93
N LYS E 170 37.44 14.09 -20.09
CA LYS E 170 38.13 12.81 -20.13
C LYS E 170 39.63 12.99 -19.91
N ASP E 171 40.30 13.72 -20.79
CA ASP E 171 41.75 13.80 -20.81
C ASP E 171 42.30 15.08 -20.20
N SER E 172 41.43 15.97 -19.71
CA SER E 172 41.85 17.21 -19.04
C SER E 172 42.81 18.03 -19.91
N THR E 173 42.44 18.19 -21.18
CA THR E 173 43.25 18.93 -22.13
C THR E 173 42.49 20.16 -22.62
N TYR E 174 43.23 21.13 -23.13
CA TYR E 174 42.69 22.38 -23.64
C TYR E 174 42.88 22.47 -25.15
N SER E 175 42.21 23.47 -25.74
CA SER E 175 42.31 23.73 -27.16
C SER E 175 42.07 25.20 -27.43
N LEU E 176 42.94 25.80 -28.24
CA LEU E 176 42.88 27.22 -28.58
C LEU E 176 42.65 27.38 -30.07
N SER E 177 41.88 28.40 -30.43
CA SER E 177 41.56 28.74 -31.82
C SER E 177 41.82 30.23 -32.01
N SER E 178 42.95 30.58 -32.61
CA SER E 178 43.27 31.96 -32.94
C SER E 178 42.83 32.25 -34.37
N THR E 179 42.10 33.34 -34.55
CA THR E 179 41.60 33.77 -35.85
C THR E 179 42.20 35.13 -36.19
N LEU E 180 43.01 35.16 -37.25
CA LEU E 180 43.59 36.39 -37.77
C LEU E 180 42.70 36.85 -38.92
N THR E 181 42.06 38.01 -38.74
CA THR E 181 41.07 38.52 -39.68
C THR E 181 41.62 39.79 -40.34
N LEU E 182 41.73 39.76 -41.66
CA LEU E 182 42.14 40.92 -42.44
C LEU E 182 41.14 41.16 -43.56
N SER E 183 41.39 42.20 -44.34
CA SER E 183 40.52 42.57 -45.44
C SER E 183 41.03 41.91 -46.73
N LYS E 184 40.44 42.31 -47.86
CA LYS E 184 40.85 41.72 -49.14
C LYS E 184 42.20 42.28 -49.58
N ALA E 185 42.37 43.60 -49.52
CA ALA E 185 43.61 44.20 -49.99
C ALA E 185 44.76 43.94 -49.03
N ASP E 186 44.50 44.00 -47.72
CA ASP E 186 45.54 43.72 -46.74
C ASP E 186 46.00 42.26 -46.80
N TYR E 187 45.16 41.37 -47.33
CA TYR E 187 45.55 39.97 -47.49
C TYR E 187 46.57 39.81 -48.61
N GLU E 188 46.49 40.63 -49.65
CA GLU E 188 47.36 40.51 -50.81
C GLU E 188 48.67 41.27 -50.65
N LYS E 189 48.80 42.12 -49.62
CA LYS E 189 50.04 42.87 -49.42
C LYS E 189 51.18 41.99 -48.91
N HIS E 190 50.92 40.73 -48.57
CA HIS E 190 51.98 39.81 -48.16
C HIS E 190 51.64 38.43 -48.70
N LYS E 191 52.53 37.46 -48.44
CA LYS E 191 52.33 36.10 -48.92
C LYS E 191 52.75 35.01 -47.95
N VAL E 192 53.56 35.28 -46.93
CA VAL E 192 54.00 34.27 -45.98
C VAL E 192 53.24 34.53 -44.69
N TYR E 193 52.34 33.62 -44.33
CA TYR E 193 51.60 33.73 -43.08
C TYR E 193 51.98 32.58 -42.16
N ALA E 194 52.07 32.85 -40.85
CA ALA E 194 52.49 31.81 -39.94
C ALA E 194 52.01 32.14 -38.53
N CYS E 195 52.08 31.14 -37.66
CA CYS E 195 51.85 31.34 -36.23
C CYS E 195 52.83 30.50 -35.44
N GLU E 196 53.46 31.14 -34.46
CA GLU E 196 54.45 30.53 -33.58
C GLU E 196 53.83 30.26 -32.23
N VAL E 197 54.09 29.07 -31.70
CA VAL E 197 53.53 28.60 -30.44
C VAL E 197 54.68 28.46 -29.45
N THR E 198 54.61 29.26 -28.38
CA THR E 198 55.50 29.16 -27.24
C THR E 198 54.76 28.42 -26.13
N HIS E 199 55.38 27.37 -25.59
CA HIS E 199 54.67 26.48 -24.69
C HIS E 199 55.66 25.78 -23.77
N GLN E 200 55.18 25.37 -22.61
CA GLN E 200 56.02 24.74 -21.59
C GLN E 200 56.52 23.38 -22.09
N GLY E 201 55.60 22.43 -22.24
CA GLY E 201 55.95 21.11 -22.71
C GLY E 201 56.50 21.08 -24.12
N LEU E 202 56.40 22.19 -24.85
CA LEU E 202 56.95 22.32 -26.18
C LEU E 202 58.37 22.86 -26.02
N SER E 203 59.36 21.99 -26.19
CA SER E 203 60.74 22.35 -25.88
C SER E 203 61.30 23.43 -26.79
N SER E 204 60.56 23.81 -27.84
CA SER E 204 61.00 24.85 -28.74
C SER E 204 59.75 25.48 -29.34
N PRO E 205 59.70 26.80 -29.47
CA PRO E 205 58.52 27.45 -30.07
C PRO E 205 58.29 26.98 -31.50
N VAL E 206 57.22 26.22 -31.71
CA VAL E 206 56.96 25.63 -33.02
C VAL E 206 56.24 26.64 -33.90
N THR E 207 56.70 26.81 -35.13
CA THR E 207 56.08 27.73 -36.07
C THR E 207 55.46 26.95 -37.22
N LYS E 208 54.18 27.21 -37.48
CA LYS E 208 53.46 26.62 -38.60
C LYS E 208 53.15 27.72 -39.61
N SER E 209 53.69 27.56 -40.82
CA SER E 209 53.64 28.59 -41.86
C SER E 209 53.02 28.05 -43.13
N PHE E 210 52.68 28.99 -44.03
CA PHE E 210 52.23 28.67 -45.37
C PHE E 210 52.42 29.91 -46.24
N ASN E 211 52.29 29.71 -47.55
CA ASN E 211 52.43 30.78 -48.52
C ASN E 211 51.09 31.08 -49.21
N ARG E 212 51.03 32.25 -49.83
CA ARG E 212 49.82 32.72 -50.52
C ARG E 212 49.82 32.17 -51.93
N GLY E 213 49.13 31.06 -52.16
CA GLY E 213 49.07 30.45 -53.47
C GLY E 213 48.65 29.00 -53.45
N VAL F 7 3.46 95.90 58.00
CA VAL F 7 4.03 95.12 56.92
C VAL F 7 2.93 94.66 55.97
N PHE F 8 3.21 94.65 54.66
CA PHE F 8 2.20 94.32 53.66
C PHE F 8 2.03 92.81 53.52
N LEU F 9 3.06 92.12 53.06
CA LEU F 9 3.02 90.69 52.73
C LEU F 9 1.96 90.37 51.68
N GLY F 10 1.50 91.39 50.94
CA GLY F 10 0.63 91.17 49.82
C GLY F 10 -0.80 90.75 50.20
N PHE F 11 -1.45 90.11 49.25
CA PHE F 11 -2.85 89.72 49.39
C PHE F 11 -2.98 88.56 50.37
N LEU F 12 -3.86 88.73 51.37
CA LEU F 12 -4.13 87.72 52.40
C LEU F 12 -2.88 87.37 53.21
N GLY F 13 -1.90 88.27 53.27
CA GLY F 13 -0.65 87.94 53.94
C GLY F 13 -0.81 87.72 55.43
N ALA F 14 -1.80 88.36 56.04
CA ALA F 14 -2.01 88.29 57.49
C ALA F 14 -3.19 87.40 57.85
N ALA F 15 -3.33 86.28 57.14
CA ALA F 15 -4.43 85.37 57.45
C ALA F 15 -4.20 84.61 58.75
N GLY F 16 -2.95 84.42 59.13
CA GLY F 16 -2.64 83.70 60.35
C GLY F 16 -2.05 84.60 61.42
N SER F 17 -1.95 85.89 61.13
CA SER F 17 -1.47 86.84 62.10
C SER F 17 -2.63 87.30 63.00
N THR F 18 -2.31 88.17 63.96
CA THR F 18 -3.31 88.67 64.88
C THR F 18 -4.31 89.56 64.14
N MET F 19 -5.49 89.73 64.75
CA MET F 19 -6.50 90.59 64.16
C MET F 19 -6.04 92.03 64.11
N GLY F 20 -5.22 92.47 65.09
CA GLY F 20 -4.70 93.82 65.04
C GLY F 20 -3.73 94.03 63.89
N ALA F 21 -2.80 93.09 63.70
CA ALA F 21 -1.89 93.18 62.57
C ALA F 21 -2.64 93.00 61.25
N ALA F 22 -3.69 92.17 61.24
CA ALA F 22 -4.47 91.98 60.03
C ALA F 22 -5.29 93.21 59.68
N SER F 23 -5.65 94.02 60.68
CA SER F 23 -6.37 95.26 60.40
C SER F 23 -5.52 96.27 59.65
N MET F 24 -4.20 96.08 59.60
CA MET F 24 -3.31 96.99 58.89
C MET F 24 -3.30 96.76 57.39
N THR F 25 -4.07 95.79 56.89
CA THR F 25 -4.04 95.44 55.47
C THR F 25 -5.46 95.24 54.96
N LEU F 26 -6.34 96.18 55.30
CA LEU F 26 -7.72 96.07 54.85
C LEU F 26 -7.86 96.43 53.37
N THR F 27 -7.20 97.51 52.95
CA THR F 27 -7.26 97.91 51.55
C THR F 27 -6.65 96.84 50.63
N VAL F 28 -5.70 96.06 51.13
CA VAL F 28 -5.05 95.05 50.32
C VAL F 28 -6.04 93.94 49.98
N GLN F 29 -6.76 93.43 50.98
CA GLN F 29 -7.79 92.44 50.72
C GLN F 29 -9.01 93.02 50.01
N ALA F 30 -9.25 94.32 50.15
CA ALA F 30 -10.42 94.92 49.51
C ALA F 30 -10.21 95.17 48.03
N ARG F 31 -9.00 95.54 47.62
CA ARG F 31 -8.77 95.97 46.24
C ARG F 31 -8.67 94.81 45.26
N ASN F 32 -8.37 93.60 45.71
CA ASN F 32 -8.16 92.47 44.81
C ASN F 32 -9.36 91.54 44.70
N LEU F 33 -10.45 91.84 45.40
CA LEU F 33 -11.64 90.99 45.32
C LEU F 33 -12.63 91.47 44.27
N LEU F 34 -12.67 92.77 44.00
CA LEU F 34 -13.69 93.29 43.10
C LEU F 34 -13.25 93.24 41.64
N SER F 35 -11.98 93.49 41.37
CA SER F 35 -11.47 93.59 40.00
C SER F 35 -10.47 92.45 39.75
N GLY F 36 -10.99 91.30 39.34
CA GLY F 36 -10.19 90.24 38.77
C GLY F 36 -10.49 90.15 37.29
N ASN F 37 -10.56 91.31 36.66
CA ASN F 37 -11.10 91.57 35.33
C ASN F 37 -10.59 90.61 34.25
N PRO F 38 -11.45 89.76 33.72
CA PRO F 38 -11.14 89.07 32.46
C PRO F 38 -11.73 89.82 31.28
N ASP F 39 -10.92 89.94 30.22
CA ASP F 39 -11.36 90.59 29.00
C ASP F 39 -11.98 89.54 28.06
N TRP F 40 -13.28 89.69 27.80
CA TRP F 40 -14.03 88.72 27.02
C TRP F 40 -14.35 89.26 25.62
N LEU F 41 -13.36 89.90 24.99
CA LEU F 41 -13.56 90.37 23.61
C LEU F 41 -13.80 89.23 22.62
N PRO F 42 -13.09 88.10 22.67
CA PRO F 42 -13.44 87.00 21.77
C PRO F 42 -14.86 86.49 22.03
N ASP F 43 -15.58 86.22 20.94
CA ASP F 43 -17.01 85.86 21.01
C ASP F 43 -17.16 84.35 20.85
N MET F 44 -17.09 83.65 21.98
CA MET F 44 -17.19 82.19 21.99
C MET F 44 -18.49 81.78 22.68
N THR F 45 -19.25 80.91 22.02
CA THR F 45 -20.65 80.70 22.31
C THR F 45 -20.92 80.23 23.74
N VAL F 46 -20.81 78.93 23.98
CA VAL F 46 -21.37 78.35 25.21
C VAL F 46 -20.46 78.51 26.41
N TRP F 47 -19.18 78.86 26.21
CA TRP F 47 -18.25 78.97 27.33
C TRP F 47 -18.27 80.33 28.01
N GLY F 48 -18.88 81.34 27.40
CA GLY F 48 -18.87 82.65 28.00
C GLY F 48 -19.92 82.81 29.06
N ILE F 49 -21.04 82.10 28.94
CA ILE F 49 -22.15 82.26 29.88
C ILE F 49 -21.77 81.81 31.27
N LYS F 50 -20.92 80.78 31.39
CA LYS F 50 -20.57 80.26 32.71
C LYS F 50 -19.73 81.28 33.48
N GLN F 51 -18.63 81.73 32.89
CA GLN F 51 -17.79 82.71 33.57
C GLN F 51 -18.48 84.07 33.69
N LEU F 52 -19.41 84.38 32.77
CA LEU F 52 -20.17 85.61 32.90
C LEU F 52 -21.13 85.55 34.08
N GLN F 53 -21.83 84.43 34.23
CA GLN F 53 -22.63 84.20 35.43
C GLN F 53 -21.77 84.26 36.68
N ALA F 54 -20.53 83.74 36.60
CA ALA F 54 -19.64 83.77 37.75
C ALA F 54 -19.32 85.20 38.17
N ARG F 55 -18.82 86.02 37.24
CA ARG F 55 -18.46 87.39 37.60
C ARG F 55 -19.66 88.31 37.74
N VAL F 56 -20.86 87.86 37.40
CA VAL F 56 -22.07 88.60 37.74
C VAL F 56 -22.56 88.26 39.14
N LEU F 57 -22.54 86.97 39.52
CA LEU F 57 -22.82 86.61 40.90
C LEU F 57 -21.77 87.18 41.85
N ALA F 58 -20.55 87.37 41.36
CA ALA F 58 -19.53 88.03 42.17
C ALA F 58 -19.97 89.44 42.54
N VAL F 59 -20.42 90.23 41.56
CA VAL F 59 -20.83 91.59 41.86
C VAL F 59 -22.17 91.59 42.60
N GLU F 60 -23.00 90.55 42.42
CA GLU F 60 -24.22 90.46 43.20
C GLU F 60 -23.93 90.26 44.68
N ARG F 61 -22.99 89.36 44.99
CA ARG F 61 -22.55 89.16 46.37
C ARG F 61 -21.90 90.43 46.92
N TYR F 62 -21.08 91.09 46.09
CA TYR F 62 -20.46 92.33 46.50
C TYR F 62 -21.50 93.39 46.83
N LEU F 63 -22.56 93.47 46.03
CA LEU F 63 -23.60 94.47 46.29
C LEU F 63 -24.48 94.07 47.47
N ARG F 64 -24.61 92.77 47.75
CA ARG F 64 -25.27 92.35 48.98
C ARG F 64 -24.47 92.81 50.20
N ASP F 65 -23.15 92.61 50.16
CA ASP F 65 -22.31 93.10 51.24
C ASP F 65 -22.38 94.62 51.36
N GLN F 66 -22.45 95.33 50.23
CA GLN F 66 -22.53 96.78 50.28
C GLN F 66 -23.87 97.26 50.82
N GLN F 67 -24.96 96.54 50.51
CA GLN F 67 -26.25 96.88 51.09
C GLN F 67 -26.24 96.65 52.60
N LEU F 68 -25.61 95.55 53.04
CA LEU F 68 -25.51 95.30 54.48
C LEU F 68 -24.67 96.37 55.17
N LEU F 69 -23.60 96.85 54.51
CA LEU F 69 -22.76 97.89 55.07
C LEU F 69 -23.33 99.29 54.87
N GLY F 70 -24.43 99.42 54.13
CA GLY F 70 -25.08 100.71 54.00
C GLY F 70 -26.27 100.88 54.92
N ILE F 71 -27.02 99.78 55.15
CA ILE F 71 -28.17 99.86 56.04
C ILE F 71 -27.75 100.13 57.48
N TRP F 72 -26.48 99.86 57.82
CA TRP F 72 -25.99 100.16 59.15
C TRP F 72 -25.56 101.62 59.24
N GLY F 73 -25.36 102.08 60.48
CA GLY F 73 -24.82 103.41 60.69
C GLY F 73 -23.45 103.59 60.06
N CYS F 74 -22.68 102.51 59.97
CA CYS F 74 -21.45 102.53 59.20
C CYS F 74 -21.77 102.58 57.72
N SER F 75 -20.90 103.25 56.95
CA SER F 75 -21.13 103.40 55.52
C SER F 75 -19.81 103.55 54.78
N GLY F 76 -18.80 104.11 55.44
CA GLY F 76 -17.48 104.22 54.81
C GLY F 76 -16.83 102.86 54.70
N LYS F 77 -16.36 102.53 53.49
CA LYS F 77 -15.77 101.22 53.22
C LYS F 77 -14.43 101.05 53.94
N LEU F 78 -14.40 101.35 55.23
CA LEU F 78 -13.17 101.44 56.00
C LEU F 78 -13.44 100.85 57.38
N ILE F 79 -12.60 101.20 58.35
CA ILE F 79 -12.91 100.91 59.74
C ILE F 79 -14.01 101.85 60.20
N CYS F 80 -14.87 101.38 61.11
CA CYS F 80 -15.97 102.21 61.57
C CYS F 80 -16.47 101.71 62.92
N CYS F 81 -16.97 102.65 63.71
CA CYS F 81 -17.52 102.39 65.03
C CYS F 81 -19.04 102.56 65.01
N THR F 82 -19.71 101.83 65.89
CA THR F 82 -21.15 101.88 66.00
C THR F 82 -21.54 102.31 67.42
N ASN F 83 -22.83 102.17 67.72
CA ASN F 83 -23.35 102.47 69.06
C ASN F 83 -24.02 101.26 69.70
N VAL F 84 -23.89 100.08 69.11
CA VAL F 84 -24.45 98.86 69.68
C VAL F 84 -23.43 98.29 70.66
N PRO F 85 -23.78 98.11 71.93
CA PRO F 85 -22.81 97.61 72.90
C PRO F 85 -22.45 96.15 72.65
N TRP F 86 -21.20 95.82 72.90
CA TRP F 86 -20.77 94.43 72.86
C TRP F 86 -21.38 93.67 74.03
N ASN F 87 -21.82 92.45 73.76
CA ASN F 87 -22.50 91.61 74.74
C ASN F 87 -21.49 90.64 75.36
N SER F 88 -21.49 90.57 76.70
CA SER F 88 -20.55 89.70 77.39
C SER F 88 -20.79 88.22 77.08
N SER F 89 -22.00 87.85 76.66
CA SER F 89 -22.25 86.48 76.27
C SER F 89 -21.48 86.10 75.01
N TRP F 90 -21.22 87.07 74.14
CA TRP F 90 -20.48 86.82 72.91
C TRP F 90 -18.99 86.87 73.22
N SER F 91 -18.32 85.72 73.16
CA SER F 91 -16.88 85.61 73.40
C SER F 91 -16.48 86.28 74.71
N ASN F 92 -16.67 85.60 75.83
CA ASN F 92 -16.35 86.17 77.14
C ASN F 92 -14.84 86.39 77.27
N ARG F 93 -14.31 87.40 76.57
CA ARG F 93 -12.89 87.69 76.57
C ARG F 93 -12.66 89.18 76.78
N ASN F 94 -11.51 89.50 77.34
CA ASN F 94 -11.11 90.89 77.56
C ASN F 94 -10.40 91.43 76.33
N LEU F 95 -10.07 92.72 76.37
CA LEU F 95 -9.28 93.33 75.31
C LEU F 95 -7.86 92.80 75.33
N SER F 96 -7.14 93.02 74.22
CA SER F 96 -5.76 92.58 74.02
C SER F 96 -5.64 91.05 74.01
N GLU F 97 -6.61 90.36 74.61
CA GLU F 97 -6.69 88.91 74.47
C GLU F 97 -7.19 88.53 73.08
N ILE F 98 -8.00 89.38 72.48
CA ILE F 98 -8.53 89.14 71.14
C ILE F 98 -7.57 89.63 70.07
N TRP F 99 -7.13 90.88 70.18
CA TRP F 99 -6.32 91.52 69.15
C TRP F 99 -4.85 91.11 69.18
N ASP F 100 -4.43 90.23 70.09
CA ASP F 100 -3.03 89.86 70.15
C ASP F 100 -2.79 88.36 70.34
N ASN F 101 -3.84 87.54 70.29
CA ASN F 101 -3.65 86.09 70.27
C ASN F 101 -4.86 85.42 69.61
N MET F 102 -5.23 85.91 68.42
CA MET F 102 -6.40 85.36 67.75
C MET F 102 -6.38 85.80 66.30
N THR F 103 -6.87 84.92 65.43
CA THR F 103 -7.02 85.20 64.01
C THR F 103 -8.47 85.49 63.70
N TRP F 104 -8.69 86.16 62.56
CA TRP F 104 -10.05 86.46 62.14
C TRP F 104 -10.84 85.20 61.84
N LEU F 105 -10.16 84.14 61.41
CA LEU F 105 -10.83 82.87 61.14
C LEU F 105 -11.43 82.29 62.42
N GLN F 106 -10.58 82.09 63.43
CA GLN F 106 -11.07 81.58 64.70
C GLN F 106 -12.07 82.53 65.35
N TRP F 107 -11.90 83.84 65.12
CA TRP F 107 -12.85 84.82 65.65
C TRP F 107 -14.23 84.61 65.06
N ASP F 108 -14.33 84.57 63.73
CA ASP F 108 -15.62 84.32 63.10
C ASP F 108 -16.16 82.95 63.47
N LYS F 109 -15.27 81.98 63.72
CA LYS F 109 -15.72 80.65 64.14
C LYS F 109 -16.41 80.71 65.50
N GLU F 110 -15.80 81.43 66.46
CA GLU F 110 -16.42 81.55 67.78
C GLU F 110 -17.66 82.43 67.74
N ILE F 111 -17.70 83.41 66.84
CA ILE F 111 -18.88 84.27 66.74
C ILE F 111 -19.99 83.62 65.94
N SER F 112 -19.67 82.62 65.10
CA SER F 112 -20.67 82.00 64.25
C SER F 112 -21.88 81.48 65.03
N ASN F 113 -21.69 81.15 66.31
CA ASN F 113 -22.81 80.72 67.13
C ASN F 113 -23.77 81.86 67.42
N TYR F 114 -23.23 83.07 67.61
CA TYR F 114 -24.03 84.24 67.95
C TYR F 114 -23.98 85.31 66.86
N THR F 115 -23.45 84.99 65.68
CA THR F 115 -23.25 86.03 64.67
C THR F 115 -24.55 86.48 64.04
N GLN F 116 -25.57 85.61 63.99
CA GLN F 116 -26.77 85.90 63.21
C GLN F 116 -27.60 87.02 63.84
N ILE F 117 -27.58 87.15 65.17
CA ILE F 117 -28.38 88.19 65.82
C ILE F 117 -27.66 89.54 65.83
N ILE F 118 -26.35 89.54 65.62
CA ILE F 118 -25.60 90.81 65.63
C ILE F 118 -25.99 91.66 64.43
N TYR F 119 -26.19 91.02 63.27
CA TYR F 119 -26.64 91.76 62.11
C TYR F 119 -27.98 92.42 62.36
N GLY F 120 -28.90 91.70 63.02
CA GLY F 120 -30.19 92.28 63.35
C GLY F 120 -30.08 93.41 64.35
N LEU F 121 -29.21 93.27 65.35
CA LEU F 121 -28.99 94.34 66.30
C LEU F 121 -28.33 95.56 65.64
N LEU F 122 -27.61 95.36 64.54
CA LEU F 122 -26.99 96.47 63.85
C LEU F 122 -27.92 97.12 62.84
N GLU F 123 -28.88 96.38 62.28
CA GLU F 123 -29.76 96.94 61.26
C GLU F 123 -31.02 97.55 61.86
N GLU F 124 -31.47 97.08 63.01
CA GLU F 124 -32.72 97.54 63.62
C GLU F 124 -32.48 98.43 64.83
N SER F 125 -31.65 97.98 65.77
CA SER F 125 -31.37 98.79 66.95
C SER F 125 -30.60 100.06 66.62
N GLN F 126 -30.15 100.23 65.37
CA GLN F 126 -29.42 101.43 64.98
C GLN F 126 -30.30 102.27 64.08
N ASN F 127 -30.27 102.06 62.76
CA ASN F 127 -30.87 103.01 61.84
C ASN F 127 -32.40 103.03 61.92
N GLN F 128 -33.04 101.97 62.40
CA GLN F 128 -34.48 102.06 62.61
C GLN F 128 -34.83 102.96 63.78
N GLN F 129 -33.85 103.36 64.59
CA GLN F 129 -34.03 104.34 65.66
C GLN F 129 -33.09 105.53 65.54
N GLU F 130 -31.88 105.34 65.01
CA GLU F 130 -30.94 106.46 64.88
C GLU F 130 -31.41 107.46 63.82
N LYS F 131 -31.92 106.97 62.70
CA LYS F 131 -32.48 107.86 61.69
C LYS F 131 -33.69 108.62 62.23
N ASN F 132 -34.57 107.92 62.95
CA ASN F 132 -35.77 108.56 63.47
C ASN F 132 -35.41 109.62 64.50
N GLU F 133 -34.37 109.36 65.30
CA GLU F 133 -33.89 110.38 66.23
C GLU F 133 -33.23 111.54 65.48
N GLN F 134 -32.59 111.25 64.36
CA GLN F 134 -31.98 112.30 63.54
C GLN F 134 -33.04 113.21 62.95
N ASP F 135 -34.19 112.64 62.56
CA ASP F 135 -35.27 113.44 61.99
C ASP F 135 -35.95 114.30 63.05
N LEU F 136 -36.08 113.78 64.27
CA LEU F 136 -36.77 114.49 65.34
C LEU F 136 -35.82 115.32 66.20
N LEU F 137 -34.57 115.47 65.78
CA LEU F 137 -33.61 116.31 66.49
C LEU F 137 -32.86 117.24 65.54
N ALA F 138 -33.30 117.35 64.28
CA ALA F 138 -32.71 118.24 63.31
C ALA F 138 -33.57 119.46 63.00
N LEU F 139 -34.72 119.60 63.68
CA LEU F 139 -35.62 120.73 63.44
C LEU F 139 -35.27 121.97 64.26
N ASP F 140 -34.48 121.82 65.32
CA ASP F 140 -34.15 122.96 66.18
C ASP F 140 -32.80 123.57 65.84
N GLU G 1 -31.21 -70.15 -70.88
CA GLU G 1 -31.03 -68.73 -71.17
C GLU G 1 -29.55 -68.40 -71.40
N GLY G 2 -28.77 -69.44 -71.66
CA GLY G 2 -27.35 -69.29 -71.89
C GLY G 2 -27.05 -68.50 -73.16
N GLN G 3 -26.53 -67.29 -73.00
CA GLN G 3 -26.21 -66.40 -74.12
C GLN G 3 -24.70 -66.23 -74.17
N LEU G 4 -24.05 -67.09 -74.94
CA LEU G 4 -22.60 -67.13 -75.05
C LEU G 4 -22.10 -66.14 -76.11
N VAL G 5 -20.90 -65.63 -75.87
CA VAL G 5 -20.26 -64.67 -76.77
C VAL G 5 -18.83 -65.13 -77.00
N GLN G 6 -18.41 -65.15 -78.26
CA GLN G 6 -17.06 -65.56 -78.62
C GLN G 6 -16.17 -64.30 -78.73
N SER G 7 -15.02 -64.44 -79.38
CA SER G 7 -14.09 -63.34 -79.50
C SER G 7 -14.38 -62.49 -80.74
N GLY G 8 -13.52 -61.51 -81.00
CA GLY G 8 -13.62 -60.70 -82.19
C GLY G 8 -12.78 -61.24 -83.33
N ALA G 9 -12.90 -60.59 -84.48
CA ALA G 9 -12.19 -61.02 -85.67
C ALA G 9 -10.76 -60.51 -85.63
N GLU G 10 -9.81 -61.40 -85.97
CA GLU G 10 -8.40 -61.05 -86.00
C GLU G 10 -7.76 -61.63 -87.25
N LEU G 11 -6.62 -61.04 -87.64
CA LEU G 11 -5.88 -61.44 -88.82
C LEU G 11 -4.48 -61.88 -88.40
N LYS G 12 -4.00 -62.98 -89.00
CA LYS G 12 -2.70 -63.52 -88.66
C LYS G 12 -1.98 -63.96 -89.93
N LYS G 13 -0.72 -64.36 -89.75
CA LYS G 13 0.13 -64.87 -90.82
C LYS G 13 0.27 -66.39 -90.70
N PRO G 14 0.63 -67.05 -91.80
CA PRO G 14 0.89 -68.49 -91.72
C PRO G 14 2.12 -68.79 -90.87
N GLY G 15 2.05 -69.88 -90.11
CA GLY G 15 3.10 -70.24 -89.19
C GLY G 15 3.05 -69.54 -87.85
N ALA G 16 2.17 -68.56 -87.68
CA ALA G 16 2.05 -67.82 -86.43
C ALA G 16 1.01 -68.53 -85.56
N SER G 17 0.44 -67.81 -84.59
CA SER G 17 -0.56 -68.38 -83.69
C SER G 17 -1.63 -67.34 -83.41
N VAL G 18 -2.80 -67.82 -83.01
CA VAL G 18 -3.91 -66.92 -82.65
C VAL G 18 -4.73 -67.57 -81.54
N LYS G 19 -5.30 -66.73 -80.69
CA LYS G 19 -6.04 -67.17 -79.51
C LYS G 19 -7.45 -66.60 -79.57
N ILE G 20 -8.45 -67.49 -79.44
CA ILE G 20 -9.86 -67.14 -79.55
C ILE G 20 -10.54 -67.41 -78.22
N SER G 21 -11.29 -66.42 -77.73
CA SER G 21 -11.99 -66.55 -76.46
C SER G 21 -13.41 -67.09 -76.68
N CYS G 22 -14.04 -67.48 -75.57
CA CYS G 22 -15.40 -68.05 -75.59
C CYS G 22 -16.03 -67.78 -74.21
N LYS G 23 -16.55 -66.57 -74.05
CA LYS G 23 -17.15 -66.15 -72.79
C LYS G 23 -18.61 -66.58 -72.72
N THR G 24 -19.00 -67.09 -71.56
CA THR G 24 -20.32 -67.66 -71.35
C THR G 24 -21.11 -66.81 -70.36
N SER G 25 -22.40 -67.11 -70.25
CA SER G 25 -23.29 -66.42 -69.32
C SER G 25 -24.62 -67.15 -69.29
N GLY G 26 -25.39 -66.92 -68.22
CA GLY G 26 -26.74 -67.41 -68.13
C GLY G 26 -26.90 -68.87 -67.75
N TYR G 27 -25.80 -69.61 -67.63
CA TYR G 27 -25.88 -71.03 -67.29
C TYR G 27 -24.63 -71.42 -66.52
N ARG G 28 -24.68 -72.60 -65.91
CA ARG G 28 -23.56 -73.11 -65.12
C ARG G 28 -22.42 -73.53 -66.04
N PHE G 29 -21.29 -72.82 -65.95
CA PHE G 29 -20.18 -73.07 -66.86
C PHE G 29 -19.53 -74.42 -66.60
N ASN G 30 -19.53 -74.88 -65.34
CA ASN G 30 -18.87 -76.13 -64.99
C ASN G 30 -19.78 -77.34 -65.15
N PHE G 31 -21.05 -77.14 -65.51
CA PHE G 31 -21.98 -78.26 -65.66
C PHE G 31 -21.96 -78.90 -67.04
N TYR G 32 -21.31 -78.28 -68.02
CA TYR G 32 -21.39 -78.75 -69.39
C TYR G 32 -20.00 -78.78 -70.01
N HIS G 33 -19.80 -79.72 -70.93
CA HIS G 33 -18.60 -79.68 -71.75
C HIS G 33 -18.68 -78.50 -72.71
N ILE G 34 -17.50 -78.08 -73.17
CA ILE G 34 -17.36 -76.99 -74.11
C ILE G 34 -16.74 -77.53 -75.38
N ASN G 35 -17.52 -77.59 -76.45
CA ASN G 35 -17.06 -78.07 -77.74
C ASN G 35 -16.44 -76.93 -78.54
N TRP G 36 -15.59 -77.31 -79.50
CA TRP G 36 -14.95 -76.39 -80.43
C TRP G 36 -14.92 -77.07 -81.78
N ILE G 37 -15.57 -76.45 -82.77
CA ILE G 37 -15.66 -76.99 -84.12
C ILE G 37 -15.44 -75.87 -85.14
N ARG G 38 -14.66 -76.15 -86.18
CA ARG G 38 -14.38 -75.15 -87.19
C ARG G 38 -15.25 -75.39 -88.43
N GLN G 39 -15.20 -74.43 -89.36
CA GLN G 39 -15.84 -74.54 -90.67
C GLN G 39 -14.93 -73.88 -91.70
N THR G 40 -14.21 -74.71 -92.45
CA THR G 40 -13.33 -74.28 -93.52
C THR G 40 -13.87 -74.78 -94.86
N ALA G 41 -13.81 -73.91 -95.87
CA ALA G 41 -14.32 -74.27 -97.19
C ALA G 41 -13.47 -75.31 -97.91
N GLY G 42 -12.28 -75.62 -97.39
CA GLY G 42 -11.42 -76.59 -98.02
C GLY G 42 -11.74 -78.03 -97.68
N ARG G 43 -12.28 -78.27 -96.49
CA ARG G 43 -12.60 -79.63 -96.08
C ARG G 43 -13.95 -79.71 -95.37
N GLY G 44 -14.80 -78.69 -95.50
CA GLY G 44 -16.06 -78.67 -94.81
C GLY G 44 -15.87 -78.49 -93.32
N PRO G 45 -16.89 -78.80 -92.53
CA PRO G 45 -16.74 -78.71 -91.08
C PRO G 45 -15.95 -79.89 -90.53
N GLU G 46 -15.23 -79.63 -89.45
CA GLU G 46 -14.43 -80.65 -88.78
C GLU G 46 -14.47 -80.41 -87.28
N TRP G 47 -14.87 -81.43 -86.52
CA TRP G 47 -14.89 -81.33 -85.07
C TRP G 47 -13.47 -81.23 -84.54
N MET G 48 -13.19 -80.17 -83.78
CA MET G 48 -11.83 -79.94 -83.29
C MET G 48 -11.62 -80.58 -81.92
N GLY G 49 -12.54 -80.38 -81.00
CA GLY G 49 -12.39 -81.04 -79.71
C GLY G 49 -13.26 -80.43 -78.64
N TRP G 50 -13.50 -81.21 -77.59
CA TRP G 50 -14.26 -80.74 -76.44
C TRP G 50 -13.39 -80.74 -75.19
N ILE G 51 -13.91 -80.09 -74.13
CA ILE G 51 -13.19 -79.96 -72.87
C ILE G 51 -14.20 -79.94 -71.74
N SER G 52 -13.76 -80.35 -70.55
CA SER G 52 -14.62 -80.38 -69.37
C SER G 52 -14.15 -79.35 -68.34
N PRO G 53 -14.86 -78.23 -68.16
CA PRO G 53 -14.45 -77.27 -67.14
C PRO G 53 -14.50 -77.80 -65.72
N TYR G 54 -15.32 -78.83 -65.47
CA TYR G 54 -15.43 -79.40 -64.13
C TYR G 54 -14.27 -80.35 -63.85
N SER G 55 -14.20 -81.45 -64.58
CA SER G 55 -13.19 -82.48 -64.31
C SER G 55 -11.84 -82.19 -64.97
N GLY G 56 -11.75 -81.15 -65.80
CA GLY G 56 -10.48 -80.85 -66.44
C GLY G 56 -10.06 -81.84 -67.49
N ASP G 57 -11.02 -82.56 -68.08
CA ASP G 57 -10.76 -83.58 -69.09
C ASP G 57 -11.06 -83.02 -70.48
N LYS G 58 -10.04 -82.99 -71.33
CA LYS G 58 -10.19 -82.56 -72.70
C LYS G 58 -10.07 -83.75 -73.64
N ASN G 59 -10.51 -83.55 -74.89
CA ASN G 59 -10.43 -84.59 -75.91
C ASN G 59 -10.44 -83.90 -77.27
N LEU G 60 -9.33 -84.01 -78.00
CA LEU G 60 -9.14 -83.39 -79.29
C LEU G 60 -9.21 -84.43 -80.40
N ALA G 61 -9.24 -83.94 -81.63
CA ALA G 61 -9.09 -84.81 -82.78
C ALA G 61 -7.62 -85.16 -82.97
N PRO G 62 -7.30 -86.38 -83.40
CA PRO G 62 -5.88 -86.75 -83.59
C PRO G 62 -5.15 -85.85 -84.58
N ALA G 63 -5.87 -85.16 -85.47
CA ALA G 63 -5.22 -84.21 -86.36
C ALA G 63 -4.90 -82.89 -85.66
N PHE G 64 -5.63 -82.55 -84.60
CA PHE G 64 -5.38 -81.35 -83.82
C PHE G 64 -4.68 -81.65 -82.49
N GLN G 65 -4.00 -82.78 -82.37
CA GLN G 65 -3.38 -83.15 -81.10
C GLN G 65 -2.16 -82.29 -80.77
N ASP G 66 -1.50 -81.72 -81.78
CA ASP G 66 -0.26 -80.99 -81.57
C ASP G 66 -0.42 -79.47 -81.59
N ARG G 67 -1.38 -78.94 -82.35
CA ARG G 67 -1.43 -77.51 -82.61
C ARG G 67 -2.52 -76.78 -81.85
N VAL G 68 -3.48 -77.48 -81.26
CA VAL G 68 -4.61 -76.86 -80.57
C VAL G 68 -4.42 -77.04 -79.07
N ILE G 69 -4.56 -75.95 -78.32
CA ILE G 69 -4.48 -75.98 -76.86
C ILE G 69 -5.69 -75.24 -76.31
N MET G 70 -6.55 -75.94 -75.58
CA MET G 70 -7.77 -75.37 -75.04
C MET G 70 -7.67 -75.24 -73.53
N THR G 71 -7.96 -74.05 -73.01
CA THR G 71 -7.92 -73.78 -71.59
C THR G 71 -9.27 -73.23 -71.14
N THR G 72 -9.55 -73.35 -69.85
CA THR G 72 -10.76 -72.81 -69.25
C THR G 72 -10.43 -72.20 -67.90
N ASP G 73 -11.08 -71.07 -67.59
CA ASP G 73 -10.99 -70.49 -66.27
C ASP G 73 -11.99 -71.17 -65.32
N THR G 74 -12.02 -70.70 -64.09
CA THR G 74 -13.03 -71.16 -63.14
C THR G 74 -14.25 -70.26 -63.22
N GLU G 75 -15.42 -70.86 -63.05
CA GLU G 75 -16.66 -70.14 -63.22
C GLU G 75 -16.86 -69.09 -62.13
N VAL G 76 -17.48 -67.98 -62.51
CA VAL G 76 -17.80 -66.92 -61.56
C VAL G 76 -19.31 -66.96 -61.31
N PRO G 77 -19.77 -67.61 -60.24
CA PRO G 77 -21.23 -67.74 -60.03
C PRO G 77 -21.87 -66.39 -59.80
N VAL G 78 -22.87 -66.07 -60.61
CA VAL G 78 -23.64 -64.83 -60.45
C VAL G 78 -24.84 -65.04 -59.54
N THR G 79 -25.67 -66.03 -59.84
CA THR G 79 -26.74 -66.46 -58.95
C THR G 79 -26.51 -67.92 -58.58
N SER G 80 -27.51 -68.53 -57.93
CA SER G 80 -27.38 -69.93 -57.57
C SER G 80 -27.44 -70.85 -58.79
N PHE G 81 -27.92 -70.35 -59.93
CA PHE G 81 -28.02 -71.15 -61.14
C PHE G 81 -27.25 -70.55 -62.30
N THR G 82 -26.65 -69.37 -62.14
CA THR G 82 -25.94 -68.68 -63.20
C THR G 82 -24.48 -68.49 -62.81
N SER G 83 -23.58 -68.68 -63.78
CA SER G 83 -22.15 -68.48 -63.61
C SER G 83 -21.58 -67.91 -64.91
N THR G 84 -20.47 -67.19 -64.81
CA THR G 84 -19.82 -66.58 -65.97
C THR G 84 -18.38 -67.09 -66.08
N GLY G 85 -18.21 -68.21 -66.77
CA GLY G 85 -16.90 -68.78 -67.02
C GLY G 85 -16.28 -68.26 -68.30
N ALA G 86 -15.22 -68.94 -68.73
CA ALA G 86 -14.52 -68.56 -69.96
C ALA G 86 -13.71 -69.76 -70.47
N ALA G 87 -13.71 -69.93 -71.79
CA ALA G 87 -12.98 -71.02 -72.44
C ALA G 87 -12.17 -70.42 -73.59
N TYR G 88 -10.84 -70.47 -73.47
CA TYR G 88 -9.96 -69.97 -74.51
C TYR G 88 -9.39 -71.12 -75.33
N MET G 89 -8.97 -70.79 -76.55
CA MET G 89 -8.35 -71.77 -77.44
C MET G 89 -7.24 -71.12 -78.26
N GLU G 90 -6.02 -71.63 -78.13
CA GLU G 90 -4.88 -71.16 -78.91
C GLU G 90 -4.55 -72.17 -80.01
N ILE G 91 -4.37 -71.67 -81.23
CA ILE G 91 -4.01 -72.50 -82.38
C ILE G 91 -2.71 -71.95 -82.96
N ARG G 92 -1.76 -72.85 -83.20
CA ARG G 92 -0.44 -72.53 -83.74
C ARG G 92 -0.23 -73.24 -85.06
N ASN G 93 0.91 -72.96 -85.69
CA ASN G 93 1.27 -73.52 -86.98
C ASN G 93 0.17 -73.27 -88.01
N LEU G 94 -0.14 -71.98 -88.19
CA LEU G 94 -1.21 -71.59 -89.09
C LEU G 94 -0.83 -71.89 -90.54
N LYS G 95 -1.74 -72.55 -91.26
CA LYS G 95 -1.57 -72.86 -92.67
C LYS G 95 -2.75 -72.28 -93.44
N PHE G 96 -2.71 -72.44 -94.77
CA PHE G 96 -3.77 -71.92 -95.63
C PHE G 96 -5.06 -72.69 -95.47
N ASP G 97 -5.00 -73.94 -95.00
CA ASP G 97 -6.19 -74.77 -94.84
C ASP G 97 -6.97 -74.46 -93.56
N ASP G 98 -6.46 -73.58 -92.71
CA ASP G 98 -7.10 -73.25 -91.44
C ASP G 98 -7.74 -71.87 -91.51
N THR G 99 -8.42 -71.58 -92.60
CA THR G 99 -9.10 -70.32 -92.81
C THR G 99 -10.60 -70.59 -92.85
N GLY G 100 -11.34 -69.97 -91.93
CA GLY G 100 -12.78 -70.16 -91.91
C GLY G 100 -13.38 -69.63 -90.62
N THR G 101 -14.62 -70.03 -90.36
CA THR G 101 -15.34 -69.59 -89.18
C THR G 101 -15.29 -70.67 -88.09
N TYR G 102 -14.90 -70.27 -86.88
CA TYR G 102 -14.75 -71.20 -85.78
C TYR G 102 -15.87 -71.01 -84.78
N PHE G 103 -16.17 -72.06 -84.02
CA PHE G 103 -17.31 -72.07 -83.12
C PHE G 103 -16.93 -72.77 -81.82
N CYS G 104 -17.54 -72.32 -80.73
CA CYS G 104 -17.56 -73.01 -79.45
C CYS G 104 -19.00 -73.15 -78.99
N ALA G 105 -19.32 -74.28 -78.35
CA ALA G 105 -20.69 -74.58 -77.99
C ALA G 105 -20.76 -75.29 -76.64
N LYS G 106 -21.97 -75.33 -76.09
CA LYS G 106 -22.25 -75.91 -74.78
C LYS G 106 -22.57 -77.39 -74.91
N GLY G 107 -22.13 -78.18 -73.92
CA GLY G 107 -22.48 -79.58 -73.88
C GLY G 107 -23.96 -79.82 -73.73
N LEU G 108 -24.39 -81.00 -74.16
CA LEU G 108 -25.81 -81.38 -74.21
C LEU G 108 -26.38 -81.68 -72.83
N LEU G 109 -25.99 -82.83 -72.28
CA LEU G 109 -26.56 -83.32 -71.03
C LEU G 109 -25.44 -83.45 -69.99
N ARG G 110 -25.84 -83.60 -68.73
CA ARG G 110 -24.89 -83.82 -67.66
C ARG G 110 -24.66 -85.29 -67.35
N ASP G 111 -25.43 -86.20 -67.96
CA ASP G 111 -25.22 -87.63 -67.78
C ASP G 111 -25.96 -88.35 -68.90
N GLY G 112 -25.48 -89.55 -69.24
CA GLY G 112 -26.12 -90.29 -70.30
C GLY G 112 -25.13 -90.66 -71.38
N SER G 113 -25.67 -91.04 -72.54
CA SER G 113 -24.84 -91.45 -73.66
C SER G 113 -24.40 -90.29 -74.55
N SER G 114 -25.13 -89.18 -74.55
CA SER G 114 -24.77 -88.00 -75.34
C SER G 114 -24.75 -86.80 -74.40
N THR G 115 -23.62 -86.62 -73.71
CA THR G 115 -23.46 -85.56 -72.72
C THR G 115 -22.80 -84.31 -73.28
N TRP G 116 -21.77 -84.49 -74.12
CA TRP G 116 -20.99 -83.37 -74.64
C TRP G 116 -21.56 -82.78 -75.91
N LEU G 117 -22.70 -83.28 -76.39
CA LEU G 117 -23.18 -82.90 -77.72
C LEU G 117 -23.45 -81.41 -77.79
N PRO G 118 -23.00 -80.71 -78.84
CA PRO G 118 -23.17 -79.25 -78.89
C PRO G 118 -24.62 -78.87 -79.09
N TYR G 119 -25.14 -78.07 -78.14
CA TYR G 119 -26.51 -77.58 -78.20
C TYR G 119 -26.57 -76.08 -78.45
N LEU G 120 -26.04 -75.27 -77.52
CA LEU G 120 -26.02 -73.82 -77.67
C LEU G 120 -24.71 -73.37 -78.31
N TRP G 121 -24.79 -72.90 -79.54
CA TRP G 121 -23.61 -72.45 -80.28
C TRP G 121 -23.38 -70.95 -80.12
N GLY G 122 -22.11 -70.56 -80.23
CA GLY G 122 -21.75 -69.15 -80.27
C GLY G 122 -22.01 -68.54 -81.64
N GLN G 123 -21.83 -67.22 -81.71
CA GLN G 123 -22.08 -66.51 -82.97
C GLN G 123 -21.02 -66.81 -84.03
N GLY G 124 -19.85 -67.26 -83.65
CA GLY G 124 -18.79 -67.62 -84.58
C GLY G 124 -17.68 -66.58 -84.60
N THR G 125 -16.55 -66.99 -85.17
CA THR G 125 -15.40 -66.09 -85.30
C THR G 125 -14.62 -66.45 -86.55
N LEU G 126 -14.55 -65.53 -87.51
CA LEU G 126 -13.91 -65.81 -88.78
C LEU G 126 -12.43 -65.45 -88.73
N LEU G 127 -11.59 -66.35 -89.23
CA LEU G 127 -10.15 -66.18 -89.29
C LEU G 127 -9.69 -66.39 -90.73
N THR G 128 -8.79 -65.53 -91.18
CA THR G 128 -8.22 -65.62 -92.53
C THR G 128 -6.70 -65.69 -92.39
N VAL G 129 -6.13 -66.84 -92.73
CA VAL G 129 -4.67 -67.01 -92.69
C VAL G 129 -4.11 -66.46 -94.00
N SER G 130 -3.38 -65.35 -93.91
CA SER G 130 -2.88 -64.67 -95.09
C SER G 130 -1.58 -63.96 -94.75
N SER G 131 -0.66 -63.96 -95.70
CA SER G 131 0.56 -63.19 -95.60
C SER G 131 0.40 -61.75 -96.08
N ALA G 132 -0.79 -61.38 -96.54
CA ALA G 132 -1.02 -60.03 -97.03
C ALA G 132 -1.08 -59.05 -95.87
N SER G 133 -1.35 -57.79 -96.19
CA SER G 133 -1.34 -56.70 -95.22
C SER G 133 -2.76 -56.27 -94.88
N THR G 134 -2.90 -55.67 -93.72
CA THR G 134 -4.17 -55.06 -93.31
C THR G 134 -4.31 -53.72 -94.02
N LYS G 135 -5.38 -53.57 -94.79
CA LYS G 135 -5.65 -52.35 -95.54
C LYS G 135 -7.06 -51.88 -95.23
N GLY G 136 -7.18 -50.61 -94.84
CA GLY G 136 -8.47 -50.05 -94.51
C GLY G 136 -9.36 -49.96 -95.73
N PRO G 137 -10.66 -49.78 -95.50
CA PRO G 137 -11.62 -49.71 -96.60
C PRO G 137 -11.72 -48.31 -97.19
N SER G 138 -12.48 -48.21 -98.27
CA SER G 138 -12.84 -46.95 -98.89
C SER G 138 -14.35 -46.88 -98.97
N VAL G 139 -14.94 -45.99 -98.17
CA VAL G 139 -16.39 -45.93 -97.99
C VAL G 139 -16.92 -44.77 -98.82
N PHE G 140 -17.89 -45.08 -99.69
CA PHE G 140 -18.56 -44.11 -100.54
C PHE G 140 -20.05 -44.09 -100.24
N PRO G 141 -20.73 -42.98 -100.48
CA PRO G 141 -22.20 -43.00 -100.43
C PRO G 141 -22.80 -43.51 -101.72
N LEU G 142 -24.09 -43.87 -101.64
CA LEU G 142 -24.85 -44.36 -102.77
C LEU G 142 -25.98 -43.40 -103.08
N ALA G 143 -26.20 -43.15 -104.37
CA ALA G 143 -27.28 -42.26 -104.76
C ALA G 143 -28.62 -42.96 -104.56
N PRO G 144 -29.66 -42.22 -104.15
CA PRO G 144 -30.95 -42.87 -103.91
C PRO G 144 -31.52 -43.40 -105.22
N SER G 145 -32.19 -44.56 -105.15
CA SER G 145 -32.80 -45.20 -106.29
C SER G 145 -34.27 -45.52 -106.10
N SER G 146 -35.02 -45.43 -107.19
CA SER G 146 -36.43 -45.75 -107.17
C SER G 146 -36.57 -47.27 -107.14
N LYS G 147 -37.48 -47.76 -106.30
CA LYS G 147 -37.77 -49.18 -106.18
C LYS G 147 -39.16 -49.51 -106.66
N SER G 148 -40.10 -48.60 -106.44
CA SER G 148 -41.47 -48.73 -106.92
C SER G 148 -41.94 -47.32 -107.21
N THR G 149 -42.12 -47.01 -108.49
CA THR G 149 -42.50 -45.65 -108.88
C THR G 149 -43.91 -45.35 -108.37
N SER G 150 -44.81 -46.32 -108.48
CA SER G 150 -46.16 -46.11 -107.97
C SER G 150 -46.17 -46.12 -106.45
N GLY G 151 -45.26 -46.87 -105.84
CA GLY G 151 -45.18 -46.95 -104.39
C GLY G 151 -44.40 -45.83 -103.72
N GLY G 152 -43.31 -45.39 -104.34
CA GLY G 152 -42.54 -44.31 -103.74
C GLY G 152 -41.57 -44.80 -102.69
N THR G 153 -40.60 -45.60 -103.09
CA THR G 153 -39.61 -46.13 -102.16
C THR G 153 -38.23 -45.84 -102.73
N ALA G 154 -37.35 -45.30 -101.89
CA ALA G 154 -36.00 -45.03 -102.31
C ALA G 154 -35.07 -46.05 -101.68
N ALA G 155 -33.90 -46.17 -102.27
CA ALA G 155 -32.89 -47.12 -101.83
C ALA G 155 -31.57 -46.38 -101.78
N LEU G 156 -31.04 -46.18 -100.58
CA LEU G 156 -29.77 -45.49 -100.46
C LEU G 156 -28.90 -46.33 -99.53
N GLY G 157 -27.61 -46.26 -99.76
CA GLY G 157 -26.71 -47.05 -98.95
C GLY G 157 -25.31 -46.53 -98.95
N CYS G 158 -24.41 -47.41 -98.55
CA CYS G 158 -23.00 -47.09 -98.47
C CYS G 158 -22.19 -48.24 -99.08
N LEU G 159 -21.00 -47.91 -99.56
CA LEU G 159 -20.18 -48.80 -100.38
C LEU G 159 -18.83 -48.93 -99.69
N VAL G 160 -18.55 -50.11 -99.14
CA VAL G 160 -17.25 -50.40 -98.57
C VAL G 160 -16.43 -51.11 -99.63
N LYS G 161 -15.26 -50.59 -99.94
CA LYS G 161 -14.53 -51.08 -101.10
C LYS G 161 -13.07 -51.31 -100.73
N ASP G 162 -12.53 -52.43 -101.22
CA ASP G 162 -11.10 -52.75 -101.18
C ASP G 162 -10.55 -52.76 -99.75
N TYR G 163 -10.86 -53.82 -99.01
CA TYR G 163 -10.23 -54.07 -97.71
C TYR G 163 -9.76 -55.52 -97.71
N PHE G 164 -8.51 -55.75 -97.30
CA PHE G 164 -7.94 -57.08 -97.27
C PHE G 164 -8.38 -57.90 -96.05
N PRO G 165 -8.30 -57.37 -94.81
CA PRO G 165 -8.61 -58.22 -93.65
C PRO G 165 -10.10 -58.55 -93.50
N GLU G 166 -10.49 -58.95 -92.29
CA GLU G 166 -11.82 -59.47 -91.94
C GLU G 166 -12.91 -58.48 -92.34
N PRO G 167 -14.15 -58.95 -92.57
CA PRO G 167 -15.21 -58.05 -93.04
C PRO G 167 -15.62 -57.02 -92.00
N VAL G 168 -16.61 -56.19 -92.34
CA VAL G 168 -16.95 -55.01 -91.55
C VAL G 168 -18.44 -55.01 -91.28
N THR G 169 -18.81 -54.59 -90.07
CA THR G 169 -20.19 -54.32 -89.71
C THR G 169 -20.52 -52.83 -89.82
N VAL G 170 -21.76 -52.54 -90.19
CA VAL G 170 -22.25 -51.20 -90.46
C VAL G 170 -23.58 -51.01 -89.74
N SER G 171 -23.70 -49.92 -88.99
CA SER G 171 -24.95 -49.50 -88.37
C SER G 171 -25.52 -48.30 -89.12
N TRP G 172 -26.76 -47.95 -88.79
CA TRP G 172 -27.46 -46.84 -89.44
C TRP G 172 -27.99 -45.90 -88.38
N ASN G 173 -27.55 -44.64 -88.44
CA ASN G 173 -27.90 -43.61 -87.46
C ASN G 173 -27.59 -44.08 -86.04
N SER G 174 -26.36 -44.57 -85.85
CA SER G 174 -25.93 -45.13 -84.57
C SER G 174 -26.85 -46.27 -84.14
N GLY G 175 -27.22 -47.12 -85.08
CA GLY G 175 -28.06 -48.28 -84.81
C GLY G 175 -29.52 -47.97 -84.60
N ALA G 176 -29.95 -46.73 -84.82
CA ALA G 176 -31.34 -46.33 -84.63
C ALA G 176 -32.25 -46.74 -85.79
N LEU G 177 -31.70 -47.29 -86.87
CA LEU G 177 -32.49 -47.69 -88.04
C LEU G 177 -32.21 -49.15 -88.35
N THR G 178 -33.23 -50.00 -88.21
CA THR G 178 -33.14 -51.41 -88.58
C THR G 178 -34.14 -51.85 -89.64
N SER G 179 -35.21 -51.09 -89.87
CA SER G 179 -36.19 -51.44 -90.89
C SER G 179 -35.66 -51.10 -92.27
N GLY G 180 -35.71 -52.08 -93.18
CA GLY G 180 -35.20 -51.90 -94.52
C GLY G 180 -33.72 -52.10 -94.69
N VAL G 181 -32.97 -52.28 -93.60
CA VAL G 181 -31.52 -52.46 -93.68
C VAL G 181 -31.24 -53.82 -94.32
N HIS G 182 -30.59 -53.80 -95.49
CA HIS G 182 -30.26 -55.00 -96.24
C HIS G 182 -28.80 -54.92 -96.65
N THR G 183 -27.99 -55.85 -96.16
CA THR G 183 -26.55 -55.83 -96.37
C THR G 183 -26.14 -56.96 -97.31
N PHE G 184 -25.29 -56.63 -98.30
CA PHE G 184 -24.77 -57.48 -99.36
C PHE G 184 -23.43 -58.07 -98.95
N PRO G 185 -23.13 -59.29 -99.43
CA PRO G 185 -21.86 -59.92 -99.09
C PRO G 185 -20.70 -59.31 -99.87
N ALA G 186 -19.49 -59.73 -99.48
CA ALA G 186 -18.26 -59.16 -100.02
C ALA G 186 -17.91 -59.80 -101.36
N VAL G 187 -16.90 -59.22 -102.01
CA VAL G 187 -16.40 -59.71 -103.29
C VAL G 187 -15.03 -60.33 -103.07
N LEU G 188 -14.53 -61.01 -104.09
CA LEU G 188 -13.18 -61.57 -104.08
C LEU G 188 -12.49 -61.16 -105.38
N GLN G 189 -11.60 -60.17 -105.30
CA GLN G 189 -10.87 -59.71 -106.47
C GLN G 189 -9.71 -60.66 -106.79
N SER G 190 -9.09 -60.44 -107.96
CA SER G 190 -7.95 -61.25 -108.35
C SER G 190 -6.74 -60.99 -107.45
N SER G 191 -6.62 -59.79 -106.90
CA SER G 191 -5.54 -59.47 -105.97
C SER G 191 -5.83 -59.93 -104.55
N GLY G 192 -7.04 -60.39 -104.27
CA GLY G 192 -7.43 -60.78 -102.93
C GLY G 192 -8.17 -59.72 -102.16
N LEU G 193 -8.91 -58.85 -102.85
CA LEU G 193 -9.63 -57.76 -102.19
C LEU G 193 -11.07 -58.17 -101.91
N TYR G 194 -11.62 -57.60 -100.85
CA TYR G 194 -13.00 -57.80 -100.45
C TYR G 194 -13.71 -56.45 -100.43
N SER G 195 -14.94 -56.43 -100.94
CA SER G 195 -15.70 -55.18 -101.00
C SER G 195 -17.18 -55.51 -101.09
N LEU G 196 -17.99 -54.78 -100.34
CA LEU G 196 -19.43 -55.03 -100.32
C LEU G 196 -20.17 -53.69 -100.33
N SER G 197 -21.48 -53.78 -100.09
CA SER G 197 -22.33 -52.61 -100.03
C SER G 197 -23.46 -52.88 -99.05
N SER G 198 -24.17 -51.82 -98.71
CA SER G 198 -25.35 -51.91 -97.87
C SER G 198 -26.34 -50.86 -98.36
N VAL G 199 -27.62 -51.09 -98.09
CA VAL G 199 -28.68 -50.23 -98.59
C VAL G 199 -29.86 -50.30 -97.63
N VAL G 200 -30.74 -49.30 -97.73
CA VAL G 200 -31.98 -49.23 -96.97
C VAL G 200 -33.04 -48.59 -97.83
N THR G 201 -34.26 -49.13 -97.75
CA THR G 201 -35.42 -48.64 -98.47
C THR G 201 -36.16 -47.63 -97.61
N VAL G 202 -36.04 -46.35 -97.94
CA VAL G 202 -36.60 -45.26 -97.17
C VAL G 202 -37.84 -44.69 -97.86
N PRO G 203 -38.78 -44.11 -97.12
CA PRO G 203 -39.90 -43.41 -97.76
C PRO G 203 -39.42 -42.18 -98.51
N SER G 204 -40.00 -41.97 -99.69
CA SER G 204 -39.65 -40.79 -100.49
C SER G 204 -40.08 -39.50 -99.82
N SER G 205 -41.10 -39.54 -98.97
CA SER G 205 -41.48 -38.37 -98.18
C SER G 205 -40.55 -38.11 -97.00
N SER G 206 -39.71 -39.07 -96.63
CA SER G 206 -38.77 -38.91 -95.52
C SER G 206 -37.46 -38.29 -96.02
N LEU G 207 -37.55 -37.02 -96.39
CA LEU G 207 -36.39 -36.26 -96.83
C LEU G 207 -36.16 -34.97 -96.06
N GLY G 208 -37.15 -34.49 -95.30
CA GLY G 208 -36.99 -33.29 -94.50
C GLY G 208 -37.33 -33.54 -93.05
N THR G 209 -37.66 -34.79 -92.72
CA THR G 209 -38.01 -35.17 -91.37
C THR G 209 -37.01 -36.10 -90.69
N GLN G 210 -36.16 -36.79 -91.46
CA GLN G 210 -35.23 -37.75 -90.90
C GLN G 210 -33.89 -37.61 -91.60
N THR G 211 -32.82 -38.01 -90.90
CA THR G 211 -31.46 -37.97 -91.44
C THR G 211 -30.84 -39.36 -91.32
N TYR G 212 -30.19 -39.82 -92.39
CA TYR G 212 -29.67 -41.18 -92.48
C TYR G 212 -28.16 -41.13 -92.59
N ILE G 213 -27.46 -41.61 -91.56
CA ILE G 213 -26.01 -41.64 -91.50
C ILE G 213 -25.58 -43.09 -91.31
N CYS G 214 -24.75 -43.59 -92.23
CA CYS G 214 -24.22 -44.94 -92.10
C CYS G 214 -22.89 -44.91 -91.36
N ASN G 215 -22.68 -45.92 -90.52
CA ASN G 215 -21.51 -45.99 -89.63
C ASN G 215 -20.81 -47.31 -89.92
N VAL G 216 -19.61 -47.23 -90.50
CA VAL G 216 -18.79 -48.37 -90.86
C VAL G 216 -17.76 -48.55 -89.76
N ASN G 217 -17.58 -49.78 -89.29
CA ASN G 217 -16.70 -50.07 -88.15
C ASN G 217 -15.80 -51.25 -88.49
N HIS G 218 -14.63 -50.96 -89.06
CA HIS G 218 -13.65 -51.98 -89.40
C HIS G 218 -12.75 -52.19 -88.18
N LYS G 219 -12.85 -53.37 -87.59
CA LYS G 219 -12.23 -53.61 -86.29
C LYS G 219 -10.78 -54.09 -86.41
N PRO G 220 -10.45 -55.05 -87.30
CA PRO G 220 -9.03 -55.43 -87.44
C PRO G 220 -8.13 -54.28 -87.83
N SER G 221 -8.61 -53.34 -88.65
CA SER G 221 -7.87 -52.13 -88.96
C SER G 221 -8.11 -51.01 -87.95
N ASN G 222 -9.12 -51.16 -87.09
CA ASN G 222 -9.44 -50.18 -86.05
C ASN G 222 -9.73 -48.80 -86.66
N THR G 223 -10.69 -48.79 -87.57
CA THR G 223 -11.13 -47.58 -88.25
C THR G 223 -12.66 -47.51 -88.22
N LYS G 224 -13.16 -46.28 -88.38
CA LYS G 224 -14.58 -46.01 -88.44
C LYS G 224 -14.82 -44.92 -89.47
N VAL G 225 -15.87 -45.08 -90.26
CA VAL G 225 -16.26 -44.08 -91.26
C VAL G 225 -17.74 -43.79 -91.10
N ASP G 226 -18.07 -42.53 -90.83
CA ASP G 226 -19.47 -42.11 -90.71
C ASP G 226 -19.80 -41.26 -91.93
N LYS G 227 -20.67 -41.77 -92.79
CA LYS G 227 -21.03 -41.11 -94.03
C LYS G 227 -22.48 -40.65 -93.99
N ARG G 228 -22.74 -39.53 -94.63
CA ARG G 228 -24.08 -38.97 -94.76
C ARG G 228 -24.51 -39.10 -96.21
N VAL G 229 -25.54 -39.90 -96.46
CA VAL G 229 -26.06 -40.09 -97.81
C VAL G 229 -26.88 -38.85 -98.18
N GLU G 230 -26.58 -38.27 -99.33
CA GLU G 230 -27.27 -37.06 -99.74
C GLU G 230 -28.71 -37.40 -100.14
N PRO G 231 -29.71 -36.64 -99.68
CA PRO G 231 -31.09 -36.93 -100.08
C PRO G 231 -31.41 -36.49 -101.50
N LYS G 232 -30.47 -35.87 -102.21
CA LYS G 232 -30.70 -35.42 -103.57
C LYS G 232 -30.59 -36.64 -104.50
N SER G 233 -31.69 -37.02 -105.13
CA SER G 233 -31.69 -38.22 -105.93
C SER G 233 -31.17 -37.94 -107.34
N CYS G 234 -30.94 -39.01 -108.10
CA CYS G 234 -30.47 -38.89 -109.47
C CYS G 234 -31.14 -39.90 -110.39
N ASP G 235 -32.00 -40.76 -109.86
CA ASP G 235 -32.74 -41.75 -110.64
C ASP G 235 -34.01 -41.08 -111.12
N LYS G 236 -34.32 -41.22 -112.41
CA LYS G 236 -35.48 -40.53 -112.94
C LYS G 236 -36.80 -41.06 -112.41
N GLY G 237 -36.84 -42.31 -111.96
CA GLY G 237 -37.99 -42.92 -111.31
C GLY G 237 -38.21 -42.54 -109.85
N LEU G 238 -37.24 -41.89 -109.20
CA LEU G 238 -37.32 -41.52 -107.79
C LEU G 238 -37.60 -40.07 -107.47
N GLU G 239 -37.37 -39.11 -108.38
CA GLU G 239 -37.64 -37.72 -108.01
C GLU G 239 -39.12 -37.49 -107.78
N VAL G 240 -39.99 -38.27 -108.41
CA VAL G 240 -41.42 -38.10 -108.24
C VAL G 240 -41.84 -38.54 -106.84
N SER H 2 -14.60 -87.23 -95.93
CA SER H 2 -15.73 -87.87 -95.27
C SER H 2 -16.08 -89.19 -95.94
N VAL H 3 -15.81 -90.29 -95.24
CA VAL H 3 -16.24 -91.61 -95.73
C VAL H 3 -17.72 -91.86 -95.52
N LEU H 4 -18.39 -91.02 -94.74
CA LEU H 4 -19.85 -91.11 -94.57
C LEU H 4 -20.52 -90.49 -95.79
N THR H 5 -21.03 -91.35 -96.68
CA THR H 5 -21.58 -90.90 -97.95
C THR H 5 -23.10 -90.80 -97.88
N GLN H 6 -23.62 -89.70 -98.41
CA GLN H 6 -25.05 -89.44 -98.48
C GLN H 6 -25.49 -89.39 -99.94
N SER H 7 -26.72 -88.92 -100.14
CA SER H 7 -27.22 -88.70 -101.49
C SER H 7 -26.51 -87.49 -102.10
N ALA H 8 -26.40 -87.48 -103.43
CA ALA H 8 -25.74 -86.40 -104.14
C ALA H 8 -26.53 -85.11 -104.00
N SER H 9 -27.59 -84.98 -104.79
CA SER H 9 -28.46 -83.81 -104.74
C SER H 9 -29.89 -84.30 -104.88
N VAL H 10 -30.77 -83.82 -104.00
CA VAL H 10 -32.13 -84.32 -103.88
C VAL H 10 -33.11 -83.17 -104.06
N SER H 11 -34.12 -83.37 -104.89
CA SER H 11 -35.21 -82.44 -105.06
C SER H 11 -36.49 -83.02 -104.46
N GLY H 12 -37.60 -82.33 -104.66
CA GLY H 12 -38.87 -82.80 -104.11
C GLY H 12 -40.01 -81.96 -104.62
N SER H 13 -41.22 -82.35 -104.21
CA SER H 13 -42.45 -81.68 -104.60
C SER H 13 -43.11 -81.06 -103.38
N LEU H 14 -44.14 -80.24 -103.64
CA LEU H 14 -44.85 -79.56 -102.57
C LEU H 14 -45.83 -80.49 -101.88
N GLY H 15 -45.72 -80.58 -100.57
CA GLY H 15 -46.66 -81.36 -99.79
C GLY H 15 -46.50 -82.87 -99.95
N GLN H 16 -45.30 -83.32 -100.28
CA GLN H 16 -45.04 -84.74 -100.45
C GLN H 16 -43.91 -85.16 -99.49
N SER H 17 -43.44 -86.38 -99.67
CA SER H 17 -42.35 -86.95 -98.88
C SER H 17 -41.03 -86.87 -99.64
N VAL H 18 -39.93 -87.03 -98.89
CA VAL H 18 -38.61 -87.02 -99.49
C VAL H 18 -37.68 -87.82 -98.58
N THR H 19 -36.70 -88.50 -99.17
CA THR H 19 -35.82 -89.38 -98.43
C THR H 19 -34.35 -89.05 -98.70
N ILE H 20 -33.55 -89.00 -97.63
CA ILE H 20 -32.13 -88.69 -97.71
C ILE H 20 -31.35 -89.84 -97.08
N SER H 21 -30.30 -90.28 -97.75
CA SER H 21 -29.49 -91.41 -97.33
C SER H 21 -28.26 -90.95 -96.54
N CYS H 22 -27.61 -91.91 -95.87
CA CYS H 22 -26.42 -91.62 -95.09
C CYS H 22 -25.71 -92.91 -94.69
N THR H 23 -24.56 -93.21 -95.31
CA THR H 23 -23.87 -94.46 -95.06
C THR H 23 -22.37 -94.27 -95.24
N GLY H 24 -21.63 -95.35 -94.94
CA GLY H 24 -20.19 -95.37 -95.06
C GLY H 24 -19.64 -96.78 -94.94
N PRO H 25 -18.31 -96.90 -94.77
CA PRO H 25 -17.70 -98.22 -94.63
C PRO H 25 -18.05 -98.94 -93.34
N ASN H 26 -17.32 -100.03 -93.10
CA ASN H 26 -17.45 -100.91 -91.89
C ASN H 26 -17.31 -100.11 -90.60
N SER H 27 -16.94 -98.83 -90.72
CA SER H 27 -17.04 -97.93 -89.55
C SER H 27 -18.57 -97.88 -89.50
N VAL H 28 -19.28 -97.14 -90.37
CA VAL H 28 -20.79 -97.01 -90.45
C VAL H 28 -21.42 -96.01 -89.47
N CYS H 29 -22.26 -95.13 -90.01
CA CYS H 29 -23.13 -94.26 -89.17
C CYS H 29 -24.15 -95.18 -88.49
N CYS H 30 -24.66 -96.15 -89.26
CA CYS H 30 -25.67 -97.20 -88.92
C CYS H 30 -25.11 -98.27 -87.97
N SER H 31 -24.21 -99.16 -88.43
CA SER H 31 -23.68 -100.22 -87.53
C SER H 31 -23.23 -99.69 -86.16
N HIS H 32 -23.72 -100.37 -85.12
CA HIS H 32 -23.61 -100.23 -83.68
C HIS H 32 -23.34 -98.78 -83.26
N LYS H 33 -23.51 -97.83 -84.16
CA LYS H 33 -23.29 -96.42 -83.86
C LYS H 33 -24.59 -95.64 -83.93
N SER H 34 -24.61 -94.51 -83.22
CA SER H 34 -25.78 -93.63 -83.18
C SER H 34 -25.69 -92.65 -84.33
N ILE H 35 -26.84 -92.31 -84.90
CA ILE H 35 -26.94 -91.42 -86.06
C ILE H 35 -27.79 -90.21 -85.70
N SER H 36 -27.36 -89.04 -86.16
CA SER H 36 -28.09 -87.79 -85.94
C SER H 36 -28.15 -87.02 -87.26
N TRP H 37 -29.13 -86.12 -87.35
CA TRP H 37 -29.36 -85.33 -88.55
C TRP H 37 -29.40 -83.85 -88.18
N TYR H 38 -28.84 -83.02 -89.06
CA TYR H 38 -28.72 -81.58 -88.86
C TYR H 38 -29.27 -80.84 -90.07
N GLN H 39 -30.28 -80.01 -89.85
CA GLN H 39 -30.72 -79.03 -90.83
C GLN H 39 -29.77 -77.84 -90.82
N TRP H 40 -29.04 -77.61 -91.92
CA TRP H 40 -27.94 -76.64 -91.97
C TRP H 40 -28.26 -75.56 -92.98
N PRO H 41 -28.87 -74.46 -92.56
CA PRO H 41 -28.91 -73.27 -93.41
C PRO H 41 -27.53 -72.68 -93.56
N PRO H 42 -26.98 -72.68 -94.78
CA PRO H 42 -25.59 -72.24 -94.97
C PRO H 42 -25.37 -70.78 -94.64
N GLY H 43 -24.59 -70.53 -93.59
CA GLY H 43 -24.31 -69.20 -93.11
C GLY H 43 -25.19 -68.73 -91.98
N ARG H 44 -26.08 -69.57 -91.47
CA ARG H 44 -26.93 -69.20 -90.35
C ARG H 44 -26.93 -70.29 -89.28
N ALA H 45 -27.84 -70.19 -88.33
CA ALA H 45 -27.88 -71.13 -87.20
C ALA H 45 -28.49 -72.46 -87.62
N PRO H 46 -27.75 -73.57 -87.53
CA PRO H 46 -28.34 -74.88 -87.86
C PRO H 46 -29.29 -75.36 -86.78
N THR H 47 -29.78 -76.59 -86.91
CA THR H 47 -30.76 -77.13 -85.97
C THR H 47 -30.64 -78.65 -85.91
N LEU H 48 -30.61 -79.19 -84.70
CA LEU H 48 -30.72 -80.63 -84.52
C LEU H 48 -32.19 -81.05 -84.60
N ILE H 49 -32.46 -82.08 -85.40
CA ILE H 49 -33.83 -82.49 -85.66
C ILE H 49 -34.03 -83.95 -85.28
N ILE H 50 -32.95 -84.74 -85.35
CA ILE H 50 -32.99 -86.18 -85.13
C ILE H 50 -31.70 -86.58 -84.41
N TYR H 51 -31.82 -87.26 -83.28
CA TYR H 51 -30.67 -87.57 -82.44
C TYR H 51 -30.62 -89.05 -82.07
N GLU H 52 -29.43 -89.64 -82.18
CA GLU H 52 -29.06 -90.96 -81.68
C GLU H 52 -29.81 -92.11 -82.34
N ASP H 53 -31.02 -91.84 -82.85
CA ASP H 53 -31.77 -92.77 -83.68
C ASP H 53 -33.00 -92.06 -84.23
N ASN H 54 -34.06 -92.81 -84.55
CA ASN H 54 -35.27 -92.19 -85.08
C ASN H 54 -35.90 -91.21 -84.11
N GLU H 55 -35.51 -91.22 -82.84
CA GLU H 55 -36.02 -90.26 -81.87
C GLU H 55 -35.60 -88.84 -82.25
N ARG H 56 -36.59 -87.93 -82.32
CA ARG H 56 -36.37 -86.58 -82.78
C ARG H 56 -36.15 -85.62 -81.61
N ALA H 57 -35.61 -84.44 -81.94
CA ALA H 57 -35.38 -83.40 -80.95
C ALA H 57 -36.69 -82.79 -80.49
N PRO H 58 -36.73 -82.21 -79.28
CA PRO H 58 -37.96 -81.54 -78.81
C PRO H 58 -38.32 -80.35 -79.68
N GLY H 59 -39.62 -80.15 -79.86
CA GLY H 59 -40.14 -79.10 -80.71
C GLY H 59 -40.22 -79.43 -82.19
N ILE H 60 -39.57 -80.50 -82.63
CA ILE H 60 -39.61 -80.89 -84.04
C ILE H 60 -40.98 -81.45 -84.38
N SER H 61 -41.57 -80.96 -85.47
CA SER H 61 -42.83 -81.52 -85.94
C SER H 61 -42.63 -82.96 -86.39
N PRO H 62 -43.65 -83.81 -86.22
CA PRO H 62 -43.49 -85.23 -86.56
C PRO H 62 -43.41 -85.50 -88.07
N ARG H 63 -43.31 -84.44 -88.88
CA ARG H 63 -43.12 -84.62 -90.31
C ARG H 63 -41.79 -85.31 -90.61
N PHE H 64 -40.81 -85.17 -89.73
CA PHE H 64 -39.51 -85.81 -89.89
C PHE H 64 -39.50 -87.17 -89.21
N SER H 65 -38.68 -88.08 -89.74
CA SER H 65 -38.53 -89.41 -89.17
C SER H 65 -37.19 -89.99 -89.63
N GLY H 66 -36.74 -91.02 -88.91
CA GLY H 66 -35.47 -91.63 -89.20
C GLY H 66 -35.59 -93.14 -89.23
N TYR H 67 -34.57 -93.77 -89.81
CA TYR H 67 -34.49 -95.22 -89.89
C TYR H 67 -33.03 -95.64 -89.94
N LYS H 68 -32.73 -96.81 -89.37
CA LYS H 68 -31.36 -97.30 -89.32
C LYS H 68 -31.35 -98.77 -89.76
N SER H 69 -30.73 -99.03 -90.92
CA SER H 69 -30.58 -100.37 -91.46
C SER H 69 -29.31 -100.98 -90.86
N TYR H 70 -28.78 -102.04 -91.46
CA TYR H 70 -27.51 -102.58 -90.98
C TYR H 70 -26.28 -101.93 -91.63
N TRP H 71 -26.44 -101.03 -92.60
CA TRP H 71 -25.26 -100.41 -93.20
C TRP H 71 -25.48 -98.93 -93.48
N SER H 72 -26.67 -98.37 -93.19
CA SER H 72 -26.95 -96.98 -93.48
C SER H 72 -28.10 -96.48 -92.62
N ALA H 73 -28.20 -95.15 -92.52
CA ALA H 73 -29.27 -94.46 -91.84
C ALA H 73 -30.00 -93.56 -92.84
N TYR H 74 -31.29 -93.34 -92.55
CA TYR H 74 -32.14 -92.68 -93.52
C TYR H 74 -32.96 -91.61 -92.83
N LEU H 75 -33.23 -90.52 -93.55
CA LEU H 75 -34.08 -89.42 -93.10
C LEU H 75 -35.27 -89.24 -94.02
N THR H 76 -36.48 -89.32 -93.47
CA THR H 76 -37.72 -89.23 -94.23
C THR H 76 -38.45 -87.96 -93.80
N ILE H 77 -38.94 -87.20 -94.77
CA ILE H 77 -39.61 -85.93 -94.53
C ILE H 77 -40.97 -85.96 -95.19
N SER H 78 -42.03 -85.95 -94.38
CA SER H 78 -43.40 -85.85 -94.85
C SER H 78 -43.85 -84.40 -94.92
N ASP H 79 -44.75 -84.13 -95.86
CA ASP H 79 -45.36 -82.80 -96.01
C ASP H 79 -44.28 -81.72 -96.17
N LEU H 80 -43.68 -81.72 -97.36
CA LEU H 80 -42.59 -80.78 -97.64
C LEU H 80 -43.11 -79.35 -97.64
N ARG H 81 -42.40 -78.48 -96.95
CA ARG H 81 -42.74 -77.07 -96.82
C ARG H 81 -41.68 -76.20 -97.50
N PRO H 82 -42.04 -74.96 -97.87
CA PRO H 82 -41.03 -74.10 -98.52
C PRO H 82 -39.82 -73.80 -97.66
N GLU H 83 -39.97 -73.75 -96.34
CA GLU H 83 -38.82 -73.48 -95.48
C GLU H 83 -37.90 -74.68 -95.31
N ASP H 84 -38.29 -75.85 -95.83
CA ASP H 84 -37.46 -77.04 -95.79
C ASP H 84 -36.43 -77.09 -96.92
N GLU H 85 -36.36 -76.04 -97.74
CA GLU H 85 -35.49 -76.02 -98.92
C GLU H 85 -34.11 -75.53 -98.49
N THR H 86 -33.34 -76.47 -97.92
CA THR H 86 -31.98 -76.19 -97.50
C THR H 86 -31.22 -77.50 -97.36
N THR H 87 -29.91 -77.38 -97.15
CA THR H 87 -29.01 -78.53 -97.11
C THR H 87 -29.01 -79.18 -95.73
N TYR H 88 -29.00 -80.51 -95.72
CA TYR H 88 -28.99 -81.29 -94.50
C TYR H 88 -27.70 -82.09 -94.42
N TYR H 89 -27.35 -82.51 -93.21
CA TYR H 89 -26.15 -83.31 -92.97
C TYR H 89 -26.45 -84.39 -91.96
N CYS H 90 -25.71 -85.48 -92.04
CA CYS H 90 -25.83 -86.55 -91.06
C CYS H 90 -24.51 -86.74 -90.32
N CYS H 91 -24.61 -87.14 -89.06
CA CYS H 91 -23.44 -87.42 -88.23
C CYS H 91 -23.58 -88.80 -87.60
N SER H 92 -22.47 -89.53 -87.58
CA SER H 92 -22.36 -90.81 -86.88
C SER H 92 -21.43 -90.67 -85.69
N TYR H 93 -21.80 -91.29 -84.57
CA TYR H 93 -21.00 -91.14 -83.35
C TYR H 93 -21.32 -92.26 -82.38
N THR H 94 -20.56 -92.30 -81.30
CA THR H 94 -20.82 -93.19 -80.17
C THR H 94 -21.09 -92.33 -78.92
N HIS H 95 -21.06 -92.97 -77.76
CA HIS H 95 -21.24 -92.21 -76.52
C HIS H 95 -20.02 -91.37 -76.21
N ASN H 96 -18.83 -91.85 -76.58
CA ASN H 96 -17.59 -91.16 -76.25
C ASN H 96 -16.93 -90.48 -77.43
N SER H 97 -17.04 -91.03 -78.64
CA SER H 97 -16.39 -90.43 -79.78
C SER H 97 -17.12 -89.16 -80.20
N GLY H 98 -16.45 -88.35 -81.01
CA GLY H 98 -17.03 -87.12 -81.51
C GLY H 98 -17.91 -87.33 -82.73
N CYS H 99 -18.21 -86.23 -83.40
CA CYS H 99 -19.08 -86.25 -84.57
C CYS H 99 -18.29 -86.52 -85.85
N VAL H 100 -18.94 -87.24 -86.76
CA VAL H 100 -18.39 -87.55 -88.07
C VAL H 100 -19.42 -87.11 -89.10
N PHE H 101 -19.18 -85.97 -89.74
CA PHE H 101 -20.13 -85.44 -90.71
C PHE H 101 -20.09 -86.25 -92.01
N GLY H 102 -21.15 -86.12 -92.81
CA GLY H 102 -21.25 -86.80 -94.07
C GLY H 102 -20.89 -85.92 -95.25
N THR H 103 -21.26 -86.40 -96.44
CA THR H 103 -20.94 -85.66 -97.66
C THR H 103 -21.86 -84.46 -97.86
N GLY H 104 -23.14 -84.61 -97.52
CA GLY H 104 -24.10 -83.54 -97.68
C GLY H 104 -25.19 -83.88 -98.69
N THR H 105 -26.36 -83.25 -98.53
CA THR H 105 -27.48 -83.52 -99.44
C THR H 105 -28.30 -82.23 -99.54
N LYS H 106 -28.16 -81.53 -100.66
CA LYS H 106 -28.98 -80.36 -100.92
C LYS H 106 -30.41 -80.77 -101.23
N VAL H 107 -31.36 -80.02 -100.69
CA VAL H 107 -32.78 -80.30 -100.84
C VAL H 107 -33.46 -79.11 -101.52
N SER H 108 -34.25 -79.39 -102.55
CA SER H 108 -34.96 -78.36 -103.31
C SER H 108 -36.41 -78.80 -103.47
N VAL H 109 -37.32 -78.10 -102.79
CA VAL H 109 -38.74 -78.40 -102.86
C VAL H 109 -39.37 -77.51 -103.93
N LEU H 110 -39.81 -78.11 -105.03
CA LEU H 110 -40.42 -77.40 -106.13
C LEU H 110 -41.95 -77.55 -106.02
N GLY H 111 -42.65 -77.22 -107.11
CA GLY H 111 -44.10 -77.19 -107.07
C GLY H 111 -44.68 -75.97 -106.41
N GLN H 112 -43.88 -74.95 -106.13
CA GLN H 112 -44.31 -73.74 -105.45
C GLN H 112 -44.57 -72.63 -106.47
N SER H 113 -45.09 -71.51 -105.98
CA SER H 113 -45.35 -70.37 -106.84
C SER H 113 -44.04 -69.68 -107.17
N LYS H 114 -43.73 -69.60 -108.47
CA LYS H 114 -42.50 -68.96 -108.90
C LYS H 114 -42.57 -67.45 -108.68
N ALA H 115 -41.40 -66.83 -108.68
CA ALA H 115 -41.26 -65.42 -108.32
C ALA H 115 -40.70 -64.65 -109.50
N ASN H 116 -41.37 -63.56 -109.87
CA ASN H 116 -40.85 -62.66 -110.89
C ASN H 116 -39.72 -61.83 -110.27
N PRO H 117 -38.55 -61.75 -110.92
CA PRO H 117 -37.40 -61.13 -110.26
C PRO H 117 -37.53 -59.61 -110.16
N SER H 118 -36.64 -59.06 -109.34
CA SER H 118 -36.49 -57.62 -109.09
C SER H 118 -35.02 -57.28 -109.34
N VAL H 119 -34.74 -56.73 -110.51
CA VAL H 119 -33.40 -56.37 -110.97
C VAL H 119 -33.30 -54.85 -111.06
N THR H 120 -32.31 -54.29 -110.37
CA THR H 120 -32.11 -52.83 -110.31
C THR H 120 -30.67 -52.49 -110.68
N LEU H 121 -30.50 -51.47 -111.53
CA LEU H 121 -29.21 -51.02 -112.03
C LEU H 121 -28.85 -49.66 -111.41
N PHE H 122 -27.60 -49.54 -110.95
CA PHE H 122 -27.06 -48.34 -110.33
C PHE H 122 -25.78 -47.88 -111.00
N PRO H 123 -25.61 -46.56 -111.16
CA PRO H 123 -24.36 -46.02 -111.68
C PRO H 123 -23.49 -45.58 -110.52
N PRO H 124 -22.21 -45.27 -110.77
CA PRO H 124 -21.42 -44.64 -109.71
C PRO H 124 -21.90 -43.23 -109.42
N SER H 125 -21.71 -42.79 -108.18
CA SER H 125 -22.18 -41.48 -107.77
C SER H 125 -21.10 -40.43 -108.03
N SER H 126 -21.30 -39.21 -107.52
CA SER H 126 -20.32 -38.16 -107.73
C SER H 126 -19.07 -38.37 -106.89
N GLU H 127 -19.21 -38.97 -105.70
CA GLU H 127 -18.04 -39.22 -104.87
C GLU H 127 -17.13 -40.27 -105.49
N GLU H 128 -17.69 -41.22 -106.24
CA GLU H 128 -16.85 -42.16 -106.97
C GLU H 128 -16.24 -41.52 -108.21
N LEU H 129 -16.94 -40.54 -108.80
CA LEU H 129 -16.32 -39.74 -109.86
C LEU H 129 -15.15 -38.93 -109.33
N GLN H 130 -15.18 -38.59 -108.04
CA GLN H 130 -14.01 -38.00 -107.40
C GLN H 130 -12.92 -39.03 -107.18
N ALA H 131 -13.29 -40.30 -107.05
CA ALA H 131 -12.36 -41.40 -106.85
C ALA H 131 -11.76 -41.93 -108.14
N ASN H 132 -12.17 -41.40 -109.30
CA ASN H 132 -11.62 -41.78 -110.60
C ASN H 132 -11.87 -43.24 -110.92
N LYS H 133 -13.01 -43.78 -110.47
CA LYS H 133 -13.45 -45.12 -110.79
C LYS H 133 -14.92 -45.10 -111.17
N ALA H 134 -15.43 -46.25 -111.61
CA ALA H 134 -16.83 -46.36 -111.98
C ALA H 134 -17.27 -47.80 -111.75
N THR H 135 -18.41 -47.98 -111.07
CA THR H 135 -18.88 -49.32 -110.76
C THR H 135 -20.38 -49.40 -110.99
N LEU H 136 -20.80 -50.22 -111.94
CA LEU H 136 -22.22 -50.48 -112.15
C LEU H 136 -22.68 -51.58 -111.19
N VAL H 137 -23.84 -51.36 -110.57
CA VAL H 137 -24.41 -52.22 -109.54
C VAL H 137 -25.71 -52.83 -110.06
N CYS H 138 -25.75 -54.15 -110.21
CA CYS H 138 -26.96 -54.81 -110.70
C CYS H 138 -27.44 -55.78 -109.63
N LEU H 139 -28.51 -55.41 -108.91
CA LEU H 139 -29.02 -56.19 -107.80
C LEU H 139 -30.22 -57.01 -108.24
N ILE H 140 -30.25 -58.27 -107.80
CA ILE H 140 -31.28 -59.24 -108.19
C ILE H 140 -31.90 -59.80 -106.92
N SER H 141 -33.23 -59.88 -106.88
CA SER H 141 -33.89 -60.41 -105.70
C SER H 141 -35.24 -60.98 -106.10
N ASP H 142 -35.78 -61.85 -105.23
CA ASP H 142 -37.15 -62.35 -105.34
C ASP H 142 -37.37 -63.10 -106.66
N PHE H 143 -36.52 -64.10 -106.88
CA PHE H 143 -36.65 -65.02 -108.00
C PHE H 143 -36.54 -66.46 -107.49
N TYR H 144 -37.40 -67.34 -108.01
CA TYR H 144 -37.55 -68.66 -107.42
C TYR H 144 -36.47 -69.66 -107.85
N PRO H 145 -36.21 -69.87 -109.14
CA PRO H 145 -35.20 -70.88 -109.51
C PRO H 145 -33.80 -70.36 -109.25
N GLY H 146 -32.95 -71.24 -108.75
CA GLY H 146 -31.58 -70.86 -108.41
C GLY H 146 -30.63 -70.87 -109.58
N ALA H 147 -30.89 -70.02 -110.56
CA ALA H 147 -30.03 -69.94 -111.74
C ALA H 147 -30.27 -68.62 -112.44
N VAL H 148 -29.22 -67.80 -112.55
CA VAL H 148 -29.29 -66.53 -113.27
C VAL H 148 -28.02 -66.36 -114.08
N THR H 149 -28.14 -65.70 -115.22
CA THR H 149 -27.01 -65.38 -116.09
C THR H 149 -27.03 -63.89 -116.36
N VAL H 150 -25.95 -63.20 -116.00
CA VAL H 150 -25.86 -61.75 -116.10
C VAL H 150 -24.84 -61.39 -117.17
N ALA H 151 -25.20 -60.45 -118.02
CA ALA H 151 -24.33 -59.94 -119.07
C ALA H 151 -24.27 -58.42 -119.01
N TRP H 152 -23.06 -57.89 -119.14
CA TRP H 152 -22.81 -56.46 -119.13
C TRP H 152 -22.55 -55.99 -120.56
N LYS H 153 -23.24 -54.93 -120.98
CA LYS H 153 -23.12 -54.42 -122.34
C LYS H 153 -22.86 -52.93 -122.30
N ALA H 154 -21.69 -52.51 -122.78
CA ALA H 154 -21.35 -51.10 -122.90
C ALA H 154 -21.73 -50.64 -124.31
N ASP H 155 -22.72 -49.74 -124.39
CA ASP H 155 -23.30 -49.33 -125.67
C ASP H 155 -23.82 -50.53 -126.45
N SER H 156 -24.47 -51.46 -125.74
CA SER H 156 -24.99 -52.70 -126.33
C SER H 156 -23.87 -53.52 -126.98
N SER H 157 -22.69 -53.49 -126.36
CA SER H 157 -21.55 -54.27 -126.82
C SER H 157 -20.99 -55.03 -125.62
N PRO H 158 -20.71 -56.33 -125.75
CA PRO H 158 -20.39 -57.14 -124.57
C PRO H 158 -19.11 -56.68 -123.89
N VAL H 159 -19.07 -56.90 -122.58
CA VAL H 159 -17.92 -56.58 -121.75
C VAL H 159 -17.46 -57.86 -121.05
N LYS H 160 -16.16 -58.06 -121.00
CA LYS H 160 -15.58 -59.24 -120.36
C LYS H 160 -14.67 -58.92 -119.19
N ALA H 161 -14.00 -57.77 -119.21
CA ALA H 161 -13.12 -57.37 -118.12
C ALA H 161 -13.90 -56.52 -117.12
N GLY H 162 -13.59 -56.71 -115.84
CA GLY H 162 -14.31 -56.04 -114.78
C GLY H 162 -15.70 -56.57 -114.51
N VAL H 163 -16.08 -57.68 -115.12
CA VAL H 163 -17.39 -58.29 -114.93
C VAL H 163 -17.29 -59.25 -113.76
N GLU H 164 -18.09 -59.02 -112.73
CA GLU H 164 -18.12 -59.90 -111.56
C GLU H 164 -19.56 -60.21 -111.22
N THR H 165 -19.86 -61.49 -110.99
CA THR H 165 -21.22 -61.90 -110.66
C THR H 165 -21.17 -62.82 -109.44
N THR H 166 -22.09 -62.59 -108.50
CA THR H 166 -22.11 -63.31 -107.24
C THR H 166 -22.75 -64.69 -107.44
N THR H 167 -23.06 -65.35 -106.34
CA THR H 167 -23.75 -66.62 -106.33
C THR H 167 -25.18 -66.44 -105.81
N PRO H 168 -26.09 -67.34 -106.17
CA PRO H 168 -27.46 -67.22 -105.64
C PRO H 168 -27.48 -67.42 -104.14
N SER H 169 -28.21 -66.54 -103.44
CA SER H 169 -28.32 -66.57 -102.00
C SER H 169 -29.80 -66.55 -101.62
N LYS H 170 -30.16 -67.37 -100.65
CA LYS H 170 -31.57 -67.53 -100.28
C LYS H 170 -32.02 -66.34 -99.46
N GLN H 171 -33.08 -65.68 -99.92
CA GLN H 171 -33.72 -64.62 -99.15
C GLN H 171 -34.48 -65.23 -97.98
N SER H 172 -34.48 -64.52 -96.84
CA SER H 172 -35.18 -65.01 -95.66
C SER H 172 -36.67 -65.21 -95.88
N ASN H 173 -37.22 -64.66 -96.97
CA ASN H 173 -38.62 -64.84 -97.34
C ASN H 173 -38.81 -66.00 -98.30
N ASN H 174 -37.93 -67.00 -98.22
CA ASN H 174 -37.94 -68.24 -99.00
C ASN H 174 -37.72 -68.00 -100.48
N LYS H 175 -37.30 -66.79 -100.87
CA LYS H 175 -36.90 -66.47 -102.22
C LYS H 175 -35.38 -66.49 -102.34
N TYR H 176 -34.86 -66.06 -103.47
CA TYR H 176 -33.41 -66.00 -103.71
C TYR H 176 -32.98 -64.56 -103.97
N ALA H 177 -31.66 -64.35 -103.91
CA ALA H 177 -31.10 -63.02 -104.10
C ALA H 177 -29.66 -63.16 -104.57
N ALA H 178 -29.22 -62.19 -105.38
CA ALA H 178 -27.86 -62.15 -105.89
C ALA H 178 -27.54 -60.74 -106.36
N SER H 179 -26.36 -60.56 -106.95
CA SER H 179 -25.94 -59.26 -107.46
C SER H 179 -24.79 -59.47 -108.43
N SER H 180 -24.44 -58.39 -109.14
CA SER H 180 -23.36 -58.42 -110.10
C SER H 180 -22.84 -56.99 -110.28
N TYR H 181 -21.52 -56.86 -110.35
CA TYR H 181 -20.91 -55.54 -110.48
C TYR H 181 -20.07 -55.49 -111.76
N LEU H 182 -19.84 -54.27 -112.22
CA LEU H 182 -19.02 -54.03 -113.41
C LEU H 182 -18.10 -52.86 -113.11
N SER H 183 -16.79 -53.11 -113.07
CA SER H 183 -15.81 -52.07 -112.82
C SER H 183 -15.33 -51.48 -114.14
N LEU H 184 -15.36 -50.16 -114.24
CA LEU H 184 -14.95 -49.43 -115.43
C LEU H 184 -14.12 -48.22 -115.00
N THR H 185 -13.37 -47.69 -115.97
CA THR H 185 -12.54 -46.51 -115.82
C THR H 185 -13.31 -45.27 -116.25
N PRO H 186 -12.90 -44.09 -115.78
CA PRO H 186 -13.58 -42.86 -116.23
C PRO H 186 -13.46 -42.62 -117.73
N GLU H 187 -12.41 -43.11 -118.37
CA GLU H 187 -12.33 -43.01 -119.82
C GLU H 187 -13.37 -43.89 -120.49
N GLN H 188 -13.53 -45.12 -120.02
CA GLN H 188 -14.56 -45.99 -120.57
C GLN H 188 -15.95 -45.60 -120.09
N TRP H 189 -16.05 -44.82 -119.00
CA TRP H 189 -17.34 -44.30 -118.56
C TRP H 189 -17.78 -43.11 -119.40
N LYS H 190 -16.84 -42.29 -119.87
CA LYS H 190 -17.20 -41.11 -120.64
C LYS H 190 -17.42 -41.43 -122.11
N SER H 191 -16.76 -42.49 -122.62
CA SER H 191 -16.75 -42.80 -124.04
C SER H 191 -17.87 -43.75 -124.44
N HIS H 192 -19.03 -43.68 -123.79
CA HIS H 192 -20.15 -44.55 -124.15
C HIS H 192 -21.45 -43.79 -123.94
N ARG H 193 -22.52 -44.30 -124.56
CA ARG H 193 -23.83 -43.68 -124.50
C ARG H 193 -24.74 -44.30 -123.44
N SER H 194 -24.90 -45.62 -123.46
CA SER H 194 -25.78 -46.31 -122.53
C SER H 194 -25.14 -47.60 -122.07
N TYR H 195 -25.43 -47.98 -120.83
CA TYR H 195 -24.94 -49.22 -120.24
C TYR H 195 -26.12 -50.13 -119.93
N SER H 196 -25.92 -51.43 -120.12
CA SER H 196 -27.02 -52.39 -119.99
C SER H 196 -26.59 -53.57 -119.12
N CYS H 197 -27.43 -53.90 -118.15
CA CYS H 197 -27.30 -55.14 -117.37
C CYS H 197 -28.45 -56.06 -117.73
N GLN H 198 -28.13 -57.21 -118.33
CA GLN H 198 -29.11 -58.19 -118.74
C GLN H 198 -29.05 -59.38 -117.80
N VAL H 199 -30.21 -59.80 -117.28
CA VAL H 199 -30.32 -60.96 -116.42
C VAL H 199 -31.31 -61.90 -117.10
N THR H 200 -30.80 -62.98 -117.68
CA THR H 200 -31.62 -63.93 -118.42
C THR H 200 -32.21 -64.96 -117.45
N HIS H 201 -33.50 -64.83 -117.17
CA HIS H 201 -34.20 -65.80 -116.36
C HIS H 201 -34.51 -67.04 -117.19
N GLU H 202 -34.87 -68.13 -116.50
CA GLU H 202 -35.23 -69.36 -117.20
C GLU H 202 -36.57 -69.27 -117.91
N GLY H 203 -37.32 -68.19 -117.74
CA GLY H 203 -38.58 -68.01 -118.42
C GLY H 203 -38.83 -66.57 -118.83
N SER H 204 -37.83 -65.71 -118.65
CA SER H 204 -37.95 -64.30 -118.98
C SER H 204 -36.54 -63.72 -119.08
N THR H 205 -36.44 -62.40 -119.17
CA THR H 205 -35.15 -61.72 -119.22
C THR H 205 -35.37 -60.27 -118.83
N VAL H 206 -34.70 -59.82 -117.77
CA VAL H 206 -34.84 -58.46 -117.27
C VAL H 206 -33.58 -57.68 -117.63
N GLU H 207 -33.74 -56.59 -118.38
CA GLU H 207 -32.62 -55.75 -118.78
C GLU H 207 -32.85 -54.34 -118.27
N LYS H 208 -31.79 -53.74 -117.73
CA LYS H 208 -31.85 -52.36 -117.26
C LYS H 208 -30.76 -51.55 -117.94
N THR H 209 -31.13 -50.37 -118.43
CA THR H 209 -30.24 -49.53 -119.21
C THR H 209 -30.13 -48.15 -118.58
N VAL H 210 -28.90 -47.73 -118.31
CA VAL H 210 -28.62 -46.39 -117.79
C VAL H 210 -27.77 -45.64 -118.80
N ALA H 211 -27.26 -44.47 -118.41
CA ALA H 211 -26.46 -43.64 -119.29
C ALA H 211 -25.65 -42.67 -118.45
N PRO H 212 -24.37 -42.44 -118.79
CA PRO H 212 -23.59 -41.43 -118.05
C PRO H 212 -24.07 -40.01 -118.27
N THR H 213 -24.73 -39.72 -119.40
CA THR H 213 -25.24 -38.39 -119.67
C THR H 213 -26.51 -38.08 -118.91
N GLU H 214 -27.15 -39.08 -118.30
CA GLU H 214 -28.38 -38.87 -117.55
C GLU H 214 -28.26 -39.37 -116.12
N ASN I 3 -48.58 -93.71 -72.92
CA ASN I 3 -47.15 -93.94 -73.14
C ASN I 3 -46.36 -93.76 -71.86
N LEU I 4 -46.76 -92.79 -71.05
CA LEU I 4 -46.04 -92.47 -69.81
C LEU I 4 -47.05 -92.04 -68.76
N TRP I 5 -46.80 -92.43 -67.50
CA TRP I 5 -47.71 -92.19 -66.40
C TRP I 5 -47.00 -91.48 -65.26
N VAL I 6 -47.80 -90.81 -64.44
CA VAL I 6 -47.27 -90.16 -63.24
C VAL I 6 -46.80 -91.23 -62.26
N THR I 7 -45.73 -90.91 -61.53
CA THR I 7 -45.18 -91.79 -60.50
C THR I 7 -44.63 -90.93 -59.38
N VAL I 8 -44.88 -91.37 -58.15
CA VAL I 8 -44.43 -90.65 -56.97
C VAL I 8 -43.09 -91.22 -56.51
N TYR I 9 -42.28 -90.35 -55.92
CA TYR I 9 -40.98 -90.73 -55.38
C TYR I 9 -40.81 -90.06 -54.02
N TYR I 10 -40.52 -90.86 -53.01
CA TYR I 10 -40.44 -90.42 -51.63
C TYR I 10 -38.99 -90.45 -51.17
N GLY I 11 -38.45 -89.29 -50.80
CA GLY I 11 -37.08 -89.19 -50.35
C GLY I 11 -36.17 -88.55 -51.36
N VAL I 12 -36.68 -87.55 -52.08
CA VAL I 12 -35.93 -86.88 -53.13
C VAL I 12 -35.20 -85.67 -52.51
N PRO I 13 -34.02 -85.29 -53.03
CA PRO I 13 -33.33 -84.13 -52.48
C PRO I 13 -33.99 -82.81 -52.88
N VAL I 14 -35.07 -82.46 -52.18
CA VAL I 14 -35.78 -81.20 -52.40
C VAL I 14 -35.95 -80.52 -51.06
N TRP I 15 -35.42 -79.31 -50.94
CA TRP I 15 -35.60 -78.51 -49.74
C TRP I 15 -36.21 -77.16 -50.11
N LYS I 16 -36.93 -76.58 -49.15
CA LYS I 16 -37.44 -75.23 -49.27
C LYS I 16 -37.01 -74.44 -48.04
N ASP I 17 -36.64 -73.18 -48.27
CA ASP I 17 -36.17 -72.35 -47.18
C ASP I 17 -37.32 -71.99 -46.24
N ALA I 18 -37.13 -72.26 -44.95
CA ALA I 18 -38.13 -71.97 -43.93
C ALA I 18 -37.42 -71.71 -42.61
N GLU I 19 -38.20 -71.33 -41.61
CA GLU I 19 -37.67 -70.99 -40.29
C GLU I 19 -38.44 -71.75 -39.22
N THR I 20 -37.71 -72.48 -38.38
CA THR I 20 -38.29 -73.27 -37.30
C THR I 20 -37.36 -73.22 -36.10
N THR I 21 -37.82 -73.81 -35.00
CA THR I 21 -37.04 -73.83 -33.78
C THR I 21 -35.87 -74.81 -33.90
N LEU I 22 -34.71 -74.39 -33.43
CA LEU I 22 -33.49 -75.18 -33.47
C LEU I 22 -33.17 -75.74 -32.10
N PHE I 23 -32.09 -76.52 -32.04
CA PHE I 23 -31.60 -77.15 -30.83
C PHE I 23 -30.40 -76.38 -30.30
N CYS I 24 -29.59 -77.02 -29.45
CA CYS I 24 -28.35 -76.45 -28.96
C CYS I 24 -27.50 -77.56 -28.36
N ALA I 25 -26.19 -77.39 -28.43
CA ALA I 25 -25.25 -78.45 -28.08
C ALA I 25 -24.62 -78.21 -26.71
N SER I 26 -24.32 -79.31 -26.03
CA SER I 26 -23.67 -79.28 -24.73
C SER I 26 -22.16 -79.44 -24.79
N ASP I 27 -21.61 -79.70 -25.98
CA ASP I 27 -20.17 -79.71 -26.22
C ASP I 27 -19.49 -80.94 -25.61
N ALA I 28 -20.23 -81.65 -24.76
CA ALA I 28 -19.90 -82.92 -24.11
C ALA I 28 -18.92 -82.74 -22.96
N LYS I 29 -18.29 -81.57 -22.79
CA LYS I 29 -17.43 -81.32 -21.64
C LYS I 29 -18.20 -80.66 -20.49
N ALA I 30 -19.53 -80.66 -20.55
CA ALA I 30 -20.32 -79.97 -19.53
C ALA I 30 -20.28 -80.71 -18.19
N TYR I 31 -20.18 -82.04 -18.20
CA TYR I 31 -20.15 -82.79 -16.96
C TYR I 31 -18.85 -82.56 -16.20
N ASP I 32 -17.75 -82.30 -16.92
CA ASP I 32 -16.46 -82.08 -16.29
C ASP I 32 -16.23 -80.63 -15.88
N THR I 33 -17.06 -79.69 -16.33
CA THR I 33 -16.94 -78.31 -15.87
C THR I 33 -17.37 -78.18 -14.41
N GLU I 34 -18.56 -78.68 -14.09
CA GLU I 34 -19.07 -78.71 -12.72
C GLU I 34 -19.15 -77.31 -12.12
N LYS I 35 -19.53 -76.34 -12.95
CA LYS I 35 -19.81 -74.98 -12.50
C LYS I 35 -21.27 -74.77 -12.15
N HIS I 36 -22.00 -75.85 -11.87
CA HIS I 36 -23.43 -75.82 -11.54
C HIS I 36 -24.28 -75.32 -12.71
N ASN I 37 -23.96 -74.16 -13.25
CA ASN I 37 -24.72 -73.62 -14.39
C ASN I 37 -23.82 -72.64 -15.14
N VAL I 38 -23.49 -72.98 -16.39
CA VAL I 38 -22.81 -72.05 -17.27
C VAL I 38 -23.88 -71.36 -18.11
N TRP I 39 -23.57 -71.05 -19.37
CA TRP I 39 -24.53 -70.35 -20.21
C TRP I 39 -25.69 -71.27 -20.58
N ALA I 40 -25.42 -72.26 -21.43
CA ALA I 40 -26.45 -73.20 -21.86
C ALA I 40 -26.15 -74.62 -21.39
N THR I 41 -25.22 -74.79 -20.44
CA THR I 41 -25.03 -76.09 -19.81
C THR I 41 -26.31 -76.56 -19.13
N HIS I 42 -27.24 -75.64 -18.91
CA HIS I 42 -28.53 -75.99 -18.29
C HIS I 42 -29.25 -77.06 -19.10
N ALA I 43 -29.48 -76.81 -20.38
CA ALA I 43 -30.45 -77.59 -21.15
C ALA I 43 -29.89 -78.35 -22.34
N CYS I 44 -28.79 -77.89 -22.95
CA CYS I 44 -28.37 -78.45 -24.23
C CYS I 44 -27.93 -79.90 -24.11
N VAL I 45 -27.95 -80.59 -25.24
CA VAL I 45 -27.69 -82.02 -25.31
C VAL I 45 -26.24 -82.25 -25.71
N PRO I 46 -25.63 -83.38 -25.33
CA PRO I 46 -24.23 -83.63 -25.68
C PRO I 46 -24.05 -83.75 -27.19
N THR I 47 -22.84 -83.44 -27.65
CA THR I 47 -22.53 -83.41 -29.07
C THR I 47 -22.37 -84.81 -29.63
N ASP I 48 -22.80 -84.98 -30.88
CA ASP I 48 -22.62 -86.25 -31.57
C ASP I 48 -21.12 -86.56 -31.72
N PRO I 49 -20.76 -87.85 -31.74
CA PRO I 49 -19.33 -88.19 -31.86
C PRO I 49 -18.70 -87.72 -33.15
N ASN I 50 -19.45 -87.66 -34.25
CA ASN I 50 -18.91 -87.26 -35.55
C ASN I 50 -19.83 -86.24 -36.21
N PRO I 51 -19.40 -84.99 -36.36
CA PRO I 51 -20.23 -84.01 -37.06
C PRO I 51 -20.47 -84.39 -38.52
N GLN I 52 -21.72 -84.74 -38.85
CA GLN I 52 -22.03 -85.15 -40.21
C GLN I 52 -21.98 -83.95 -41.15
N GLU I 53 -20.81 -83.65 -41.66
CA GLU I 53 -20.60 -82.55 -42.61
C GLU I 53 -20.48 -83.15 -44.00
N ILE I 54 -21.51 -82.97 -44.82
CA ILE I 54 -21.58 -83.62 -46.12
C ILE I 54 -21.61 -82.55 -47.20
N HIS I 55 -20.54 -82.46 -47.99
CA HIS I 55 -20.51 -81.50 -49.09
C HIS I 55 -21.43 -81.96 -50.22
N LEU I 56 -22.22 -81.03 -50.76
CA LEU I 56 -23.18 -81.32 -51.80
C LEU I 56 -22.60 -80.81 -53.12
N GLU I 57 -22.07 -81.72 -53.92
CA GLU I 57 -21.45 -81.32 -55.17
C GLU I 57 -22.52 -80.80 -56.13
N ASN I 58 -22.12 -79.87 -56.99
CA ASN I 58 -22.98 -79.28 -58.01
C ASN I 58 -24.16 -78.53 -57.40
N VAL I 59 -24.07 -78.13 -56.14
CA VAL I 59 -25.15 -77.46 -55.43
C VAL I 59 -24.71 -76.06 -55.10
N THR I 60 -25.41 -75.07 -55.66
CA THR I 60 -25.19 -73.66 -55.36
C THR I 60 -26.48 -73.11 -54.77
N GLU I 61 -26.40 -72.52 -53.59
CA GLU I 61 -27.59 -72.10 -52.86
C GLU I 61 -27.51 -70.63 -52.48
N GLU I 62 -28.61 -69.90 -52.70
CA GLU I 62 -28.62 -68.46 -52.44
C GLU I 62 -28.83 -68.21 -50.95
N PHE I 63 -27.81 -67.65 -50.30
CA PHE I 63 -27.87 -67.28 -48.90
C PHE I 63 -28.07 -65.78 -48.75
N ASN I 64 -28.69 -65.40 -47.63
CA ASN I 64 -28.90 -63.99 -47.30
C ASN I 64 -28.84 -63.88 -45.78
N MET I 65 -27.69 -63.43 -45.26
CA MET I 65 -27.46 -63.42 -43.82
C MET I 65 -28.26 -62.35 -43.10
N TRP I 66 -28.70 -61.31 -43.81
CA TRP I 66 -29.40 -60.20 -43.17
C TRP I 66 -30.90 -60.43 -43.04
N LYS I 67 -31.43 -61.44 -43.74
CA LYS I 67 -32.82 -61.86 -43.56
C LYS I 67 -32.92 -63.20 -42.84
N ASN I 68 -31.83 -63.66 -42.21
CA ASN I 68 -31.82 -64.95 -41.55
C ASN I 68 -32.64 -64.90 -40.27
N ASN I 69 -33.20 -66.06 -39.90
CA ASN I 69 -33.99 -66.17 -38.69
C ASN I 69 -33.25 -66.88 -37.57
N MET I 70 -32.10 -67.51 -37.85
CA MET I 70 -31.32 -68.13 -36.79
C MET I 70 -30.80 -67.08 -35.82
N VAL I 71 -30.50 -65.88 -36.32
CA VAL I 71 -30.00 -64.81 -35.46
C VAL I 71 -31.09 -64.40 -34.47
N GLU I 72 -32.34 -64.30 -34.94
CA GLU I 72 -33.45 -63.97 -34.04
C GLU I 72 -33.64 -65.05 -32.98
N GLN I 73 -33.52 -66.32 -33.39
CA GLN I 73 -33.64 -67.43 -32.44
C GLN I 73 -32.56 -67.35 -31.37
N MET I 74 -31.31 -67.12 -31.78
CA MET I 74 -30.22 -67.04 -30.82
C MET I 74 -30.35 -65.81 -29.92
N HIS I 75 -30.86 -64.71 -30.46
CA HIS I 75 -31.08 -63.51 -29.64
C HIS I 75 -32.12 -63.76 -28.56
N THR I 76 -33.27 -64.30 -28.94
CA THR I 76 -34.30 -64.61 -27.95
C THR I 76 -33.82 -65.64 -26.95
N ASP I 77 -33.00 -66.60 -27.40
CA ASP I 77 -32.47 -67.61 -26.49
C ASP I 77 -31.51 -66.99 -25.48
N ILE I 78 -30.65 -66.07 -25.92
CA ILE I 78 -29.73 -65.40 -24.99
C ILE I 78 -30.52 -64.55 -24.00
N ILE I 79 -31.57 -63.88 -24.46
CA ILE I 79 -32.39 -63.06 -23.58
C ILE I 79 -33.05 -63.93 -22.51
N SER I 80 -33.67 -65.03 -22.93
CA SER I 80 -34.27 -65.94 -21.97
C SER I 80 -33.22 -66.58 -21.06
N LEU I 81 -31.99 -66.73 -21.56
CA LEU I 81 -30.90 -67.25 -20.73
C LEU I 81 -30.61 -66.29 -19.58
N TRP I 82 -30.43 -65.02 -19.91
CA TRP I 82 -30.25 -64.00 -18.87
C TRP I 82 -31.41 -64.02 -17.88
N ASP I 83 -32.65 -64.06 -18.40
CA ASP I 83 -33.82 -63.95 -17.52
C ASP I 83 -33.96 -65.16 -16.60
N GLN I 84 -33.82 -66.37 -17.14
CA GLN I 84 -33.95 -67.57 -16.34
C GLN I 84 -32.73 -67.88 -15.48
N SER I 85 -31.60 -67.25 -15.76
CA SER I 85 -30.44 -67.42 -14.89
C SER I 85 -30.49 -66.50 -13.68
N LEU I 86 -31.10 -65.32 -13.82
CA LEU I 86 -31.20 -64.35 -12.74
C LEU I 86 -32.49 -64.46 -11.95
N LYS I 87 -33.38 -65.38 -12.32
CA LYS I 87 -34.67 -65.47 -11.64
C LYS I 87 -34.52 -65.95 -10.20
N PRO I 88 -33.87 -67.08 -9.91
CA PRO I 88 -33.85 -67.59 -8.53
C PRO I 88 -32.74 -67.04 -7.65
N CYS I 89 -32.00 -66.04 -8.11
CA CYS I 89 -30.85 -65.54 -7.36
C CYS I 89 -31.32 -64.56 -6.28
N VAL I 90 -30.37 -63.88 -5.65
CA VAL I 90 -30.66 -62.99 -4.53
C VAL I 90 -31.11 -61.64 -5.07
N LYS I 91 -32.29 -61.20 -4.64
CA LYS I 91 -32.74 -59.86 -4.99
C LYS I 91 -32.16 -58.86 -3.99
N LEU I 92 -31.93 -57.65 -4.46
CA LEU I 92 -31.31 -56.61 -3.65
C LEU I 92 -32.15 -55.35 -3.61
N THR I 93 -33.47 -55.51 -3.63
CA THR I 93 -34.36 -54.35 -3.55
C THR I 93 -34.22 -53.55 -2.26
N PRO I 94 -33.89 -54.13 -1.09
CA PRO I 94 -33.65 -53.28 0.09
C PRO I 94 -32.35 -52.48 0.03
N LEU I 95 -31.50 -52.68 -0.98
CA LEU I 95 -30.25 -51.94 -1.06
C LEU I 95 -30.45 -50.49 -1.51
N CYS I 96 -31.58 -50.20 -2.15
CA CYS I 96 -31.89 -48.84 -2.60
C CYS I 96 -32.16 -47.98 -1.37
N VAL I 97 -31.08 -47.53 -0.73
CA VAL I 97 -31.18 -46.67 0.44
C VAL I 97 -30.38 -45.41 0.18
N THR I 98 -30.15 -44.61 1.22
CA THR I 98 -29.30 -43.43 1.15
C THR I 98 -27.91 -43.80 1.65
N LEU I 99 -26.89 -43.46 0.86
CA LEU I 99 -25.53 -43.88 1.15
C LEU I 99 -24.66 -42.62 1.30
N GLN I 100 -24.18 -42.38 2.52
CA GLN I 100 -23.25 -41.28 2.74
C GLN I 100 -21.85 -41.74 2.38
N CYS I 101 -21.35 -41.28 1.23
CA CYS I 101 -20.11 -41.76 0.65
C CYS I 101 -19.00 -40.74 0.81
N THR I 102 -17.79 -41.18 0.48
CA THR I 102 -16.59 -40.36 0.55
C THR I 102 -15.65 -40.80 -0.56
N ASN I 103 -14.93 -39.83 -1.14
CA ASN I 103 -13.90 -40.17 -2.10
C ASN I 103 -12.86 -41.10 -1.48
N VAL I 104 -12.16 -41.83 -2.34
CA VAL I 104 -11.12 -42.73 -1.87
C VAL I 104 -10.01 -41.93 -1.18
N THR I 105 -9.30 -42.61 -0.28
CA THR I 105 -8.23 -41.96 0.47
C THR I 105 -6.98 -41.71 -0.37
N ASN I 106 -6.96 -42.10 -1.65
CA ASN I 106 -5.79 -41.95 -2.50
C ASN I 106 -6.20 -41.25 -3.80
N ASN I 107 -6.27 -39.93 -3.77
CA ASN I 107 -6.40 -39.10 -4.97
C ASN I 107 -5.07 -38.48 -5.35
N ILE I 108 -3.99 -39.26 -5.25
CA ILE I 108 -2.64 -38.74 -5.47
C ILE I 108 -2.55 -38.15 -6.87
N THR I 109 -2.07 -36.90 -6.93
CA THR I 109 -2.02 -36.12 -8.16
C THR I 109 -3.41 -36.04 -8.77
N ASP I 110 -4.20 -35.05 -8.33
CA ASP I 110 -5.60 -34.97 -8.76
C ASP I 110 -5.75 -34.75 -10.26
N ASP I 111 -4.65 -34.49 -10.98
CA ASP I 111 -4.73 -34.47 -12.44
C ASP I 111 -5.14 -35.83 -12.99
N MET I 112 -4.64 -36.91 -12.40
CA MET I 112 -5.15 -38.22 -12.73
C MET I 112 -6.41 -38.51 -11.91
N ARG I 113 -7.22 -39.44 -12.42
CA ARG I 113 -8.55 -39.66 -11.89
C ARG I 113 -8.55 -40.76 -10.84
N GLY I 114 -9.39 -40.59 -9.83
CA GLY I 114 -9.64 -41.60 -8.83
C GLY I 114 -11.05 -41.53 -8.29
N GLU I 115 -11.92 -42.47 -8.72
CA GLU I 115 -13.36 -42.40 -8.44
C GLU I 115 -13.84 -43.75 -7.92
N LEU I 116 -13.67 -43.96 -6.61
CA LEU I 116 -14.32 -45.05 -5.89
C LEU I 116 -14.81 -44.49 -4.57
N LYS I 117 -16.11 -44.62 -4.30
CA LYS I 117 -16.76 -43.95 -3.19
C LYS I 117 -16.90 -44.90 -2.01
N ASN I 118 -16.22 -44.58 -0.90
CA ASN I 118 -16.33 -45.37 0.32
C ASN I 118 -17.67 -45.06 0.96
N CYS I 119 -18.70 -45.73 0.45
CA CYS I 119 -20.08 -45.53 0.90
C CYS I 119 -20.36 -46.38 2.13
N SER I 120 -21.18 -45.85 3.03
CA SER I 120 -21.72 -46.60 4.16
C SER I 120 -23.21 -46.29 4.27
N PHE I 121 -23.96 -47.28 4.73
CA PHE I 121 -25.42 -47.15 4.72
C PHE I 121 -26.03 -48.15 5.69
N ASN I 122 -27.24 -47.82 6.15
CA ASN I 122 -27.99 -48.66 7.08
C ASN I 122 -28.81 -49.66 6.28
N MET I 123 -28.33 -50.90 6.23
CA MET I 123 -29.01 -51.99 5.54
C MET I 123 -29.80 -52.84 6.54
N THR I 124 -30.77 -53.58 6.00
CA THR I 124 -31.47 -54.58 6.78
C THR I 124 -30.56 -55.78 7.01
N THR I 125 -30.71 -56.41 8.17
CA THR I 125 -29.81 -57.46 8.60
C THR I 125 -30.49 -58.82 8.46
N GLU I 126 -29.97 -59.81 9.19
CA GLU I 126 -30.63 -61.10 9.29
C GLU I 126 -32.06 -60.93 9.80
N LEU I 127 -32.21 -60.25 10.93
CA LEU I 127 -33.54 -60.05 11.50
C LEU I 127 -34.23 -58.85 10.87
N ARG I 128 -35.52 -58.71 11.18
CA ARG I 128 -36.32 -57.57 10.71
C ARG I 128 -36.45 -56.49 11.76
N ASP I 129 -36.33 -56.84 13.04
CA ASP I 129 -36.40 -55.84 14.11
C ASP I 129 -35.26 -54.85 13.99
N LYS I 130 -34.02 -55.33 14.10
CA LYS I 130 -32.85 -54.47 14.05
C LYS I 130 -32.39 -54.25 12.62
N LYS I 131 -31.49 -53.29 12.45
CA LYS I 131 -30.84 -53.01 11.17
C LYS I 131 -29.40 -52.65 11.46
N GLN I 132 -28.51 -52.97 10.52
CA GLN I 132 -27.08 -52.79 10.76
C GLN I 132 -26.48 -51.88 9.69
N LYS I 133 -25.47 -51.12 10.08
CA LYS I 133 -24.80 -50.22 9.16
C LYS I 133 -23.58 -50.92 8.57
N VAL I 134 -23.52 -50.98 7.24
CA VAL I 134 -22.40 -51.58 6.54
C VAL I 134 -21.80 -50.52 5.62
N TYR I 135 -20.90 -50.93 4.74
CA TYR I 135 -20.16 -49.97 3.92
C TYR I 135 -19.61 -50.68 2.68
N SER I 136 -18.88 -49.92 1.87
CA SER I 136 -18.10 -50.42 0.74
C SER I 136 -18.93 -50.89 -0.45
N LEU I 137 -19.63 -49.96 -1.10
CA LEU I 137 -20.25 -50.26 -2.39
C LEU I 137 -19.35 -49.84 -3.56
N PHE I 138 -18.72 -48.68 -3.45
CA PHE I 138 -17.64 -48.23 -4.34
C PHE I 138 -18.10 -47.95 -5.76
N TYR I 139 -17.12 -47.61 -6.62
CA TYR I 139 -17.25 -47.54 -8.07
C TYR I 139 -18.00 -46.30 -8.54
N ARG I 140 -17.90 -46.02 -9.84
CA ARG I 140 -18.29 -44.73 -10.40
C ARG I 140 -19.80 -44.59 -10.56
N LEU I 141 -20.50 -45.66 -10.90
CA LEU I 141 -21.93 -45.59 -11.22
C LEU I 141 -22.73 -45.24 -9.97
N ASP I 142 -23.25 -44.03 -9.92
CA ASP I 142 -24.07 -43.54 -8.80
C ASP I 142 -24.62 -42.17 -9.19
N VAL I 143 -25.53 -41.67 -8.35
CA VAL I 143 -26.13 -40.35 -8.54
C VAL I 143 -25.15 -39.30 -8.03
N VAL I 144 -25.51 -38.02 -8.17
CA VAL I 144 -24.77 -36.92 -7.59
C VAL I 144 -25.49 -36.33 -6.37
N GLN I 145 -26.57 -36.97 -5.93
CA GLN I 145 -27.40 -36.59 -4.78
C GLN I 145 -28.33 -35.44 -5.13
N ILE I 146 -29.37 -35.23 -4.31
CA ILE I 146 -30.28 -34.11 -4.50
C ILE I 146 -29.76 -32.92 -3.71
N ASN I 147 -29.79 -31.74 -4.34
CA ASN I 147 -29.25 -30.54 -3.73
C ASN I 147 -29.77 -29.29 -4.43
N ASN I 158 -18.03 -36.24 3.65
CA ASN I 158 -19.16 -37.15 3.50
C ASN I 158 -20.30 -36.49 2.73
N LYS I 159 -20.60 -37.01 1.54
CA LYS I 159 -21.69 -36.50 0.71
C LYS I 159 -22.69 -37.62 0.46
N GLU I 160 -23.98 -37.27 0.48
CA GLU I 160 -25.02 -38.25 0.25
C GLU I 160 -25.01 -38.73 -1.19
N TYR I 161 -25.54 -39.93 -1.40
CA TYR I 161 -25.61 -40.55 -2.72
C TYR I 161 -26.71 -41.60 -2.70
N ARG I 162 -27.08 -42.05 -3.90
CA ARG I 162 -28.00 -43.17 -4.08
C ARG I 162 -27.70 -43.82 -5.43
N LEU I 163 -28.45 -44.86 -5.75
CA LEU I 163 -28.21 -45.65 -6.95
C LEU I 163 -29.16 -45.21 -8.06
N ILE I 164 -28.60 -44.88 -9.23
CA ILE I 164 -29.43 -44.56 -10.39
C ILE I 164 -30.05 -45.83 -10.96
N ASN I 165 -29.40 -46.98 -10.76
CA ASN I 165 -30.07 -48.25 -11.02
C ASN I 165 -31.43 -48.29 -10.33
N CYS I 166 -31.50 -47.80 -9.10
CA CYS I 166 -32.78 -47.67 -8.42
C CYS I 166 -33.65 -46.59 -9.09
N ASN I 167 -33.02 -45.55 -9.65
CA ASN I 167 -33.76 -44.57 -10.43
C ASN I 167 -34.36 -45.17 -11.68
N THR I 168 -33.94 -46.36 -12.09
CA THR I 168 -34.53 -46.96 -13.27
C THR I 168 -35.40 -48.17 -12.93
N SER I 169 -34.79 -49.29 -12.61
CA SER I 169 -35.50 -50.56 -12.49
C SER I 169 -35.12 -51.24 -11.17
N ALA I 170 -35.73 -52.39 -10.93
CA ALA I 170 -35.38 -53.22 -9.79
C ALA I 170 -34.01 -53.86 -9.98
N ILE I 171 -33.43 -54.33 -8.89
CA ILE I 171 -32.09 -54.89 -8.90
C ILE I 171 -32.10 -56.29 -8.31
N THR I 172 -31.34 -57.18 -8.93
CA THR I 172 -31.14 -58.52 -8.41
C THR I 172 -29.67 -58.88 -8.53
N GLN I 173 -29.15 -59.62 -7.54
CA GLN I 173 -27.75 -60.01 -7.57
C GLN I 173 -27.57 -61.26 -8.42
N ALA I 174 -26.48 -61.29 -9.19
CA ALA I 174 -26.13 -62.48 -9.93
C ALA I 174 -25.69 -63.58 -8.97
N CYS I 175 -26.15 -64.80 -9.22
CA CYS I 175 -25.75 -65.92 -8.40
C CYS I 175 -24.24 -66.08 -8.41
N PRO I 176 -23.60 -66.23 -7.25
CA PRO I 176 -22.14 -66.39 -7.23
C PRO I 176 -21.68 -67.74 -7.73
N LYS I 177 -22.55 -68.75 -7.76
CA LYS I 177 -22.14 -70.09 -8.13
C LYS I 177 -22.00 -70.26 -9.64
N VAL I 178 -22.84 -69.58 -10.43
CA VAL I 178 -22.81 -69.71 -11.88
C VAL I 178 -21.62 -68.95 -12.43
N SER I 179 -21.27 -69.20 -13.70
CA SER I 179 -20.13 -68.56 -14.34
C SER I 179 -20.60 -67.89 -15.63
N PHE I 180 -19.78 -66.96 -16.10
CA PHE I 180 -20.03 -66.25 -17.35
C PHE I 180 -19.05 -66.63 -18.44
N GLU I 181 -18.22 -67.65 -18.21
CA GLU I 181 -17.29 -68.11 -19.23
C GLU I 181 -18.07 -68.72 -20.40
N PRO I 182 -17.91 -68.22 -21.62
CA PRO I 182 -18.71 -68.72 -22.74
C PRO I 182 -18.30 -70.13 -23.14
N ILE I 183 -19.22 -71.08 -22.99
CA ILE I 183 -19.00 -72.46 -23.40
C ILE I 183 -19.34 -72.58 -24.88
N PRO I 184 -18.59 -73.36 -25.67
CA PRO I 184 -18.92 -73.50 -27.10
C PRO I 184 -20.29 -74.12 -27.35
N ILE I 185 -21.23 -73.30 -27.81
CA ILE I 185 -22.60 -73.72 -28.06
C ILE I 185 -22.85 -73.62 -29.56
N HIS I 186 -23.09 -74.76 -30.20
CA HIS I 186 -23.43 -74.80 -31.61
C HIS I 186 -24.85 -75.32 -31.78
N TYR I 187 -25.66 -74.56 -32.50
CA TYR I 187 -27.04 -74.96 -32.74
C TYR I 187 -27.10 -76.19 -33.64
N CYS I 188 -28.15 -76.98 -33.44
CA CYS I 188 -28.36 -78.20 -34.22
C CYS I 188 -29.74 -78.15 -34.87
N ALA I 189 -29.86 -78.84 -36.00
CA ALA I 189 -31.09 -78.93 -36.78
C ALA I 189 -31.95 -80.10 -36.30
N PRO I 190 -33.25 -79.89 -36.14
CA PRO I 190 -34.13 -80.97 -35.69
C PRO I 190 -34.40 -82.00 -36.78
N ALA I 191 -35.34 -82.90 -36.51
CA ALA I 191 -35.75 -83.87 -37.50
C ALA I 191 -36.52 -83.17 -38.62
N GLY I 192 -36.28 -83.62 -39.86
CA GLY I 192 -36.96 -83.09 -41.02
C GLY I 192 -36.32 -81.87 -41.65
N PHE I 193 -35.41 -81.20 -40.94
CA PHE I 193 -34.79 -79.99 -41.41
C PHE I 193 -33.27 -80.17 -41.44
N ALA I 194 -32.59 -79.24 -42.11
CA ALA I 194 -31.15 -79.34 -42.27
C ALA I 194 -30.56 -77.93 -42.29
N ILE I 195 -29.24 -77.86 -42.10
CA ILE I 195 -28.52 -76.59 -42.09
C ILE I 195 -27.50 -76.62 -43.21
N LEU I 196 -27.67 -75.73 -44.18
CA LEU I 196 -26.72 -75.57 -45.27
C LEU I 196 -25.63 -74.61 -44.82
N LYS I 197 -24.38 -75.04 -44.98
CA LYS I 197 -23.19 -74.31 -44.57
C LYS I 197 -22.37 -73.98 -45.82
N CYS I 198 -22.10 -72.70 -46.02
CA CYS I 198 -21.26 -72.30 -47.14
C CYS I 198 -19.80 -72.66 -46.85
N LYS I 199 -19.04 -72.89 -47.92
CA LYS I 199 -17.69 -73.41 -47.79
C LYS I 199 -16.62 -72.63 -48.53
N ASP I 200 -16.97 -71.77 -49.49
CA ASP I 200 -15.94 -71.02 -50.19
C ASP I 200 -15.31 -69.96 -49.29
N LYS I 201 -14.07 -69.59 -49.61
CA LYS I 201 -13.32 -68.70 -48.73
C LYS I 201 -13.92 -67.30 -48.71
N LYS I 202 -14.09 -66.69 -49.88
CA LYS I 202 -14.66 -65.35 -49.98
C LYS I 202 -16.18 -65.47 -50.18
N PHE I 203 -16.94 -64.87 -49.27
CA PHE I 203 -18.38 -64.89 -49.33
C PHE I 203 -18.93 -63.48 -49.15
N ASN I 204 -19.78 -63.06 -50.10
CA ASN I 204 -20.37 -61.74 -50.04
C ASN I 204 -21.39 -61.58 -48.92
N GLY I 205 -21.81 -62.67 -48.31
CA GLY I 205 -22.86 -62.61 -47.30
C GLY I 205 -24.24 -62.69 -47.89
N THR I 206 -24.50 -61.91 -48.94
CA THR I 206 -25.75 -61.95 -49.68
C THR I 206 -25.41 -62.42 -51.10
N GLY I 207 -25.88 -63.60 -51.47
CA GLY I 207 -25.60 -64.12 -52.79
C GLY I 207 -25.49 -65.62 -52.83
N PRO I 208 -25.06 -66.16 -53.98
CA PRO I 208 -25.02 -67.61 -54.17
C PRO I 208 -23.75 -68.23 -53.62
N CYS I 209 -23.91 -69.14 -52.67
CA CYS I 209 -22.80 -69.97 -52.25
C CYS I 209 -22.56 -71.04 -53.31
N PRO I 210 -21.37 -71.10 -53.91
CA PRO I 210 -21.08 -72.15 -54.90
C PRO I 210 -20.67 -73.47 -54.28
N SER I 211 -20.11 -73.46 -53.07
CA SER I 211 -19.62 -74.67 -52.40
C SER I 211 -20.44 -74.84 -51.13
N VAL I 212 -21.49 -75.66 -51.21
CA VAL I 212 -22.44 -75.82 -50.12
C VAL I 212 -22.25 -77.20 -49.50
N SER I 213 -22.34 -77.27 -48.18
CA SER I 213 -22.39 -78.51 -47.44
C SER I 213 -23.66 -78.52 -46.58
N THR I 214 -23.96 -79.67 -46.01
CA THR I 214 -25.11 -79.81 -45.14
C THR I 214 -24.68 -80.46 -43.84
N VAL I 215 -25.36 -80.05 -42.77
CA VAL I 215 -25.13 -80.55 -41.42
C VAL I 215 -26.46 -80.55 -40.67
N GLN I 216 -26.45 -81.14 -39.49
CA GLN I 216 -27.49 -80.94 -38.48
C GLN I 216 -26.99 -79.99 -37.40
N CYS I 217 -25.88 -80.34 -36.74
CA CYS I 217 -25.26 -79.50 -35.73
C CYS I 217 -24.21 -78.59 -36.38
N THR I 218 -24.21 -77.32 -35.97
CA THR I 218 -23.29 -76.34 -36.51
C THR I 218 -21.92 -76.48 -35.86
N HIS I 219 -21.01 -75.56 -36.17
CA HIS I 219 -19.70 -75.52 -35.53
C HIS I 219 -19.78 -74.67 -34.27
N GLY I 220 -18.90 -74.98 -33.30
CA GLY I 220 -18.93 -74.34 -32.00
C GLY I 220 -18.88 -72.83 -32.01
N ILE I 221 -19.90 -72.19 -31.44
CA ILE I 221 -19.98 -70.74 -31.35
C ILE I 221 -19.99 -70.37 -29.88
N LYS I 222 -19.14 -69.43 -29.50
CA LYS I 222 -19.08 -68.96 -28.11
C LYS I 222 -19.97 -67.73 -27.96
N PRO I 223 -21.00 -67.78 -27.12
CA PRO I 223 -21.84 -66.58 -26.92
C PRO I 223 -21.10 -65.50 -26.14
N VAL I 224 -20.56 -64.51 -26.85
CA VAL I 224 -19.79 -63.43 -26.26
C VAL I 224 -20.57 -62.13 -26.46
N VAL I 225 -20.85 -61.44 -25.36
CA VAL I 225 -21.50 -60.14 -25.41
C VAL I 225 -20.41 -59.08 -25.47
N SER I 226 -20.24 -58.45 -26.64
CA SER I 226 -19.18 -57.48 -26.84
C SER I 226 -19.64 -56.44 -27.85
N THR I 227 -19.09 -55.23 -27.71
CA THR I 227 -19.39 -54.11 -28.59
C THR I 227 -18.10 -53.54 -29.15
N GLN I 228 -18.20 -52.91 -30.32
CA GLN I 228 -17.08 -52.28 -31.02
C GLN I 228 -16.01 -53.29 -31.46
N LEU I 229 -15.82 -54.34 -30.67
CA LEU I 229 -14.80 -55.36 -30.94
C LEU I 229 -15.39 -56.73 -30.70
N LEU I 230 -15.27 -57.61 -31.69
CA LEU I 230 -15.71 -58.98 -31.55
C LEU I 230 -14.58 -59.81 -30.95
N LEU I 231 -14.90 -60.57 -29.90
CA LEU I 231 -13.90 -61.33 -29.16
C LEU I 231 -14.18 -62.82 -29.28
N ASN I 232 -13.11 -63.61 -29.37
CA ASN I 232 -13.21 -65.07 -29.44
C ASN I 232 -14.13 -65.52 -30.58
N GLY I 233 -14.07 -64.80 -31.70
CA GLY I 233 -14.89 -65.10 -32.86
C GLY I 233 -14.20 -66.01 -33.84
N SER I 234 -14.95 -66.36 -34.89
CA SER I 234 -14.43 -67.24 -35.94
C SER I 234 -13.61 -66.45 -36.95
N LEU I 235 -12.42 -66.94 -37.24
CA LEU I 235 -11.55 -66.26 -38.19
C LEU I 235 -12.12 -66.34 -39.60
N ALA I 236 -11.81 -65.34 -40.41
CA ALA I 236 -12.19 -65.36 -41.82
C ALA I 236 -11.27 -66.32 -42.58
N GLU I 237 -11.50 -66.42 -43.89
CA GLU I 237 -10.76 -67.35 -44.75
C GLU I 237 -9.91 -66.52 -45.72
N GLU I 238 -8.61 -66.39 -45.39
CA GLU I 238 -7.59 -65.84 -46.27
C GLU I 238 -7.73 -64.33 -46.51
N GLU I 239 -8.94 -63.79 -46.39
CA GLU I 239 -9.18 -62.38 -46.67
C GLU I 239 -10.06 -61.78 -45.60
N VAL I 240 -9.84 -60.50 -45.33
CA VAL I 240 -10.68 -59.75 -44.40
C VAL I 240 -12.00 -59.43 -45.09
N MET I 241 -13.11 -59.65 -44.37
CA MET I 241 -14.44 -59.54 -44.96
C MET I 241 -15.13 -58.26 -44.47
N ILE I 242 -15.78 -57.57 -45.42
CA ILE I 242 -16.50 -56.33 -45.14
C ILE I 242 -17.95 -56.56 -45.58
N ARG I 243 -18.80 -56.94 -44.64
CA ARG I 243 -20.19 -57.25 -44.93
C ARG I 243 -21.10 -56.10 -44.50
N SER I 244 -22.22 -55.96 -45.22
CA SER I 244 -23.18 -54.91 -44.96
C SER I 244 -24.48 -55.23 -45.68
N GLU I 245 -25.61 -54.90 -45.04
CA GLU I 245 -26.91 -55.10 -45.66
C GLU I 245 -27.12 -54.14 -46.82
N ASN I 246 -26.60 -52.92 -46.72
CA ASN I 246 -26.65 -51.96 -47.82
C ASN I 246 -25.49 -51.00 -47.63
N ILE I 247 -24.46 -51.15 -48.47
CA ILE I 247 -23.24 -50.36 -48.28
C ILE I 247 -23.47 -48.89 -48.59
N THR I 248 -24.42 -48.60 -49.48
CA THR I 248 -24.70 -47.20 -49.81
C THR I 248 -25.35 -46.48 -48.63
N ASN I 249 -26.26 -47.15 -47.95
CA ASN I 249 -26.96 -46.52 -46.83
C ASN I 249 -26.02 -46.34 -45.64
N ASN I 250 -25.98 -45.13 -45.09
CA ASN I 250 -25.09 -44.84 -43.98
C ASN I 250 -25.59 -45.45 -42.68
N ALA I 251 -26.91 -45.47 -42.48
CA ALA I 251 -27.46 -45.92 -41.20
C ALA I 251 -27.18 -47.39 -40.94
N LYS I 252 -27.05 -48.20 -41.98
CA LYS I 252 -26.79 -49.63 -41.79
C LYS I 252 -25.35 -49.86 -41.35
N ASN I 253 -25.18 -50.72 -40.34
CA ASN I 253 -23.87 -50.99 -39.78
C ASN I 253 -22.97 -51.68 -40.81
N ILE I 254 -21.68 -51.68 -40.52
CA ILE I 254 -20.66 -52.29 -41.36
C ILE I 254 -19.93 -53.32 -40.50
N LEU I 255 -20.10 -54.60 -40.82
CA LEU I 255 -19.42 -55.66 -40.09
C LEU I 255 -18.10 -55.99 -40.76
N VAL I 256 -17.06 -56.20 -39.93
CA VAL I 256 -15.71 -56.49 -40.41
C VAL I 256 -15.24 -57.76 -39.71
N GLN I 257 -14.78 -58.73 -40.50
CA GLN I 257 -14.22 -59.97 -39.97
C GLN I 257 -12.76 -60.08 -40.36
N PHE I 258 -11.91 -60.37 -39.39
CA PHE I 258 -10.47 -60.37 -39.57
C PHE I 258 -9.96 -61.69 -40.11
N ASN I 259 -8.83 -61.63 -40.78
CA ASN I 259 -8.09 -62.83 -41.20
C ASN I 259 -7.17 -63.33 -40.10
N THR I 260 -6.38 -62.41 -39.50
CA THR I 260 -5.49 -62.69 -38.39
C THR I 260 -6.04 -62.11 -37.09
N PRO I 261 -6.01 -62.87 -36.01
CA PRO I 261 -6.57 -62.38 -34.74
C PRO I 261 -5.67 -61.33 -34.11
N VAL I 262 -6.30 -60.31 -33.55
CA VAL I 262 -5.59 -59.24 -32.86
C VAL I 262 -5.52 -59.60 -31.38
N GLN I 263 -4.29 -59.73 -30.87
CA GLN I 263 -4.13 -60.10 -29.47
C GLN I 263 -4.55 -58.96 -28.56
N ILE I 264 -5.33 -59.26 -27.53
CA ILE I 264 -5.69 -58.26 -26.52
C ILE I 264 -5.55 -58.88 -25.14
N ASN I 265 -4.98 -58.13 -24.21
CA ASN I 265 -4.82 -58.57 -22.83
C ASN I 265 -5.43 -57.52 -21.91
N CYS I 266 -6.53 -57.85 -21.24
CA CYS I 266 -7.20 -56.92 -20.34
C CYS I 266 -6.91 -57.32 -18.90
N THR I 267 -6.76 -56.31 -18.04
CA THR I 267 -6.38 -56.51 -16.65
C THR I 267 -7.15 -55.58 -15.73
N ARG I 268 -7.76 -56.17 -14.70
CA ARG I 268 -8.20 -55.49 -13.48
C ARG I 268 -7.14 -55.78 -12.42
N PRO I 269 -6.26 -54.82 -12.11
CA PRO I 269 -5.12 -55.11 -11.23
C PRO I 269 -5.43 -55.03 -9.75
N ASN I 270 -6.62 -54.57 -9.38
CA ASN I 270 -6.97 -54.39 -7.98
C ASN I 270 -7.11 -55.75 -7.31
N ASN I 271 -6.06 -56.19 -6.62
CA ASN I 271 -6.12 -57.38 -5.79
C ASN I 271 -7.24 -57.22 -4.77
N ASN I 272 -8.45 -57.59 -5.17
CA ASN I 272 -9.67 -57.23 -4.45
C ASN I 272 -10.05 -58.33 -3.45
N THR I 273 -11.00 -57.99 -2.57
CA THR I 273 -11.57 -58.92 -1.61
C THR I 273 -13.07 -58.70 -1.54
N ARG I 274 -13.77 -59.59 -0.85
CA ARG I 274 -15.23 -59.54 -0.78
C ARG I 274 -15.69 -59.64 0.68
N LYS I 275 -16.93 -59.20 0.91
CA LYS I 275 -17.56 -59.30 2.21
C LYS I 275 -18.97 -59.85 2.04
N SER I 276 -19.28 -60.90 2.80
CA SER I 276 -20.58 -61.55 2.73
C SER I 276 -21.40 -61.09 3.93
N ILE I 277 -22.23 -60.06 3.71
CA ILE I 277 -23.08 -59.54 4.76
C ILE I 277 -24.46 -60.16 4.61
N ARG I 278 -24.99 -60.67 5.72
CA ARG I 278 -26.24 -61.41 5.66
C ARG I 278 -27.43 -60.46 5.69
N ILE I 279 -28.38 -60.70 4.79
CA ILE I 279 -29.57 -59.86 4.64
C ILE I 279 -30.75 -60.80 4.41
N GLY I 280 -31.77 -60.67 5.26
CA GLY I 280 -32.92 -61.54 5.18
C GLY I 280 -32.61 -62.91 5.75
N PRO I 281 -33.64 -63.76 5.84
CA PRO I 281 -33.44 -65.06 6.51
C PRO I 281 -32.55 -66.01 5.72
N GLY I 282 -32.51 -65.89 4.40
CA GLY I 282 -31.71 -66.79 3.61
C GLY I 282 -30.71 -66.10 2.71
N GLN I 283 -31.03 -64.90 2.25
CA GLN I 283 -30.17 -64.22 1.29
C GLN I 283 -28.86 -63.79 1.96
N ALA I 284 -27.89 -63.44 1.13
CA ALA I 284 -26.58 -62.98 1.58
C ALA I 284 -25.97 -62.14 0.48
N PHE I 285 -25.61 -60.90 0.79
CA PHE I 285 -25.13 -59.94 -0.20
C PHE I 285 -23.61 -59.89 -0.19
N TYR I 286 -23.02 -59.95 -1.39
CA TYR I 286 -21.58 -59.90 -1.57
C TYR I 286 -21.20 -58.47 -1.94
N ALA I 287 -20.49 -57.80 -1.05
CA ALA I 287 -20.08 -56.42 -1.23
C ALA I 287 -18.58 -56.36 -1.52
N THR I 288 -18.19 -55.36 -2.31
CA THR I 288 -16.80 -55.17 -2.69
C THR I 288 -16.02 -54.69 -1.48
N GLY I 289 -15.14 -55.54 -0.96
CA GLY I 289 -14.36 -55.21 0.22
C GLY I 289 -13.30 -54.16 -0.06
N ASP I 290 -12.52 -53.87 0.97
CA ASP I 290 -11.46 -52.89 0.87
C ASP I 290 -10.35 -53.37 -0.07
N ILE I 291 -9.80 -52.45 -0.84
CA ILE I 291 -8.74 -52.79 -1.80
C ILE I 291 -7.44 -52.97 -1.04
N ILE I 292 -6.92 -54.20 -1.02
CA ILE I 292 -5.65 -54.49 -0.37
C ILE I 292 -4.53 -54.19 -1.35
N GLY I 293 -3.65 -53.26 -0.96
CA GLY I 293 -2.55 -52.86 -1.81
C GLY I 293 -2.84 -51.58 -2.58
N ASP I 294 -1.97 -51.31 -3.54
CA ASP I 294 -2.08 -50.10 -4.36
C ASP I 294 -3.28 -50.21 -5.29
N ILE I 295 -3.66 -49.07 -5.87
CA ILE I 295 -4.82 -48.97 -6.75
C ILE I 295 -4.41 -48.32 -8.06
N ARG I 296 -4.98 -48.81 -9.16
CA ARG I 296 -4.83 -48.18 -10.46
C ARG I 296 -5.94 -48.69 -11.37
N GLN I 297 -6.22 -47.92 -12.42
CA GLN I 297 -7.36 -48.20 -13.28
C GLN I 297 -7.14 -49.47 -14.09
N ALA I 298 -8.24 -50.17 -14.37
CA ALA I 298 -8.18 -51.33 -15.25
C ALA I 298 -7.86 -50.89 -16.67
N HIS I 299 -7.24 -51.78 -17.44
CA HIS I 299 -6.79 -51.40 -18.77
C HIS I 299 -6.80 -52.60 -19.70
N CYS I 300 -6.51 -52.33 -20.98
CA CYS I 300 -6.38 -53.37 -21.99
C CYS I 300 -5.24 -53.02 -22.93
N ASN I 301 -4.32 -53.95 -23.11
CA ASN I 301 -3.18 -53.77 -24.00
C ASN I 301 -3.42 -54.49 -25.32
N VAL I 302 -3.03 -53.82 -26.42
CA VAL I 302 -3.03 -54.40 -27.75
C VAL I 302 -1.68 -54.07 -28.40
N SER I 303 -1.04 -55.08 -28.99
CA SER I 303 0.25 -54.86 -29.63
C SER I 303 0.09 -53.90 -30.82
N LYS I 304 0.93 -52.85 -30.82
CA LYS I 304 0.76 -51.79 -31.81
C LYS I 304 1.10 -52.26 -33.23
N ALA I 305 2.08 -53.17 -33.36
CA ALA I 305 2.43 -53.66 -34.69
C ALA I 305 1.29 -54.48 -35.30
N THR I 306 0.67 -55.35 -34.50
CA THR I 306 -0.43 -56.16 -35.01
C THR I 306 -1.62 -55.29 -35.38
N TRP I 307 -1.93 -54.28 -34.56
CA TRP I 307 -3.03 -53.39 -34.88
C TRP I 307 -2.74 -52.55 -36.12
N ASN I 308 -1.50 -52.10 -36.27
CA ASN I 308 -1.09 -51.37 -37.46
C ASN I 308 -1.27 -52.23 -38.71
N GLU I 309 -0.82 -53.48 -38.64
CA GLU I 309 -0.97 -54.38 -39.78
C GLU I 309 -2.44 -54.66 -40.07
N THR I 310 -3.25 -54.84 -39.02
CA THR I 310 -4.67 -55.12 -39.23
C THR I 310 -5.36 -53.95 -39.90
N LEU I 311 -5.06 -52.72 -39.47
CA LEU I 311 -5.66 -51.56 -40.11
C LEU I 311 -5.19 -51.41 -41.56
N GLY I 312 -3.89 -51.61 -41.80
CA GLY I 312 -3.38 -51.54 -43.15
C GLY I 312 -3.91 -52.61 -44.08
N LYS I 313 -4.37 -53.73 -43.51
CA LYS I 313 -5.00 -54.78 -44.32
C LYS I 313 -6.48 -54.52 -44.53
N VAL I 314 -7.16 -53.90 -43.56
CA VAL I 314 -8.59 -53.61 -43.71
C VAL I 314 -8.82 -52.43 -44.66
N VAL I 315 -7.90 -51.46 -44.67
CA VAL I 315 -8.09 -50.29 -45.53
C VAL I 315 -8.12 -50.68 -46.99
N LYS I 316 -7.33 -51.69 -47.37
CA LYS I 316 -7.30 -52.10 -48.78
C LYS I 316 -8.60 -52.80 -49.19
N GLN I 317 -9.23 -53.53 -48.26
CA GLN I 317 -10.53 -54.12 -48.56
C GLN I 317 -11.63 -53.06 -48.60
N LEU I 318 -11.48 -52.00 -47.81
CA LEU I 318 -12.46 -50.91 -47.88
C LEU I 318 -12.32 -50.10 -49.16
N ARG I 319 -11.09 -49.94 -49.66
CA ARG I 319 -10.88 -49.22 -50.90
C ARG I 319 -11.57 -49.88 -52.08
N LYS I 320 -11.78 -51.20 -52.01
CA LYS I 320 -12.49 -51.88 -53.08
C LYS I 320 -13.94 -51.39 -53.20
N HIS I 321 -14.52 -50.93 -52.10
CA HIS I 321 -15.87 -50.39 -52.12
C HIS I 321 -15.92 -48.88 -52.24
N PHE I 322 -14.92 -48.17 -51.74
CA PHE I 322 -14.98 -46.72 -51.71
C PHE I 322 -13.84 -46.06 -52.48
N GLY I 323 -13.30 -46.75 -53.48
CA GLY I 323 -12.40 -46.09 -54.41
C GLY I 323 -10.94 -46.48 -54.21
N ASN I 324 -10.23 -46.66 -55.32
CA ASN I 324 -8.80 -46.89 -55.30
C ASN I 324 -8.05 -45.57 -55.27
N ASN I 325 -6.92 -45.55 -54.55
CA ASN I 325 -6.11 -44.36 -54.38
C ASN I 325 -6.93 -43.20 -53.80
N THR I 326 -7.59 -43.48 -52.68
CA THR I 326 -8.34 -42.47 -51.94
C THR I 326 -8.02 -42.63 -50.46
N ILE I 327 -8.45 -41.64 -49.68
CA ILE I 327 -8.14 -41.57 -48.25
C ILE I 327 -9.41 -41.85 -47.46
N ILE I 328 -9.26 -42.62 -46.38
CA ILE I 328 -10.34 -42.84 -45.42
C ILE I 328 -9.80 -42.55 -44.02
N ARG I 329 -10.72 -42.16 -43.13
CA ARG I 329 -10.39 -41.79 -41.77
C ARG I 329 -11.34 -42.50 -40.83
N PHE I 330 -10.96 -42.58 -39.55
CA PHE I 330 -11.89 -43.03 -38.50
C PHE I 330 -11.43 -42.48 -37.17
N ALA I 331 -12.26 -41.65 -36.54
CA ALA I 331 -12.02 -41.09 -35.23
C ALA I 331 -12.71 -41.97 -34.18
N ASN I 332 -12.82 -41.45 -32.96
CA ASN I 332 -13.46 -42.20 -31.89
C ASN I 332 -14.98 -42.06 -32.01
N SER I 333 -15.70 -42.56 -31.01
CA SER I 333 -17.16 -42.59 -31.06
C SER I 333 -17.74 -41.18 -31.12
N SER I 334 -19.00 -41.11 -31.51
CA SER I 334 -19.69 -39.82 -31.59
C SER I 334 -20.24 -39.40 -30.24
N GLY I 335 -21.12 -40.20 -29.66
CA GLY I 335 -21.71 -39.90 -28.38
C GLY I 335 -23.04 -40.60 -28.21
N GLY I 336 -23.45 -40.73 -26.96
CA GLY I 336 -24.70 -41.38 -26.64
C GLY I 336 -24.61 -42.32 -25.46
N ASP I 337 -25.05 -43.56 -25.64
CA ASP I 337 -25.05 -44.52 -24.54
C ASP I 337 -23.63 -44.96 -24.19
N LEU I 338 -23.44 -45.29 -22.92
CA LEU I 338 -22.14 -45.78 -22.47
C LEU I 338 -21.81 -47.13 -23.10
N GLU I 339 -22.82 -47.97 -23.29
CA GLU I 339 -22.60 -49.29 -23.91
C GLU I 339 -22.38 -49.21 -25.40
N VAL I 340 -22.74 -48.11 -26.04
CA VAL I 340 -22.55 -47.94 -27.48
C VAL I 340 -21.23 -47.23 -27.78
N THR I 341 -20.88 -46.22 -26.98
CA THR I 341 -19.67 -45.45 -27.22
C THR I 341 -18.42 -46.13 -26.72
N THR I 342 -18.53 -47.20 -25.93
CA THR I 342 -17.38 -47.84 -25.33
C THR I 342 -17.39 -49.34 -25.61
N HIS I 343 -16.21 -49.89 -25.86
CA HIS I 343 -16.02 -51.34 -25.93
C HIS I 343 -16.40 -51.98 -24.61
N SER I 344 -17.59 -52.59 -24.56
CA SER I 344 -18.11 -53.19 -23.34
C SER I 344 -18.08 -54.70 -23.47
N PHE I 345 -17.59 -55.38 -22.43
CA PHE I 345 -17.56 -56.84 -22.43
C PHE I 345 -17.44 -57.32 -20.99
N ASN I 346 -17.38 -58.64 -20.83
CA ASN I 346 -17.25 -59.26 -19.52
C ASN I 346 -15.99 -60.10 -19.46
N CYS I 347 -15.46 -60.28 -18.25
CA CYS I 347 -14.28 -61.09 -18.05
C CYS I 347 -14.17 -61.46 -16.57
N GLY I 348 -14.07 -62.76 -16.29
CA GLY I 348 -13.96 -63.29 -14.94
C GLY I 348 -15.20 -63.07 -14.09
N GLY I 349 -16.13 -62.28 -14.58
CA GLY I 349 -17.27 -61.87 -13.79
C GLY I 349 -17.41 -60.37 -13.76
N GLU I 350 -16.31 -59.64 -13.96
CA GLU I 350 -16.32 -58.18 -13.94
C GLU I 350 -16.57 -57.65 -15.34
N PHE I 351 -17.35 -56.58 -15.42
CA PHE I 351 -17.80 -56.03 -16.69
C PHE I 351 -16.98 -54.78 -17.02
N PHE I 352 -16.14 -54.91 -18.04
CA PHE I 352 -15.22 -53.88 -18.47
C PHE I 352 -15.85 -53.00 -19.54
N TYR I 353 -15.82 -51.68 -19.33
CA TYR I 353 -16.20 -50.69 -20.34
C TYR I 353 -14.94 -49.89 -20.65
N CYS I 354 -14.26 -50.24 -21.73
CA CYS I 354 -13.05 -49.54 -22.14
C CYS I 354 -13.35 -48.57 -23.27
N ASN I 355 -12.58 -47.47 -23.24
CA ASN I 355 -12.60 -46.36 -24.22
C ASN I 355 -11.54 -46.67 -25.30
N THR I 356 -11.98 -46.73 -26.54
CA THR I 356 -11.15 -47.07 -27.73
C THR I 356 -10.60 -45.78 -28.36
N SER I 357 -10.76 -44.65 -27.69
CA SER I 357 -10.34 -43.38 -28.27
C SER I 357 -8.86 -43.41 -28.67
N GLY I 358 -8.07 -44.30 -28.08
CA GLY I 358 -6.66 -44.42 -28.39
C GLY I 358 -6.30 -45.32 -29.56
N LEU I 359 -7.28 -45.86 -30.27
CA LEU I 359 -7.01 -46.73 -31.42
C LEU I 359 -7.45 -46.16 -32.75
N PHE I 360 -8.38 -45.21 -32.77
CA PHE I 360 -8.96 -44.68 -34.00
C PHE I 360 -8.58 -43.21 -34.14
N ASN I 361 -7.34 -42.97 -34.56
CA ASN I 361 -6.85 -41.63 -34.93
C ASN I 361 -5.91 -41.82 -36.11
N SER I 362 -6.49 -41.98 -37.30
CA SER I 362 -5.71 -42.40 -38.45
C SER I 362 -6.27 -41.80 -39.73
N THR I 363 -5.37 -41.35 -40.60
CA THR I 363 -5.69 -41.00 -41.98
C THR I 363 -4.74 -41.79 -42.89
N TRP I 364 -5.21 -42.15 -44.07
CA TRP I 364 -4.54 -43.14 -44.90
C TRP I 364 -4.22 -42.59 -46.28
N ILE I 365 -2.93 -42.54 -46.61
CA ILE I 365 -2.46 -42.26 -47.96
C ILE I 365 -2.60 -43.56 -48.77
N SER I 366 -2.31 -43.50 -50.06
CA SER I 366 -2.45 -44.67 -50.92
C SER I 366 -1.41 -45.74 -50.65
N ASN I 367 -0.36 -45.45 -49.87
CA ASN I 367 0.68 -46.43 -49.58
C ASN I 367 1.08 -46.53 -48.11
N THR I 368 0.85 -45.49 -47.30
CA THR I 368 1.25 -45.50 -45.89
C THR I 368 0.18 -44.76 -45.09
N SER I 369 0.49 -44.47 -43.83
CA SER I 369 -0.42 -43.77 -42.93
C SER I 369 0.25 -42.52 -42.38
N VAL I 370 -0.54 -41.71 -41.69
CA VAL I 370 -0.04 -40.48 -41.10
C VAL I 370 -0.10 -40.55 -39.57
N SER I 378 8.00 -46.27 -32.75
CA SER I 378 8.09 -47.54 -32.01
C SER I 378 6.82 -47.79 -31.21
N ASN I 379 6.89 -47.57 -29.90
CA ASN I 379 5.80 -47.82 -28.96
C ASN I 379 5.37 -49.28 -29.02
N ASP I 380 5.87 -50.08 -28.09
CA ASP I 380 5.71 -51.53 -28.18
C ASP I 380 4.24 -51.94 -28.11
N SER I 381 3.44 -51.24 -27.30
CA SER I 381 2.04 -51.62 -27.13
C SER I 381 1.19 -50.35 -26.96
N ILE I 382 -0.09 -50.48 -27.30
CA ILE I 382 -1.07 -49.42 -27.09
C ILE I 382 -1.97 -49.86 -25.94
N THR I 383 -2.01 -49.06 -24.89
CA THR I 383 -2.88 -49.31 -23.74
C THR I 383 -4.16 -48.51 -23.89
N LEU I 384 -5.24 -49.07 -23.34
CA LEU I 384 -6.56 -48.46 -23.39
C LEU I 384 -7.10 -48.43 -21.97
N PRO I 385 -7.45 -47.27 -21.44
CA PRO I 385 -8.09 -47.21 -20.12
C PRO I 385 -9.43 -47.94 -20.16
N CYS I 386 -9.90 -48.34 -18.98
CA CYS I 386 -11.13 -49.11 -18.90
C CYS I 386 -11.75 -48.90 -17.52
N ARG I 387 -13.00 -48.47 -17.48
CA ARG I 387 -13.74 -48.41 -16.24
C ARG I 387 -14.50 -49.72 -16.03
N ILE I 388 -14.98 -49.93 -14.82
CA ILE I 388 -15.61 -51.19 -14.43
C ILE I 388 -17.02 -50.89 -13.94
N LYS I 389 -17.97 -51.76 -14.30
CA LYS I 389 -19.35 -51.58 -13.89
C LYS I 389 -19.91 -52.91 -13.38
N GLN I 390 -20.67 -52.84 -12.29
CA GLN I 390 -21.25 -54.03 -11.69
C GLN I 390 -22.76 -54.13 -11.85
N ILE I 391 -23.47 -53.01 -11.93
CA ILE I 391 -24.91 -53.00 -12.14
C ILE I 391 -25.18 -52.62 -13.58
N ILE I 392 -25.88 -53.48 -14.31
CA ILE I 392 -26.09 -53.33 -15.73
C ILE I 392 -27.58 -53.27 -16.02
N ASN I 393 -27.98 -52.34 -16.89
CA ASN I 393 -29.33 -52.27 -17.42
C ASN I 393 -29.37 -52.66 -18.90
N MET I 394 -28.48 -53.57 -19.30
CA MET I 394 -28.41 -54.02 -20.69
C MET I 394 -29.64 -54.83 -21.09
N TRP I 395 -30.41 -55.30 -20.12
CA TRP I 395 -31.60 -56.09 -20.40
C TRP I 395 -32.63 -55.23 -21.12
N GLN I 396 -33.13 -55.74 -22.25
CA GLN I 396 -34.17 -55.03 -22.99
C GLN I 396 -35.45 -54.90 -22.16
N ARG I 397 -35.66 -55.79 -21.20
CA ARG I 397 -36.69 -55.60 -20.18
C ARG I 397 -36.19 -54.58 -19.17
N ILE I 398 -36.71 -53.36 -19.24
CA ILE I 398 -36.23 -52.26 -18.42
C ILE I 398 -36.87 -52.36 -17.03
N GLY I 399 -37.34 -53.54 -16.66
CA GLY I 399 -37.85 -53.81 -15.34
C GLY I 399 -36.91 -54.55 -14.43
N GLN I 400 -35.72 -54.92 -14.91
CA GLN I 400 -34.76 -55.67 -14.11
C GLN I 400 -33.35 -55.21 -14.44
N ALA I 401 -32.47 -55.31 -13.44
CA ALA I 401 -31.05 -55.07 -13.63
C ALA I 401 -30.27 -56.01 -12.73
N MET I 402 -29.04 -56.31 -13.14
CA MET I 402 -28.21 -57.30 -12.47
C MET I 402 -27.04 -56.62 -11.77
N TYR I 403 -26.74 -57.08 -10.57
CA TYR I 403 -25.56 -56.67 -9.82
C TYR I 403 -24.50 -57.73 -9.98
N ALA I 404 -23.33 -57.34 -10.48
CA ALA I 404 -22.24 -58.29 -10.66
C ALA I 404 -21.53 -58.53 -9.32
N PRO I 405 -21.40 -59.78 -8.88
CA PRO I 405 -20.72 -60.03 -7.62
C PRO I 405 -19.24 -59.73 -7.74
N PRO I 406 -18.61 -59.23 -6.68
CA PRO I 406 -17.19 -58.90 -6.75
C PRO I 406 -16.34 -60.14 -6.88
N ILE I 407 -15.23 -60.00 -7.61
CA ILE I 407 -14.30 -61.09 -7.85
C ILE I 407 -13.13 -60.93 -6.90
N GLN I 408 -12.87 -61.97 -6.09
CA GLN I 408 -11.81 -61.94 -5.09
C GLN I 408 -10.49 -62.31 -5.76
N GLY I 409 -9.67 -61.30 -6.04
CA GLY I 409 -8.34 -61.49 -6.60
C GLY I 409 -8.10 -60.59 -7.79
N VAL I 410 -6.89 -60.73 -8.35
CA VAL I 410 -6.50 -59.97 -9.53
C VAL I 410 -7.10 -60.64 -10.76
N ILE I 411 -7.40 -59.84 -11.78
CA ILE I 411 -8.06 -60.33 -12.99
C ILE I 411 -7.19 -60.03 -14.20
N ARG I 412 -6.89 -61.06 -14.98
CA ARG I 412 -6.17 -60.89 -16.24
C ARG I 412 -6.74 -61.88 -17.25
N CYS I 413 -7.22 -61.36 -18.39
CA CYS I 413 -7.89 -62.17 -19.39
C CYS I 413 -7.38 -61.82 -20.78
N VAL I 414 -6.99 -62.84 -21.54
CA VAL I 414 -6.50 -62.66 -22.90
C VAL I 414 -7.61 -63.03 -23.86
N SER I 415 -7.54 -62.47 -25.08
CA SER I 415 -8.58 -62.73 -26.06
C SER I 415 -8.09 -62.41 -27.46
N ASN I 416 -8.79 -63.02 -28.44
CA ASN I 416 -8.60 -62.74 -29.85
C ASN I 416 -9.66 -61.76 -30.31
N ILE I 417 -9.24 -60.63 -30.86
CA ILE I 417 -10.14 -59.70 -31.53
C ILE I 417 -10.25 -60.15 -32.98
N THR I 418 -11.49 -60.36 -33.42
CA THR I 418 -11.77 -60.94 -34.72
C THR I 418 -12.69 -60.09 -35.59
N GLY I 419 -13.36 -59.09 -35.03
CA GLY I 419 -14.33 -58.34 -35.81
C GLY I 419 -14.45 -56.89 -35.37
N LEU I 420 -15.22 -56.15 -36.16
CA LEU I 420 -15.43 -54.72 -35.98
C LEU I 420 -16.84 -54.35 -36.42
N ILE I 421 -17.38 -53.31 -35.80
CA ILE I 421 -18.68 -52.75 -36.15
C ILE I 421 -18.49 -51.26 -36.38
N LEU I 422 -18.71 -50.81 -37.62
CA LEU I 422 -18.42 -49.44 -38.00
C LEU I 422 -19.66 -48.77 -38.60
N THR I 423 -19.68 -47.43 -38.49
CA THR I 423 -20.75 -46.61 -39.05
C THR I 423 -20.11 -45.47 -39.84
N ARG I 424 -20.63 -45.23 -41.05
CA ARG I 424 -20.11 -44.21 -41.92
C ARG I 424 -20.85 -42.89 -41.71
N ASP I 425 -20.08 -41.80 -41.65
CA ASP I 425 -20.67 -40.48 -41.50
C ASP I 425 -21.36 -40.07 -42.80
N GLY I 426 -22.67 -39.81 -42.72
CA GLY I 426 -23.44 -39.44 -43.89
C GLY I 426 -23.18 -38.02 -44.35
N GLY I 427 -23.85 -37.67 -45.45
CA GLY I 427 -23.74 -36.36 -46.05
C GLY I 427 -23.15 -36.44 -47.44
N SER I 428 -22.79 -35.26 -47.97
CA SER I 428 -22.18 -35.16 -49.29
C SER I 428 -20.67 -35.20 -49.15
N THR I 429 -20.16 -36.39 -48.82
CA THR I 429 -18.75 -36.63 -48.62
C THR I 429 -18.14 -37.47 -49.73
N ASN I 430 -18.64 -37.29 -50.96
CA ASN I 430 -18.13 -38.06 -52.10
C ASN I 430 -16.75 -37.58 -52.52
N SER I 431 -16.64 -36.30 -52.88
CA SER I 431 -15.35 -35.76 -53.32
C SER I 431 -14.32 -35.79 -52.21
N THR I 432 -14.76 -35.71 -50.96
CA THR I 432 -13.84 -35.77 -49.82
C THR I 432 -13.63 -37.21 -49.40
N THR I 433 -13.30 -37.42 -48.13
CA THR I 433 -13.03 -38.75 -47.59
C THR I 433 -14.22 -39.26 -46.79
N GLU I 434 -14.17 -40.54 -46.43
CA GLU I 434 -15.20 -41.16 -45.62
C GLU I 434 -14.66 -41.51 -44.24
N THR I 435 -15.55 -41.48 -43.24
CA THR I 435 -15.20 -41.73 -41.85
C THR I 435 -15.98 -42.93 -41.34
N PHE I 436 -15.31 -43.78 -40.58
CA PHE I 436 -15.89 -45.02 -40.05
C PHE I 436 -15.77 -45.03 -38.53
N ARG I 437 -16.72 -44.39 -37.86
CA ARG I 437 -16.66 -44.34 -36.40
C ARG I 437 -17.19 -45.65 -35.81
N PRO I 438 -16.63 -46.08 -34.68
CA PRO I 438 -17.11 -47.32 -34.06
C PRO I 438 -18.52 -47.16 -33.52
N GLY I 439 -19.23 -48.28 -33.45
CA GLY I 439 -20.59 -48.28 -32.97
C GLY I 439 -21.05 -49.67 -32.57
N GLY I 440 -22.36 -49.81 -32.45
CA GLY I 440 -22.95 -51.08 -32.05
C GLY I 440 -24.36 -50.93 -31.54
N GLY I 441 -24.66 -51.57 -30.41
CA GLY I 441 -25.99 -51.51 -29.83
C GLY I 441 -26.80 -52.77 -30.01
N ASP I 442 -27.10 -53.12 -31.26
CA ASP I 442 -27.91 -54.29 -31.55
C ASP I 442 -27.10 -55.56 -31.32
N MET I 443 -27.61 -56.45 -30.48
CA MET I 443 -26.92 -57.70 -30.18
C MET I 443 -26.85 -58.62 -31.40
N ARG I 444 -27.83 -58.50 -32.31
CA ARG I 444 -27.89 -59.40 -33.46
C ARG I 444 -26.67 -59.25 -34.35
N ASP I 445 -26.11 -58.04 -34.43
CA ASP I 445 -24.89 -57.85 -35.22
C ASP I 445 -23.73 -58.69 -34.69
N ASN I 446 -23.73 -58.99 -33.39
CA ASN I 446 -22.71 -59.85 -32.82
C ASN I 446 -22.87 -61.30 -33.27
N TRP I 447 -24.07 -61.70 -33.70
CA TRP I 447 -24.30 -63.08 -34.09
C TRP I 447 -24.17 -63.30 -35.60
N ARG I 448 -24.34 -62.26 -36.41
CA ARG I 448 -24.22 -62.41 -37.85
C ARG I 448 -22.79 -62.69 -38.29
N SER I 449 -21.81 -62.40 -37.44
CA SER I 449 -20.42 -62.77 -37.72
C SER I 449 -20.16 -64.26 -37.52
N GLU I 450 -21.16 -65.02 -37.05
CA GLU I 450 -21.02 -66.44 -36.83
C GLU I 450 -22.05 -67.30 -37.55
N LEU I 451 -23.21 -66.74 -37.90
CA LEU I 451 -24.27 -67.47 -38.59
C LEU I 451 -24.47 -67.00 -40.02
N TYR I 452 -23.47 -66.33 -40.61
CA TYR I 452 -23.61 -65.84 -41.97
C TYR I 452 -23.56 -66.99 -42.98
N LYS I 453 -22.86 -68.06 -42.65
CA LYS I 453 -22.68 -69.18 -43.55
C LYS I 453 -23.74 -70.26 -43.39
N TYR I 454 -24.75 -70.04 -42.54
CA TYR I 454 -25.71 -71.06 -42.17
C TYR I 454 -27.12 -70.64 -42.61
N LYS I 455 -27.84 -71.60 -43.19
CA LYS I 455 -29.25 -71.38 -43.52
C LYS I 455 -30.04 -72.63 -43.19
N VAL I 456 -31.24 -72.45 -42.64
CA VAL I 456 -32.11 -73.55 -42.25
C VAL I 456 -33.06 -73.84 -43.39
N VAL I 457 -33.18 -75.12 -43.75
CA VAL I 457 -34.08 -75.54 -44.82
C VAL I 457 -34.92 -76.71 -44.33
N LYS I 458 -36.14 -76.81 -44.85
CA LYS I 458 -37.04 -77.92 -44.55
C LYS I 458 -37.09 -78.85 -45.75
N ILE I 459 -37.20 -80.14 -45.48
CA ILE I 459 -37.15 -81.16 -46.52
C ILE I 459 -38.57 -81.50 -46.96
N GLU I 460 -38.80 -81.50 -48.27
CA GLU I 460 -40.06 -81.88 -48.88
C GLU I 460 -39.79 -83.06 -49.80
N PRO I 461 -39.84 -84.29 -49.29
CA PRO I 461 -39.36 -85.45 -50.05
C PRO I 461 -40.37 -86.06 -51.02
N LEU I 462 -41.51 -85.41 -51.26
CA LEU I 462 -42.55 -85.94 -52.13
C LEU I 462 -42.40 -85.34 -53.51
N GLY I 463 -41.95 -86.14 -54.47
CA GLY I 463 -41.81 -85.67 -55.83
C GLY I 463 -42.61 -86.50 -56.81
N VAL I 464 -42.89 -85.96 -57.99
CA VAL I 464 -43.62 -86.67 -59.02
C VAL I 464 -42.82 -86.59 -60.31
N ALA I 465 -42.94 -87.62 -61.15
CA ALA I 465 -42.23 -87.66 -62.41
C ALA I 465 -42.89 -88.67 -63.32
N PRO I 466 -42.77 -88.52 -64.65
CA PRO I 466 -43.41 -89.49 -65.55
C PRO I 466 -42.48 -90.61 -65.98
N THR I 467 -42.94 -91.85 -65.83
CA THR I 467 -42.23 -93.02 -66.36
C THR I 467 -43.24 -94.01 -66.93
N ARG I 468 -42.73 -94.97 -67.69
CA ARG I 468 -43.57 -95.95 -68.36
C ARG I 468 -43.76 -97.15 -67.44
N CYS I 469 -44.97 -97.33 -66.94
CA CYS I 469 -45.34 -98.46 -66.10
C CYS I 469 -46.86 -98.48 -65.96
N LYS I 470 -47.38 -99.63 -65.56
CA LYS I 470 -48.81 -99.81 -65.41
C LYS I 470 -49.08 -100.74 -64.24
N ARG I 471 -50.16 -100.47 -63.52
CA ARG I 471 -50.61 -101.29 -62.41
C ARG I 471 -51.68 -102.27 -62.90
N ARG I 472 -51.96 -103.27 -62.07
CA ARG I 472 -53.01 -104.28 -62.33
C ARG I 472 -52.98 -104.80 -63.76
N GLN J 1 7.99 -36.08 -5.26
CA GLN J 1 8.78 -36.06 -4.05
C GLN J 1 8.16 -36.94 -2.97
N VAL J 2 8.94 -37.89 -2.45
CA VAL J 2 8.48 -38.83 -1.45
C VAL J 2 9.12 -38.45 -0.11
N GLN J 3 8.69 -39.14 0.95
CA GLN J 3 9.23 -38.86 2.27
C GLN J 3 9.09 -40.10 3.15
N LEU J 4 9.86 -40.13 4.22
CA LEU J 4 9.83 -41.21 5.21
C LEU J 4 9.74 -40.61 6.60
N VAL J 5 8.82 -41.13 7.43
CA VAL J 5 8.65 -40.68 8.81
C VAL J 5 8.80 -41.89 9.72
N GLN J 6 9.69 -41.78 10.71
CA GLN J 6 9.97 -42.86 11.64
C GLN J 6 9.33 -42.60 13.00
N SER J 7 9.63 -43.46 13.95
CA SER J 7 9.10 -43.37 15.31
C SER J 7 10.05 -42.55 16.19
N GLY J 8 9.72 -42.46 17.47
CA GLY J 8 10.58 -41.77 18.43
C GLY J 8 11.66 -42.67 18.99
N ALA J 9 12.53 -42.07 19.80
CA ALA J 9 13.60 -42.81 20.44
C ALA J 9 13.02 -43.75 21.50
N GLU J 10 13.74 -44.85 21.74
CA GLU J 10 13.31 -45.84 22.71
C GLU J 10 14.49 -46.43 23.45
N VAL J 11 14.22 -46.87 24.67
CA VAL J 11 15.21 -47.53 25.53
C VAL J 11 14.66 -48.91 25.88
N ARG J 12 15.44 -49.94 25.59
CA ARG J 12 15.05 -51.32 25.83
C ARG J 12 16.10 -52.01 26.69
N LYS J 13 15.63 -52.96 27.51
CA LYS J 13 16.53 -53.73 28.34
C LYS J 13 17.33 -54.73 27.50
N PRO J 14 18.53 -55.10 27.94
CA PRO J 14 19.29 -56.10 27.18
C PRO J 14 18.59 -57.45 27.15
N GLY J 15 18.54 -58.03 25.95
CA GLY J 15 17.89 -59.32 25.75
C GLY J 15 16.46 -59.25 25.28
N SER J 16 15.81 -58.09 25.35
CA SER J 16 14.43 -57.95 24.93
C SER J 16 14.37 -57.72 23.42
N SER J 17 13.23 -57.21 22.94
CA SER J 17 13.02 -56.92 21.53
C SER J 17 12.55 -55.49 21.39
N VAL J 18 12.78 -54.91 20.21
CA VAL J 18 12.43 -53.53 19.91
C VAL J 18 11.74 -53.51 18.55
N THR J 19 10.76 -52.62 18.40
CA THR J 19 9.96 -52.51 17.19
C THR J 19 9.98 -51.05 16.73
N ILE J 20 10.43 -50.83 15.49
CA ILE J 20 10.53 -49.50 14.91
C ILE J 20 9.65 -49.43 13.67
N SER J 21 8.89 -48.35 13.54
CA SER J 21 8.01 -48.14 12.40
C SER J 21 8.63 -47.17 11.41
N CYS J 22 8.18 -47.27 10.16
CA CYS J 22 8.60 -46.36 9.09
C CYS J 22 7.46 -46.23 8.09
N LYS J 23 6.91 -45.03 7.96
CA LYS J 23 5.81 -44.79 7.05
C LYS J 23 6.24 -43.86 5.93
N PRO J 24 6.04 -44.26 4.67
CA PRO J 24 6.28 -43.34 3.56
C PRO J 24 5.12 -42.36 3.38
N VAL J 25 5.44 -41.24 2.75
CA VAL J 25 4.50 -40.15 2.51
C VAL J 25 4.68 -39.66 1.08
N GLY J 26 3.64 -39.85 0.26
CA GLY J 26 3.62 -39.34 -1.10
C GLY J 26 4.46 -40.12 -2.10
N GLY J 27 4.20 -41.41 -2.26
CA GLY J 27 4.97 -42.19 -3.21
C GLY J 27 4.45 -43.59 -3.35
N THR J 28 5.06 -44.34 -4.26
CA THR J 28 4.73 -45.74 -4.46
C THR J 28 5.16 -46.58 -3.27
N PHE J 29 4.42 -47.67 -3.05
CA PHE J 29 4.61 -48.51 -1.86
C PHE J 29 5.31 -49.83 -2.16
N THR J 30 4.79 -50.62 -3.10
CA THR J 30 5.26 -51.99 -3.29
C THR J 30 6.37 -52.11 -4.33
N ASN J 31 6.74 -51.03 -5.01
CA ASN J 31 7.77 -51.10 -6.04
C ASN J 31 9.15 -51.23 -5.41
N PHE J 32 9.74 -50.11 -5.02
CA PHE J 32 11.10 -50.11 -4.49
C PHE J 32 11.13 -50.68 -3.09
N ALA J 33 12.30 -51.22 -2.72
CA ALA J 33 12.47 -51.90 -1.45
C ALA J 33 12.86 -50.92 -0.35
N ILE J 34 12.46 -51.27 0.88
CA ILE J 34 12.81 -50.51 2.07
C ILE J 34 14.01 -51.18 2.72
N HIS J 35 15.10 -50.44 2.89
CA HIS J 35 16.28 -50.95 3.57
C HIS J 35 16.43 -50.27 4.92
N TRP J 36 17.24 -50.90 5.77
CA TRP J 36 17.51 -50.37 7.11
C TRP J 36 19.02 -50.27 7.29
N VAL J 37 19.50 -49.06 7.58
CA VAL J 37 20.93 -48.81 7.74
C VAL J 37 21.15 -48.28 9.16
N ARG J 38 21.94 -49.00 9.95
CA ARG J 38 22.15 -48.61 11.34
C ARG J 38 23.53 -48.02 11.53
N GLN J 39 23.66 -47.21 12.57
CA GLN J 39 24.93 -46.57 12.92
C GLN J 39 25.09 -46.68 14.43
N ALA J 40 26.07 -47.49 14.84
CA ALA J 40 26.43 -47.55 16.25
C ALA J 40 27.12 -46.24 16.65
N PRO J 41 27.05 -45.86 17.93
CA PRO J 41 27.61 -44.57 18.34
C PRO J 41 29.11 -44.46 18.12
N GLY J 42 29.50 -43.83 17.00
CA GLY J 42 30.90 -43.57 16.71
C GLY J 42 31.52 -44.43 15.65
N GLN J 43 30.78 -45.35 15.04
CA GLN J 43 31.30 -46.25 14.03
C GLN J 43 30.66 -45.95 12.68
N GLY J 44 31.11 -46.69 11.66
CA GLY J 44 30.62 -46.50 10.31
C GLY J 44 29.22 -47.06 10.11
N LEU J 45 28.70 -46.82 8.91
CA LEU J 45 27.35 -47.29 8.58
C LEU J 45 27.32 -48.79 8.42
N GLU J 46 26.23 -49.42 8.84
CA GLU J 46 26.04 -50.85 8.74
C GLU J 46 24.65 -51.13 8.19
N TRP J 47 24.58 -52.00 7.18
CA TRP J 47 23.31 -52.39 6.59
C TRP J 47 22.66 -53.49 7.40
N VAL J 48 21.41 -53.27 7.80
CA VAL J 48 20.68 -54.23 8.63
C VAL J 48 20.00 -55.26 7.75
N GLY J 49 19.00 -54.81 6.98
CA GLY J 49 18.28 -55.68 6.09
C GLY J 49 17.60 -54.89 4.99
N GLY J 50 16.97 -55.62 4.08
CA GLY J 50 16.18 -55.02 3.03
C GLY J 50 14.95 -55.85 2.77
N ARG J 51 13.87 -55.18 2.36
CA ARG J 51 12.61 -55.88 2.16
C ARG J 51 11.69 -55.04 1.29
N VAL J 52 11.20 -55.64 0.21
CA VAL J 52 10.07 -55.06 -0.53
C VAL J 52 8.81 -55.23 0.32
N PRO J 53 7.99 -54.20 0.49
CA PRO J 53 6.89 -54.26 1.46
C PRO J 53 5.93 -55.43 1.27
N VAL J 54 5.09 -55.37 0.24
CA VAL J 54 4.04 -56.37 0.09
C VAL J 54 4.51 -57.62 -0.68
N VAL J 55 5.48 -57.47 -1.58
CA VAL J 55 5.87 -58.58 -2.44
C VAL J 55 6.55 -59.68 -1.63
N GLY J 56 7.40 -59.31 -0.68
CA GLY J 56 8.08 -60.29 0.15
C GLY J 56 9.50 -60.62 -0.24
N ILE J 57 10.04 -59.96 -1.27
CA ILE J 57 11.45 -60.13 -1.60
C ILE J 57 12.27 -59.43 -0.51
N TYR J 58 12.78 -60.22 0.43
CA TYR J 58 13.49 -59.68 1.58
C TYR J 58 14.78 -60.45 1.79
N LYS J 59 15.69 -59.83 2.54
CA LYS J 59 16.94 -60.47 2.94
C LYS J 59 17.62 -59.68 4.05
N TYR J 60 18.05 -60.36 5.11
CA TYR J 60 18.67 -59.74 6.27
C TYR J 60 20.20 -59.83 6.18
N GLY J 61 20.87 -59.16 7.11
CA GLY J 61 22.30 -59.28 7.21
C GLY J 61 22.73 -60.59 7.84
N LYS J 62 23.95 -61.02 7.51
CA LYS J 62 24.48 -62.26 8.07
C LYS J 62 24.56 -62.20 9.59
N LYS J 63 24.75 -61.00 10.14
CA LYS J 63 24.86 -60.81 11.58
C LYS J 63 23.51 -60.84 12.27
N PHE J 64 22.41 -60.75 11.54
CA PHE J 64 21.09 -60.54 12.11
C PHE J 64 20.14 -61.71 11.87
N HIS J 65 20.69 -62.92 11.75
CA HIS J 65 19.85 -64.10 11.68
C HIS J 65 19.39 -64.51 13.07
N ASP J 66 18.18 -65.07 13.14
CA ASP J 66 17.51 -65.50 14.37
C ASP J 66 17.27 -64.34 15.33
N ARG J 67 17.46 -63.10 14.89
CA ARG J 67 17.19 -61.94 15.73
C ARG J 67 16.48 -60.81 15.01
N LEU J 68 16.47 -60.78 13.68
CA LEU J 68 15.85 -59.71 12.91
C LEU J 68 14.56 -60.21 12.26
N ARG J 69 13.56 -59.34 12.20
CA ARG J 69 12.30 -59.68 11.55
C ARG J 69 11.69 -58.42 10.96
N LEU J 70 11.56 -58.38 9.64
CA LEU J 70 10.99 -57.23 8.95
C LEU J 70 9.60 -57.59 8.43
N TYR J 71 8.60 -56.79 8.80
CA TYR J 71 7.24 -57.00 8.32
C TYR J 71 6.65 -55.64 7.96
N GLU J 72 5.35 -55.62 7.65
CA GLU J 72 4.71 -54.38 7.24
C GLU J 72 3.21 -54.45 7.54
N ASP J 73 2.53 -53.34 7.31
CA ASP J 73 1.08 -53.24 7.48
C ASP J 73 0.58 -52.24 6.45
N ASP J 74 -0.11 -52.75 5.43
CA ASP J 74 -0.61 -51.94 4.32
C ASP J 74 -1.86 -51.13 4.68
N PRO J 75 -2.77 -51.62 5.54
CA PRO J 75 -3.85 -50.73 6.01
C PRO J 75 -3.33 -49.42 6.57
N MET J 76 -2.18 -49.44 7.24
CA MET J 76 -1.52 -48.23 7.71
C MET J 76 -0.42 -47.75 6.78
N LYS J 77 -0.01 -48.58 5.81
CA LYS J 77 1.07 -48.24 4.88
C LYS J 77 2.37 -47.93 5.63
N THR J 78 2.77 -48.86 6.50
CA THR J 78 3.93 -48.65 7.35
C THR J 78 4.71 -49.95 7.51
N VAL J 79 6.03 -49.89 7.29
CA VAL J 79 6.88 -51.05 7.50
C VAL J 79 7.39 -51.04 8.94
N PHE J 80 7.86 -52.20 9.40
CA PHE J 80 8.26 -52.39 10.78
C PHE J 80 9.49 -53.28 10.85
N LEU J 81 10.46 -52.85 11.65
CA LEU J 81 11.64 -53.64 11.98
C LEU J 81 11.53 -54.13 13.41
N GLU J 82 11.88 -55.39 13.63
CA GLU J 82 11.85 -56.01 14.95
C GLU J 82 13.21 -56.63 15.22
N LEU J 83 13.83 -56.24 16.32
CA LEU J 83 15.15 -56.74 16.69
C LEU J 83 15.07 -57.39 18.06
N ARG J 84 15.43 -58.66 18.13
CA ARG J 84 15.40 -59.45 19.36
C ARG J 84 16.81 -59.70 19.86
N SER J 85 16.89 -60.14 21.13
CA SER J 85 18.16 -60.42 21.80
C SER J 85 19.10 -59.22 21.70
N LEU J 86 18.67 -58.13 22.34
CA LEU J 86 19.40 -56.88 22.30
C LEU J 86 20.59 -56.91 23.24
N THR J 87 21.74 -56.46 22.75
CA THR J 87 22.93 -56.25 23.56
C THR J 87 23.33 -54.78 23.49
N SER J 88 24.40 -54.44 24.19
CA SER J 88 24.92 -53.07 24.11
C SER J 88 25.47 -52.75 22.74
N ASP J 89 25.74 -53.77 21.90
CA ASP J 89 26.23 -53.52 20.56
C ASP J 89 25.15 -52.96 19.65
N ASP J 90 23.90 -53.37 19.84
CA ASP J 90 22.80 -52.93 18.98
C ASP J 90 22.33 -51.52 19.30
N THR J 91 22.91 -50.87 20.30
CA THR J 91 22.57 -49.48 20.59
C THR J 91 23.07 -48.58 19.47
N GLY J 92 22.24 -47.62 19.07
CA GLY J 92 22.66 -46.72 18.02
C GLY J 92 21.48 -45.97 17.42
N VAL J 93 21.65 -45.57 16.16
CA VAL J 93 20.63 -44.83 15.41
C VAL J 93 20.32 -45.61 14.15
N TYR J 94 19.05 -45.94 13.96
CA TYR J 94 18.61 -46.70 12.80
C TYR J 94 17.93 -45.78 11.80
N TYR J 95 18.21 -45.99 10.51
CA TYR J 95 17.69 -45.17 9.44
C TYR J 95 16.87 -46.03 8.48
N CYS J 96 15.68 -45.55 8.15
CA CYS J 96 14.83 -46.17 7.14
C CYS J 96 15.15 -45.54 5.78
N THR J 97 15.62 -46.36 4.84
CA THR J 97 16.14 -45.87 3.57
C THR J 97 15.33 -46.45 2.41
N ARG J 98 15.27 -45.68 1.32
CA ARG J 98 14.47 -46.05 0.16
C ARG J 98 14.94 -45.23 -1.03
N TRP J 99 14.79 -45.82 -2.21
CA TRP J 99 15.07 -45.14 -3.48
C TRP J 99 13.79 -44.55 -4.04
N ARG J 100 13.93 -43.46 -4.79
CA ARG J 100 12.81 -42.83 -5.47
C ARG J 100 13.19 -42.53 -6.92
N GLY J 101 12.22 -42.64 -7.82
CA GLY J 101 12.45 -42.37 -9.23
C GLY J 101 11.20 -41.97 -9.97
N TYR J 107 2.51 -47.43 -14.45
CA TYR J 107 2.17 -48.75 -14.98
C TYR J 107 3.22 -49.77 -14.58
N ASP J 108 4.27 -49.31 -13.94
CA ASP J 108 5.35 -50.18 -13.49
C ASP J 108 4.87 -50.96 -12.28
N THR J 109 4.60 -52.25 -12.47
CA THR J 109 4.14 -53.12 -11.39
C THR J 109 5.21 -54.08 -10.89
N SER J 110 6.43 -54.01 -11.43
CA SER J 110 7.50 -54.88 -10.99
C SER J 110 8.01 -54.43 -9.62
N SER J 111 9.02 -55.14 -9.12
CA SER J 111 9.57 -54.87 -7.79
C SER J 111 11.09 -54.77 -7.88
N TYR J 112 11.64 -53.76 -7.23
CA TYR J 112 13.08 -53.51 -7.22
C TYR J 112 13.63 -53.75 -5.82
N TYR J 113 14.80 -54.39 -5.77
CA TYR J 113 15.46 -54.63 -4.49
C TYR J 113 16.88 -54.13 -4.59
N ASN J 114 17.43 -54.10 -5.80
CA ASN J 114 18.81 -53.71 -6.03
C ASN J 114 18.84 -52.25 -6.47
N ASP J 115 18.72 -51.36 -5.49
CA ASP J 115 18.77 -49.92 -5.74
C ASP J 115 19.32 -49.22 -4.50
N ALA J 116 19.90 -48.04 -4.73
CA ALA J 116 20.52 -47.28 -3.66
C ALA J 116 19.47 -46.64 -2.76
N SER J 117 19.82 -45.54 -2.08
CA SER J 117 18.91 -44.92 -1.12
C SER J 117 19.19 -43.42 -1.06
N ASP J 118 18.34 -42.64 -1.74
CA ASP J 118 18.39 -41.20 -1.64
C ASP J 118 17.43 -40.62 -0.62
N VAL J 119 16.41 -41.38 -0.23
CA VAL J 119 15.42 -40.95 0.75
C VAL J 119 15.74 -41.60 2.07
N TRP J 120 16.09 -40.79 3.06
CA TRP J 120 16.50 -41.27 4.38
C TRP J 120 15.57 -40.71 5.44
N GLY J 121 15.23 -41.56 6.41
CA GLY J 121 14.42 -41.15 7.53
C GLY J 121 15.22 -40.33 8.53
N PRO J 122 14.51 -39.57 9.38
CA PRO J 122 15.22 -38.78 10.39
C PRO J 122 16.07 -39.62 11.33
N GLY J 123 15.68 -40.87 11.56
CA GLY J 123 16.43 -41.76 12.42
C GLY J 123 15.66 -42.08 13.69
N THR J 124 15.96 -43.25 14.26
CA THR J 124 15.36 -43.70 15.51
C THR J 124 16.48 -44.15 16.43
N LYS J 125 16.53 -43.57 17.64
CA LYS J 125 17.60 -43.83 18.59
C LYS J 125 17.21 -44.96 19.51
N VAL J 126 17.87 -46.10 19.38
CA VAL J 126 17.63 -47.28 20.20
C VAL J 126 18.75 -47.38 21.23
N ILE J 127 18.39 -47.34 22.51
CA ILE J 127 19.36 -47.39 23.60
C ILE J 127 19.13 -48.68 24.37
N VAL J 128 20.14 -49.53 24.40
CA VAL J 128 20.10 -50.78 25.16
C VAL J 128 20.88 -50.57 26.44
N SER J 129 20.17 -50.43 27.55
CA SER J 129 20.78 -50.15 28.85
C SER J 129 19.81 -50.55 29.95
N ALA J 130 20.29 -51.39 30.88
CA ALA J 130 19.46 -51.87 31.99
C ALA J 130 19.63 -50.92 33.17
N ALA J 131 18.90 -49.81 33.12
CA ALA J 131 18.92 -48.81 34.18
C ALA J 131 17.66 -47.96 34.06
N SER J 132 17.53 -47.00 34.96
CA SER J 132 16.38 -46.09 34.98
C SER J 132 16.89 -44.65 35.02
N THR J 133 15.95 -43.72 35.02
CA THR J 133 16.28 -42.29 35.05
C THR J 133 17.05 -41.95 36.32
N LYS J 134 18.38 -41.89 36.22
CA LYS J 134 19.25 -41.64 37.36
C LYS J 134 19.94 -40.31 37.19
N GLY J 135 20.04 -39.54 38.28
CA GLY J 135 20.71 -38.27 38.25
C GLY J 135 22.22 -38.43 38.19
N PRO J 136 22.91 -37.36 37.79
CA PRO J 136 24.37 -37.44 37.64
C PRO J 136 25.06 -37.39 39.00
N SER J 137 26.38 -37.62 38.94
CA SER J 137 27.25 -37.53 40.12
C SER J 137 28.51 -36.79 39.66
N VAL J 138 28.50 -35.46 39.80
CA VAL J 138 29.59 -34.64 39.29
C VAL J 138 30.80 -34.77 40.20
N PHE J 139 31.96 -34.99 39.60
CA PHE J 139 33.21 -35.06 40.35
C PHE J 139 34.21 -34.06 39.78
N PRO J 140 34.97 -33.37 40.64
CA PRO J 140 35.91 -32.37 40.14
C PRO J 140 37.12 -32.99 39.49
N LEU J 141 37.75 -32.22 38.60
CA LEU J 141 39.04 -32.54 37.99
C LEU J 141 39.89 -31.31 38.22
N ALA J 142 40.63 -31.30 39.32
CA ALA J 142 41.29 -30.11 39.81
C ALA J 142 42.62 -29.87 39.10
N PRO J 143 43.05 -28.61 39.01
CA PRO J 143 44.37 -28.30 38.45
C PRO J 143 45.46 -28.47 39.50
N SER J 144 46.70 -28.52 39.02
CA SER J 144 47.86 -28.70 39.87
C SER J 144 49.11 -28.31 39.09
N SER J 145 50.27 -28.71 39.60
CA SER J 145 51.50 -28.55 38.85
C SER J 145 51.57 -29.53 37.69
N LYS J 146 50.89 -30.67 37.80
CA LYS J 146 50.86 -31.68 36.75
C LYS J 146 49.61 -31.52 35.88
N SER J 149 50.18 -25.41 33.24
CA SER J 149 51.52 -25.80 32.80
C SER J 149 52.12 -24.73 31.89
N GLY J 150 53.04 -23.95 32.45
CA GLY J 150 53.71 -22.92 31.67
C GLY J 150 52.90 -21.67 31.43
N GLY J 151 52.14 -21.23 32.43
CA GLY J 151 51.35 -20.03 32.28
C GLY J 151 49.87 -20.30 32.24
N THR J 152 49.49 -21.42 31.63
CA THR J 152 48.08 -21.81 31.48
C THR J 152 47.87 -23.21 32.01
N ALA J 153 46.93 -23.36 32.93
CA ALA J 153 46.52 -24.65 33.47
C ALA J 153 45.08 -24.94 33.03
N ALA J 154 44.58 -26.10 33.42
CA ALA J 154 43.23 -26.50 33.05
C ALA J 154 42.56 -27.23 34.21
N LEU J 155 41.23 -27.16 34.21
CA LEU J 155 40.43 -27.80 35.25
C LEU J 155 39.03 -28.07 34.69
N GLY J 156 38.34 -29.03 35.29
CA GLY J 156 37.05 -29.38 34.76
C GLY J 156 36.17 -30.15 35.74
N CYS J 157 35.05 -30.64 35.21
CA CYS J 157 34.13 -31.50 35.94
C CYS J 157 33.89 -32.77 35.13
N LEU J 158 33.48 -33.83 35.83
CA LEU J 158 33.23 -35.14 35.24
C LEU J 158 31.84 -35.59 35.65
N VAL J 159 30.94 -35.70 34.68
CA VAL J 159 29.59 -36.21 34.91
C VAL J 159 29.60 -37.71 34.67
N LYS J 160 29.00 -38.47 35.58
CA LYS J 160 29.09 -39.93 35.52
C LYS J 160 27.79 -40.53 36.06
N ASP J 161 27.38 -41.64 35.46
CA ASP J 161 26.25 -42.43 35.95
C ASP J 161 24.94 -41.62 35.91
N TYR J 162 24.38 -41.46 34.72
CA TYR J 162 23.09 -40.80 34.56
C TYR J 162 22.41 -41.40 33.32
N PHE J 163 21.38 -40.72 32.80
CA PHE J 163 20.56 -41.31 31.75
C PHE J 163 19.84 -40.19 30.98
N PRO J 164 18.74 -40.45 30.20
CA PRO J 164 18.44 -39.63 29.01
C PRO J 164 19.55 -38.84 28.31
N GLU J 165 20.50 -38.27 29.06
CA GLU J 165 21.66 -37.47 28.65
C GLU J 165 21.33 -36.20 27.85
N PRO J 166 20.33 -35.40 28.24
CA PRO J 166 20.23 -34.05 27.67
C PRO J 166 20.91 -33.04 28.58
N VAL J 167 21.85 -33.53 29.39
CA VAL J 167 22.46 -32.70 30.43
C VAL J 167 23.19 -31.52 29.79
N THR J 168 23.06 -30.35 30.42
CA THR J 168 23.79 -29.16 30.01
C THR J 168 24.78 -28.77 31.08
N VAL J 169 25.97 -28.34 30.65
CA VAL J 169 27.04 -27.97 31.57
C VAL J 169 27.48 -26.56 31.23
N SER J 170 27.36 -25.66 32.20
CA SER J 170 27.86 -24.30 32.07
C SER J 170 28.92 -24.03 33.13
N TRP J 171 29.69 -22.97 32.88
CA TRP J 171 30.77 -22.56 33.77
C TRP J 171 30.46 -21.19 34.33
N ASN J 172 30.36 -21.11 35.66
CA ASN J 172 30.00 -19.87 36.35
C ASN J 172 28.71 -19.28 35.80
N SER J 173 27.72 -20.14 35.58
CA SER J 173 26.39 -19.76 35.11
C SER J 173 26.47 -18.89 33.86
N GLY J 174 27.05 -19.48 32.80
CA GLY J 174 27.19 -18.81 31.53
C GLY J 174 28.19 -17.69 31.48
N ALA J 175 28.92 -17.43 32.57
CA ALA J 175 29.91 -16.37 32.56
C ALA J 175 31.16 -16.80 31.80
N LEU J 176 31.65 -18.00 32.06
CA LEU J 176 32.84 -18.52 31.40
C LEU J 176 32.41 -19.32 30.18
N THR J 177 32.78 -18.84 29.00
CA THR J 177 32.38 -19.46 27.74
C THR J 177 33.56 -19.87 26.87
N SER J 178 34.54 -18.98 26.69
CA SER J 178 35.69 -19.31 25.86
C SER J 178 36.61 -20.29 26.58
N GLY J 179 37.23 -21.19 25.80
CA GLY J 179 38.09 -22.20 26.37
C GLY J 179 37.37 -23.40 26.94
N VAL J 180 36.04 -23.40 26.95
CA VAL J 180 35.27 -24.53 27.46
C VAL J 180 35.12 -25.57 26.36
N HIS J 181 35.49 -26.82 26.66
CA HIS J 181 35.34 -27.93 25.73
C HIS J 181 34.54 -29.03 26.43
N THR J 182 33.23 -29.08 26.12
CA THR J 182 32.36 -30.11 26.66
C THR J 182 32.31 -31.27 25.66
N PHE J 183 32.80 -32.42 26.07
CA PHE J 183 32.92 -33.53 25.15
C PHE J 183 31.64 -34.37 25.11
N PRO J 184 31.38 -35.03 23.98
CA PRO J 184 30.14 -35.81 23.86
C PRO J 184 30.06 -36.94 24.88
N ALA J 185 28.83 -37.28 25.25
CA ALA J 185 28.60 -38.32 26.24
C ALA J 185 28.88 -39.69 25.64
N VAL J 186 29.47 -40.58 26.45
CA VAL J 186 29.76 -41.94 26.05
C VAL J 186 28.96 -42.89 26.94
N LEU J 187 28.59 -44.03 26.38
CA LEU J 187 27.79 -45.03 27.10
C LEU J 187 28.73 -46.04 27.74
N GLN J 188 28.78 -46.06 29.07
CA GLN J 188 29.62 -46.99 29.78
C GLN J 188 29.09 -48.42 29.61
N SER J 189 29.95 -49.39 29.94
CA SER J 189 29.56 -50.80 29.84
C SER J 189 28.51 -51.18 30.86
N SER J 190 28.36 -50.41 31.94
CA SER J 190 27.33 -50.68 32.93
C SER J 190 25.94 -50.23 32.49
N GLY J 191 25.86 -49.38 31.47
CA GLY J 191 24.60 -48.88 30.99
C GLY J 191 24.23 -47.47 31.43
N LEU J 192 25.21 -46.67 31.84
CA LEU J 192 24.96 -45.31 32.27
C LEU J 192 25.91 -44.37 31.53
N TYR J 193 25.41 -43.17 31.21
CA TYR J 193 26.18 -42.20 30.45
C TYR J 193 27.22 -41.52 31.33
N SER J 194 28.26 -41.00 30.68
CA SER J 194 29.32 -40.27 31.36
C SER J 194 30.05 -39.39 30.36
N LEU J 195 30.48 -38.22 30.82
CA LEU J 195 31.26 -37.29 30.01
C LEU J 195 32.11 -36.44 30.94
N SER J 196 32.88 -35.53 30.34
CA SER J 196 33.70 -34.61 31.12
C SER J 196 33.84 -33.31 30.34
N SER J 197 33.77 -32.19 31.06
CA SER J 197 33.87 -30.86 30.47
C SER J 197 34.98 -30.10 31.19
N VAL J 198 35.95 -29.62 30.41
CA VAL J 198 37.14 -28.98 30.96
C VAL J 198 37.24 -27.56 30.41
N VAL J 199 38.21 -26.81 30.94
CA VAL J 199 38.44 -25.44 30.52
C VAL J 199 39.86 -25.05 30.94
N THR J 200 40.47 -24.16 30.15
CA THR J 200 41.83 -23.70 30.38
C THR J 200 41.80 -22.26 30.89
N VAL J 201 42.58 -21.99 31.93
CA VAL J 201 42.66 -20.67 32.54
C VAL J 201 44.14 -20.30 32.70
N PRO J 202 44.44 -19.03 32.92
CA PRO J 202 45.82 -18.66 33.30
C PRO J 202 46.12 -19.06 34.73
N SER J 203 47.31 -19.61 34.93
CA SER J 203 47.70 -20.14 36.24
C SER J 203 47.77 -19.06 37.32
N SER J 204 47.76 -17.78 36.94
CA SER J 204 47.77 -16.71 37.92
C SER J 204 46.45 -16.58 38.66
N SER J 205 45.37 -17.15 38.13
CA SER J 205 44.04 -17.06 38.73
C SER J 205 43.53 -18.42 39.19
N LEU J 206 44.42 -19.26 39.74
CA LEU J 206 44.01 -20.53 40.30
C LEU J 206 43.37 -20.35 41.68
N GLY J 207 44.11 -19.73 42.61
CA GLY J 207 43.61 -19.43 43.92
C GLY J 207 42.90 -18.10 44.06
N THR J 208 42.77 -17.35 42.97
CA THR J 208 42.11 -16.04 42.98
C THR J 208 40.66 -16.13 42.54
N GLN J 209 40.42 -16.55 41.30
CA GLN J 209 39.08 -16.60 40.74
C GLN J 209 38.40 -17.92 41.09
N THR J 210 37.19 -17.81 41.63
CA THR J 210 36.42 -19.00 42.01
C THR J 210 35.82 -19.65 40.77
N TYR J 211 35.96 -20.97 40.67
CA TYR J 211 35.51 -21.73 39.52
C TYR J 211 34.58 -22.85 39.99
N ILE J 212 33.32 -22.78 39.56
CA ILE J 212 32.33 -23.79 39.89
C ILE J 212 31.63 -24.23 38.61
N CYS J 213 31.21 -25.49 38.58
CA CYS J 213 30.47 -26.03 37.46
C CYS J 213 28.98 -25.83 37.68
N ASN J 214 28.20 -25.99 36.61
CA ASN J 214 26.75 -25.97 36.69
C ASN J 214 26.22 -27.06 35.77
N VAL J 215 25.86 -28.20 36.36
CA VAL J 215 25.36 -29.35 35.62
C VAL J 215 23.86 -29.45 35.84
N ASN J 216 23.10 -29.41 34.74
CA ASN J 216 21.64 -29.48 34.79
C ASN J 216 21.18 -30.70 34.01
N HIS J 217 20.59 -31.65 34.72
CA HIS J 217 19.97 -32.85 34.15
C HIS J 217 18.46 -32.67 34.29
N LYS J 218 17.77 -32.49 33.17
CA LYS J 218 16.38 -32.07 33.16
C LYS J 218 15.39 -33.18 33.51
N PRO J 219 15.51 -34.40 32.97
CA PRO J 219 14.54 -35.45 33.34
C PRO J 219 14.53 -35.76 34.83
N SER J 220 15.69 -35.97 35.44
CA SER J 220 15.77 -36.25 36.87
C SER J 220 15.63 -35.00 37.73
N ASN J 221 15.57 -33.82 37.11
CA ASN J 221 15.44 -32.54 37.83
C ASN J 221 16.58 -32.35 38.82
N THR J 222 17.81 -32.45 38.32
CA THR J 222 19.01 -32.33 39.14
C THR J 222 19.81 -31.12 38.68
N LYS J 223 20.21 -30.28 39.63
CA LYS J 223 21.08 -29.15 39.37
C LYS J 223 22.22 -29.17 40.38
N VAL J 224 23.43 -29.40 39.89
CA VAL J 224 24.61 -29.55 40.73
C VAL J 224 25.57 -28.41 40.43
N ASP J 225 26.08 -27.78 41.50
CA ASP J 225 27.09 -26.71 41.40
C ASP J 225 28.28 -27.14 42.27
N LYS J 226 29.27 -27.74 41.64
CA LYS J 226 30.44 -28.26 42.34
C LYS J 226 31.63 -27.32 42.15
N LYS J 227 32.38 -27.11 43.22
CA LYS J 227 33.54 -26.22 43.18
C LYS J 227 34.82 -27.01 42.90
N VAL J 228 35.70 -26.42 42.09
CA VAL J 228 36.96 -27.02 41.72
C VAL J 228 38.07 -26.38 42.56
N GLU J 229 38.61 -27.14 43.50
CA GLU J 229 39.63 -26.66 44.43
C GLU J 229 40.92 -27.44 44.23
N PRO J 230 42.05 -26.79 43.95
CA PRO J 230 43.29 -27.54 43.73
C PRO J 230 43.85 -28.12 45.02
N LYS J 231 44.70 -29.13 44.86
CA LYS J 231 45.35 -29.80 45.98
C LYS J 231 46.85 -29.88 45.74
N SER J 232 47.23 -30.03 44.47
CA SER J 232 48.61 -30.00 43.98
C SER J 232 49.43 -31.22 44.38
N CYS J 233 48.80 -32.26 44.94
CA CYS J 233 49.51 -33.49 45.29
C CYS J 233 50.66 -33.24 46.27
N GLU K 1 30.86 -62.56 -0.16
CA GLU K 1 30.43 -61.21 0.20
C GLU K 1 31.07 -60.19 -0.72
N ILE K 2 30.54 -58.97 -0.71
CA ILE K 2 31.13 -57.85 -1.44
C ILE K 2 31.31 -56.70 -0.46
N VAL K 3 32.57 -56.32 -0.22
CA VAL K 3 32.90 -55.29 0.75
C VAL K 3 33.66 -54.17 0.04
N LEU K 4 33.46 -52.94 0.51
CA LEU K 4 34.06 -51.76 -0.08
C LEU K 4 35.07 -51.16 0.88
N THR K 5 36.09 -50.50 0.34
CA THR K 5 37.12 -49.83 1.11
C THR K 5 37.32 -48.42 0.58
N GLN K 6 37.57 -47.48 1.47
CA GLN K 6 37.81 -46.09 1.10
C GLN K 6 39.20 -45.68 1.54
N SER K 7 39.98 -45.11 0.63
CA SER K 7 41.41 -44.89 0.84
C SER K 7 41.71 -43.58 1.56
N PRO K 8 41.34 -42.40 1.01
CA PRO K 8 41.86 -41.16 1.62
C PRO K 8 41.11 -40.74 2.88
N VAL K 9 41.30 -41.55 3.93
CA VAL K 9 40.60 -41.46 5.21
C VAL K 9 40.19 -40.03 5.58
N THR K 10 41.18 -39.14 5.69
CA THR K 10 40.95 -37.73 5.93
C THR K 10 41.65 -36.93 4.84
N LEU K 11 40.86 -36.22 4.04
CA LEU K 11 41.35 -35.48 2.89
C LEU K 11 41.13 -33.99 3.15
N SER K 12 42.22 -33.24 3.26
CA SER K 12 42.15 -31.81 3.57
C SER K 12 42.05 -31.01 2.29
N LEU K 13 41.11 -30.05 2.27
CA LEU K 13 40.89 -29.21 1.11
C LEU K 13 40.51 -27.80 1.55
N SER K 14 41.08 -26.80 0.87
CA SER K 14 40.70 -25.40 1.08
C SER K 14 39.64 -25.01 0.06
N SER K 15 39.32 -23.73 0.00
CA SER K 15 38.33 -23.24 -0.95
C SER K 15 38.91 -23.26 -2.36
N GLY K 16 38.14 -23.81 -3.31
CA GLY K 16 38.59 -23.94 -4.68
C GLY K 16 39.50 -25.12 -4.95
N GLU K 17 40.03 -25.77 -3.91
CA GLU K 17 40.92 -26.90 -4.10
C GLU K 17 40.15 -28.11 -4.61
N THR K 18 40.86 -28.98 -5.31
CA THR K 18 40.26 -30.14 -5.97
C THR K 18 40.73 -31.40 -5.28
N GLY K 19 39.77 -32.29 -4.97
CA GLY K 19 40.08 -33.54 -4.33
C GLY K 19 39.47 -34.71 -5.08
N THR K 20 39.93 -35.91 -4.72
CA THR K 20 39.50 -37.14 -5.37
C THR K 20 39.44 -38.26 -4.33
N LEU K 21 38.23 -38.69 -3.99
CA LEU K 21 38.03 -39.81 -3.07
C LEU K 21 37.97 -41.11 -3.85
N SER K 22 38.37 -42.21 -3.20
CA SER K 22 38.43 -43.51 -3.86
C SER K 22 37.57 -44.52 -3.11
N CYS K 23 37.11 -45.52 -3.86
CA CYS K 23 36.25 -46.58 -3.31
C CYS K 23 36.58 -47.86 -4.05
N ARG K 24 37.43 -48.69 -3.45
CA ARG K 24 37.86 -49.95 -4.05
C ARG K 24 36.89 -51.05 -3.64
N ALA K 25 36.45 -51.83 -4.62
CA ALA K 25 35.61 -52.99 -4.37
C ALA K 25 36.47 -54.25 -4.33
N SER K 26 35.99 -55.27 -3.61
CA SER K 26 36.72 -56.52 -3.53
C SER K 26 36.71 -57.26 -4.87
N GLN K 27 35.53 -57.74 -5.29
CA GLN K 27 35.39 -58.41 -6.57
C GLN K 27 35.19 -57.39 -7.69
N ASN K 28 35.01 -57.89 -8.91
CA ASN K 28 34.67 -57.05 -10.04
C ASN K 28 33.16 -56.87 -10.10
N ILE K 29 32.70 -55.62 -10.07
CA ILE K 29 31.28 -55.29 -10.06
C ILE K 29 30.96 -54.43 -11.27
N SER K 30 29.68 -54.39 -11.62
CA SER K 30 29.23 -53.54 -12.72
C SER K 30 29.29 -52.07 -12.32
N SER K 31 29.46 -51.22 -13.33
CA SER K 31 29.53 -49.77 -13.12
C SER K 31 28.15 -49.12 -13.00
N SER K 32 27.13 -49.88 -12.61
CA SER K 32 25.79 -49.33 -12.42
C SER K 32 25.25 -49.68 -11.03
N TRP K 33 26.11 -50.06 -10.10
CA TRP K 33 25.70 -50.46 -8.77
C TRP K 33 26.58 -49.82 -7.71
N ILE K 34 26.97 -48.56 -7.92
CA ILE K 34 27.79 -47.81 -6.96
C ILE K 34 27.21 -46.41 -6.81
N ALA K 35 26.97 -46.02 -5.57
CA ALA K 35 26.43 -44.69 -5.28
C ALA K 35 27.31 -43.97 -4.27
N TRP K 36 27.31 -42.65 -4.33
CA TRP K 36 28.07 -41.81 -3.43
C TRP K 36 27.09 -40.93 -2.65
N TYR K 37 27.30 -40.87 -1.33
CA TYR K 37 26.47 -40.16 -0.38
C TYR K 37 27.29 -39.10 0.37
N GLN K 38 26.61 -38.02 0.74
CA GLN K 38 27.14 -36.95 1.58
C GLN K 38 26.43 -36.94 2.92
N GLN K 39 27.20 -36.84 4.01
CA GLN K 39 26.67 -36.84 5.36
C GLN K 39 27.39 -35.72 6.11
N ARG K 40 26.68 -34.63 6.37
CA ARG K 40 27.26 -33.43 6.98
C ARG K 40 26.77 -33.30 8.41
N ARG K 41 27.70 -33.48 9.35
CA ARG K 41 27.48 -33.19 10.76
C ARG K 41 26.36 -34.07 11.33
N GLY K 42 26.53 -35.38 11.16
CA GLY K 42 25.62 -36.36 11.73
C GLY K 42 24.17 -36.15 11.38
N GLN K 43 23.89 -35.55 10.22
CA GLN K 43 22.53 -35.29 9.79
C GLN K 43 22.09 -36.41 8.85
N VAL K 44 21.05 -36.14 8.05
CA VAL K 44 20.54 -37.14 7.13
C VAL K 44 21.50 -37.25 5.95
N PRO K 45 21.83 -38.46 5.50
CA PRO K 45 22.66 -38.60 4.30
C PRO K 45 21.91 -38.17 3.05
N ARG K 46 22.64 -37.53 2.14
CA ARG K 46 22.10 -37.06 0.87
C ARG K 46 22.79 -37.79 -0.26
N LEU K 47 22.01 -38.35 -1.19
CA LEU K 47 22.58 -39.04 -2.33
C LEU K 47 23.24 -38.05 -3.28
N LEU K 48 24.56 -38.18 -3.44
CA LEU K 48 25.28 -37.31 -4.34
C LEU K 48 25.21 -37.83 -5.77
N ILE K 49 25.71 -39.05 -6.00
CA ILE K 49 25.80 -39.56 -7.36
C ILE K 49 25.39 -41.03 -7.39
N SER K 50 24.40 -41.35 -8.22
CA SER K 50 23.99 -42.74 -8.44
C SER K 50 24.67 -43.32 -9.68
N ALA K 51 24.75 -44.66 -9.69
CA ALA K 51 25.35 -45.42 -10.79
C ALA K 51 26.79 -44.99 -11.07
N ALA K 52 27.46 -44.48 -10.05
CA ALA K 52 28.86 -44.07 -10.09
C ALA K 52 29.14 -42.95 -11.10
N SER K 53 28.11 -42.47 -11.80
CA SER K 53 28.33 -41.41 -12.78
C SER K 53 27.11 -40.50 -12.92
N ALA K 54 25.91 -41.03 -12.66
CA ALA K 54 24.68 -40.27 -12.83
C ALA K 54 24.53 -39.31 -11.67
N ARG K 55 24.71 -38.02 -11.93
CA ARG K 55 24.53 -37.00 -10.91
C ARG K 55 23.06 -36.92 -10.53
N ALA K 56 22.78 -36.92 -9.22
CA ALA K 56 21.41 -36.99 -8.73
C ALA K 56 20.70 -35.66 -8.96
N ALA K 57 19.52 -35.52 -8.36
CA ALA K 57 18.70 -34.32 -8.50
C ALA K 57 19.26 -33.18 -7.67
N GLY K 58 19.54 -32.04 -8.32
CA GLY K 58 20.01 -30.86 -7.63
C GLY K 58 21.45 -30.87 -7.18
N ILE K 59 22.14 -31.99 -7.33
CA ILE K 59 23.54 -32.07 -6.92
C ILE K 59 24.38 -31.17 -7.83
N PRO K 60 25.23 -30.30 -7.30
CA PRO K 60 25.87 -29.29 -8.14
C PRO K 60 26.93 -29.89 -9.05
N ASP K 61 27.42 -29.06 -9.97
CA ASP K 61 28.41 -29.47 -10.94
C ASP K 61 29.74 -29.87 -10.32
N ARG K 62 29.98 -29.45 -9.08
CA ARG K 62 31.28 -29.68 -8.44
C ARG K 62 31.54 -31.15 -8.15
N PHE K 63 30.51 -32.01 -8.18
CA PHE K 63 30.65 -33.42 -7.86
C PHE K 63 30.61 -34.23 -9.15
N THR K 64 31.74 -34.80 -9.54
CA THR K 64 31.82 -35.65 -10.72
C THR K 64 32.22 -37.06 -10.31
N GLY K 65 31.56 -38.06 -10.87
CA GLY K 65 31.80 -39.45 -10.50
C GLY K 65 32.37 -40.23 -11.66
N ARG K 66 33.36 -41.08 -11.37
CA ARG K 66 33.97 -41.96 -12.34
C ARG K 66 34.23 -43.30 -11.67
N GLY K 67 34.71 -44.28 -12.42
CA GLY K 67 35.07 -45.57 -11.89
C GLY K 67 34.60 -46.70 -12.77
N SER K 68 35.24 -47.86 -12.61
CA SER K 68 34.93 -49.01 -13.44
C SER K 68 35.51 -50.27 -12.84
N GLY K 69 34.70 -51.32 -12.75
CA GLY K 69 35.19 -52.63 -12.37
C GLY K 69 35.51 -52.78 -10.89
N THR K 70 36.62 -52.18 -10.46
CA THR K 70 37.10 -52.34 -9.09
C THR K 70 37.19 -51.02 -8.34
N ASP K 71 37.76 -49.99 -8.95
CA ASP K 71 37.94 -48.70 -8.30
C ASP K 71 36.91 -47.69 -8.82
N PHE K 72 36.36 -46.90 -7.91
CA PHE K 72 35.41 -45.84 -8.24
C PHE K 72 35.85 -44.57 -7.56
N THR K 73 35.91 -43.47 -8.31
CA THR K 73 36.43 -42.20 -7.81
C THR K 73 35.34 -41.13 -7.81
N LEU K 74 35.46 -40.22 -6.84
CA LEU K 74 34.57 -39.07 -6.73
C LEU K 74 35.44 -37.81 -6.68
N THR K 75 35.35 -37.00 -7.73
CA THR K 75 36.19 -35.82 -7.90
C THR K 75 35.38 -34.57 -7.56
N ILE K 76 35.97 -33.73 -6.72
CA ILE K 76 35.39 -32.46 -6.30
C ILE K 76 36.32 -31.38 -6.83
N THR K 77 35.93 -30.74 -7.94
CA THR K 77 36.74 -29.66 -8.51
C THR K 77 36.86 -28.49 -7.53
N ARG K 78 35.73 -27.92 -7.12
CA ARG K 78 35.69 -26.82 -6.17
C ARG K 78 34.65 -27.16 -5.10
N LEU K 79 34.76 -26.49 -3.96
CA LEU K 79 33.83 -26.75 -2.87
C LEU K 79 33.63 -25.49 -2.03
N GLU K 80 32.39 -25.28 -1.62
CA GLU K 80 32.06 -24.26 -0.64
C GLU K 80 32.29 -24.84 0.76
N PRO K 81 32.18 -23.99 1.80
CA PRO K 81 32.04 -24.54 3.15
C PRO K 81 30.73 -25.29 3.38
N GLU K 82 29.86 -25.38 2.36
CA GLU K 82 28.63 -26.15 2.49
C GLU K 82 28.91 -27.65 2.49
N ASP K 83 29.69 -28.12 1.51
CA ASP K 83 29.91 -29.56 1.35
C ASP K 83 31.19 -29.99 2.08
N PHE K 84 31.05 -30.14 3.40
CA PHE K 84 32.08 -30.76 4.23
C PHE K 84 31.43 -31.81 5.10
N GLY K 85 32.16 -32.89 5.36
CA GLY K 85 31.64 -33.95 6.19
C GLY K 85 32.18 -35.29 5.73
N VAL K 86 31.36 -36.31 5.92
CA VAL K 86 31.74 -37.69 5.63
C VAL K 86 31.09 -38.13 4.33
N TYR K 87 31.89 -38.68 3.42
CA TYR K 87 31.39 -39.21 2.16
C TYR K 87 31.44 -40.73 2.22
N SER K 88 30.37 -41.37 1.74
CA SER K 88 30.28 -42.83 1.78
C SER K 88 29.94 -43.37 0.41
N CYS K 89 30.52 -44.52 0.06
CA CYS K 89 30.17 -45.21 -1.17
C CYS K 89 29.42 -46.49 -0.84
N GLN K 90 28.37 -46.77 -1.60
CA GLN K 90 27.50 -47.90 -1.38
C GLN K 90 27.46 -48.77 -2.61
N TYR K 91 27.58 -50.08 -2.41
CA TYR K 91 27.32 -51.06 -3.45
C TYR K 91 25.88 -51.56 -3.32
N TYR K 92 25.08 -51.32 -4.35
CA TYR K 92 23.67 -51.65 -4.35
C TYR K 92 23.33 -52.61 -5.48
N GLY K 93 24.25 -53.53 -5.77
CA GLY K 93 24.06 -54.48 -6.85
C GLY K 93 23.40 -55.77 -6.41
N GLY K 94 24.13 -56.60 -5.67
CA GLY K 94 23.62 -57.90 -5.28
C GLY K 94 22.52 -57.86 -4.26
N SER K 95 22.25 -59.01 -3.64
CA SER K 95 21.21 -59.12 -2.62
C SER K 95 21.66 -58.58 -1.26
N PHE K 96 22.93 -58.24 -1.11
CA PHE K 96 23.51 -57.76 0.15
C PHE K 96 24.16 -56.41 -0.07
N PHE K 97 23.56 -55.36 0.47
CA PHE K 97 24.09 -54.02 0.37
C PHE K 97 25.20 -53.80 1.40
N THR K 98 26.22 -53.05 0.99
CA THR K 98 27.36 -52.76 1.85
C THR K 98 27.82 -51.35 1.57
N PHE K 99 28.13 -50.62 2.64
CA PHE K 99 28.56 -49.24 2.55
C PHE K 99 30.08 -49.16 2.70
N GLY K 100 30.63 -48.01 2.33
CA GLY K 100 32.00 -47.71 2.62
C GLY K 100 32.14 -47.28 4.05
N PRO K 101 33.37 -47.31 4.58
CA PRO K 101 33.57 -46.95 6.00
C PRO K 101 33.40 -45.47 6.26
N GLY K 102 33.34 -44.65 5.23
CA GLY K 102 33.19 -43.22 5.41
C GLY K 102 34.52 -42.50 5.29
N THR K 103 34.47 -41.28 4.78
CA THR K 103 35.66 -40.47 4.57
C THR K 103 35.34 -39.02 4.88
N GLN K 104 35.99 -38.47 5.90
CA GLN K 104 35.75 -37.10 6.31
C GLN K 104 36.70 -36.16 5.58
N VAL K 105 36.21 -34.96 5.30
CA VAL K 105 37.00 -33.93 4.66
C VAL K 105 37.13 -32.76 5.63
N ASP K 106 38.29 -32.09 5.60
CA ASP K 106 38.61 -31.01 6.50
C ASP K 106 38.91 -29.73 5.71
N VAL K 107 38.75 -28.60 6.38
CA VAL K 107 39.20 -27.32 5.83
C VAL K 107 40.71 -27.26 5.95
N LYS K 108 41.39 -27.23 4.81
CA LYS K 108 42.85 -27.32 4.82
C LYS K 108 43.47 -26.14 5.53
N ARG K 109 44.40 -26.42 6.43
CA ARG K 109 44.96 -25.42 7.33
C ARG K 109 46.43 -25.74 7.57
N THR K 110 47.17 -24.73 8.01
CA THR K 110 48.55 -24.91 8.41
C THR K 110 48.64 -25.86 9.59
N VAL K 111 49.79 -26.51 9.72
CA VAL K 111 49.99 -27.52 10.76
C VAL K 111 49.95 -26.86 12.13
N ALA K 112 49.46 -27.59 13.13
CA ALA K 112 49.37 -27.09 14.49
C ALA K 112 49.54 -28.25 15.45
N ALA K 113 50.47 -28.11 16.39
CA ALA K 113 50.73 -29.15 17.38
C ALA K 113 49.69 -29.09 18.49
N PRO K 114 49.37 -30.22 19.10
CA PRO K 114 48.35 -30.24 20.17
C PRO K 114 48.92 -29.84 21.52
N SER K 115 48.15 -29.03 22.25
CA SER K 115 48.46 -28.73 23.64
C SER K 115 47.94 -29.87 24.51
N VAL K 116 48.84 -30.61 25.13
CA VAL K 116 48.51 -31.84 25.84
C VAL K 116 48.41 -31.54 27.33
N PHE K 117 47.39 -32.08 27.97
CA PHE K 117 47.20 -31.95 29.41
C PHE K 117 46.75 -33.28 29.99
N ILE K 118 46.91 -33.43 31.30
CA ILE K 118 46.53 -34.67 31.98
C ILE K 118 45.87 -34.31 33.30
N PHE K 119 44.82 -35.04 33.65
CA PHE K 119 43.99 -34.77 34.81
C PHE K 119 43.86 -36.01 35.68
N PRO K 120 44.40 -36.00 36.90
CA PRO K 120 44.24 -37.14 37.82
C PRO K 120 42.80 -37.23 38.31
N PRO K 121 42.40 -38.37 38.87
CA PRO K 121 41.04 -38.49 39.39
C PRO K 121 40.88 -37.73 40.70
N SER K 122 39.62 -37.42 41.02
CA SER K 122 39.28 -36.74 42.26
C SER K 122 39.09 -37.75 43.39
N ASP K 123 39.41 -37.32 44.61
CA ASP K 123 39.20 -38.18 45.77
C ASP K 123 37.72 -38.41 46.02
N GLU K 124 36.87 -37.47 45.60
CA GLU K 124 35.42 -37.66 45.74
C GLU K 124 34.94 -38.82 44.87
N GLN K 125 35.53 -38.99 43.69
CA GLN K 125 35.21 -40.14 42.85
C GLN K 125 35.82 -41.44 43.39
N LEU K 126 36.97 -41.35 44.05
CA LEU K 126 37.58 -42.52 44.66
C LEU K 126 36.75 -43.06 45.82
N LYS K 127 35.88 -42.23 46.41
CA LYS K 127 34.95 -42.74 47.42
C LYS K 127 33.84 -43.58 46.80
N SER K 128 33.65 -43.51 45.49
CA SER K 128 32.62 -44.29 44.81
C SER K 128 33.15 -45.61 44.26
N GLY K 129 34.47 -45.81 44.25
CA GLY K 129 35.05 -47.05 43.78
C GLY K 129 35.52 -47.03 42.33
N THR K 130 35.43 -45.90 41.65
CA THR K 130 35.87 -45.79 40.27
C THR K 130 36.95 -44.73 40.16
N ALA K 131 37.77 -44.85 39.11
CA ALA K 131 38.86 -43.94 38.84
C ALA K 131 38.83 -43.57 37.36
N SER K 132 39.02 -42.28 37.07
CA SER K 132 38.94 -41.75 35.70
C SER K 132 40.08 -40.76 35.51
N VAL K 133 41.11 -41.17 34.78
CA VAL K 133 42.21 -40.29 34.42
C VAL K 133 41.95 -39.76 33.01
N VAL K 134 42.12 -38.45 32.82
CA VAL K 134 41.76 -37.80 31.57
C VAL K 134 43.01 -37.27 30.88
N CYS K 135 43.15 -37.60 29.59
CA CYS K 135 44.20 -37.04 28.75
C CYS K 135 43.54 -36.13 27.72
N LEU K 136 44.05 -34.91 27.58
CA LEU K 136 43.43 -33.89 26.72
C LEU K 136 44.42 -33.43 25.67
N LEU K 137 43.96 -33.35 24.43
CA LEU K 137 44.70 -32.77 23.32
C LEU K 137 43.87 -31.62 22.76
N ASN K 138 44.41 -30.42 22.79
CA ASN K 138 43.64 -29.22 22.45
C ASN K 138 44.28 -28.46 21.29
N ASN K 139 43.44 -28.02 20.37
CA ASN K 139 43.81 -27.09 19.29
C ASN K 139 44.98 -27.63 18.45
N PHE K 140 44.67 -28.68 17.71
CA PHE K 140 45.58 -29.26 16.73
C PHE K 140 44.82 -29.44 15.42
N TYR K 141 45.45 -29.06 14.31
CA TYR K 141 44.75 -29.20 13.03
C TYR K 141 44.90 -30.59 12.42
N PRO K 142 46.13 -31.07 12.15
CA PRO K 142 46.24 -32.35 11.41
C PRO K 142 45.62 -33.52 12.16
N ARG K 143 44.51 -34.03 11.60
CA ARG K 143 43.81 -35.18 12.17
C ARG K 143 44.74 -36.39 12.24
N GLU K 144 44.25 -37.44 12.90
CA GLU K 144 44.99 -38.68 13.16
C GLU K 144 46.08 -38.42 14.19
N ALA K 145 45.69 -38.10 15.41
CA ALA K 145 46.61 -38.05 16.53
C ALA K 145 46.54 -39.37 17.28
N LYS K 146 47.67 -39.81 17.82
CA LYS K 146 47.77 -41.10 18.48
C LYS K 146 47.98 -40.89 19.97
N VAL K 147 47.08 -41.44 20.78
CA VAL K 147 47.12 -41.32 22.23
C VAL K 147 47.32 -42.71 22.81
N GLN K 148 48.34 -42.87 23.66
CA GLN K 148 48.64 -44.16 24.26
C GLN K 148 48.81 -43.97 25.76
N TRP K 149 48.04 -44.74 26.54
CA TRP K 149 48.12 -44.69 27.99
C TRP K 149 49.21 -45.62 28.49
N LYS K 150 50.04 -45.12 29.40
CA LYS K 150 51.11 -45.90 29.99
C LYS K 150 50.94 -45.93 31.50
N VAL K 151 50.79 -47.14 32.04
CA VAL K 151 50.66 -47.36 33.48
C VAL K 151 51.94 -48.05 33.94
N ASP K 152 52.80 -47.31 34.64
CA ASP K 152 54.15 -47.76 34.96
C ASP K 152 54.91 -48.17 33.70
N ASN K 153 54.77 -47.35 32.65
CA ASN K 153 55.37 -47.59 31.34
C ASN K 153 54.88 -48.88 30.68
N ALA K 154 53.71 -49.36 31.08
CA ALA K 154 53.10 -50.54 30.47
C ALA K 154 51.85 -50.09 29.72
N LEU K 155 51.80 -50.40 28.42
CA LEU K 155 50.70 -49.95 27.59
C LEU K 155 49.40 -50.66 27.98
N GLN K 156 48.31 -49.92 27.96
CA GLN K 156 46.98 -50.43 28.26
C GLN K 156 46.11 -50.45 27.00
N SER K 157 44.98 -51.13 27.11
CA SER K 157 44.03 -51.22 26.02
C SER K 157 42.69 -51.69 26.56
N GLY K 158 41.62 -51.32 25.87
CA GLY K 158 40.28 -51.76 26.24
C GLY K 158 39.53 -50.75 27.07
N ASN K 159 40.12 -50.37 28.21
CA ASN K 159 39.49 -49.47 29.16
C ASN K 159 39.87 -48.00 28.93
N SER K 160 40.13 -47.62 27.68
CA SER K 160 40.51 -46.25 27.33
C SER K 160 39.62 -45.82 26.18
N GLN K 161 38.53 -45.13 26.51
CA GLN K 161 37.64 -44.58 25.50
C GLN K 161 38.05 -43.15 25.16
N GLU K 162 37.60 -42.66 24.00
CA GLU K 162 37.98 -41.30 23.61
C GLU K 162 36.88 -40.65 22.77
N SER K 163 36.83 -39.32 22.84
CA SER K 163 35.88 -38.55 22.06
C SER K 163 36.54 -37.30 21.50
N VAL K 164 36.16 -36.92 20.28
CA VAL K 164 36.78 -35.79 19.59
C VAL K 164 35.69 -34.83 19.14
N THR K 165 35.91 -33.54 19.37
CA THR K 165 34.99 -32.52 18.89
C THR K 165 35.12 -32.38 17.37
N GLU K 166 34.13 -31.72 16.76
CA GLU K 166 34.20 -31.45 15.33
C GLU K 166 35.19 -30.32 15.06
N GLN K 167 35.50 -30.14 13.78
CA GLN K 167 36.43 -29.09 13.37
C GLN K 167 35.86 -27.72 13.74
N ASP K 168 36.60 -26.98 14.55
CA ASP K 168 36.15 -25.67 15.01
C ASP K 168 35.96 -24.71 13.83
N SER K 169 34.98 -23.82 13.96
CA SER K 169 34.64 -22.92 12.85
C SER K 169 35.69 -21.84 12.67
N LYS K 170 36.18 -21.27 13.77
CA LYS K 170 37.08 -20.12 13.65
C LYS K 170 38.47 -20.57 13.21
N ASP K 171 39.14 -21.39 14.02
CA ASP K 171 40.54 -21.73 13.82
C ASP K 171 40.75 -23.09 13.19
N SER K 172 39.69 -23.82 12.86
CA SER K 172 39.78 -25.12 12.19
C SER K 172 40.70 -26.09 12.93
N THR K 173 40.52 -26.16 14.25
CA THR K 173 41.32 -27.04 15.09
C THR K 173 40.45 -28.11 15.73
N TYR K 174 41.09 -29.18 16.15
CA TYR K 174 40.41 -30.32 16.78
C TYR K 174 40.82 -30.45 18.24
N SER K 175 40.09 -31.30 18.95
CA SER K 175 40.36 -31.57 20.35
C SER K 175 39.92 -32.99 20.69
N LEU K 176 40.79 -33.72 21.38
CA LEU K 176 40.56 -35.10 21.77
C LEU K 176 40.53 -35.21 23.28
N SER K 177 39.67 -36.10 23.78
CA SER K 177 39.52 -36.37 25.21
C SER K 177 39.54 -37.88 25.41
N SER K 178 40.69 -38.39 25.85
CA SER K 178 40.81 -39.81 26.18
C SER K 178 40.54 -39.99 27.67
N THR K 179 39.67 -40.94 28.00
CA THR K 179 39.29 -41.23 29.37
C THR K 179 39.68 -42.67 29.69
N LEU K 180 40.62 -42.83 30.63
CA LEU K 180 41.05 -44.11 31.13
C LEU K 180 40.26 -44.39 32.41
N THR K 181 39.41 -45.41 32.37
CA THR K 181 38.51 -45.73 33.46
C THR K 181 38.91 -47.05 34.08
N LEU K 182 39.23 -47.04 35.37
CA LEU K 182 39.54 -48.24 36.13
C LEU K 182 38.69 -48.28 37.39
N SER K 183 38.88 -49.34 38.16
CA SER K 183 38.13 -49.53 39.39
C SER K 183 38.92 -48.96 40.57
N LYS K 184 38.46 -49.22 41.78
CA LYS K 184 39.14 -48.71 42.97
C LYS K 184 40.42 -49.49 43.22
N ALA K 185 40.34 -50.82 43.19
CA ALA K 185 41.52 -51.65 43.49
C ALA K 185 42.54 -51.60 42.36
N ASP K 186 42.07 -51.63 41.11
CA ASP K 186 42.99 -51.54 39.97
C ASP K 186 43.71 -50.19 39.93
N TYR K 187 43.13 -49.15 40.54
CA TYR K 187 43.80 -47.86 40.59
C TYR K 187 45.00 -47.88 41.53
N GLU K 188 44.93 -48.66 42.59
CA GLU K 188 45.98 -48.69 43.60
C GLU K 188 47.10 -49.67 43.27
N LYS K 189 46.92 -50.55 42.27
CA LYS K 189 47.96 -51.49 41.90
C LYS K 189 49.15 -50.84 41.21
N HIS K 190 49.06 -49.55 40.86
CA HIS K 190 50.17 -48.83 40.27
C HIS K 190 50.17 -47.41 40.80
N LYS K 191 51.16 -46.61 40.37
CA LYS K 191 51.27 -45.23 40.83
C LYS K 191 51.70 -44.24 39.77
N VAL K 192 52.31 -44.65 38.66
CA VAL K 192 52.76 -43.74 37.62
C VAL K 192 51.78 -43.88 36.46
N TYR K 193 51.00 -42.83 36.21
CA TYR K 193 50.08 -42.81 35.08
C TYR K 193 50.50 -41.75 34.08
N ALA K 194 50.36 -42.06 32.78
CA ALA K 194 50.79 -41.10 31.77
C ALA K 194 50.06 -41.36 30.47
N CYS K 195 50.18 -40.40 29.56
CA CYS K 195 49.69 -40.58 28.20
C CYS K 195 50.68 -39.94 27.23
N GLU K 196 51.03 -40.70 26.20
CA GLU K 196 51.96 -40.28 25.17
C GLU K 196 51.20 -39.93 23.90
N VAL K 197 51.57 -38.81 23.29
CA VAL K 197 50.93 -38.26 22.11
C VAL K 197 51.91 -38.34 20.96
N THR K 198 51.56 -39.12 19.94
CA THR K 198 52.27 -39.18 18.67
C THR K 198 51.50 -38.35 17.66
N HIS K 199 52.20 -37.42 17.00
CA HIS K 199 51.51 -36.44 16.18
C HIS K 199 52.46 -35.94 15.10
N GLN K 200 51.89 -35.46 14.00
CA GLN K 200 52.67 -35.00 12.86
C GLN K 200 53.46 -33.75 13.20
N GLY K 201 52.76 -32.64 13.43
CA GLY K 201 53.43 -31.39 13.77
C GLY K 201 54.19 -31.43 15.08
N LEU K 202 54.00 -32.47 15.88
CA LEU K 202 54.74 -32.66 17.11
C LEU K 202 55.97 -33.49 16.77
N SER K 203 57.13 -32.83 16.74
CA SER K 203 58.35 -33.47 16.24
C SER K 203 58.83 -34.62 17.12
N SER K 204 58.21 -34.82 18.29
CA SER K 204 58.59 -35.91 19.17
C SER K 204 57.36 -36.29 19.98
N PRO K 205 57.10 -37.57 20.18
CA PRO K 205 55.93 -38.00 20.97
C PRO K 205 56.00 -37.48 22.40
N VAL K 206 55.12 -36.54 22.75
CA VAL K 206 55.17 -35.92 24.06
C VAL K 206 54.43 -36.77 25.07
N THR K 207 55.03 -37.01 26.22
CA THR K 207 54.42 -37.79 27.28
C THR K 207 54.14 -36.90 28.48
N LYS K 208 52.88 -36.92 28.93
CA LYS K 208 52.45 -36.21 30.13
C LYS K 208 52.11 -37.21 31.22
N SER K 209 52.83 -37.15 32.34
CA SER K 209 52.76 -38.14 33.40
C SER K 209 52.43 -37.49 34.75
N PHE K 210 52.07 -38.33 35.70
CA PHE K 210 51.88 -37.92 37.09
C PHE K 210 51.98 -39.16 37.96
N ASN K 211 52.08 -38.94 39.27
CA ASN K 211 52.17 -40.01 40.25
C ASN K 211 50.93 -40.06 41.12
N ARG K 212 50.75 -41.21 41.78
CA ARG K 212 49.59 -41.49 42.63
C ARG K 212 49.86 -40.98 44.04
N GLY K 213 49.37 -39.77 44.35
CA GLY K 213 49.59 -39.20 45.66
C GLY K 213 49.41 -37.71 45.76
N VAL L 7 -23.65 -93.83 -56.72
CA VAL L 7 -22.78 -93.18 -55.74
C VAL L 7 -23.63 -92.55 -54.64
N PHE L 8 -23.14 -92.61 -53.40
CA PHE L 8 -23.90 -92.11 -52.26
C PHE L 8 -23.81 -90.59 -52.15
N LEU L 9 -22.60 -90.09 -51.88
CA LEU L 9 -22.35 -88.67 -51.61
C LEU L 9 -23.14 -88.19 -50.40
N GLY L 10 -23.61 -89.11 -49.57
CA GLY L 10 -24.23 -88.77 -48.30
C GLY L 10 -25.61 -88.13 -48.44
N PHE L 11 -25.98 -87.39 -47.40
CA PHE L 11 -27.29 -86.78 -47.32
C PHE L 11 -27.38 -85.59 -48.27
N LEU L 12 -28.43 -85.59 -49.11
CA LEU L 12 -28.68 -84.54 -50.10
C LEU L 12 -27.56 -84.39 -51.11
N GLY L 13 -26.75 -85.44 -51.31
CA GLY L 13 -25.60 -85.32 -52.20
C GLY L 13 -25.98 -85.08 -53.64
N ALA L 14 -27.16 -85.55 -54.06
CA ALA L 14 -27.59 -85.46 -55.45
C ALA L 14 -28.68 -84.41 -55.63
N ALA L 15 -28.53 -83.27 -54.94
CA ALA L 15 -29.51 -82.20 -55.09
C ALA L 15 -29.36 -81.48 -56.43
N GLY L 16 -28.15 -81.49 -57.00
CA GLY L 16 -27.91 -80.84 -58.26
C GLY L 16 -27.66 -81.82 -59.38
N SER L 17 -27.73 -83.11 -59.07
CA SER L 17 -27.58 -84.14 -60.08
C SER L 17 -28.92 -84.38 -60.79
N THR L 18 -28.90 -85.28 -61.76
CA THR L 18 -30.12 -85.59 -62.49
C THR L 18 -31.13 -86.27 -61.58
N MET L 19 -32.40 -86.21 -61.99
CA MET L 19 -33.45 -86.89 -61.23
C MET L 19 -33.24 -88.40 -61.21
N GLY L 20 -32.69 -88.95 -62.29
CA GLY L 20 -32.40 -90.37 -62.31
C GLY L 20 -31.30 -90.75 -61.34
N ALA L 21 -30.21 -89.96 -61.34
CA ALA L 21 -29.14 -90.20 -60.36
C ALA L 21 -29.62 -89.90 -58.95
N ALA L 22 -30.50 -88.91 -58.79
CA ALA L 22 -31.02 -88.60 -57.46
C ALA L 22 -31.95 -89.68 -56.95
N SER L 23 -32.61 -90.41 -57.85
CA SER L 23 -33.47 -91.52 -57.42
C SER L 23 -32.70 -92.67 -56.81
N MET L 24 -31.38 -92.71 -56.99
CA MET L 24 -30.55 -93.77 -56.42
C MET L 24 -30.25 -93.57 -54.95
N THR L 25 -30.73 -92.48 -54.34
CA THR L 25 -30.41 -92.14 -52.96
C THR L 25 -31.67 -91.69 -52.23
N LEU L 26 -32.76 -92.45 -52.39
CA LEU L 26 -34.01 -92.09 -51.73
C LEU L 26 -33.96 -92.43 -50.24
N THR L 27 -33.45 -93.62 -49.91
CA THR L 27 -33.35 -94.01 -48.51
C THR L 27 -32.41 -93.09 -47.73
N VAL L 28 -31.43 -92.50 -48.40
CA VAL L 28 -30.49 -91.62 -47.72
C VAL L 28 -31.19 -90.36 -47.25
N GLN L 29 -31.97 -89.73 -48.14
CA GLN L 29 -32.75 -88.56 -47.73
C GLN L 29 -33.90 -88.94 -46.81
N ALA L 30 -34.38 -90.18 -46.87
CA ALA L 30 -35.52 -90.57 -46.02
C ALA L 30 -35.09 -90.86 -44.59
N ARG L 31 -33.90 -91.43 -44.40
CA ARG L 31 -33.50 -91.90 -43.07
C ARG L 31 -33.02 -90.76 -42.16
N ASN L 32 -32.62 -89.62 -42.69
CA ASN L 32 -32.06 -88.55 -41.89
C ASN L 32 -33.05 -87.43 -41.58
N LEU L 33 -34.29 -87.54 -42.07
CA LEU L 33 -35.29 -86.52 -41.79
C LEU L 33 -36.14 -86.85 -40.58
N LEU L 34 -36.35 -88.13 -40.28
CA LEU L 34 -37.27 -88.48 -39.20
C LEU L 34 -36.59 -88.51 -37.84
N SER L 35 -35.33 -88.94 -37.78
CA SER L 35 -34.63 -89.11 -36.51
C SER L 35 -33.45 -88.12 -36.45
N GLY L 36 -33.73 -86.91 -35.98
CA GLY L 36 -32.70 -85.97 -35.58
C GLY L 36 -32.72 -85.86 -34.07
N ASN L 37 -32.83 -87.01 -33.42
CA ASN L 37 -33.15 -87.21 -32.01
C ASN L 37 -32.34 -86.34 -31.05
N PRO L 38 -32.98 -85.38 -30.38
CA PRO L 38 -32.31 -84.77 -29.23
C PRO L 38 -32.72 -85.45 -27.92
N ASP L 39 -31.79 -85.71 -26.99
CA ASP L 39 -32.14 -86.33 -25.70
C ASP L 39 -32.48 -85.22 -24.70
N TRP L 40 -33.73 -85.18 -24.24
CA TRP L 40 -34.21 -84.10 -23.37
C TRP L 40 -34.36 -84.59 -21.92
N LEU L 41 -33.37 -85.34 -21.45
CA LEU L 41 -33.37 -85.77 -20.06
C LEU L 41 -33.28 -84.60 -19.07
N PRO L 42 -32.44 -83.58 -19.27
CA PRO L 42 -32.47 -82.43 -18.35
C PRO L 42 -33.82 -81.73 -18.39
N ASP L 43 -34.31 -81.36 -17.21
CA ASP L 43 -35.65 -80.80 -17.05
C ASP L 43 -35.51 -79.28 -16.88
N MET L 44 -35.47 -78.57 -18.01
CA MET L 44 -35.27 -77.13 -18.03
C MET L 44 -36.53 -76.45 -18.56
N THR L 45 -36.99 -75.44 -17.82
CA THR L 45 -38.35 -74.91 -17.91
C THR L 45 -38.75 -74.42 -19.29
N VAL L 46 -38.46 -73.15 -19.59
CA VAL L 46 -39.11 -72.48 -20.72
C VAL L 46 -38.47 -72.80 -22.06
N TRP L 47 -37.27 -73.37 -22.07
CA TRP L 47 -36.59 -73.66 -23.33
C TRP L 47 -36.99 -74.99 -23.94
N GLY L 48 -37.66 -75.86 -23.18
CA GLY L 48 -38.03 -77.15 -23.73
C GLY L 48 -39.28 -77.10 -24.59
N ILE L 49 -40.19 -76.18 -24.29
CA ILE L 49 -41.44 -76.13 -25.02
C ILE L 49 -41.22 -75.74 -26.47
N LYS L 50 -40.23 -74.88 -26.75
CA LYS L 50 -40.02 -74.43 -28.12
C LYS L 50 -39.50 -75.57 -29.00
N GLN L 51 -38.41 -76.22 -28.58
CA GLN L 51 -37.88 -77.33 -29.38
C GLN L 51 -38.80 -78.54 -29.34
N LEU L 52 -39.60 -78.70 -28.29
CA LEU L 52 -40.58 -79.77 -28.26
C LEU L 52 -41.68 -79.52 -29.27
N GLN L 53 -42.20 -78.30 -29.32
CA GLN L 53 -43.13 -77.92 -30.37
C GLN L 53 -42.51 -78.11 -31.75
N ALA L 54 -41.21 -77.84 -31.88
CA ALA L 54 -40.53 -78.01 -33.17
C ALA L 54 -40.54 -79.47 -33.60
N ARG L 55 -40.05 -80.38 -32.75
CA ARG L 55 -39.99 -81.77 -33.13
C ARG L 55 -41.34 -82.48 -33.05
N VAL L 56 -42.37 -81.82 -32.53
CA VAL L 56 -43.73 -82.35 -32.65
C VAL L 56 -44.37 -81.92 -33.95
N LEU L 57 -44.20 -80.65 -34.36
CA LEU L 57 -44.64 -80.23 -35.69
C LEU L 57 -43.88 -80.98 -36.78
N ALA L 58 -42.64 -81.37 -36.49
CA ALA L 58 -41.90 -82.21 -37.43
C ALA L 58 -42.64 -83.52 -37.69
N VAL L 59 -43.04 -84.21 -36.63
CA VAL L 59 -43.73 -85.49 -36.81
C VAL L 59 -45.14 -85.26 -37.33
N GLU L 60 -45.74 -84.10 -37.05
CA GLU L 60 -47.04 -83.77 -37.62
C GLU L 60 -46.96 -83.62 -39.13
N ARG L 61 -45.94 -82.90 -39.61
CA ARG L 61 -45.72 -82.77 -41.05
C ARG L 61 -45.39 -84.13 -41.66
N TYR L 62 -44.58 -84.92 -40.97
CA TYR L 62 -44.25 -86.26 -41.45
C TYR L 62 -45.51 -87.11 -41.59
N LEU L 63 -46.42 -87.03 -40.61
CA LEU L 63 -47.64 -87.81 -40.67
C LEU L 63 -48.61 -87.26 -41.70
N ARG L 64 -48.57 -85.97 -41.98
CA ARG L 64 -49.35 -85.42 -43.09
C ARG L 64 -48.87 -86.00 -44.41
N ASP L 65 -47.55 -86.05 -44.61
CA ASP L 65 -47.00 -86.66 -45.81
C ASP L 65 -47.34 -88.15 -45.88
N GLN L 66 -47.33 -88.84 -44.74
CA GLN L 66 -47.67 -90.26 -44.74
C GLN L 66 -49.15 -90.48 -45.04
N GLN L 67 -50.03 -89.60 -44.56
CA GLN L 67 -51.43 -89.70 -44.91
C GLN L 67 -51.64 -89.47 -46.41
N LEU L 68 -50.92 -88.50 -46.97
CA LEU L 68 -51.02 -88.26 -48.41
C LEU L 68 -50.50 -89.45 -49.22
N LEU L 69 -49.45 -90.11 -48.72
CA LEU L 69 -48.91 -91.28 -49.41
C LEU L 69 -49.66 -92.57 -49.09
N GLY L 70 -50.62 -92.51 -48.17
CA GLY L 70 -51.46 -93.67 -47.89
C GLY L 70 -52.80 -93.62 -48.59
N ILE L 71 -53.38 -92.41 -48.69
CA ILE L 71 -54.66 -92.28 -49.38
C ILE L 71 -54.56 -92.62 -50.85
N TRP L 72 -53.35 -92.59 -51.41
CA TRP L 72 -53.15 -92.96 -52.79
C TRP L 72 -53.00 -94.48 -52.91
N GLY L 73 -53.10 -94.96 -54.16
CA GLY L 73 -52.83 -96.36 -54.43
C GLY L 73 -51.43 -96.77 -54.03
N CYS L 74 -50.48 -95.83 -54.08
CA CYS L 74 -49.16 -96.07 -53.52
C CYS L 74 -49.24 -96.09 -52.00
N SER L 75 -48.39 -96.91 -51.39
CA SER L 75 -48.42 -97.05 -49.94
C SER L 75 -47.04 -97.41 -49.40
N GLY L 76 -46.26 -98.11 -50.20
CA GLY L 76 -44.90 -98.43 -49.79
C GLY L 76 -44.03 -97.18 -49.83
N LYS L 77 -43.33 -96.92 -48.72
CA LYS L 77 -42.51 -95.72 -48.60
C LYS L 77 -41.32 -95.80 -49.54
N LEU L 78 -41.59 -96.08 -50.81
CA LEU L 78 -40.56 -96.43 -51.77
C LEU L 78 -40.92 -95.78 -53.10
N ILE L 79 -40.31 -96.27 -54.18
CA ILE L 79 -40.78 -95.90 -55.51
C ILE L 79 -42.08 -96.63 -55.79
N CYS L 80 -42.96 -96.01 -56.56
CA CYS L 80 -44.25 -96.63 -56.84
C CYS L 80 -44.87 -96.03 -58.09
N CYS L 81 -45.66 -96.86 -58.77
CA CYS L 81 -46.38 -96.49 -59.98
C CYS L 81 -47.88 -96.39 -59.69
N THR L 82 -48.55 -95.55 -60.47
CA THR L 82 -49.98 -95.33 -60.33
C THR L 82 -50.68 -95.70 -61.63
N ASN L 83 -51.96 -95.32 -61.72
CA ASN L 83 -52.74 -95.52 -62.94
C ASN L 83 -53.27 -94.21 -63.49
N VAL L 84 -52.81 -93.07 -62.96
CA VAL L 84 -53.22 -91.77 -63.47
C VAL L 84 -52.31 -91.41 -64.63
N PRO L 85 -52.85 -91.16 -65.82
CA PRO L 85 -51.99 -90.86 -66.96
C PRO L 85 -51.32 -89.51 -66.81
N TRP L 86 -50.09 -89.43 -67.31
CA TRP L 86 -49.42 -88.16 -67.36
C TRP L 86 -50.07 -87.29 -68.43
N ASN L 87 -50.24 -86.01 -68.11
CA ASN L 87 -50.92 -85.06 -68.98
C ASN L 87 -49.89 -84.29 -69.80
N SER L 88 -50.13 -84.20 -71.11
CA SER L 88 -49.19 -83.50 -71.99
C SER L 88 -49.13 -82.02 -71.68
N SER L 89 -50.16 -81.46 -71.05
CA SER L 89 -50.11 -80.06 -70.63
C SER L 89 -49.07 -79.83 -69.54
N TRP L 90 -48.82 -80.83 -68.71
CA TRP L 90 -47.84 -80.72 -67.63
C TRP L 90 -46.46 -81.04 -68.19
N SER L 91 -45.62 -80.01 -68.28
CA SER L 91 -44.25 -80.16 -68.77
C SER L 91 -44.19 -80.90 -70.10
N ASN L 92 -44.46 -80.20 -71.19
CA ASN L 92 -44.46 -80.82 -72.52
C ASN L 92 -43.06 -81.29 -72.90
N ARG L 93 -42.58 -82.36 -72.26
CA ARG L 93 -41.25 -82.88 -72.50
C ARG L 93 -41.31 -84.38 -72.71
N ASN L 94 -40.34 -84.90 -73.45
CA ASN L 94 -40.25 -86.33 -73.68
C ASN L 94 -39.44 -86.99 -72.58
N LEU L 95 -39.36 -88.32 -72.64
CA LEU L 95 -38.54 -89.08 -71.71
C LEU L 95 -37.06 -88.80 -71.97
N SER L 96 -36.22 -89.16 -70.99
CA SER L 96 -34.78 -88.98 -71.03
C SER L 96 -34.39 -87.51 -71.10
N GLU L 97 -35.30 -86.66 -71.56
CA GLU L 97 -35.10 -85.22 -71.47
C GLU L 97 -35.29 -84.73 -70.03
N ILE L 98 -36.11 -85.42 -69.26
CA ILE L 98 -36.35 -85.08 -67.86
C ILE L 98 -35.31 -85.72 -66.94
N TRP L 99 -35.12 -87.03 -67.08
CA TRP L 99 -34.29 -87.80 -66.18
C TRP L 99 -32.79 -87.66 -66.43
N ASP L 100 -32.37 -86.86 -67.41
CA ASP L 100 -30.95 -86.73 -67.72
C ASP L 100 -30.50 -85.30 -67.97
N ASN L 101 -31.35 -84.30 -67.77
CA ASN L 101 -30.93 -82.91 -67.81
C ASN L 101 -31.87 -82.05 -66.98
N MET L 102 -32.12 -82.47 -65.74
CA MET L 102 -33.05 -81.73 -64.90
C MET L 102 -32.88 -82.18 -63.46
N THR L 103 -33.05 -81.23 -62.55
CA THR L 103 -33.01 -81.49 -61.11
C THR L 103 -34.41 -81.51 -60.55
N TRP L 104 -34.55 -82.15 -59.38
CA TRP L 104 -35.85 -82.22 -58.72
C TRP L 104 -36.34 -80.84 -58.32
N LEU L 105 -35.42 -79.93 -58.02
CA LEU L 105 -35.80 -78.56 -57.66
C LEU L 105 -36.49 -77.87 -58.84
N GLN L 106 -35.81 -77.80 -59.98
CA GLN L 106 -36.40 -77.19 -61.16
C GLN L 106 -37.63 -77.96 -61.61
N TRP L 107 -37.66 -79.27 -61.39
CA TRP L 107 -38.83 -80.07 -61.75
C TRP L 107 -40.05 -79.62 -60.95
N ASP L 108 -39.92 -79.58 -59.62
CA ASP L 108 -41.03 -79.11 -58.80
C ASP L 108 -41.36 -77.66 -59.11
N LYS L 109 -40.38 -76.88 -59.55
CA LYS L 109 -40.65 -75.49 -59.93
C LYS L 109 -41.56 -75.44 -61.15
N GLU L 110 -41.27 -76.27 -62.17
CA GLU L 110 -42.12 -76.29 -63.36
C GLU L 110 -43.47 -76.92 -63.06
N ILE L 111 -43.53 -77.87 -62.13
CA ILE L 111 -44.80 -78.52 -61.80
C ILE L 111 -45.63 -77.67 -60.84
N SER L 112 -44.99 -76.76 -60.10
CA SER L 112 -45.70 -75.97 -59.09
C SER L 112 -46.91 -75.24 -59.68
N ASN L 113 -46.89 -74.95 -60.99
CA ASN L 113 -48.05 -74.32 -61.60
C ASN L 113 -49.22 -75.28 -61.70
N TYR L 114 -48.94 -76.56 -61.97
CA TYR L 114 -50.00 -77.56 -62.14
C TYR L 114 -49.96 -78.65 -61.07
N THR L 115 -49.18 -78.46 -59.99
CA THR L 115 -49.00 -79.54 -59.02
C THR L 115 -50.25 -79.75 -58.17
N GLN L 116 -51.04 -78.70 -57.95
CA GLN L 116 -52.12 -78.79 -56.97
C GLN L 116 -53.24 -79.72 -57.42
N ILE L 117 -53.48 -79.82 -58.73
CA ILE L 117 -54.55 -80.70 -59.21
C ILE L 117 -54.09 -82.15 -59.32
N ILE L 118 -52.77 -82.40 -59.36
CA ILE L 118 -52.27 -83.76 -59.47
C ILE L 118 -52.56 -84.55 -58.20
N TYR L 119 -52.46 -83.90 -57.04
CA TYR L 119 -52.81 -84.57 -55.80
C TYR L 119 -54.27 -84.98 -55.79
N GLY L 120 -55.15 -84.11 -56.30
CA GLY L 120 -56.55 -84.47 -56.39
C GLY L 120 -56.81 -85.59 -57.37
N LEU L 121 -56.10 -85.59 -58.50
CA LEU L 121 -56.23 -86.68 -59.45
C LEU L 121 -55.70 -87.99 -58.89
N LEU L 122 -54.77 -87.93 -57.93
CA LEU L 122 -54.24 -89.14 -57.33
C LEU L 122 -55.07 -89.64 -56.16
N GLU L 123 -55.77 -88.75 -55.45
CA GLU L 123 -56.55 -89.16 -54.29
C GLU L 123 -57.98 -89.53 -54.64
N GLU L 124 -58.53 -88.95 -55.71
CA GLU L 124 -59.92 -89.18 -56.07
C GLU L 124 -60.06 -90.07 -57.30
N SER L 125 -59.35 -89.77 -58.39
CA SER L 125 -59.44 -90.59 -59.58
C SER L 125 -58.87 -92.00 -59.38
N GLN L 126 -58.25 -92.28 -58.23
CA GLN L 126 -57.70 -93.59 -57.96
C GLN L 126 -58.55 -94.26 -56.89
N ASN L 127 -58.27 -94.05 -55.60
CA ASN L 127 -58.89 -94.88 -54.58
C ASN L 127 -60.38 -94.63 -54.42
N GLN L 128 -60.89 -93.45 -54.81
CA GLN L 128 -62.34 -93.29 -54.77
C GLN L 128 -63.03 -94.11 -55.85
N GLN L 129 -62.27 -94.69 -56.78
CA GLN L 129 -62.79 -95.62 -57.77
C GLN L 129 -62.07 -96.96 -57.77
N GLU L 130 -60.77 -96.99 -57.45
CA GLU L 130 -60.04 -98.24 -57.43
C GLU L 130 -60.50 -99.13 -56.29
N LYS L 131 -60.74 -98.56 -55.12
CA LYS L 131 -61.28 -99.32 -54.00
C LYS L 131 -62.65 -99.89 -54.34
N ASN L 132 -63.51 -99.05 -54.94
CA ASN L 132 -64.87 -99.50 -55.25
C ASN L 132 -64.85 -100.61 -56.29
N GLU L 133 -63.93 -100.55 -57.24
CA GLU L 133 -63.79 -101.63 -58.21
C GLU L 133 -63.21 -102.88 -57.54
N GLN L 134 -62.34 -102.70 -56.54
CA GLN L 134 -61.81 -103.84 -55.81
C GLN L 134 -62.89 -104.55 -55.01
N ASP L 135 -63.84 -103.79 -54.46
CA ASP L 135 -64.93 -104.39 -53.69
C ASP L 135 -65.92 -105.11 -54.59
N LEU L 136 -66.16 -104.58 -55.80
CA LEU L 136 -67.14 -105.15 -56.73
C LEU L 136 -66.51 -106.12 -57.72
N LEU L 137 -65.26 -106.50 -57.50
CA LEU L 137 -64.61 -107.50 -58.34
C LEU L 137 -63.89 -108.56 -57.50
N ALA L 138 -64.13 -108.59 -56.19
CA ALA L 138 -63.53 -109.58 -55.31
C ALA L 138 -64.54 -110.62 -54.84
N LEU L 139 -65.79 -110.55 -55.31
CA LEU L 139 -66.82 -111.50 -54.91
C LEU L 139 -66.84 -112.76 -55.77
N ASP L 140 -66.22 -112.74 -56.94
CA ASP L 140 -66.26 -113.89 -57.84
C ASP L 140 -65.00 -114.76 -57.73
#